data_8DYV
#
_entry.id   8DYV
#
_cell.length_a   1.00
_cell.length_b   1.00
_cell.length_c   1.00
_cell.angle_alpha   90.00
_cell.angle_beta   90.00
_cell.angle_gamma   90.00
#
_symmetry.space_group_name_H-M   'P 1'
#
loop_
_entity.id
_entity.type
_entity.pdbx_description
1 polymer 'Cytoplasmic dynein 1 heavy chain 1'
2 polymer 'Platelet-activating factor acetylhydrolase IB subunit beta'
3 non-polymer "ADENOSINE-5'-DIPHOSPHATE"
4 non-polymer "ADENOSINE-5'-TRIPHOSPHATE"
#
loop_
_entity_poly.entity_id
_entity_poly.type
_entity_poly.pdbx_seq_one_letter_code
_entity_poly.pdbx_strand_id
1 'polypeptide(L)'
;GQVALEELQDLKGVWSELSKVWEQIDQMKEQPWVSVQPRKLRQNLDALLNQLKSFPARLRQYASYEFVQRLLKGYMKINM
LVIELKSEALKDRHWKQLMKRLHVNWVVSELTLGQIWDVDLQKNEAIVKDVLLVAQGEMALEEFLKQIREVWNTYELDLV
NYQNKCRLIRGWDDLFNKVKEHINSVSAMKLSPYYKVFEEDALSWEDKLNRIMALFDVWIDVQRRWVYLEGIFTGSADIK
HLLPVETQRFQSISTEFLALMKKVSKSPLVMDVLNIQGVQRSLERLADLLGKIQKALGEYLERERSSFPRFYFVGDEDLL
EIIGNSKNVAKLQKHFKKMFAGVSSIILNEDNSVVLGISSREGEEVMFKTPVSITEHPKINEWLTLVEKEMRVTLAKLLA
ESVTEVEIFGKATSIDPNTYITWIDKYQAQLVVLSAQIAWSENVETALSSMGGGGDAAPLHSVLSNVEVTLNVLADSVLM
EQPPLRRRKLEHLITELVHQRDVTRSLIKSKIDNAKSFEWLSQMRFYFDPKQTDVLQQLSIQMANAKFNYGFEYLGVQDK
LVQTPLTDRCYLTMTQALEARLGGSPFGPAGTGKTESVKALGHQLGRFVLVFNCDETFDFQAMGRIFVGLCQVGAWGCFD
EFNRLEERMLSAVSQQVQCIQEALREHSNPNYDKTSAPITCELLNKQVKVSPDMAIFITMNPGYAGRSNLPDNLKKLFRS
LAMTKPDRQLIAQVMLYSQGFRTAEVLANKIVPFFKLCDEQLSSQSHYDFGLRALKSVLVSAGNVKRERIQKIKREKEER
GEAVDEGEIAENLPEQEILIQSVCETMVPKLVAEDIPLLFSLLSDVFPGVQYHRGEMTALREELKKVCQEMYLTYGDGEE
VGGMWVEKVLQLYQITQINHGLMMVGPSGSGKSMAWRVLLKALERLEGVEGVAHIIDPKAISKDHLYGTLDPNTREWTDG
LFTHVLRKIIDSVRGELQKRQWIVFDGDVDPEWVENLNSVLDDNKLLTLPNGERLSLPPNVRIMFEVQDLKYATLATVSR
CGMVWFSEDVLSTDMIFNNFLARLRSIPLDEGEDEAQRRRKGKEDEGEEAASPMLQIQRDAATIMQPYFTSNGLVTKALE
HAFQLEHIMDLTRLRCLGSLFSMLHQACRNVAQYNANHPDFPMQIEQLERYIQRYLVYAILWSLSGDSRLKMRAELGEYI
RRITTVPLPTAPNIPIIDYEVSISGEWSPWQAKVPQIEVETHKVAAPDVVVPTLDTVRHEALLYTWLAEHKPLVLCGPPG
SGKTMTLFSALRALPDMEVVGLNFSSATTPELLLKTFDHYCEYRRTPNGVVLAPVQLGKWLVLFCDEINLPDMDKYGTQR
VISFIRQMVEHGGFYRTSDQTWVKLERIQFVGACNPPTDPGRKPLSHRFLRHVPVVYVDYPGPASLTQIYGTFNRAMLRL
IPSLRTYAEPLTAAMVEFYTMSQERFTQDTQPHYIYSPREMTRWVRGIFEALRPLETLPVEGLIRIWAHEALRLFQDRLV
EDEERRWTDENIDTVALKHFPNIDREKAMSRPILYSNWLSKDYIPVDQEELRDYVKARLKVFYEEELDVPLVLFNEVLDH
VLRIDRIFRQPQGHLLLIGVSGAGKTTLSRFVAWMNGLSVYQIKVHRKYTGEDFDEDLRTVLRRSGCKNEKIAFIMDESN
VLDSGFLERMNTLLANGEVPGLFEGDEYATLMTQCKEGAQKEGLMLDSHEELYKWFTSQVIRNLHVVFTMNPSSEGLKDR
AATSPALFNRCVLNWFGDWSTEALYQVGKEFTSKMDLEKPNYIVPDYMPVVYDKLPQPPSHREAIVNSCVFVHQTLHQAN
ARLAKRGGRTMAITPRHYLDFINHYANLFHEKRSELEEQQMHLNVGLRKIKETVDQVEELRRDLRIKSQELEVKNAAAND
KLKKMVKDQQEAEKKKVMSQEIQEQLHKQQEVIADKQMSVKEDLDKVEPAVIEAQNAVKSIKKQHLVEVRSMANPPAAVK
LALESICLLLGESTTDWKQIRSIIMRENFIPTIVNFSAEEISDAIREKMKKNYMSNPSYNYEIVNRASLACGPMVKWAIA
QLNYADMLKRVEPLRNELQKLEDDAKDNQQKANEVEQMIRDLEASIARYKEEYAVLISEAQAIKADLAAVEAKVNRSTAL
LKSLSAERERWEKTSETFKNQMSTIAGDCLLSAAFIAYAGYFDQQMRQNLFTTWSHHLQQANIQFRTDIARTEYLSNADE
RLRWQASSLPADDLCTENAIMLKRFNRYPLIIDPSGQATEFIMNEYKDRKITRTSFLDDAFRKNLESALRFGNPLLVQDV
ESYDPVLNPVLNREVRRTGGRVLITLGDQDIDLSPSFVIFLSTRDPTVEFPPDLCSRVTFVNFTVTRSSLQSQCLNEVLK
AERPDVDEKRSDLLKLQGEFQLRLRQLEKSLLQALNEVKGRILDDDTIITTLENLKREAAEVTRKVEETDIVMQEVETVS
QQYLPLSTACSSIYFTMESLKQIHFLYQYSLQFFLDIYHNVLYENPNLKGVTDHTQRLSIITKDLFQVAFNRVARGMLHQ
DHITFAMLLARIKLKGTVGEPTYDAEFQHFLRGNEIVLSAGSTPRIQGLTVEQAEAVVRLSCLPAFKDLIAKVQADEQFG
IWLDSSSPEQTVPYLWSEETPATPIGQAIHRLLLIQAFRPDRLLAMAHMFVSTNLGESFMSIMEQPLDLTHIVGTEVKPN
TPVLMCSVPGYDASGHVEDLAAEQNTQITSIAIGSAEGFNQADKAINTAVKSGRWVMLKNVHLAPGWLMQLEKKLHSLQP
HACFRLFLTMEINPKVPVNLLRAGRIFVFEPPPGVKANMLRTFSSIPVSRICKSPNERARLYFLLAWFHAIIQERLRYAP
LGWSKKYEFGESDLRSACDTVDTWLDDTAKGRQNISPDKIPWSALKTLMAQSIYGGRVDNEFDQRLLNTFLERLFTTRSF
DSEFKLACKVDGHKDIQMPDGIRREEFVQWVELLPDTQTPSWLGLPNNAERVLLTTQGVDMISKMLKMQMLEDEDDLAYA
ETEKKTRTDSTSDGRPAWMRTLHTTASNWLHLIPQTLSHLKRTVENIKDPLFRFFEREVKMGAKLLQDVRQDLADVVQVC
EGKKKQTNYLRTLINELVKGILPRSWSHYTVPAGMTVIQWVSDFSERIKQLQNISLAAASGGAKELKNIHVCLGGLFVPE
AYITATRQYVAQANSWSLEELCLEVNVTTSQGATLDACSFGVTGLKLQGATCNNNKLSLSNAISTALPLTQLRWVKQTNT
EKKASVVTLPVYLNFTRADLIFTVDFEIATKEDPRSFYERGVAVLCTE
;
A
2 'polypeptide(L)'
;GSVLSQRQRDELNRAIADYLRSNGYEEAYSVFKKEAELDVNEELDKKYAGLLEKKWTSVIRLQKKVMELESKLNEAKEEF
TSGGPLGQKRDPKEWIPRPPEKYALSGHRSPVTRVIFHPVFSVMVSASEDATIKVWDYETGDFERTLKGHTDSVQDISFD
HSGKLLASCSADMTIKLWDFQGFECIRTMHGHDHNVSSVAIMPNGDHIVSASRDKTIKMWEVQTGYCVKTFTGHREWVRM
VRPNQDGTLIASCSNDQTVRVWVVATKECKAELREHEHVVECISWAPESSYSSISEATGSETKKSGKPGPFLLSGSRDKT
IKMWDVSTGMCLMTLVGHDNWVRGVLFHSGGKFILSCADDKTLRVWDYKNKRCMKTLNAHEHFVTSLDFHKTAPYVVTGS
VDQTVKVWECR
;
B
#
loop_
_chem_comp.id
_chem_comp.type
_chem_comp.name
_chem_comp.formula
ADP non-polymer ADENOSINE-5'-DIPHOSPHATE 'C10 H15 N5 O10 P2'
ATP non-polymer ADENOSINE-5'-TRIPHOSPHATE 'C10 H16 N5 O13 P3'
#
# COMPACT_ATOMS: atom_id res chain seq x y z
N LEU A 356 17.72 -9.46 58.96
CA LEU A 356 17.94 -8.54 60.07
C LEU A 356 17.01 -7.33 59.97
N GLY A 357 16.68 -6.93 58.76
CA GLY A 357 15.83 -5.78 58.55
C GLY A 357 15.63 -5.53 57.06
N ILE A 358 15.07 -4.36 56.75
CA ILE A 358 14.85 -3.93 55.38
C ILE A 358 15.46 -2.54 55.22
N SER A 359 16.26 -2.36 54.17
CA SER A 359 16.87 -1.07 53.87
C SER A 359 15.91 -0.28 53.00
N SER A 360 15.02 0.48 53.64
CA SER A 360 14.04 1.27 52.92
C SER A 360 14.73 2.34 52.08
N ARG A 361 14.20 2.56 50.87
CA ARG A 361 14.73 3.61 50.01
C ARG A 361 14.52 4.99 50.64
N GLU A 362 13.31 5.26 51.10
CA GLU A 362 13.02 6.57 51.67
C GLU A 362 13.76 6.79 52.98
N GLY A 363 13.79 5.79 53.84
CA GLY A 363 14.43 5.87 55.14
C GLY A 363 13.58 5.32 56.27
N GLU A 364 12.30 5.07 56.00
CA GLU A 364 11.41 4.45 56.97
C GLU A 364 11.72 2.96 57.01
N GLU A 365 12.73 2.61 57.79
CA GLU A 365 13.22 1.23 57.85
C GLU A 365 12.19 0.34 58.54
N VAL A 366 12.40 -0.97 58.40
CA VAL A 366 11.55 -1.99 59.02
C VAL A 366 12.47 -3.04 59.63
N MET A 367 12.15 -3.47 60.84
CA MET A 367 12.93 -4.46 61.58
C MET A 367 12.02 -5.64 61.91
N PHE A 368 12.51 -6.85 61.63
CA PHE A 368 11.68 -8.04 61.80
C PHE A 368 11.40 -8.30 63.27
N LYS A 369 10.23 -8.89 63.53
CA LYS A 369 9.89 -9.33 64.87
C LYS A 369 10.72 -10.53 65.31
N THR A 370 11.21 -11.34 64.36
CA THR A 370 12.09 -12.47 64.64
C THR A 370 13.27 -12.37 63.66
N PRO A 371 14.27 -11.53 63.97
CA PRO A 371 15.43 -11.44 63.08
C PRO A 371 16.24 -12.74 63.03
N LEU A 386 9.89 -17.38 52.33
CA LEU A 386 10.68 -17.11 53.52
C LEU A 386 10.68 -15.61 53.81
N VAL A 387 11.35 -14.85 52.94
CA VAL A 387 11.46 -13.41 53.15
C VAL A 387 10.09 -12.76 53.07
N GLU A 388 9.26 -13.19 52.11
CA GLU A 388 7.93 -12.59 51.95
C GLU A 388 7.09 -12.82 53.19
N LYS A 389 7.12 -14.05 53.72
CA LYS A 389 6.42 -14.35 54.96
C LYS A 389 6.95 -13.49 56.10
N GLU A 390 8.28 -13.30 56.14
CA GLU A 390 8.87 -12.52 57.22
C GLU A 390 8.38 -11.09 57.21
N MET A 391 8.45 -10.43 56.04
CA MET A 391 7.99 -9.04 55.98
C MET A 391 6.50 -8.94 56.24
N ARG A 392 5.71 -9.89 55.72
CA ARG A 392 4.27 -9.86 55.97
C ARG A 392 3.97 -9.97 57.45
N VAL A 393 4.63 -10.90 58.14
CA VAL A 393 4.38 -11.10 59.57
C VAL A 393 4.78 -9.86 60.35
N THR A 394 5.95 -9.29 60.02
CA THR A 394 6.42 -8.10 60.71
C THR A 394 5.45 -6.95 60.54
N LEU A 395 5.04 -6.67 59.29
CA LEU A 395 4.12 -5.58 59.04
C LEU A 395 2.78 -5.81 59.72
N ALA A 396 2.31 -7.06 59.75
CA ALA A 396 1.01 -7.34 60.38
C ALA A 396 1.07 -7.11 61.88
N LYS A 397 2.10 -7.62 62.55
CA LYS A 397 2.20 -7.43 63.99
C LYS A 397 2.39 -5.95 64.33
N LEU A 398 3.19 -5.24 63.53
CA LEU A 398 3.33 -3.80 63.72
C LEU A 398 2.00 -3.10 63.54
N LEU A 399 1.20 -3.53 62.55
CA LEU A 399 -0.11 -2.93 62.34
C LEU A 399 -1.01 -3.16 63.54
N ALA A 400 -0.97 -4.35 64.11
CA ALA A 400 -1.77 -4.64 65.29
C ALA A 400 -1.39 -3.72 66.44
N GLU A 401 -0.09 -3.56 66.68
CA GLU A 401 0.35 -2.65 67.73
C GLU A 401 -0.07 -1.21 67.43
N SER A 402 0.05 -0.79 66.16
CA SER A 402 -0.27 0.58 65.80
C SER A 402 -1.75 0.88 65.99
N VAL A 403 -2.64 -0.05 65.63
CA VAL A 403 -4.06 0.19 65.83
C VAL A 403 -4.40 0.16 67.31
N THR A 404 -3.77 -0.76 68.06
CA THR A 404 -3.98 -0.79 69.50
C THR A 404 -3.53 0.51 70.16
N GLU A 405 -2.59 1.22 69.53
CA GLU A 405 -2.18 2.52 70.06
C GLU A 405 -3.10 3.65 69.57
N VAL A 406 -3.55 3.60 68.31
CA VAL A 406 -4.31 4.71 67.76
C VAL A 406 -5.75 4.72 68.24
N GLU A 407 -6.25 3.62 68.79
CA GLU A 407 -7.58 3.69 69.42
C GLU A 407 -7.63 4.72 70.54
N ILE A 408 -6.49 5.04 71.16
CA ILE A 408 -6.45 6.08 72.17
C ILE A 408 -6.85 7.43 71.58
N PHE A 409 -6.23 7.80 70.45
CA PHE A 409 -6.63 9.04 69.79
C PHE A 409 -8.05 8.94 69.25
N GLY A 410 -8.48 7.72 68.88
CA GLY A 410 -9.85 7.54 68.47
C GLY A 410 -10.84 7.91 69.56
N LYS A 411 -10.54 7.53 70.81
CA LYS A 411 -11.40 7.81 71.94
C LYS A 411 -11.05 9.12 72.67
N ALA A 412 -9.88 9.69 72.41
CA ALA A 412 -9.44 10.87 73.15
C ALA A 412 -10.33 12.07 72.83
N THR A 413 -10.74 12.79 73.88
CA THR A 413 -11.55 13.99 73.67
C THR A 413 -10.73 15.08 72.98
N SER A 414 -9.52 15.35 73.49
CA SER A 414 -8.59 16.30 72.90
C SER A 414 -7.23 15.63 72.80
N ILE A 415 -6.60 15.77 71.63
CA ILE A 415 -5.34 15.09 71.32
C ILE A 415 -4.19 16.02 71.62
N ASP A 416 -3.27 15.58 72.48
CA ASP A 416 -2.04 16.29 72.78
C ASP A 416 -0.97 15.90 71.75
N PRO A 417 -0.31 16.85 71.06
CA PRO A 417 0.74 16.44 70.12
C PRO A 417 1.89 15.69 70.77
N ASN A 418 2.10 15.85 72.07
CA ASN A 418 3.20 15.18 72.78
C ASN A 418 3.06 13.66 72.78
N THR A 419 1.88 13.13 72.45
CA THR A 419 1.68 11.71 72.18
C THR A 419 1.41 11.41 70.71
N TYR A 420 0.74 12.32 70.01
CA TYR A 420 0.37 12.09 68.62
C TYR A 420 1.61 12.02 67.73
N ILE A 421 2.54 12.96 67.89
CA ILE A 421 3.73 12.95 67.06
C ILE A 421 4.61 11.74 67.39
N THR A 422 4.65 11.34 68.66
CA THR A 422 5.41 10.14 69.02
C THR A 422 4.81 8.90 68.38
N TRP A 423 3.48 8.78 68.40
CA TRP A 423 2.84 7.65 67.76
C TRP A 423 3.11 7.63 66.25
N ILE A 424 3.08 8.81 65.63
CA ILE A 424 3.39 8.88 64.19
C ILE A 424 4.82 8.44 63.94
N ASP A 425 5.75 8.91 64.77
CA ASP A 425 7.17 8.60 64.55
C ASP A 425 7.46 7.13 64.79
N LYS A 426 6.71 6.47 65.68
CA LYS A 426 7.02 5.09 66.04
C LYS A 426 6.78 4.11 64.90
N TYR A 427 5.96 4.47 63.91
CA TYR A 427 5.50 3.54 62.87
C TYR A 427 5.72 4.17 61.49
N GLN A 428 5.36 3.39 60.46
CA GLN A 428 5.61 3.75 59.07
C GLN A 428 4.40 4.44 58.45
N ALA A 429 4.62 5.03 57.27
CA ALA A 429 3.59 5.84 56.62
C ALA A 429 2.37 4.99 56.23
N GLN A 430 2.59 3.90 55.51
CA GLN A 430 1.48 3.02 55.16
C GLN A 430 0.81 2.47 56.41
N LEU A 431 1.62 2.11 57.40
CA LEU A 431 1.09 1.55 58.64
C LEU A 431 0.25 2.57 59.40
N VAL A 432 0.74 3.80 59.53
CA VAL A 432 0.01 4.80 60.30
C VAL A 432 -1.29 5.17 59.58
N VAL A 433 -1.24 5.29 58.25
CA VAL A 433 -2.46 5.58 57.50
C VAL A 433 -3.47 4.44 57.67
N LEU A 434 -3.00 3.20 57.58
CA LEU A 434 -3.89 2.06 57.71
C LEU A 434 -4.50 1.98 59.10
N SER A 435 -3.71 2.24 60.13
CA SER A 435 -4.24 2.22 61.50
C SER A 435 -5.28 3.30 61.71
N ALA A 436 -5.02 4.51 61.20
CA ALA A 436 -6.01 5.58 61.30
C ALA A 436 -7.29 5.20 60.57
N GLN A 437 -7.17 4.61 59.38
CA GLN A 437 -8.35 4.20 58.63
C GLN A 437 -9.15 3.16 59.40
N ILE A 438 -8.47 2.16 59.98
CA ILE A 438 -9.16 1.11 60.71
C ILE A 438 -9.90 1.69 61.91
N ALA A 439 -9.22 2.55 62.67
CA ALA A 439 -9.84 3.12 63.86
C ALA A 439 -11.04 4.00 63.49
N TRP A 440 -10.91 4.81 62.43
CA TRP A 440 -12.02 5.66 62.04
C TRP A 440 -13.21 4.83 61.56
N SER A 441 -12.95 3.77 60.78
CA SER A 441 -14.04 2.91 60.33
C SER A 441 -14.74 2.26 61.52
N GLU A 442 -13.96 1.76 62.48
CA GLU A 442 -14.57 1.15 63.66
C GLU A 442 -15.41 2.15 64.43
N ASN A 443 -14.90 3.37 64.62
CA ASN A 443 -15.64 4.38 65.35
C ASN A 443 -16.94 4.74 64.65
N VAL A 444 -16.90 4.93 63.33
CA VAL A 444 -18.10 5.29 62.60
C VAL A 444 -19.12 4.17 62.65
N GLU A 445 -18.68 2.92 62.47
CA GLU A 445 -19.62 1.81 62.50
C GLU A 445 -20.24 1.65 63.88
N THR A 446 -19.45 1.80 64.95
CA THR A 446 -20.00 1.71 66.29
C THR A 446 -20.98 2.85 66.56
N ALA A 447 -20.67 4.05 66.10
CA ALA A 447 -21.57 5.19 66.30
C ALA A 447 -22.89 4.95 65.56
N LEU A 448 -22.83 4.43 64.35
CA LEU A 448 -24.07 4.15 63.61
C LEU A 448 -24.85 3.02 64.26
N SER A 449 -24.16 2.03 64.84
CA SER A 449 -24.86 0.91 65.47
C SER A 449 -25.71 1.39 66.65
N SER A 450 -25.16 2.28 67.47
CA SER A 450 -25.88 2.79 68.64
C SER A 450 -26.87 3.88 68.23
N ALA A 457 -28.18 12.40 66.36
CA ALA A 457 -26.89 12.36 65.67
C ALA A 457 -25.75 12.62 66.66
N ALA A 458 -25.96 12.21 67.92
CA ALA A 458 -24.96 12.50 68.95
C ALA A 458 -23.66 11.74 68.73
N PRO A 459 -23.65 10.40 68.70
CA PRO A 459 -22.36 9.70 68.53
C PRO A 459 -21.67 10.00 67.20
N LEU A 460 -22.44 10.22 66.13
CA LEU A 460 -21.84 10.59 64.87
C LEU A 460 -21.16 11.95 64.97
N HIS A 461 -21.82 12.91 65.62
CA HIS A 461 -21.17 14.20 65.85
C HIS A 461 -19.95 14.05 66.74
N SER A 462 -19.96 13.10 67.67
CA SER A 462 -18.79 12.86 68.51
C SER A 462 -17.62 12.33 67.68
N VAL A 463 -17.89 11.39 66.78
CA VAL A 463 -16.82 10.88 65.91
C VAL A 463 -16.31 11.98 65.00
N LEU A 464 -17.22 12.82 64.48
CA LEU A 464 -16.82 13.95 63.65
C LEU A 464 -15.94 14.91 64.45
N SER A 465 -16.28 15.17 65.70
CA SER A 465 -15.46 16.05 66.54
C SER A 465 -14.09 15.44 66.79
N ASN A 466 -14.03 14.13 67.05
CA ASN A 466 -12.75 13.48 67.28
C ASN A 466 -11.84 13.59 66.06
N VAL A 467 -12.38 13.24 64.88
CA VAL A 467 -11.56 13.30 63.67
C VAL A 467 -11.20 14.75 63.33
N GLU A 468 -12.11 15.69 63.60
CA GLU A 468 -11.78 17.10 63.37
C GLU A 468 -10.65 17.56 64.28
N VAL A 469 -10.67 17.14 65.55
CA VAL A 469 -9.60 17.52 66.47
C VAL A 469 -8.27 16.93 66.00
N THR A 470 -8.29 15.67 65.57
CA THR A 470 -7.06 15.06 65.04
C THR A 470 -6.55 15.83 63.84
N LEU A 471 -7.46 16.21 62.93
CA LEU A 471 -7.06 16.97 61.75
C LEU A 471 -6.48 18.33 62.15
N ASN A 472 -7.08 18.98 63.14
CA ASN A 472 -6.62 20.31 63.54
C ASN A 472 -5.23 20.24 64.16
N VAL A 473 -5.01 19.28 65.07
CA VAL A 473 -3.69 19.18 65.69
C VAL A 473 -2.64 18.80 64.64
N LEU A 474 -3.01 17.93 63.69
CA LEU A 474 -2.06 17.56 62.65
C LEU A 474 -1.73 18.75 61.74
N ALA A 475 -2.74 19.55 61.39
CA ALA A 475 -2.52 20.69 60.51
C ALA A 475 -1.73 21.78 61.21
N ASP A 476 -1.86 21.90 62.53
CA ASP A 476 -1.01 22.83 63.26
C ASP A 476 0.42 22.29 63.38
N SER A 477 0.56 20.97 63.55
CA SER A 477 1.89 20.38 63.66
C SER A 477 2.67 20.55 62.37
N VAL A 478 2.02 20.38 61.22
CA VAL A 478 2.74 20.47 59.95
C VAL A 478 3.24 21.88 59.67
N LEU A 479 2.71 22.90 60.35
CA LEU A 479 3.20 24.26 60.15
C LEU A 479 4.67 24.39 60.53
N MET A 480 5.10 23.68 61.56
CA MET A 480 6.48 23.73 62.01
C MET A 480 7.33 22.71 61.26
N GLU A 481 8.62 23.00 61.16
CA GLU A 481 9.54 22.06 60.52
C GLU A 481 9.62 20.78 61.34
N GLN A 482 9.90 19.68 60.65
CA GLN A 482 9.90 18.35 61.22
C GLN A 482 11.13 17.58 60.74
N PRO A 483 11.52 16.52 61.44
CA PRO A 483 12.66 15.72 60.98
C PRO A 483 12.36 15.03 59.66
N PRO A 484 13.34 14.38 59.05
CA PRO A 484 13.06 13.63 57.82
C PRO A 484 12.27 12.37 58.13
N LEU A 485 11.54 11.91 57.11
CA LEU A 485 10.67 10.73 57.13
C LEU A 485 9.41 10.93 57.96
N ARG A 486 9.20 12.10 58.55
CA ARG A 486 8.01 12.40 59.36
C ARG A 486 7.02 13.27 58.61
N ARG A 487 7.49 14.34 57.97
CA ARG A 487 6.57 15.23 57.25
C ARG A 487 5.85 14.50 56.13
N ARG A 488 6.49 13.48 55.54
CA ARG A 488 5.77 12.63 54.60
C ARG A 488 4.61 11.93 55.29
N LYS A 489 4.84 11.41 56.50
CA LYS A 489 3.75 10.77 57.25
C LYS A 489 2.69 11.79 57.63
N LEU A 490 3.09 13.01 57.98
CA LEU A 490 2.11 14.04 58.32
C LEU A 490 1.25 14.38 57.11
N GLU A 491 1.85 14.51 55.93
CA GLU A 491 1.07 14.76 54.72
C GLU A 491 0.13 13.59 54.43
N HIS A 492 0.64 12.37 54.57
CA HIS A 492 -0.19 11.18 54.37
C HIS A 492 -1.40 11.20 55.29
N LEU A 493 -1.18 11.49 56.58
CA LEU A 493 -2.27 11.47 57.52
C LEU A 493 -3.21 12.66 57.34
N ILE A 494 -2.70 13.79 56.84
CA ILE A 494 -3.59 14.90 56.51
C ILE A 494 -4.56 14.47 55.44
N THR A 495 -4.04 13.83 54.38
CA THR A 495 -4.91 13.34 53.31
C THR A 495 -5.90 12.31 53.84
N GLU A 496 -5.41 11.36 54.63
CA GLU A 496 -6.27 10.30 55.16
C GLU A 496 -7.37 10.89 56.03
N LEU A 497 -7.03 11.85 56.89
CA LEU A 497 -8.00 12.38 57.83
C LEU A 497 -9.00 13.31 57.15
N VAL A 498 -8.58 14.07 56.13
CA VAL A 498 -9.57 14.86 55.41
C VAL A 498 -10.52 13.95 54.65
N HIS A 499 -10.01 12.84 54.12
CA HIS A 499 -10.90 11.85 53.49
C HIS A 499 -11.91 11.31 54.50
N GLN A 500 -11.43 10.94 55.69
CA GLN A 500 -12.33 10.41 56.72
C GLN A 500 -13.37 11.44 57.12
N ARG A 501 -12.95 12.70 57.29
CA ARG A 501 -13.87 13.76 57.68
C ARG A 501 -14.90 13.99 56.58
N ASP A 502 -14.48 13.95 55.32
CA ASP A 502 -15.43 14.13 54.22
C ASP A 502 -16.49 13.03 54.23
N VAL A 503 -16.05 11.78 54.40
CA VAL A 503 -17.00 10.67 54.41
C VAL A 503 -17.96 10.82 55.59
N THR A 504 -17.42 11.15 56.78
CA THR A 504 -18.27 11.26 57.96
C THR A 504 -19.28 12.39 57.82
N ARG A 505 -18.85 13.54 57.29
CA ARG A 505 -19.77 14.66 57.10
C ARG A 505 -20.85 14.32 56.08
N SER A 506 -20.46 13.67 54.97
CA SER A 506 -21.46 13.28 53.98
C SER A 506 -22.47 12.31 54.57
N LEU A 507 -21.99 11.36 55.39
CA LEU A 507 -22.90 10.43 56.05
C LEU A 507 -23.84 11.18 57.00
N ILE A 508 -23.31 12.16 57.72
CA ILE A 508 -24.13 12.87 58.71
C ILE A 508 -25.22 13.67 58.02
N LYS A 509 -24.88 14.39 56.94
CA LYS A 509 -25.87 15.25 56.30
C LYS A 509 -27.03 14.42 55.75
N SER A 510 -26.72 13.37 54.98
CA SER A 510 -27.72 12.39 54.57
C SER A 510 -27.81 11.36 55.68
N LYS A 511 -28.61 11.69 56.69
CA LYS A 511 -28.60 10.95 57.96
C LYS A 511 -28.96 9.48 57.73
N ILE A 512 -28.15 8.60 58.31
CA ILE A 512 -28.33 7.16 58.23
C ILE A 512 -28.55 6.63 59.64
N ASP A 513 -29.63 5.88 59.82
CA ASP A 513 -29.93 5.23 61.09
C ASP A 513 -29.61 3.74 61.09
N ASN A 514 -29.70 3.09 59.93
CA ASN A 514 -29.41 1.67 59.83
C ASN A 514 -27.90 1.46 59.70
N ALA A 515 -27.37 0.53 60.49
CA ALA A 515 -25.94 0.27 60.46
C ALA A 515 -25.49 -0.25 59.09
N LYS A 516 -26.28 -1.15 58.50
CA LYS A 516 -25.92 -1.81 57.25
C LYS A 516 -26.60 -1.18 56.05
N SER A 517 -26.84 0.12 56.08
CA SER A 517 -27.35 0.81 54.90
C SER A 517 -26.29 0.84 53.81
N PHE A 518 -26.74 0.97 52.57
CA PHE A 518 -25.79 0.91 51.46
C PHE A 518 -24.85 2.10 51.46
N GLU A 519 -25.35 3.30 51.78
CA GLU A 519 -24.54 4.50 51.69
C GLU A 519 -23.29 4.44 52.57
N TRP A 520 -23.32 3.64 53.62
CA TRP A 520 -22.12 3.35 54.40
C TRP A 520 -21.42 2.10 53.90
N LEU A 521 -22.18 1.09 53.46
CA LEU A 521 -21.56 -0.15 53.00
C LEU A 521 -20.71 0.06 51.75
N SER A 522 -21.02 1.09 50.97
CA SER A 522 -20.37 1.28 49.68
C SER A 522 -19.00 1.95 49.79
N GLN A 523 -18.62 2.45 50.96
CA GLN A 523 -17.31 3.04 51.15
C GLN A 523 -16.31 2.00 51.62
N MET A 524 -15.03 2.32 51.47
CA MET A 524 -13.96 1.37 51.76
C MET A 524 -13.88 1.18 53.27
N ARG A 525 -14.51 0.12 53.77
CA ARG A 525 -14.58 -0.14 55.20
C ARG A 525 -13.48 -1.11 55.61
N PHE A 526 -12.95 -0.92 56.81
CA PHE A 526 -11.84 -1.70 57.33
C PHE A 526 -12.26 -2.36 58.63
N TYR A 527 -11.89 -3.62 58.80
CA TYR A 527 -12.26 -4.38 59.99
C TYR A 527 -11.05 -5.18 60.46
N PHE A 528 -10.90 -5.28 61.79
CA PHE A 528 -9.79 -6.00 62.40
C PHE A 528 -10.35 -6.89 63.51
N ASP A 529 -9.87 -8.13 63.55
CA ASP A 529 -10.25 -9.09 64.59
C ASP A 529 -8.98 -9.71 65.15
N PRO A 530 -8.54 -9.32 66.36
CA PRO A 530 -7.33 -9.96 66.92
C PRO A 530 -7.50 -11.45 67.18
N LYS A 531 -8.73 -11.96 67.27
CA LYS A 531 -8.93 -13.38 67.50
C LYS A 531 -8.35 -14.24 66.38
N GLN A 532 -8.25 -13.69 65.18
CA GLN A 532 -7.75 -14.45 64.03
C GLN A 532 -6.34 -14.95 64.31
N THR A 533 -6.20 -16.25 64.56
CA THR A 533 -4.92 -16.87 64.98
C THR A 533 -3.79 -16.55 64.00
N ASP A 534 -3.88 -16.99 62.74
CA ASP A 534 -2.79 -16.79 61.75
C ASP A 534 -2.67 -15.28 61.58
N VAL A 535 -1.48 -14.73 61.35
CA VAL A 535 -1.23 -13.25 61.37
C VAL A 535 -1.39 -12.53 60.01
N LEU A 536 -1.99 -13.11 58.99
CA LEU A 536 -2.20 -12.55 57.66
C LEU A 536 -3.64 -12.09 57.42
N GLN A 537 -4.61 -12.67 58.12
CA GLN A 537 -6.02 -12.50 57.77
C GLN A 537 -6.82 -11.69 58.80
N GLN A 538 -6.18 -11.10 59.81
CA GLN A 538 -6.95 -10.36 60.81
C GLN A 538 -7.60 -9.14 60.18
N LEU A 539 -6.83 -8.35 59.45
CA LEU A 539 -7.40 -7.21 58.73
C LEU A 539 -8.19 -7.70 57.54
N SER A 540 -9.33 -7.06 57.29
CA SER A 540 -10.11 -7.28 56.09
C SER A 540 -10.66 -5.95 55.62
N ILE A 541 -10.80 -5.81 54.30
CA ILE A 541 -11.43 -4.66 53.68
C ILE A 541 -12.75 -5.15 53.13
N GLN A 542 -13.79 -4.34 53.31
CA GLN A 542 -15.11 -4.64 52.75
C GLN A 542 -15.61 -3.44 51.97
N MET A 543 -16.19 -3.74 50.81
CA MET A 543 -16.73 -2.73 49.90
C MET A 543 -18.08 -3.25 49.42
N ALA A 544 -18.72 -2.51 48.52
CA ALA A 544 -20.06 -2.85 48.06
C ALA A 544 -20.09 -4.25 47.48
N ASN A 545 -20.73 -5.17 48.21
CA ASN A 545 -20.78 -6.59 47.85
C ASN A 545 -19.38 -7.13 47.57
N ALA A 546 -18.45 -6.89 48.49
CA ALA A 546 -17.08 -7.33 48.25
C ALA A 546 -16.31 -7.41 49.57
N LYS A 547 -15.38 -8.36 49.62
CA LYS A 547 -14.56 -8.58 50.80
C LYS A 547 -13.16 -9.00 50.34
N PHE A 548 -12.19 -8.09 50.49
CA PHE A 548 -10.80 -8.34 50.17
C PHE A 548 -9.99 -8.49 51.45
N ASN A 549 -8.79 -9.04 51.30
CA ASN A 549 -7.81 -9.18 52.37
C ASN A 549 -6.57 -8.37 52.02
N TYR A 550 -6.14 -7.51 52.94
CA TYR A 550 -5.00 -6.64 52.69
C TYR A 550 -3.74 -7.47 52.53
N GLY A 551 -2.89 -7.08 51.56
CA GLY A 551 -1.79 -7.94 51.15
C GLY A 551 -0.71 -8.11 52.21
N PHE A 552 -0.39 -7.04 52.94
CA PHE A 552 0.75 -6.97 53.86
C PHE A 552 2.10 -7.06 53.14
N GLU A 553 2.12 -6.91 51.81
CA GLU A 553 3.39 -6.74 51.11
C GLU A 553 3.91 -5.33 51.31
N TYR A 554 5.23 -5.19 51.41
CA TYR A 554 5.89 -3.87 51.65
C TYR A 554 5.66 -2.98 50.43
N LEU A 555 4.95 -1.86 50.57
CA LEU A 555 4.60 -0.95 49.48
C LEU A 555 5.52 0.26 49.39
N GLY A 556 6.05 0.74 50.51
CA GLY A 556 6.82 1.96 50.52
C GLY A 556 5.95 3.19 50.72
N VAL A 557 6.62 4.33 50.86
CA VAL A 557 5.90 5.57 51.14
C VAL A 557 5.20 6.08 49.89
N GLN A 558 5.97 6.42 48.86
CA GLN A 558 5.46 7.02 47.63
C GLN A 558 4.63 8.24 48.02
N ASP A 559 3.38 8.37 47.59
CA ASP A 559 2.51 9.44 48.03
C ASP A 559 1.07 8.94 47.98
N LYS A 560 0.22 9.57 48.78
CA LYS A 560 -1.19 9.21 48.85
C LYS A 560 -2.01 10.15 47.98
N LEU A 561 -2.90 9.57 47.19
CA LEU A 561 -3.73 10.35 46.28
C LEU A 561 -4.96 10.85 47.02
N VAL A 562 -5.39 12.06 46.67
CA VAL A 562 -6.59 12.63 47.28
C VAL A 562 -7.80 11.83 46.83
N GLN A 563 -8.70 11.55 47.77
CA GLN A 563 -9.90 10.77 47.46
C GLN A 563 -10.98 11.70 46.93
N THR A 564 -11.22 11.64 45.63
CA THR A 564 -12.25 12.39 44.93
C THR A 564 -13.39 11.47 44.51
N PRO A 565 -14.50 12.02 44.02
CA PRO A 565 -15.61 11.15 43.60
C PRO A 565 -15.23 10.15 42.52
N LEU A 566 -14.40 10.54 41.55
CA LEU A 566 -14.07 9.63 40.48
C LEU A 566 -13.12 8.53 40.94
N THR A 567 -12.24 8.83 41.90
CA THR A 567 -11.44 7.77 42.50
C THR A 567 -12.34 6.77 43.22
N ASP A 568 -13.38 7.25 43.89
CA ASP A 568 -14.33 6.35 44.53
C ASP A 568 -15.04 5.49 43.50
N ARG A 569 -15.42 6.09 42.36
CA ARG A 569 -16.03 5.30 41.29
C ARG A 569 -15.09 4.22 40.79
N CYS A 570 -13.82 4.58 40.61
CA CYS A 570 -12.83 3.60 40.19
C CYS A 570 -12.72 2.47 41.20
N TYR A 571 -12.68 2.80 42.49
CA TYR A 571 -12.61 1.77 43.52
C TYR A 571 -13.83 0.86 43.45
N LEU A 572 -15.01 1.44 43.28
CA LEU A 572 -16.24 0.65 43.22
C LEU A 572 -16.19 -0.36 42.08
N THR A 573 -15.93 0.12 40.86
CA THR A 573 -15.99 -0.80 39.71
C THR A 573 -14.83 -1.78 39.75
N MET A 574 -13.65 -1.34 40.18
CA MET A 574 -12.51 -2.25 40.22
C MET A 574 -12.75 -3.35 41.24
N THR A 575 -13.33 -3.00 42.39
CA THR A 575 -13.70 -3.99 43.38
C THR A 575 -14.73 -4.97 42.82
N GLN A 576 -15.73 -4.46 42.10
CA GLN A 576 -16.70 -5.33 41.44
C GLN A 576 -16.01 -6.32 40.53
N ALA A 577 -15.14 -5.83 39.65
CA ALA A 577 -14.48 -6.69 38.68
C ALA A 577 -13.60 -7.73 39.38
N LEU A 578 -12.87 -7.31 40.42
CA LEU A 578 -12.02 -8.26 41.14
C LEU A 578 -12.84 -9.35 41.80
N GLU A 579 -13.97 -8.99 42.41
CA GLU A 579 -14.85 -10.03 42.94
C GLU A 579 -15.42 -10.90 41.85
N ALA A 580 -15.56 -10.36 40.63
CA ALA A 580 -16.03 -11.12 39.49
C ALA A 580 -14.90 -11.81 38.72
N ARG A 581 -13.69 -11.84 39.27
CA ARG A 581 -12.54 -12.52 38.66
C ARG A 581 -12.14 -11.90 37.32
N LEU A 582 -12.60 -10.69 37.04
CA LEU A 582 -12.32 -10.00 35.79
C LEU A 582 -11.14 -9.06 36.00
N GLY A 583 -10.90 -8.20 35.00
CA GLY A 583 -9.96 -7.10 35.12
C GLY A 583 -10.67 -5.78 34.97
N GLY A 584 -10.04 -4.70 35.40
CA GLY A 584 -10.61 -3.36 35.34
C GLY A 584 -9.86 -2.53 34.30
N SER A 585 -10.62 -1.74 33.53
CA SER A 585 -10.10 -0.99 32.41
C SER A 585 -10.52 0.47 32.53
N PRO A 586 -9.80 1.26 33.30
CA PRO A 586 -9.95 2.71 33.21
C PRO A 586 -9.50 3.21 31.85
N PHE A 587 -10.17 4.26 31.36
CA PHE A 587 -9.80 4.85 30.09
C PHE A 587 -10.29 6.30 30.09
N GLY A 588 -9.93 7.03 29.03
CA GLY A 588 -10.24 8.44 28.92
C GLY A 588 -9.04 9.21 28.41
N PRO A 589 -9.08 10.54 28.50
CA PRO A 589 -7.91 11.33 28.11
C PRO A 589 -6.71 10.99 28.97
N ALA A 590 -5.53 11.07 28.36
CA ALA A 590 -4.30 10.75 29.08
C ALA A 590 -4.01 11.77 30.16
N GLY A 591 -3.42 11.30 31.25
CA GLY A 591 -3.06 12.16 32.35
C GLY A 591 -4.23 12.56 33.22
N THR A 592 -4.98 11.56 33.72
CA THR A 592 -6.03 11.80 34.69
C THR A 592 -6.05 10.73 35.78
N GLY A 593 -4.89 10.12 36.03
CA GLY A 593 -4.76 9.22 37.16
C GLY A 593 -5.24 7.81 36.93
N LYS A 594 -5.23 7.35 35.69
CA LYS A 594 -5.66 5.97 35.43
C LYS A 594 -4.69 4.98 36.06
N THR A 595 -3.43 5.00 35.61
CA THR A 595 -2.42 4.15 36.23
C THR A 595 -2.22 4.51 37.69
N GLU A 596 -2.33 5.80 38.01
CA GLU A 596 -2.18 6.22 39.40
C GLU A 596 -3.33 5.71 40.26
N SER A 597 -4.56 5.75 39.75
CA SER A 597 -5.67 5.19 40.51
C SER A 597 -5.49 3.69 40.71
N VAL A 598 -5.05 2.99 39.67
CA VAL A 598 -4.85 1.55 39.78
C VAL A 598 -3.81 1.24 40.84
N LYS A 599 -2.65 1.91 40.77
CA LYS A 599 -1.58 1.63 41.72
C LYS A 599 -1.97 2.08 43.13
N ALA A 600 -2.71 3.19 43.25
CA ALA A 600 -3.14 3.66 44.56
C ALA A 600 -4.07 2.65 45.21
N LEU A 601 -5.02 2.10 44.46
CA LEU A 601 -5.89 1.08 45.02
C LEU A 601 -5.09 -0.17 45.36
N GLY A 602 -4.10 -0.52 44.53
CA GLY A 602 -3.24 -1.64 44.86
C GLY A 602 -2.53 -1.44 46.19
N HIS A 603 -2.05 -0.22 46.44
CA HIS A 603 -1.48 0.09 47.75
C HIS A 603 -2.53 -0.02 48.84
N GLN A 604 -3.75 0.46 48.57
CA GLN A 604 -4.81 0.41 49.56
C GLN A 604 -5.26 -1.00 49.89
N LEU A 605 -4.87 -2.00 49.09
CA LEU A 605 -5.10 -3.41 49.41
C LEU A 605 -3.82 -4.14 49.78
N GLY A 606 -2.69 -3.44 49.91
CA GLY A 606 -1.46 -4.12 50.28
C GLY A 606 -0.84 -4.95 49.19
N ARG A 607 -1.29 -4.82 47.95
CA ARG A 607 -0.81 -5.63 46.84
C ARG A 607 0.25 -4.86 46.07
N PHE A 608 1.40 -5.49 45.85
CA PHE A 608 2.46 -4.85 45.09
C PHE A 608 2.06 -4.74 43.63
N VAL A 609 2.27 -3.55 43.05
CA VAL A 609 1.79 -3.21 41.72
C VAL A 609 2.98 -3.12 40.78
N LEU A 610 2.88 -3.80 39.65
CA LEU A 610 3.91 -3.78 38.61
C LEU A 610 3.33 -3.08 37.38
N VAL A 611 3.98 -2.01 36.95
CA VAL A 611 3.56 -1.24 35.78
C VAL A 611 4.46 -1.62 34.61
N PHE A 612 3.85 -1.94 33.48
CA PHE A 612 4.56 -2.38 32.28
C PHE A 612 4.34 -1.38 31.16
N ASN A 613 5.42 -1.07 30.44
CA ASN A 613 5.40 -0.10 29.35
C ASN A 613 5.09 -0.82 28.05
N CYS A 614 3.79 -1.04 27.82
CA CYS A 614 3.36 -1.83 26.67
C CYS A 614 3.65 -1.10 25.37
N ASP A 615 4.03 -1.87 24.35
CA ASP A 615 4.28 -1.35 23.01
C ASP A 615 4.52 -2.54 22.08
N GLU A 616 4.79 -2.24 20.81
CA GLU A 616 4.90 -3.28 19.79
C GLU A 616 5.99 -4.30 20.11
N THR A 617 6.99 -3.90 20.90
CA THR A 617 8.10 -4.81 21.18
C THR A 617 7.65 -6.05 21.94
N PHE A 618 6.45 -5.99 22.51
CA PHE A 618 5.89 -7.09 23.35
C PHE A 618 5.16 -8.11 22.51
N ASP A 619 5.82 -9.21 22.15
CA ASP A 619 5.25 -10.31 21.34
C ASP A 619 4.43 -11.20 22.24
N PHE A 620 3.68 -12.15 21.69
CA PHE A 620 2.80 -13.05 22.46
C PHE A 620 3.51 -13.83 23.57
N GLN A 621 4.76 -14.28 23.41
CA GLN A 621 5.52 -15.05 24.39
C GLN A 621 5.96 -14.16 25.55
N ALA A 622 6.32 -12.91 25.27
CA ALA A 622 6.72 -12.00 26.33
C ALA A 622 5.56 -11.77 27.30
N MET A 623 4.37 -11.49 26.77
CA MET A 623 3.23 -11.25 27.63
C MET A 623 2.82 -12.52 28.37
N GLY A 624 2.99 -13.68 27.74
CA GLY A 624 2.74 -14.93 28.43
C GLY A 624 3.69 -15.14 29.60
N ARG A 625 4.97 -14.81 29.41
CA ARG A 625 5.91 -14.87 30.53
C ARG A 625 5.52 -13.90 31.63
N ILE A 626 5.05 -12.71 31.25
CA ILE A 626 4.60 -11.74 32.24
C ILE A 626 3.44 -12.31 33.04
N PHE A 627 2.48 -12.95 32.36
CA PHE A 627 1.34 -13.54 33.07
C PHE A 627 1.78 -14.69 33.95
N VAL A 628 2.77 -15.48 33.50
CA VAL A 628 3.27 -16.57 34.32
C VAL A 628 3.87 -16.02 35.61
N GLY A 629 4.66 -14.96 35.49
CA GLY A 629 5.23 -14.34 36.69
C GLY A 629 4.15 -13.77 37.60
N LEU A 630 3.15 -13.10 37.01
CA LEU A 630 2.07 -12.54 37.81
C LEU A 630 1.33 -13.62 38.58
N CYS A 631 1.00 -14.72 37.91
CA CYS A 631 0.27 -15.80 38.57
C CYS A 631 1.13 -16.49 39.63
N GLN A 632 2.41 -16.69 39.34
CA GLN A 632 3.29 -17.33 40.32
C GLN A 632 3.42 -16.48 41.58
N VAL A 633 3.59 -15.17 41.42
CA VAL A 633 3.76 -14.28 42.57
C VAL A 633 2.43 -13.76 43.09
N GLY A 634 1.40 -13.71 42.24
CA GLY A 634 0.11 -13.21 42.69
C GLY A 634 0.01 -11.71 42.79
N ALA A 635 0.84 -10.98 42.05
CA ALA A 635 0.85 -9.53 42.10
C ALA A 635 -0.24 -8.96 41.20
N TRP A 636 -0.33 -7.64 41.16
CA TRP A 636 -1.31 -6.92 40.35
C TRP A 636 -0.63 -6.43 39.07
N GLY A 637 -1.15 -6.85 37.93
CA GLY A 637 -0.57 -6.48 36.66
C GLY A 637 -1.12 -5.18 36.11
N CYS A 638 -0.41 -4.08 36.34
CA CYS A 638 -0.79 -2.79 35.79
C CYS A 638 -0.18 -2.61 34.41
N PHE A 639 -1.00 -2.25 33.45
CA PHE A 639 -0.59 -2.07 32.06
C PHE A 639 -0.97 -0.67 31.62
N ASP A 640 -0.07 0.01 30.92
CA ASP A 640 -0.23 1.44 30.68
C ASP A 640 -1.06 1.76 29.44
N GLU A 641 -0.87 1.02 28.35
CA GLU A 641 -1.55 1.36 27.09
C GLU A 641 -1.70 0.10 26.25
N PHE A 642 -2.91 -0.48 26.29
CA PHE A 642 -3.28 -1.55 25.35
C PHE A 642 -3.89 -0.91 24.11
N ASN A 643 -3.03 -0.23 23.35
CA ASN A 643 -3.43 0.37 22.09
C ASN A 643 -2.38 0.25 20.99
N ARG A 644 -1.25 -0.43 21.25
CA ARG A 644 -0.21 -0.56 20.25
C ARG A 644 0.43 -1.95 20.27
N LEU A 645 -0.23 -2.96 20.85
CA LEU A 645 0.27 -4.32 20.82
C LEU A 645 0.02 -5.01 19.48
N GLU A 646 -0.69 -4.34 18.55
CA GLU A 646 -1.08 -4.91 17.27
C GLU A 646 -2.11 -6.02 17.47
N GLU A 647 -3.00 -6.20 16.49
CA GLU A 647 -4.14 -7.08 16.68
C GLU A 647 -3.71 -8.52 16.92
N ARG A 648 -2.59 -8.95 16.38
CA ARG A 648 -2.13 -10.32 16.55
C ARG A 648 -1.88 -10.63 18.02
N MET A 649 -0.97 -9.87 18.63
CA MET A 649 -0.54 -10.10 20.03
C MET A 649 -1.60 -9.52 20.96
N LEU A 650 -2.62 -8.83 20.45
CA LEU A 650 -3.78 -8.43 21.23
C LEU A 650 -4.77 -9.59 21.35
N SER A 651 -5.05 -10.27 20.24
CA SER A 651 -5.97 -11.39 20.28
C SER A 651 -5.38 -12.59 21.03
N ALA A 652 -4.08 -12.84 20.86
CA ALA A 652 -3.46 -13.93 21.61
C ALA A 652 -3.54 -13.65 23.11
N VAL A 653 -3.30 -12.40 23.51
CA VAL A 653 -3.43 -12.03 24.91
C VAL A 653 -4.87 -12.16 25.37
N SER A 654 -5.82 -11.88 24.48
CA SER A 654 -7.23 -12.07 24.82
C SER A 654 -7.51 -13.54 25.15
N GLN A 655 -6.98 -14.44 24.33
CA GLN A 655 -7.12 -15.87 24.63
C GLN A 655 -6.52 -16.20 25.99
N GLN A 656 -5.32 -15.68 26.26
CA GLN A 656 -4.65 -16.03 27.51
C GLN A 656 -5.41 -15.49 28.73
N VAL A 657 -5.89 -14.25 28.66
CA VAL A 657 -6.58 -13.67 29.81
C VAL A 657 -7.90 -14.40 30.04
N GLN A 658 -8.60 -14.77 28.95
CA GLN A 658 -9.82 -15.55 29.13
C GLN A 658 -9.53 -16.89 29.79
N CYS A 659 -8.45 -17.55 29.38
CA CYS A 659 -8.09 -18.84 29.98
C CYS A 659 -7.85 -18.70 31.47
N ILE A 660 -6.99 -17.75 31.87
CA ILE A 660 -6.66 -17.62 33.28
C ILE A 660 -7.88 -17.16 34.09
N GLN A 661 -8.70 -16.27 33.51
CA GLN A 661 -9.89 -15.81 34.21
C GLN A 661 -10.83 -16.96 34.51
N GLU A 662 -11.07 -17.83 33.52
CA GLU A 662 -11.94 -18.97 33.76
C GLU A 662 -11.31 -19.94 34.76
N ALA A 663 -10.00 -20.13 34.68
CA ALA A 663 -9.33 -21.03 35.62
C ALA A 663 -9.50 -20.55 37.05
N LEU A 664 -9.27 -19.25 37.31
CA LEU A 664 -9.41 -18.77 38.67
C LEU A 664 -10.87 -18.60 39.09
N ARG A 665 -11.79 -18.45 38.14
CA ARG A 665 -13.21 -18.55 38.48
C ARG A 665 -13.52 -19.95 39.00
N GLU A 666 -12.99 -20.97 38.36
CA GLU A 666 -13.13 -22.33 38.89
C GLU A 666 -12.47 -22.45 40.25
N HIS A 667 -11.33 -21.79 40.44
CA HIS A 667 -10.65 -21.81 41.73
C HIS A 667 -11.53 -21.23 42.83
N SER A 668 -12.21 -20.12 42.55
CA SER A 668 -13.04 -19.48 43.57
C SER A 668 -14.18 -20.39 44.01
N ASN A 669 -14.73 -21.16 43.09
CA ASN A 669 -15.83 -22.07 43.38
C ASN A 669 -15.33 -23.50 43.52
N ILE A 679 -5.35 -23.98 41.72
CA ILE A 679 -5.64 -24.54 40.41
C ILE A 679 -4.41 -24.32 39.54
N THR A 680 -4.29 -25.12 38.48
CA THR A 680 -3.26 -24.93 37.46
C THR A 680 -3.92 -24.39 36.19
N CYS A 681 -3.19 -23.52 35.50
CA CYS A 681 -3.63 -22.95 34.24
C CYS A 681 -2.57 -23.17 33.18
N GLU A 682 -3.00 -23.25 31.92
CA GLU A 682 -2.12 -23.60 30.81
C GLU A 682 -1.58 -22.32 30.20
N LEU A 683 -0.50 -21.80 30.77
CA LEU A 683 0.17 -20.61 30.25
C LEU A 683 1.28 -21.06 29.31
N LEU A 684 1.20 -20.60 28.05
CA LEU A 684 2.20 -20.90 27.04
C LEU A 684 2.44 -22.41 26.91
N ASN A 685 1.34 -23.17 26.93
CA ASN A 685 1.39 -24.63 26.82
C ASN A 685 2.17 -25.24 27.98
N LYS A 686 2.01 -24.67 29.17
CA LYS A 686 2.63 -25.20 30.38
C LYS A 686 1.66 -25.02 31.55
N GLN A 687 1.36 -26.11 32.24
CA GLN A 687 0.53 -26.04 33.44
C GLN A 687 1.33 -25.39 34.57
N VAL A 688 0.89 -24.23 35.01
CA VAL A 688 1.52 -23.50 36.10
C VAL A 688 0.47 -23.21 37.17
N LYS A 689 0.85 -23.38 38.43
CA LYS A 689 -0.02 -23.03 39.53
C LYS A 689 -0.25 -21.53 39.54
N VAL A 690 -1.46 -21.12 39.92
CA VAL A 690 -1.86 -19.72 39.88
C VAL A 690 -2.51 -19.38 41.22
N SER A 691 -2.13 -18.22 41.79
CA SER A 691 -2.67 -17.79 43.07
C SER A 691 -3.97 -17.02 42.88
N PRO A 692 -4.90 -17.05 43.85
CA PRO A 692 -6.14 -16.28 43.68
C PRO A 692 -5.95 -14.77 43.68
N ASP A 693 -4.82 -14.28 44.17
CA ASP A 693 -4.63 -12.84 44.34
C ASP A 693 -4.20 -12.13 43.07
N MET A 694 -3.86 -12.85 42.01
CA MET A 694 -3.41 -12.20 40.78
C MET A 694 -4.60 -11.47 40.16
N ALA A 695 -4.29 -10.48 39.33
CA ALA A 695 -5.33 -9.73 38.64
C ALA A 695 -4.71 -8.98 37.46
N ILE A 696 -5.54 -8.67 36.48
CA ILE A 696 -5.15 -7.99 35.26
C ILE A 696 -5.81 -6.63 35.23
N PHE A 697 -5.07 -5.62 34.77
CA PHE A 697 -5.55 -4.25 34.72
C PHE A 697 -5.06 -3.62 33.42
N ILE A 698 -5.95 -2.92 32.72
CA ILE A 698 -5.71 -2.49 31.34
C ILE A 698 -6.03 -1.01 31.24
N THR A 699 -5.01 -0.16 31.39
CA THR A 699 -5.17 1.25 31.10
C THR A 699 -5.13 1.49 29.60
N MET A 700 -5.86 2.51 29.15
CA MET A 700 -5.95 2.81 27.73
C MET A 700 -6.22 4.30 27.55
N ASN A 701 -5.93 4.79 26.34
CA ASN A 701 -6.18 6.18 25.97
C ASN A 701 -6.83 6.22 24.59
N PRO A 702 -8.06 5.70 24.46
CA PRO A 702 -8.72 5.72 23.15
C PRO A 702 -9.04 7.14 22.69
N GLY A 703 -8.96 7.34 21.38
CA GLY A 703 -9.30 8.60 20.75
C GLY A 703 -8.13 9.33 20.12
N TYR A 704 -6.90 8.95 20.44
CA TYR A 704 -5.72 9.63 19.95
C TYR A 704 -5.18 8.97 18.69
N ALA A 705 -4.32 9.71 17.97
CA ALA A 705 -3.91 9.29 16.63
C ALA A 705 -3.10 8.00 16.68
N GLY A 706 -2.12 7.92 17.57
CA GLY A 706 -1.23 6.77 17.61
C GLY A 706 -1.76 5.62 18.44
N ARG A 707 -3.03 5.27 18.23
CA ARG A 707 -3.70 4.24 19.02
C ARG A 707 -4.47 3.33 18.07
N SER A 708 -4.69 2.09 18.51
CA SER A 708 -5.37 1.06 17.73
C SER A 708 -6.61 0.56 18.47
N ASN A 709 -7.56 0.08 17.69
CA ASN A 709 -8.83 -0.42 18.24
C ASN A 709 -8.57 -1.78 18.91
N LEU A 710 -9.65 -2.40 19.41
CA LEU A 710 -9.59 -3.64 20.16
C LEU A 710 -10.60 -4.65 19.62
N PRO A 711 -10.34 -5.95 19.77
CA PRO A 711 -11.40 -6.94 19.53
C PRO A 711 -12.46 -6.88 20.62
N ASP A 712 -13.69 -7.26 20.26
CA ASP A 712 -14.79 -7.22 21.22
C ASP A 712 -14.70 -8.38 22.21
N ASN A 713 -14.23 -9.55 21.76
CA ASN A 713 -14.11 -10.68 22.67
C ASN A 713 -13.10 -10.42 23.79
N LEU A 714 -12.16 -9.51 23.57
CA LEU A 714 -11.30 -9.04 24.66
C LEU A 714 -12.04 -8.03 25.51
N LYS A 715 -12.74 -7.09 24.88
CA LYS A 715 -13.37 -6.00 25.62
C LYS A 715 -14.43 -6.49 26.58
N LYS A 716 -15.09 -7.61 26.26
CA LYS A 716 -16.08 -8.15 27.18
C LYS A 716 -15.46 -8.73 28.44
N LEU A 717 -14.14 -8.95 28.46
CA LEU A 717 -13.46 -9.54 29.61
C LEU A 717 -12.99 -8.51 30.62
N PHE A 718 -13.22 -7.22 30.39
CA PHE A 718 -12.74 -6.15 31.25
C PHE A 718 -13.85 -5.17 31.55
N ARG A 719 -14.04 -4.88 32.83
CA ARG A 719 -15.02 -3.87 33.25
C ARG A 719 -14.46 -2.49 32.99
N SER A 720 -15.08 -1.75 32.07
CA SER A 720 -14.54 -0.47 31.64
C SER A 720 -15.04 0.66 32.53
N LEU A 721 -14.29 1.77 32.51
CA LEU A 721 -14.70 2.97 33.23
C LEU A 721 -14.09 4.18 32.56
N ALA A 722 -14.90 5.20 32.30
CA ALA A 722 -14.46 6.44 31.67
C ALA A 722 -14.15 7.48 32.74
N MET A 723 -12.95 8.06 32.65
CA MET A 723 -12.54 9.18 33.49
C MET A 723 -12.19 10.35 32.59
N THR A 724 -12.76 11.53 32.87
CA THR A 724 -12.50 12.71 32.05
C THR A 724 -12.19 13.97 32.84
N LYS A 725 -12.60 14.09 34.09
CA LYS A 725 -12.39 15.32 34.87
C LYS A 725 -12.32 14.98 36.35
N PRO A 726 -11.15 14.59 36.84
CA PRO A 726 -10.98 14.45 38.28
C PRO A 726 -11.23 15.79 38.97
N ASP A 727 -11.92 15.73 40.10
CA ASP A 727 -12.34 16.96 40.79
C ASP A 727 -11.10 17.67 41.30
N ARG A 728 -10.71 18.74 40.62
CA ARG A 728 -9.45 19.40 40.93
C ARG A 728 -9.53 20.26 42.18
N GLN A 729 -10.70 20.86 42.47
CA GLN A 729 -10.79 21.77 43.60
C GLN A 729 -10.50 21.05 44.91
N LEU A 730 -11.12 19.88 45.11
CA LEU A 730 -10.86 19.12 46.33
C LEU A 730 -9.42 18.64 46.37
N ILE A 731 -8.85 18.26 45.22
CA ILE A 731 -7.46 17.83 45.16
C ILE A 731 -6.55 18.94 45.66
N ALA A 732 -6.73 20.15 45.12
CA ALA A 732 -5.88 21.27 45.51
C ALA A 732 -6.09 21.62 46.97
N GLN A 733 -7.34 21.57 47.45
CA GLN A 733 -7.60 21.84 48.86
C GLN A 733 -6.83 20.88 49.74
N VAL A 734 -6.92 19.58 49.45
CA VAL A 734 -6.29 18.58 50.31
C VAL A 734 -4.77 18.69 50.23
N MET A 735 -4.23 18.97 49.03
CA MET A 735 -2.78 19.08 48.92
C MET A 735 -2.27 20.32 49.65
N LEU A 736 -2.97 21.44 49.53
CA LEU A 736 -2.53 22.65 50.22
C LEU A 736 -2.62 22.48 51.73
N TYR A 737 -3.69 21.84 52.23
CA TYR A 737 -3.75 21.54 53.65
C TYR A 737 -2.67 20.55 54.05
N SER A 738 -2.29 19.65 53.14
CA SER A 738 -1.21 18.73 53.42
C SER A 738 0.10 19.47 53.62
N GLN A 739 0.35 20.50 52.80
CA GLN A 739 1.51 21.36 53.03
C GLN A 739 1.27 22.30 54.21
N GLY A 740 0.01 22.62 54.50
CA GLY A 740 -0.33 23.40 55.66
C GLY A 740 -0.50 24.89 55.45
N PHE A 741 -0.90 25.31 54.25
CA PHE A 741 -1.12 26.73 54.00
C PHE A 741 -2.28 27.24 54.84
N ARG A 742 -2.19 28.51 55.23
CA ARG A 742 -3.20 29.08 56.12
C ARG A 742 -4.58 29.10 55.47
N THR A 743 -4.64 29.50 54.20
CA THR A 743 -5.91 29.67 53.50
C THR A 743 -6.02 28.67 52.35
N ALA A 744 -5.67 27.42 52.62
CA ALA A 744 -5.62 26.38 51.60
C ALA A 744 -6.92 26.28 50.80
N GLU A 745 -8.05 26.44 51.48
CA GLU A 745 -9.34 26.40 50.80
C GLU A 745 -9.43 27.49 49.74
N VAL A 746 -9.05 28.72 50.12
CA VAL A 746 -9.14 29.84 49.19
C VAL A 746 -8.14 29.67 48.05
N LEU A 747 -6.92 29.21 48.37
CA LEU A 747 -5.92 29.00 47.32
C LEU A 747 -6.38 27.97 46.32
N ALA A 748 -6.97 26.86 46.78
CA ALA A 748 -7.47 25.86 45.83
C ALA A 748 -8.60 26.43 44.99
N ASN A 749 -9.57 27.07 45.65
CA ASN A 749 -10.73 27.62 44.95
C ASN A 749 -10.34 28.71 43.96
N LYS A 750 -9.17 29.32 44.13
CA LYS A 750 -8.66 30.28 43.15
C LYS A 750 -7.83 29.60 42.07
N ILE A 751 -6.98 28.63 42.43
CA ILE A 751 -6.02 28.09 41.48
C ILE A 751 -6.73 27.23 40.43
N VAL A 752 -7.74 26.46 40.84
CA VAL A 752 -8.42 25.59 39.87
C VAL A 752 -9.16 26.40 38.80
N PRO A 753 -10.04 27.35 39.14
CA PRO A 753 -10.61 28.17 38.07
C PRO A 753 -9.56 28.98 37.33
N PHE A 754 -8.43 29.30 37.94
CA PHE A 754 -7.35 29.93 37.16
C PHE A 754 -6.89 29.00 36.04
N PHE A 755 -6.72 27.72 36.34
CA PHE A 755 -6.36 26.75 35.30
C PHE A 755 -7.44 26.69 34.23
N LYS A 756 -8.71 26.63 34.63
CA LYS A 756 -9.78 26.52 33.65
C LYS A 756 -9.84 27.77 32.76
N LEU A 757 -9.74 28.95 33.38
CA LEU A 757 -9.79 30.20 32.62
C LEU A 757 -8.63 30.28 31.64
N CYS A 758 -7.41 29.96 32.10
CA CYS A 758 -6.25 30.04 31.23
C CYS A 758 -6.36 29.05 30.07
N ASP A 759 -6.84 27.83 30.35
CA ASP A 759 -7.00 26.84 29.28
C ASP A 759 -8.03 27.31 28.26
N GLU A 760 -9.11 27.93 28.74
CA GLU A 760 -10.13 28.40 27.81
C GLU A 760 -9.68 29.63 27.03
N GLN A 761 -8.76 30.42 27.58
CA GLN A 761 -8.43 31.73 27.05
C GLN A 761 -7.32 31.69 26.00
N LEU A 762 -6.17 31.12 26.36
CA LEU A 762 -4.96 31.33 25.59
C LEU A 762 -5.05 30.62 24.23
N SER A 763 -4.11 30.97 23.36
CA SER A 763 -4.15 30.51 21.98
C SER A 763 -3.97 28.99 21.90
N SER A 764 -4.49 28.42 20.82
CA SER A 764 -4.52 26.96 20.64
C SER A 764 -3.19 26.49 20.04
N GLN A 765 -2.15 26.57 20.86
CA GLN A 765 -0.84 26.07 20.46
C GLN A 765 -0.79 24.56 20.58
N SER A 766 0.23 23.98 19.96
CA SER A 766 0.35 22.53 19.85
C SER A 766 1.05 21.87 21.03
N HIS A 767 1.45 22.64 22.04
CA HIS A 767 2.12 22.07 23.21
C HIS A 767 1.65 22.69 24.52
N TYR A 768 0.49 23.36 24.53
CA TYR A 768 -0.05 23.92 25.76
C TYR A 768 -0.82 22.85 26.51
N ASP A 769 -0.43 22.61 27.76
CA ASP A 769 -1.15 21.73 28.66
C ASP A 769 -1.51 22.51 29.92
N PHE A 770 -2.75 22.32 30.39
CA PHE A 770 -3.21 22.88 31.64
C PHE A 770 -4.05 21.87 32.42
N GLY A 771 -3.81 20.59 32.19
CA GLY A 771 -4.57 19.53 32.83
C GLY A 771 -4.13 19.30 34.26
N LEU A 772 -4.34 18.08 34.72
CA LEU A 772 -4.07 17.73 36.11
C LEU A 772 -2.57 17.76 36.41
N ARG A 773 -1.74 17.39 35.44
CA ARG A 773 -0.30 17.39 35.65
C ARG A 773 0.22 18.78 35.98
N ALA A 774 -0.25 19.80 35.25
CA ALA A 774 0.18 21.16 35.51
C ALA A 774 -0.23 21.60 36.91
N LEU A 775 -1.42 21.21 37.35
CA LEU A 775 -1.86 21.56 38.70
C LEU A 775 -0.98 20.90 39.74
N LYS A 776 -0.66 19.62 39.57
CA LYS A 776 0.20 18.97 40.56
C LYS A 776 1.59 19.62 40.58
N SER A 777 2.13 19.93 39.39
CA SER A 777 3.46 20.53 39.33
C SER A 777 3.48 21.90 39.99
N VAL A 778 2.48 22.74 39.71
CA VAL A 778 2.48 24.07 40.31
C VAL A 778 2.23 23.98 41.81
N LEU A 779 1.47 22.98 42.27
CA LEU A 779 1.28 22.83 43.72
C LEU A 779 2.58 22.41 44.41
N VAL A 780 3.32 21.47 43.81
CA VAL A 780 4.60 21.09 44.39
C VAL A 780 5.57 22.27 44.35
N SER A 781 5.50 23.09 43.30
CA SER A 781 6.31 24.28 43.23
C SER A 781 5.94 25.25 44.35
N ALA A 782 4.65 25.40 44.63
CA ALA A 782 4.21 26.25 45.74
C ALA A 782 4.77 25.74 47.06
N GLY A 783 4.74 24.42 47.26
CA GLY A 783 5.32 23.87 48.48
C GLY A 783 6.80 24.17 48.60
N ASN A 784 7.54 23.98 47.51
CA ASN A 784 8.98 24.23 47.56
C ASN A 784 9.28 25.71 47.75
N VAL A 785 8.47 26.59 47.16
CA VAL A 785 8.69 28.03 47.35
C VAL A 785 8.37 28.42 48.78
N LYS A 786 7.35 27.81 49.38
CA LYS A 786 7.08 28.03 50.79
C LYS A 786 8.27 27.64 51.64
N ARG A 787 8.84 26.47 51.36
CA ARG A 787 10.00 26.02 52.13
C ARG A 787 11.19 26.98 51.95
N GLU A 788 11.41 27.43 50.71
CA GLU A 788 12.51 28.36 50.45
C GLU A 788 12.31 29.68 51.20
N ARG A 789 11.09 30.22 51.16
CA ARG A 789 10.84 31.48 51.85
C ARG A 789 10.95 31.32 53.35
N ILE A 790 10.52 30.18 53.89
CA ILE A 790 10.64 29.96 55.33
C ILE A 790 12.11 29.89 55.72
N GLN A 791 12.93 29.18 54.94
CA GLN A 791 14.35 29.11 55.24
C GLN A 791 15.02 30.47 55.05
N LYS A 792 14.49 31.31 54.15
CA LYS A 792 15.00 32.67 54.02
C LYS A 792 14.80 33.46 55.30
N ILE A 793 13.63 33.33 55.91
CA ILE A 793 13.34 33.99 57.17
C ILE A 793 13.92 33.18 58.31
N ALA A 810 7.44 33.93 60.27
CA ALA A 810 7.37 32.57 59.76
C ALA A 810 5.92 32.11 59.65
N GLU A 811 5.14 32.43 60.68
CA GLU A 811 3.73 32.05 60.70
C GLU A 811 2.83 33.06 59.99
N ASN A 812 3.36 34.22 59.62
CA ASN A 812 2.60 35.25 58.90
C ASN A 812 3.08 35.40 57.46
N LEU A 813 3.57 34.32 56.88
CA LEU A 813 4.10 34.37 55.52
C LEU A 813 2.96 34.58 54.52
N PRO A 814 3.00 35.62 53.67
CA PRO A 814 2.02 35.68 52.58
C PRO A 814 2.16 34.47 51.66
N GLU A 815 1.01 34.00 51.16
CA GLU A 815 0.95 32.77 50.38
C GLU A 815 0.42 32.95 48.97
N GLN A 816 -0.32 34.02 48.69
CA GLN A 816 -0.72 34.29 47.32
C GLN A 816 0.48 34.54 46.43
N GLU A 817 1.47 35.29 46.94
CA GLU A 817 2.69 35.52 46.19
C GLU A 817 3.43 34.21 45.92
N ILE A 818 3.36 33.25 46.84
CA ILE A 818 3.98 31.95 46.61
C ILE A 818 3.34 31.29 45.40
N LEU A 819 2.00 31.32 45.33
CA LEU A 819 1.30 30.73 44.19
C LEU A 819 1.66 31.45 42.90
N ILE A 820 1.73 32.79 42.94
CA ILE A 820 2.06 33.53 41.73
C ILE A 820 3.46 33.17 41.26
N GLN A 821 4.39 33.04 42.23
CA GLN A 821 5.81 32.71 41.94
C GLN A 821 5.90 31.30 41.36
N SER A 822 5.06 30.34 41.79
CA SER A 822 5.05 28.99 41.23
C SER A 822 4.46 28.97 39.82
N VAL A 823 3.37 29.72 39.62
CA VAL A 823 2.77 29.79 38.29
C VAL A 823 3.73 30.39 37.29
N CYS A 824 4.39 31.49 37.67
CA CYS A 824 5.41 32.06 36.79
C CYS A 824 6.60 31.14 36.59
N GLU A 825 6.85 30.24 37.54
CA GLU A 825 7.94 29.29 37.42
C GLU A 825 7.63 28.22 36.39
N THR A 826 6.42 27.66 36.43
CA THR A 826 6.10 26.48 35.62
C THR A 826 5.14 26.74 34.47
N MET A 827 4.31 27.78 34.53
CA MET A 827 3.32 28.05 33.49
C MET A 827 3.78 29.09 32.48
N VAL A 828 4.48 30.14 32.93
CA VAL A 828 4.98 31.16 32.00
C VAL A 828 5.91 30.59 30.95
N PRO A 829 6.84 29.67 31.25
CA PRO A 829 7.79 29.22 30.22
C PRO A 829 7.16 28.67 28.95
N LYS A 830 6.05 27.93 29.05
CA LYS A 830 5.46 27.35 27.85
C LYS A 830 4.82 28.38 26.95
N LEU A 831 4.56 29.59 27.44
CA LEU A 831 3.76 30.55 26.70
C LEU A 831 4.51 31.09 25.49
N VAL A 832 3.74 31.35 24.44
CA VAL A 832 4.23 32.16 23.33
C VAL A 832 4.15 33.63 23.72
N ALA A 833 4.99 34.46 23.08
CA ALA A 833 5.06 35.87 23.41
C ALA A 833 3.68 36.53 23.37
N GLU A 834 2.89 36.24 22.32
CA GLU A 834 1.55 36.79 22.22
C GLU A 834 0.65 36.36 23.37
N ASP A 835 1.00 35.27 24.07
CA ASP A 835 0.23 34.77 25.19
C ASP A 835 0.74 35.26 26.54
N ILE A 836 1.73 36.15 26.56
CA ILE A 836 2.19 36.75 27.82
C ILE A 836 1.25 37.87 28.26
N PRO A 837 0.77 38.77 27.38
CA PRO A 837 -0.15 39.82 27.86
C PRO A 837 -1.42 39.29 28.50
N LEU A 838 -1.94 38.16 28.04
CA LEU A 838 -3.18 37.63 28.59
C LEU A 838 -2.94 37.00 29.97
N LEU A 839 -2.00 36.04 30.03
CA LEU A 839 -1.85 35.21 31.23
C LEU A 839 -1.60 36.05 32.46
N PHE A 840 -0.62 36.97 32.39
CA PHE A 840 -0.34 37.84 33.53
C PHE A 840 -1.58 38.64 33.91
N SER A 841 -2.30 39.18 32.91
CA SER A 841 -3.52 39.91 33.20
C SER A 841 -4.54 39.01 33.87
N LEU A 842 -4.61 37.74 33.45
CA LEU A 842 -5.50 36.80 34.12
C LEU A 842 -5.10 36.66 35.58
N LEU A 843 -3.79 36.59 35.85
CA LEU A 843 -3.35 36.51 37.24
C LEU A 843 -3.69 37.77 38.01
N SER A 844 -3.85 38.90 37.31
CA SER A 844 -4.31 40.11 38.00
C SER A 844 -5.75 39.96 38.45
N ASP A 845 -6.56 39.25 37.66
CA ASP A 845 -7.99 39.13 37.92
C ASP A 845 -8.36 37.86 38.70
N VAL A 846 -7.38 37.05 39.07
CA VAL A 846 -7.59 35.96 40.02
C VAL A 846 -6.84 36.20 41.33
N PHE A 847 -5.78 37.00 41.32
CA PHE A 847 -5.03 37.37 42.51
C PHE A 847 -4.79 38.88 42.51
N PRO A 848 -5.82 39.68 42.81
CA PRO A 848 -5.63 41.14 42.82
C PRO A 848 -4.55 41.55 43.81
N GLY A 849 -3.77 42.56 43.41
CA GLY A 849 -2.62 42.94 44.21
C GLY A 849 -1.63 41.80 44.31
N VAL A 850 -1.05 41.61 45.50
CA VAL A 850 0.00 40.57 45.75
C VAL A 850 0.95 40.54 44.55
N GLN A 851 1.48 41.70 44.14
CA GLN A 851 2.45 41.81 43.02
C GLN A 851 3.75 41.11 43.43
N TYR A 852 4.44 40.42 42.51
CA TYR A 852 5.66 39.62 42.79
C TYR A 852 6.79 39.96 41.80
N HIS A 853 8.05 40.05 42.27
CA HIS A 853 9.27 40.30 41.44
C HIS A 853 10.20 39.09 41.61
N ARG A 854 10.65 38.46 40.52
CA ARG A 854 11.49 37.22 40.55
C ARG A 854 12.85 37.46 41.20
N GLY A 855 13.41 36.50 41.99
CA GLY A 855 14.76 36.58 42.47
C GLY A 855 15.75 36.40 41.34
N GLU A 856 16.99 36.09 41.72
CA GLU A 856 18.03 35.84 40.73
C GLU A 856 19.19 35.13 41.41
N MET A 857 19.73 34.11 40.73
CA MET A 857 20.95 33.44 41.17
C MET A 857 22.11 34.09 40.43
N THR A 858 22.55 35.24 40.95
CA THR A 858 23.56 36.03 40.28
C THR A 858 24.88 35.30 40.15
N ALA A 859 25.16 34.32 41.01
CA ALA A 859 26.34 33.48 40.83
C ALA A 859 26.25 32.72 39.51
N LEU A 860 25.09 32.12 39.25
CA LEU A 860 24.87 31.47 37.96
C LEU A 860 24.95 32.48 36.84
N ARG A 861 24.46 33.70 37.07
CA ARG A 861 24.50 34.73 36.03
C ARG A 861 25.94 35.06 35.64
N GLU A 862 26.83 35.18 36.63
CA GLU A 862 28.22 35.50 36.33
C GLU A 862 28.94 34.32 35.71
N GLU A 863 28.63 33.10 36.16
CA GLU A 863 29.23 31.92 35.52
C GLU A 863 28.79 31.83 34.07
N LEU A 864 27.52 32.12 33.81
CA LEU A 864 27.02 32.15 32.43
C LEU A 864 27.71 33.25 31.63
N LYS A 865 27.95 34.41 32.25
CA LYS A 865 28.71 35.46 31.60
C LYS A 865 30.08 34.93 31.15
N LYS A 866 30.76 34.23 32.05
CA LYS A 866 32.10 33.72 31.73
C LYS A 866 32.05 32.74 30.58
N VAL A 867 31.18 31.73 30.66
CA VAL A 867 31.18 30.72 29.60
C VAL A 867 30.68 31.31 28.28
N CYS A 868 29.71 32.23 28.35
CA CYS A 868 29.19 32.85 27.14
C CYS A 868 30.23 33.70 26.45
N GLN A 869 31.09 34.36 27.23
CA GLN A 869 32.23 35.06 26.62
C GLN A 869 33.27 34.07 26.09
N GLU A 870 33.41 32.92 26.75
CA GLU A 870 34.37 31.92 26.28
C GLU A 870 33.97 31.38 24.91
N MET A 871 32.69 31.09 24.72
CA MET A 871 32.22 30.44 23.50
C MET A 871 31.91 31.43 22.38
N TYR A 872 32.41 32.66 22.45
CA TYR A 872 32.22 33.66 21.41
C TYR A 872 30.75 33.97 21.18
N LEU A 873 29.94 33.81 22.24
CA LEU A 873 28.53 34.14 22.21
C LEU A 873 28.32 35.48 22.89
N THR A 874 27.28 36.20 22.50
CA THR A 874 26.97 37.47 23.14
C THR A 874 26.18 37.24 24.42
N TYR A 875 26.43 38.08 25.42
CA TYR A 875 25.87 37.94 26.75
C TYR A 875 25.15 39.21 27.17
N GLY A 876 24.04 39.04 27.87
CA GLY A 876 23.33 40.14 28.47
C GLY A 876 22.82 39.75 29.85
N ASP A 877 21.86 40.52 30.39
CA ASP A 877 21.38 40.29 31.74
C ASP A 877 19.87 40.49 31.87
N GLY A 878 19.13 40.60 30.76
CA GLY A 878 17.69 40.68 30.82
C GLY A 878 17.06 41.65 29.83
N GLU A 879 17.79 42.71 29.47
CA GLU A 879 17.28 43.72 28.54
C GLU A 879 18.31 44.15 27.50
N GLU A 880 19.52 43.61 27.55
CA GLU A 880 20.57 43.99 26.60
C GLU A 880 20.44 43.10 25.37
N VAL A 881 21.44 43.15 24.49
CA VAL A 881 21.40 42.33 23.27
C VAL A 881 21.35 40.85 23.62
N GLY A 882 22.07 40.46 24.67
CA GLY A 882 22.12 39.07 25.10
C GLY A 882 21.16 38.74 26.23
N GLY A 883 20.13 39.55 26.41
CA GLY A 883 19.25 39.41 27.56
C GLY A 883 18.21 38.31 27.46
N MET A 884 17.46 38.30 26.36
CA MET A 884 16.36 37.34 26.24
C MET A 884 16.87 35.91 26.27
N TRP A 885 17.96 35.63 25.55
CA TRP A 885 18.45 34.26 25.46
C TRP A 885 18.97 33.77 26.80
N VAL A 886 19.80 34.56 27.48
CA VAL A 886 20.31 34.12 28.77
C VAL A 886 19.15 34.01 29.76
N GLU A 887 18.15 34.89 29.65
CA GLU A 887 16.98 34.78 30.51
C GLU A 887 16.29 33.43 30.30
N LYS A 888 16.16 33.01 29.04
CA LYS A 888 15.58 31.70 28.78
C LYS A 888 16.47 30.59 29.32
N VAL A 889 17.79 30.80 29.33
CA VAL A 889 18.68 29.79 29.91
C VAL A 889 18.44 29.65 31.41
N LEU A 890 18.29 30.77 32.12
CA LEU A 890 17.95 30.67 33.54
C LEU A 890 16.59 30.02 33.73
N GLN A 891 15.66 30.30 32.81
CA GLN A 891 14.35 29.66 32.87
C GLN A 891 14.49 28.14 32.77
N LEU A 892 15.35 27.68 31.86
CA LEU A 892 15.59 26.26 31.73
C LEU A 892 16.23 25.70 32.98
N TYR A 893 17.15 26.45 33.60
CA TYR A 893 17.74 25.99 34.85
C TYR A 893 16.68 25.81 35.91
N GLN A 894 15.76 26.77 36.00
CA GLN A 894 14.68 26.66 36.98
C GLN A 894 13.82 25.44 36.69
N ILE A 895 13.52 25.20 35.41
CA ILE A 895 12.61 24.12 35.06
C ILE A 895 13.22 22.75 35.32
N THR A 896 14.53 22.58 35.10
CA THR A 896 15.12 21.27 35.31
C THR A 896 15.15 20.85 36.78
N GLN A 897 14.88 21.77 37.71
CA GLN A 897 14.80 21.40 39.12
C GLN A 897 13.53 20.62 39.45
N ILE A 898 12.51 20.70 38.59
CA ILE A 898 11.19 20.15 38.90
C ILE A 898 10.86 19.02 37.94
N ASN A 899 10.77 19.34 36.65
CA ASN A 899 10.36 18.38 35.64
C ASN A 899 11.58 17.57 35.22
N HIS A 900 11.73 16.37 35.79
CA HIS A 900 12.76 15.45 35.36
C HIS A 900 12.32 14.88 34.01
N GLY A 901 12.56 15.68 32.97
CA GLY A 901 11.93 15.52 31.68
C GLY A 901 11.53 16.89 31.17
N LEU A 902 11.94 17.25 29.96
CA LEU A 902 11.78 18.63 29.52
C LEU A 902 11.87 18.68 28.00
N MET A 903 11.23 19.68 27.41
CA MET A 903 11.21 19.88 25.96
C MET A 903 11.56 21.32 25.64
N MET A 904 12.70 21.52 24.98
CA MET A 904 12.98 22.78 24.30
C MET A 904 12.31 22.75 22.93
N VAL A 905 11.51 23.75 22.64
CA VAL A 905 10.66 23.77 21.45
C VAL A 905 10.74 25.15 20.80
N GLY A 906 10.82 25.16 19.47
CA GLY A 906 10.82 26.39 18.73
C GLY A 906 11.32 26.20 17.32
N PRO A 907 11.09 27.18 16.44
CA PRO A 907 11.53 27.04 15.05
C PRO A 907 13.05 26.98 14.96
N SER A 908 13.53 26.46 13.83
CA SER A 908 14.96 26.28 13.65
C SER A 908 15.68 27.63 13.63
N GLY A 909 16.87 27.65 14.23
CA GLY A 909 17.61 28.88 14.39
C GLY A 909 17.23 29.68 15.61
N SER A 910 16.99 29.02 16.74
CA SER A 910 16.58 29.68 17.97
C SER A 910 17.64 29.62 19.07
N GLY A 911 18.57 28.67 19.00
CA GLY A 911 19.62 28.56 19.97
C GLY A 911 19.38 27.54 21.07
N LYS A 912 18.65 26.46 20.78
CA LYS A 912 18.31 25.49 21.82
C LYS A 912 19.55 24.67 22.20
N SER A 913 20.26 24.17 21.19
CA SER A 913 21.48 23.40 21.46
C SER A 913 22.49 24.25 22.21
N MET A 914 22.72 25.49 21.75
CA MET A 914 23.61 26.39 22.46
C MET A 914 23.09 26.65 23.87
N ALA A 915 21.78 26.80 24.03
CA ALA A 915 21.22 27.12 25.34
C ALA A 915 21.55 26.04 26.35
N TRP A 916 21.22 24.79 26.04
CA TRP A 916 21.47 23.75 27.04
C TRP A 916 22.96 23.46 27.16
N ARG A 917 23.75 23.67 26.10
CA ARG A 917 25.20 23.51 26.22
C ARG A 917 25.77 24.52 27.21
N VAL A 918 25.39 25.80 27.07
CA VAL A 918 25.94 26.83 27.94
C VAL A 918 25.46 26.61 29.36
N LEU A 919 24.22 26.14 29.53
CA LEU A 919 23.73 25.89 30.87
C LEU A 919 24.49 24.73 31.51
N LEU A 920 24.75 23.67 30.75
CA LEU A 920 25.49 22.55 31.30
C LEU A 920 26.88 22.98 31.73
N LYS A 921 27.57 23.74 30.87
CA LYS A 921 28.92 24.19 31.21
C LYS A 921 28.90 25.14 32.40
N ALA A 922 27.94 26.06 32.45
CA ALA A 922 27.86 27.02 33.55
C ALA A 922 27.56 26.33 34.86
N LEU A 923 26.65 25.35 34.85
CA LEU A 923 26.37 24.59 36.06
C LEU A 923 27.59 23.80 36.50
N GLU A 924 28.33 23.25 35.53
CA GLU A 924 29.55 22.54 35.87
C GLU A 924 30.55 23.46 36.57
N ARG A 925 30.70 24.68 36.05
CA ARG A 925 31.60 25.64 36.70
C ARG A 925 31.07 26.03 38.09
N LEU A 926 29.77 26.30 38.18
CA LEU A 926 29.21 26.83 39.43
C LEU A 926 29.28 25.82 40.55
N GLU A 927 28.81 24.59 40.30
CA GLU A 927 28.77 23.56 41.32
C GLU A 927 30.00 22.64 41.29
N GLY A 928 30.88 22.80 40.31
CA GLY A 928 32.04 21.94 40.22
C GLY A 928 31.69 20.48 40.04
N VAL A 929 30.65 20.19 39.25
CA VAL A 929 30.19 18.84 38.98
C VAL A 929 30.19 18.65 37.47
N GLU A 930 30.82 17.57 37.01
CA GLU A 930 30.96 17.32 35.57
C GLU A 930 29.60 17.25 34.89
N GLY A 931 29.31 18.23 34.04
CA GLY A 931 28.08 18.23 33.28
C GLY A 931 28.24 17.44 32.01
N VAL A 932 27.81 16.18 32.03
CA VAL A 932 28.01 15.25 30.92
C VAL A 932 26.71 15.12 30.16
N ALA A 933 26.80 15.04 28.84
CA ALA A 933 25.65 14.97 27.96
C ALA A 933 25.79 13.82 26.99
N HIS A 934 24.65 13.26 26.58
CA HIS A 934 24.58 12.26 25.54
C HIS A 934 23.51 12.68 24.54
N ILE A 935 23.93 13.03 23.34
CA ILE A 935 23.03 13.49 22.30
C ILE A 935 22.61 12.29 21.44
N ILE A 936 21.30 12.15 21.24
CA ILE A 936 20.74 11.07 20.45
C ILE A 936 19.74 11.66 19.46
N ASP A 937 19.82 11.24 18.21
CA ASP A 937 18.81 11.57 17.22
C ASP A 937 17.81 10.42 17.14
N PRO A 938 16.50 10.65 17.37
CA PRO A 938 15.57 9.52 17.43
C PRO A 938 15.39 8.81 16.09
N LYS A 939 15.11 9.57 15.03
CA LYS A 939 14.78 8.97 13.76
C LYS A 939 16.00 8.54 12.96
N ALA A 940 17.19 9.05 13.29
CA ALA A 940 18.38 8.72 12.51
C ALA A 940 18.70 7.24 12.53
N ILE A 941 18.22 6.52 13.56
CA ILE A 941 18.34 5.07 13.63
C ILE A 941 16.94 4.49 13.77
N SER A 942 16.85 3.18 13.62
CA SER A 942 15.57 2.50 13.77
C SER A 942 15.10 2.56 15.21
N LYS A 943 13.77 2.50 15.40
CA LYS A 943 13.22 2.41 16.75
C LYS A 943 13.79 1.21 17.48
N ASP A 944 13.88 0.07 16.78
CA ASP A 944 14.47 -1.11 17.39
C ASP A 944 15.93 -0.86 17.73
N HIS A 945 16.65 -0.13 16.87
CA HIS A 945 18.00 0.29 17.20
C HIS A 945 18.00 1.26 18.38
N LEU A 946 17.01 2.14 18.44
CA LEU A 946 16.95 3.13 19.51
C LEU A 946 16.79 2.46 20.87
N TYR A 947 15.94 1.44 20.95
CA TYR A 947 15.61 0.78 22.24
C TYR A 947 16.25 -0.60 22.37
N GLY A 948 16.61 -1.30 21.29
CA GLY A 948 17.16 -2.64 21.34
C GLY A 948 16.12 -3.70 21.02
N THR A 949 16.59 -4.95 20.97
CA THR A 949 15.74 -6.05 20.53
C THR A 949 16.08 -7.33 21.27
N LEU A 950 15.07 -8.19 21.40
CA LEU A 950 15.19 -9.49 22.05
C LEU A 950 15.28 -10.56 20.97
N ASP A 951 16.29 -11.42 21.06
CA ASP A 951 16.35 -12.57 20.18
C ASP A 951 15.14 -13.48 20.46
N PRO A 952 14.58 -14.14 19.44
CA PRO A 952 13.35 -14.91 19.69
C PRO A 952 13.56 -16.28 20.31
N ASN A 953 14.81 -16.74 20.48
CA ASN A 953 15.08 -18.12 20.87
C ASN A 953 15.94 -18.27 22.13
N THR A 954 16.27 -17.19 22.83
CA THR A 954 16.92 -17.31 24.13
C THR A 954 16.84 -15.96 24.83
N ARG A 955 17.52 -15.84 25.97
CA ARG A 955 17.53 -14.64 26.80
C ARG A 955 18.80 -13.86 26.48
N GLU A 956 18.75 -13.07 25.40
CA GLU A 956 19.85 -12.19 25.02
C GLU A 956 19.22 -10.92 24.42
N TRP A 957 19.05 -9.91 25.28
CA TRP A 957 18.47 -8.64 24.87
C TRP A 957 19.59 -7.71 24.42
N THR A 958 19.73 -7.56 23.11
CA THR A 958 20.73 -6.64 22.57
C THR A 958 20.26 -5.21 22.80
N ASP A 959 21.02 -4.46 23.59
CA ASP A 959 20.64 -3.11 23.97
C ASP A 959 20.67 -2.18 22.77
N GLY A 960 19.74 -1.23 22.76
CA GLY A 960 19.72 -0.18 21.76
C GLY A 960 20.56 1.00 22.19
N LEU A 961 20.24 2.17 21.61
CA LEU A 961 20.97 3.38 21.95
C LEU A 961 20.58 3.89 23.33
N PHE A 962 19.30 4.23 23.50
CA PHE A 962 18.84 4.80 24.75
C PHE A 962 19.01 3.82 25.90
N THR A 963 18.68 2.55 25.66
CA THR A 963 18.79 1.56 26.73
C THR A 963 20.24 1.36 27.14
N HIS A 964 21.17 1.35 26.18
CA HIS A 964 22.57 1.19 26.54
C HIS A 964 23.09 2.41 27.30
N VAL A 965 22.69 3.62 26.88
CA VAL A 965 23.09 4.81 27.60
C VAL A 965 22.58 4.74 29.04
N LEU A 966 21.33 4.32 29.22
CA LEU A 966 20.80 4.18 30.56
C LEU A 966 21.59 3.14 31.36
N ARG A 967 21.74 1.94 30.81
CA ARG A 967 22.43 0.86 31.51
C ARG A 967 23.83 1.30 31.94
N LYS A 968 24.52 2.04 31.09
CA LYS A 968 25.79 2.64 31.50
C LYS A 968 25.59 3.60 32.66
N ILE A 969 24.52 4.39 32.63
CA ILE A 969 24.31 5.40 33.66
C ILE A 969 24.09 4.74 35.01
N ILE A 970 23.06 3.89 35.11
CA ILE A 970 22.77 3.24 36.40
C ILE A 970 23.86 2.25 36.79
N ASP A 971 24.68 1.75 35.85
CA ASP A 971 25.84 0.97 36.26
C ASP A 971 26.82 1.83 37.04
N SER A 972 27.18 3.00 36.48
CA SER A 972 27.98 4.00 37.18
C SER A 972 29.32 3.44 37.67
N VAL A 973 29.98 2.68 36.80
CA VAL A 973 31.31 2.17 37.15
C VAL A 973 32.30 3.33 37.28
N ARG A 974 32.15 4.37 36.45
CA ARG A 974 33.01 5.54 36.47
C ARG A 974 32.49 6.63 37.39
N GLY A 975 31.67 6.28 38.38
CA GLY A 975 31.05 7.30 39.22
C GLY A 975 30.14 8.23 38.45
N GLU A 976 29.44 7.71 37.45
CA GLU A 976 28.58 8.56 36.63
C GLU A 976 27.44 9.15 37.44
N LEU A 977 26.97 8.43 38.48
CA LEU A 977 25.90 8.93 39.31
C LEU A 977 26.28 10.21 40.06
N GLN A 978 27.57 10.46 40.23
CA GLN A 978 28.06 11.68 40.88
C GLN A 978 28.29 12.81 39.88
N LYS A 979 27.60 12.78 38.74
CA LYS A 979 27.75 13.79 37.70
C LYS A 979 26.37 14.22 37.22
N ARG A 980 26.25 15.49 36.86
CA ARG A 980 25.02 16.00 36.25
C ARG A 980 24.95 15.44 34.83
N GLN A 981 24.14 14.40 34.66
CA GLN A 981 24.11 13.60 33.45
C GLN A 981 22.80 13.86 32.72
N TRP A 982 22.90 14.33 31.48
CA TRP A 982 21.74 14.68 30.67
C TRP A 982 21.71 13.84 29.40
N ILE A 983 20.53 13.40 29.01
CA ILE A 983 20.30 12.71 27.74
C ILE A 983 19.43 13.64 26.90
N VAL A 984 20.00 14.15 25.82
CA VAL A 984 19.36 15.16 24.99
C VAL A 984 18.96 14.51 23.67
N PHE A 985 17.66 14.54 23.38
CA PHE A 985 17.14 14.05 22.10
C PHE A 985 16.99 15.23 21.15
N ASP A 986 17.43 15.05 19.90
CA ASP A 986 17.30 16.07 18.87
C ASP A 986 16.77 15.45 17.60
N GLY A 987 15.59 15.89 17.16
CA GLY A 987 14.98 15.37 15.96
C GLY A 987 13.58 15.91 15.76
N ASP A 988 12.64 15.02 15.43
CA ASP A 988 11.23 15.34 15.33
C ASP A 988 10.44 14.36 16.19
N VAL A 989 9.11 14.53 16.21
CA VAL A 989 8.23 13.76 17.08
C VAL A 989 7.54 12.67 16.29
N ASP A 990 7.49 11.47 16.86
CA ASP A 990 6.73 10.35 16.34
C ASP A 990 6.27 9.55 17.54
N PRO A 991 4.96 9.28 17.71
CA PRO A 991 4.55 8.51 18.89
C PRO A 991 5.18 7.13 18.98
N GLU A 992 5.54 6.54 17.84
CA GLU A 992 6.04 5.17 17.81
C GLU A 992 7.23 4.96 18.73
N TRP A 993 8.07 5.99 18.90
CA TRP A 993 9.16 5.96 19.87
C TRP A 993 8.92 6.87 21.07
N VAL A 994 8.10 7.92 20.92
CA VAL A 994 7.89 8.86 22.03
C VAL A 994 7.10 8.19 23.15
N GLU A 995 5.99 7.53 22.82
CA GLU A 995 5.14 6.97 23.87
C GLU A 995 5.73 5.73 24.51
N ASN A 996 6.85 5.21 24.02
CA ASN A 996 7.58 4.21 24.78
C ASN A 996 8.28 4.82 26.00
N LEU A 997 8.46 6.14 26.02
CA LEU A 997 9.03 6.85 27.16
C LEU A 997 7.98 7.27 28.18
N ASN A 998 6.69 6.99 27.94
CA ASN A 998 5.64 7.56 28.77
C ASN A 998 5.72 7.09 30.22
N SER A 999 6.44 6.01 30.50
CA SER A 999 6.62 5.52 31.86
C SER A 999 7.90 6.02 32.53
N VAL A 1000 8.69 6.85 31.85
CA VAL A 1000 9.91 7.42 32.40
C VAL A 1000 9.91 8.95 32.35
N LEU A 1001 8.85 9.57 31.86
CA LEU A 1001 8.69 11.04 31.93
C LEU A 1001 7.52 11.30 32.86
N ASP A 1002 7.14 10.32 33.71
CA ASP A 1002 5.95 10.41 34.59
C ASP A 1002 6.28 10.08 36.02
N ASP A 1003 5.46 10.56 36.95
CA ASP A 1003 5.70 10.39 38.40
C ASP A 1003 6.43 9.09 38.71
N ASN A 1004 6.00 7.94 38.21
CA ASN A 1004 6.70 6.66 38.39
C ASN A 1004 7.72 6.51 37.26
N LYS A 1005 8.88 7.16 37.45
CA LYS A 1005 9.90 7.21 36.41
C LYS A 1005 10.58 5.86 36.26
N LEU A 1006 10.07 5.03 35.36
CA LEU A 1006 10.58 3.66 35.21
C LEU A 1006 10.05 3.03 33.92
N LEU A 1007 10.94 2.44 33.11
CA LEU A 1007 10.54 1.71 31.92
C LEU A 1007 10.88 0.23 32.06
N THR A 1008 10.17 -0.59 31.28
CA THR A 1008 10.26 -2.04 31.34
C THR A 1008 10.76 -2.60 30.02
N LEU A 1009 11.06 -3.90 30.03
CA LEU A 1009 11.61 -4.62 28.90
C LEU A 1009 10.74 -5.83 28.57
N PRO A 1010 10.83 -6.36 27.35
CA PRO A 1010 10.13 -7.63 27.06
C PRO A 1010 10.58 -8.76 27.96
N ASN A 1011 11.85 -8.79 28.37
CA ASN A 1011 12.31 -9.78 29.33
C ASN A 1011 11.77 -9.56 30.73
N GLY A 1012 11.13 -8.41 30.99
CA GLY A 1012 10.73 -8.03 32.32
C GLY A 1012 11.75 -7.23 33.09
N GLU A 1013 12.93 -7.01 32.52
CA GLU A 1013 13.92 -6.17 33.17
C GLU A 1013 13.41 -4.74 33.30
N ARG A 1014 13.72 -4.12 34.43
CA ARG A 1014 13.17 -2.83 34.82
C ARG A 1014 14.31 -1.83 34.98
N LEU A 1015 14.13 -0.62 34.45
CA LEU A 1015 15.14 0.43 34.52
C LEU A 1015 14.48 1.72 34.98
N SER A 1016 14.93 2.25 36.12
CA SER A 1016 14.49 3.51 36.67
C SER A 1016 15.51 4.60 36.40
N LEU A 1017 15.02 5.84 36.36
CA LEU A 1017 15.89 6.99 36.16
C LEU A 1017 16.47 7.42 37.51
N PRO A 1018 17.79 7.44 37.70
CA PRO A 1018 18.32 7.97 38.96
C PRO A 1018 18.01 9.45 39.10
N PRO A 1019 18.04 9.99 40.33
CA PRO A 1019 17.58 11.38 40.52
C PRO A 1019 18.37 12.41 39.74
N ASN A 1020 19.68 12.22 39.58
CA ASN A 1020 20.49 13.23 38.90
C ASN A 1020 20.15 13.32 37.42
N VAL A 1021 19.69 12.22 36.83
CA VAL A 1021 19.45 12.20 35.39
C VAL A 1021 18.32 13.17 35.03
N ARG A 1022 18.47 13.80 33.87
CA ARG A 1022 17.40 14.56 33.25
C ARG A 1022 17.30 14.14 31.79
N ILE A 1023 16.08 14.09 31.28
CA ILE A 1023 15.80 13.78 29.89
C ILE A 1023 15.30 15.05 29.22
N MET A 1024 15.84 15.35 28.05
CA MET A 1024 15.55 16.61 27.37
C MET A 1024 15.37 16.33 25.88
N PHE A 1025 14.32 16.93 25.29
CA PHE A 1025 14.05 16.79 23.86
C PHE A 1025 14.18 18.16 23.21
N GLU A 1026 15.06 18.26 22.22
CA GLU A 1026 15.13 19.44 21.36
C GLU A 1026 14.26 19.17 20.13
N VAL A 1027 13.23 20.00 19.92
CA VAL A 1027 12.24 19.74 18.89
C VAL A 1027 11.89 21.03 18.18
N GLN A 1028 11.57 20.91 16.88
CA GLN A 1028 11.14 22.07 16.12
C GLN A 1028 9.69 22.42 16.42
N ASP A 1029 8.78 21.45 16.29
CA ASP A 1029 7.36 21.67 16.53
C ASP A 1029 6.73 20.35 16.94
N LEU A 1030 5.47 20.41 17.35
CA LEU A 1030 4.76 19.29 17.96
C LEU A 1030 3.49 18.97 17.18
N LYS A 1031 3.63 18.83 15.86
CA LYS A 1031 2.47 18.60 15.02
C LYS A 1031 1.89 17.20 15.19
N TYR A 1032 2.72 16.24 15.59
CA TYR A 1032 2.34 14.81 15.61
C TYR A 1032 2.64 14.19 16.96
N ALA A 1033 2.20 14.85 18.03
CA ALA A 1033 2.39 14.37 19.39
C ALA A 1033 1.05 14.29 20.10
N THR A 1034 0.81 13.19 20.81
CA THR A 1034 -0.41 13.04 21.58
C THR A 1034 -0.41 13.98 22.77
N LEU A 1035 -1.55 14.02 23.48
CA LEU A 1035 -1.63 14.82 24.69
C LEU A 1035 -0.73 14.27 25.79
N ALA A 1036 -0.49 12.96 25.78
CA ALA A 1036 0.42 12.38 26.76
C ALA A 1036 1.82 12.96 26.63
N THR A 1037 2.31 13.09 25.40
CA THR A 1037 3.66 13.62 25.19
C THR A 1037 3.78 15.04 25.74
N VAL A 1038 2.79 15.88 25.46
CA VAL A 1038 2.84 17.25 25.95
C VAL A 1038 2.75 17.28 27.47
N SER A 1039 1.90 16.43 28.04
CA SER A 1039 1.66 16.50 29.49
C SER A 1039 2.81 15.91 30.30
N ARG A 1040 3.59 15.00 29.70
CA ARG A 1040 4.60 14.28 30.47
C ARG A 1040 5.70 15.19 31.00
N CYS A 1041 5.94 16.33 30.35
CA CYS A 1041 7.17 17.09 30.58
C CYS A 1041 6.92 18.59 30.49
N GLY A 1042 7.84 19.35 31.09
CA GLY A 1042 7.82 20.79 31.02
C GLY A 1042 8.31 21.32 29.69
N MET A 1043 7.98 22.59 29.43
CA MET A 1043 8.19 23.23 28.14
C MET A 1043 9.12 24.42 28.29
N VAL A 1044 9.89 24.71 27.23
CA VAL A 1044 10.53 26.01 27.05
C VAL A 1044 10.39 26.39 25.58
N TRP A 1045 9.63 27.45 25.30
CA TRP A 1045 9.38 27.89 23.93
C TRP A 1045 10.46 28.87 23.52
N PHE A 1046 11.36 28.43 22.64
CA PHE A 1046 12.43 29.29 22.11
C PHE A 1046 11.92 29.92 20.82
N SER A 1047 11.32 31.10 20.94
CA SER A 1047 10.77 31.77 19.78
C SER A 1047 11.89 32.16 18.81
N GLU A 1048 11.50 32.61 17.62
CA GLU A 1048 12.48 33.00 16.61
C GLU A 1048 13.23 34.27 16.98
N ASP A 1049 12.72 35.04 17.94
CA ASP A 1049 13.35 36.29 18.36
C ASP A 1049 14.24 36.12 19.57
N VAL A 1050 14.53 34.88 19.98
CA VAL A 1050 15.48 34.68 21.08
C VAL A 1050 16.87 35.12 20.66
N LEU A 1051 17.23 34.93 19.40
CA LEU A 1051 18.50 35.40 18.84
C LEU A 1051 18.21 36.51 17.84
N SER A 1052 18.58 37.73 18.19
CA SER A 1052 18.48 38.83 17.24
C SER A 1052 19.52 38.66 16.14
N THR A 1053 19.35 39.42 15.06
CA THR A 1053 20.31 39.36 13.96
C THR A 1053 21.69 39.79 14.41
N ASP A 1054 21.76 40.85 15.21
CA ASP A 1054 23.05 41.33 15.71
C ASP A 1054 23.73 40.28 16.57
N MET A 1055 22.95 39.41 17.23
CA MET A 1055 23.55 38.34 18.01
C MET A 1055 24.40 37.43 17.15
N ILE A 1056 23.85 36.93 16.06
CA ILE A 1056 24.61 36.02 15.20
C ILE A 1056 25.73 36.77 14.49
N PHE A 1057 25.48 38.03 14.11
CA PHE A 1057 26.55 38.81 13.49
C PHE A 1057 27.74 38.95 14.43
N ASN A 1058 27.48 39.27 15.69
CA ASN A 1058 28.56 39.42 16.65
C ASN A 1058 29.25 38.10 16.93
N ASN A 1059 28.49 37.00 16.95
CA ASN A 1059 29.13 35.70 17.11
C ASN A 1059 30.07 35.40 15.93
N PHE A 1060 29.63 35.71 14.71
CA PHE A 1060 30.48 35.50 13.55
C PHE A 1060 31.75 36.34 13.66
N LEU A 1061 31.60 37.60 14.05
CA LEU A 1061 32.77 38.47 14.16
C LEU A 1061 33.72 37.97 15.24
N ALA A 1062 33.19 37.52 16.38
CA ALA A 1062 34.04 37.03 17.46
C ALA A 1062 34.79 35.76 17.04
N ARG A 1063 34.10 34.82 16.38
CA ARG A 1063 34.78 33.63 15.90
C ARG A 1063 35.84 33.99 14.87
N LEU A 1064 35.54 34.97 14.00
CA LEU A 1064 36.53 35.41 13.03
C LEU A 1064 37.77 35.98 13.72
N ARG A 1065 37.56 36.79 14.75
CA ARG A 1065 38.68 37.46 15.40
C ARG A 1065 39.53 36.48 16.20
N SER A 1066 38.90 35.56 16.92
CA SER A 1066 39.62 34.79 17.94
C SER A 1066 40.35 33.57 17.37
N ILE A 1067 39.61 32.63 16.80
CA ILE A 1067 40.19 31.36 16.36
C ILE A 1067 40.68 31.53 14.92
N PRO A 1068 41.83 30.96 14.53
CA PRO A 1068 42.23 31.02 13.12
C PRO A 1068 41.65 29.87 12.31
N LEU A 1069 41.68 30.07 10.99
CA LEU A 1069 41.25 29.02 10.08
C LEU A 1069 42.09 27.76 10.22
N ASP A 1070 43.37 27.92 10.58
CA ASP A 1070 44.29 26.81 10.82
C ASP A 1070 44.80 26.91 12.25
N GLU A 1071 44.38 25.96 13.09
CA GLU A 1071 44.84 25.90 14.47
C GLU A 1071 45.24 24.47 14.83
N ALA A 1091 49.85 38.45 16.86
CA ALA A 1091 48.87 38.02 15.86
C ALA A 1091 49.56 37.28 14.73
N SER A 1092 49.17 36.01 14.53
CA SER A 1092 49.72 35.21 13.44
C SER A 1092 49.27 35.81 12.10
N PRO A 1093 49.83 35.33 10.99
CA PRO A 1093 49.40 35.86 9.69
C PRO A 1093 47.92 35.67 9.43
N MET A 1094 47.43 34.44 9.56
CA MET A 1094 46.00 34.18 9.34
C MET A 1094 45.16 34.98 10.32
N LEU A 1095 45.54 34.98 11.61
CA LEU A 1095 44.82 35.77 12.59
C LEU A 1095 44.87 37.25 12.25
N GLN A 1096 46.02 37.73 11.76
CA GLN A 1096 46.15 39.15 11.45
C GLN A 1096 45.21 39.54 10.32
N ILE A 1097 45.19 38.76 9.24
CA ILE A 1097 44.29 39.11 8.14
C ILE A 1097 42.83 38.95 8.58
N GLN A 1098 42.54 37.96 9.43
CA GLN A 1098 41.19 37.79 9.92
C GLN A 1098 40.73 39.01 10.70
N ARG A 1099 41.59 39.50 11.61
CA ARG A 1099 41.24 40.68 12.39
C ARG A 1099 41.11 41.91 11.51
N ASP A 1100 42.00 42.05 10.52
CA ASP A 1100 41.90 43.17 9.59
C ASP A 1100 40.55 43.15 8.86
N ALA A 1101 40.21 42.00 8.28
CA ALA A 1101 38.96 41.88 7.55
C ALA A 1101 37.77 42.14 8.46
N ALA A 1102 37.81 41.62 9.69
CA ALA A 1102 36.75 41.91 10.64
C ALA A 1102 36.64 43.41 10.88
N THR A 1103 37.77 44.11 10.91
CA THR A 1103 37.74 45.56 11.06
C THR A 1103 37.10 46.22 9.85
N ILE A 1104 37.35 45.69 8.64
CA ILE A 1104 36.77 46.30 7.44
C ILE A 1104 35.26 46.20 7.46
N MET A 1105 34.74 45.02 7.79
CA MET A 1105 33.30 44.75 7.71
C MET A 1105 32.56 45.04 9.01
N GLN A 1106 33.24 45.53 10.04
CA GLN A 1106 32.57 45.82 11.31
C GLN A 1106 31.39 46.78 11.17
N PRO A 1107 31.43 47.83 10.35
CA PRO A 1107 30.23 48.68 10.20
C PRO A 1107 29.08 48.02 9.46
N TYR A 1108 29.22 46.77 9.01
CA TYR A 1108 28.18 46.04 8.29
C TYR A 1108 27.59 44.88 9.09
N PHE A 1109 28.39 44.19 9.89
CA PHE A 1109 27.91 43.07 10.71
C PHE A 1109 27.33 43.57 12.05
N THR A 1110 26.39 44.50 11.99
CA THR A 1110 25.79 45.02 13.21
C THR A 1110 24.61 45.92 12.84
N SER A 1111 23.59 45.91 13.70
CA SER A 1111 22.42 46.78 13.59
C SER A 1111 21.78 46.55 12.22
N ASN A 1112 21.14 47.59 11.67
CA ASN A 1112 20.62 47.52 10.32
C ASN A 1112 21.75 47.31 9.33
N GLY A 1113 22.64 48.30 9.21
CA GLY A 1113 23.78 48.18 8.33
C GLY A 1113 23.35 47.89 6.91
N LEU A 1114 23.98 46.88 6.33
CA LEU A 1114 23.62 46.34 5.01
C LEU A 1114 23.26 44.88 5.06
N VAL A 1115 23.90 44.10 5.93
CA VAL A 1115 23.69 42.66 5.94
C VAL A 1115 22.29 42.32 6.46
N THR A 1116 21.87 42.96 7.56
CA THR A 1116 20.53 42.71 8.06
C THR A 1116 19.46 43.19 7.08
N LYS A 1117 19.70 44.34 6.44
CA LYS A 1117 18.76 44.84 5.45
C LYS A 1117 18.59 43.85 4.32
N ALA A 1118 19.70 43.33 3.80
CA ALA A 1118 19.63 42.35 2.72
C ALA A 1118 18.98 41.06 3.18
N LEU A 1119 19.29 40.61 4.40
CA LEU A 1119 18.72 39.37 4.91
C LEU A 1119 17.20 39.49 5.01
N GLU A 1120 16.71 40.61 5.53
CA GLU A 1120 15.26 40.80 5.62
C GLU A 1120 14.64 41.01 4.25
N HIS A 1121 15.37 41.63 3.32
CA HIS A 1121 14.86 41.75 1.96
C HIS A 1121 14.73 40.40 1.28
N ALA A 1122 15.60 39.45 1.63
CA ALA A 1122 15.62 38.15 0.97
C ALA A 1122 14.31 37.38 1.15
N PHE A 1123 13.56 37.64 2.22
CA PHE A 1123 12.30 36.95 2.45
C PHE A 1123 11.14 37.56 1.67
N GLN A 1124 11.36 38.68 0.98
CA GLN A 1124 10.36 39.26 0.11
C GLN A 1124 10.35 38.63 -1.29
N LEU A 1125 11.33 37.82 -1.63
CA LEU A 1125 11.50 37.27 -2.97
C LEU A 1125 11.20 35.78 -2.98
N GLU A 1126 10.77 35.30 -4.14
CA GLU A 1126 10.43 33.89 -4.29
C GLU A 1126 11.69 33.03 -4.27
N HIS A 1127 11.53 31.82 -3.72
CA HIS A 1127 12.65 30.89 -3.59
C HIS A 1127 12.19 29.50 -4.02
N ILE A 1128 13.15 28.70 -4.44
CA ILE A 1128 12.86 27.32 -4.83
C ILE A 1128 12.75 26.42 -3.61
N MET A 1129 13.33 26.82 -2.48
CA MET A 1129 13.16 26.12 -1.22
C MET A 1129 12.91 27.14 -0.12
N ASP A 1130 12.58 26.65 1.07
CA ASP A 1130 12.23 27.52 2.19
C ASP A 1130 13.45 28.32 2.63
N LEU A 1131 13.36 29.64 2.52
CA LEU A 1131 14.43 30.51 2.99
C LEU A 1131 14.41 30.56 4.52
N THR A 1132 15.48 30.10 5.15
CA THR A 1132 15.69 30.23 6.57
C THR A 1132 16.91 31.12 6.79
N ARG A 1133 16.83 32.00 7.79
CA ARG A 1133 17.89 32.98 8.02
C ARG A 1133 19.23 32.29 8.23
N LEU A 1134 19.25 31.27 9.08
CA LEU A 1134 20.51 30.73 9.56
C LEU A 1134 21.24 29.96 8.47
N ARG A 1135 20.50 29.30 7.57
CA ARG A 1135 21.12 28.63 6.42
C ARG A 1135 21.95 29.62 5.59
N CYS A 1136 21.30 30.64 5.05
CA CYS A 1136 21.99 31.58 4.19
C CYS A 1136 23.05 32.36 4.95
N LEU A 1137 22.85 32.59 6.25
CA LEU A 1137 23.87 33.32 6.99
C LEU A 1137 25.10 32.45 7.23
N GLY A 1138 24.92 31.15 7.46
CA GLY A 1138 26.06 30.26 7.52
C GLY A 1138 26.80 30.18 6.20
N SER A 1139 26.03 30.18 5.10
CA SER A 1139 26.63 30.30 3.76
C SER A 1139 27.51 31.55 3.65
N LEU A 1140 26.98 32.69 4.05
CA LEU A 1140 27.72 33.94 3.97
C LEU A 1140 28.99 33.88 4.81
N PHE A 1141 28.89 33.32 6.01
CA PHE A 1141 30.03 33.22 6.89
C PHE A 1141 31.12 32.33 6.28
N SER A 1142 30.73 31.20 5.69
CA SER A 1142 31.71 30.30 5.10
C SER A 1142 32.40 30.95 3.91
N MET A 1143 31.66 31.66 3.07
CA MET A 1143 32.30 32.23 1.89
C MET A 1143 33.12 33.48 2.24
N LEU A 1144 32.81 34.15 3.35
CA LEU A 1144 33.73 35.19 3.83
C LEU A 1144 35.00 34.57 4.40
N HIS A 1145 34.88 33.42 5.08
CA HIS A 1145 36.07 32.66 5.44
C HIS A 1145 36.93 32.36 4.22
N GLN A 1146 36.29 31.98 3.11
CA GLN A 1146 37.05 31.81 1.87
C GLN A 1146 37.65 33.11 1.35
N ALA A 1147 36.98 34.25 1.58
CA ALA A 1147 37.60 35.52 1.22
C ALA A 1147 38.91 35.70 1.97
N CYS A 1148 38.90 35.41 3.27
CA CYS A 1148 40.13 35.50 4.06
C CYS A 1148 41.19 34.53 3.56
N ARG A 1149 40.79 33.31 3.20
CA ARG A 1149 41.75 32.36 2.65
C ARG A 1149 42.34 32.87 1.34
N ASN A 1150 41.52 33.53 0.52
CA ASN A 1150 42.01 34.10 -0.73
C ASN A 1150 43.06 35.16 -0.48
N VAL A 1151 42.82 36.03 0.52
CA VAL A 1151 43.82 37.04 0.86
C VAL A 1151 45.10 36.37 1.36
N ALA A 1152 44.96 35.30 2.13
CA ALA A 1152 46.14 34.57 2.60
C ALA A 1152 46.94 34.03 1.44
N GLN A 1153 46.27 33.45 0.44
CA GLN A 1153 46.96 32.93 -0.73
C GLN A 1153 47.64 34.05 -1.51
N TYR A 1154 46.98 35.21 -1.62
CA TYR A 1154 47.60 36.34 -2.31
C TYR A 1154 48.88 36.77 -1.61
N ASN A 1155 48.84 36.88 -0.28
CA ASN A 1155 50.05 37.25 0.45
C ASN A 1155 51.13 36.19 0.28
N ALA A 1156 50.76 34.91 0.27
CA ALA A 1156 51.72 33.86 0.01
C ALA A 1156 52.28 33.93 -1.41
N ASN A 1157 51.56 34.55 -2.34
CA ASN A 1157 52.03 34.61 -3.73
C ASN A 1157 53.14 35.65 -3.89
N HIS A 1158 53.10 36.73 -3.12
CA HIS A 1158 54.17 37.73 -3.09
C HIS A 1158 54.91 37.60 -1.74
N PRO A 1159 55.97 36.78 -1.59
CA PRO A 1159 56.63 36.71 -0.29
C PRO A 1159 57.32 38.02 0.10
N ASP A 1160 57.38 39.01 -0.79
CA ASP A 1160 58.04 40.33 -0.55
C ASP A 1160 57.14 41.52 -0.87
N PHE A 1161 55.83 41.34 -1.10
CA PHE A 1161 54.87 42.44 -1.34
C PHE A 1161 53.51 42.10 -0.72
N PRO A 1162 53.39 41.90 0.63
CA PRO A 1162 52.12 41.49 1.21
C PRO A 1162 51.05 42.55 1.04
N MET A 1163 49.79 42.10 1.00
CA MET A 1163 48.67 43.01 0.83
C MET A 1163 48.59 44.00 1.98
N GLN A 1164 48.34 45.26 1.65
CA GLN A 1164 48.20 46.33 2.61
C GLN A 1164 46.73 46.69 2.78
N ILE A 1165 46.48 47.69 3.63
CA ILE A 1165 45.11 48.03 3.99
C ILE A 1165 44.37 48.64 2.80
N GLU A 1166 45.06 49.47 2.01
CA GLU A 1166 44.39 50.15 0.90
C GLU A 1166 43.86 49.17 -0.14
N GLN A 1167 44.45 47.99 -0.26
CA GLN A 1167 43.97 46.96 -1.18
C GLN A 1167 42.97 46.04 -0.49
N LEU A 1168 43.27 45.61 0.74
CA LEU A 1168 42.42 44.68 1.45
C LEU A 1168 41.04 45.29 1.71
N GLU A 1169 40.97 46.59 1.97
CA GLU A 1169 39.69 47.23 2.21
C GLU A 1169 38.79 47.10 0.98
N ARG A 1170 39.31 47.48 -0.19
CA ARG A 1170 38.53 47.34 -1.42
C ARG A 1170 38.15 45.89 -1.67
N TYR A 1171 39.11 44.98 -1.51
CA TYR A 1171 38.85 43.58 -1.79
C TYR A 1171 37.74 43.04 -0.89
N ILE A 1172 37.85 43.23 0.42
CA ILE A 1172 36.89 42.65 1.34
C ILE A 1172 35.54 43.34 1.20
N GLN A 1173 35.51 44.65 0.94
CA GLN A 1173 34.22 45.32 0.78
C GLN A 1173 33.47 44.78 -0.43
N ARG A 1174 34.13 44.74 -1.59
CA ARG A 1174 33.48 44.22 -2.78
C ARG A 1174 33.12 42.74 -2.62
N TYR A 1175 34.02 41.97 -1.99
CA TYR A 1175 33.76 40.56 -1.75
C TYR A 1175 32.54 40.37 -0.87
N LEU A 1176 32.41 41.18 0.18
CA LEU A 1176 31.28 41.03 1.10
C LEU A 1176 29.97 41.42 0.42
N VAL A 1177 29.99 42.46 -0.42
CA VAL A 1177 28.77 42.81 -1.14
C VAL A 1177 28.35 41.67 -2.06
N TYR A 1178 29.31 41.15 -2.84
CA TYR A 1178 29.02 40.02 -3.71
C TYR A 1178 28.57 38.80 -2.91
N ALA A 1179 29.14 38.62 -1.71
CA ALA A 1179 28.82 37.47 -0.89
C ALA A 1179 27.39 37.54 -0.38
N ILE A 1180 26.97 38.69 0.14
CA ILE A 1180 25.58 38.85 0.54
C ILE A 1180 24.67 38.59 -0.65
N LEU A 1181 24.96 39.24 -1.78
CA LEU A 1181 24.06 39.18 -2.92
C LEU A 1181 23.91 37.77 -3.45
N TRP A 1182 24.96 36.95 -3.38
CA TRP A 1182 24.79 35.60 -3.91
C TRP A 1182 24.27 34.66 -2.83
N SER A 1183 24.91 34.63 -1.65
CA SER A 1183 24.54 33.66 -0.62
C SER A 1183 23.08 33.81 -0.21
N LEU A 1184 22.57 35.05 -0.16
CA LEU A 1184 21.16 35.23 0.18
C LEU A 1184 20.27 34.71 -0.94
N SER A 1185 20.43 35.24 -2.15
CA SER A 1185 19.72 34.72 -3.32
C SER A 1185 20.53 33.61 -4.01
N GLY A 1186 20.96 32.63 -3.22
CA GLY A 1186 21.73 31.53 -3.76
C GLY A 1186 20.92 30.48 -4.47
N ASP A 1187 19.59 30.44 -4.23
CA ASP A 1187 18.72 29.43 -4.84
C ASP A 1187 17.42 30.13 -5.25
N SER A 1188 17.37 30.62 -6.48
CA SER A 1188 16.21 31.34 -6.97
C SER A 1188 16.35 31.49 -8.48
N ARG A 1189 15.33 32.09 -9.09
CA ARG A 1189 15.34 32.36 -10.51
C ARG A 1189 16.20 33.60 -10.80
N LEU A 1190 16.45 33.83 -12.09
CA LEU A 1190 17.30 34.94 -12.49
C LEU A 1190 16.72 36.28 -12.05
N LYS A 1191 15.41 36.45 -12.20
CA LYS A 1191 14.78 37.72 -11.84
C LYS A 1191 14.88 38.00 -10.34
N MET A 1192 14.78 36.96 -9.50
CA MET A 1192 14.91 37.18 -8.06
C MET A 1192 16.32 37.59 -7.69
N ARG A 1193 17.32 36.97 -8.32
CA ARG A 1193 18.71 37.37 -8.08
C ARG A 1193 18.94 38.79 -8.53
N ALA A 1194 18.35 39.18 -9.66
CA ALA A 1194 18.45 40.56 -10.11
C ALA A 1194 17.78 41.52 -9.13
N GLU A 1195 16.65 41.10 -8.54
CA GLU A 1195 15.98 41.93 -7.56
C GLU A 1195 16.82 42.13 -6.32
N LEU A 1196 17.46 41.06 -5.82
CA LEU A 1196 18.36 41.23 -4.69
C LEU A 1196 19.54 42.12 -5.06
N GLY A 1197 20.00 42.02 -6.32
CA GLY A 1197 21.05 42.93 -6.77
C GLY A 1197 20.62 44.38 -6.72
N GLU A 1198 19.38 44.65 -7.14
CA GLU A 1198 18.85 46.01 -7.08
C GLU A 1198 18.76 46.49 -5.64
N TYR A 1199 18.28 45.62 -4.73
CA TYR A 1199 18.25 45.98 -3.32
C TYR A 1199 19.63 46.33 -2.80
N ILE A 1200 20.62 45.49 -3.11
CA ILE A 1200 21.98 45.72 -2.63
C ILE A 1200 22.53 47.02 -3.20
N ARG A 1201 22.24 47.30 -4.48
CA ARG A 1201 22.62 48.59 -5.06
C ARG A 1201 22.00 49.73 -4.27
N ARG A 1202 20.73 49.60 -3.90
CA ARG A 1202 20.06 50.70 -3.20
C ARG A 1202 20.65 50.92 -1.82
N ILE A 1203 20.99 49.85 -1.08
CA ILE A 1203 21.37 50.01 0.31
C ILE A 1203 22.88 50.17 0.51
N THR A 1204 23.70 49.56 -0.33
CA THR A 1204 25.12 49.44 -0.01
C THR A 1204 25.85 50.76 -0.23
N THR A 1205 26.97 50.90 0.49
CA THR A 1205 27.87 52.05 0.34
C THR A 1205 29.10 51.73 -0.49
N VAL A 1206 29.44 50.46 -0.67
CA VAL A 1206 30.64 50.11 -1.43
C VAL A 1206 30.43 50.51 -2.89
N PRO A 1207 31.45 50.97 -3.62
CA PRO A 1207 31.27 51.20 -5.06
C PRO A 1207 30.98 49.89 -5.78
N LEU A 1208 30.19 49.99 -6.84
CA LEU A 1208 29.68 48.84 -7.57
C LEU A 1208 29.82 49.09 -9.07
N PRO A 1209 29.74 48.05 -9.89
CA PRO A 1209 30.00 48.22 -11.33
C PRO A 1209 29.06 49.23 -11.96
N THR A 1210 29.60 49.99 -12.91
CA THR A 1210 28.89 51.10 -13.54
C THR A 1210 28.15 50.69 -14.81
N ALA A 1211 28.13 49.41 -15.15
CA ALA A 1211 27.41 48.97 -16.34
C ALA A 1211 25.91 49.21 -16.15
N PRO A 1212 25.22 49.90 -17.06
CA PRO A 1212 23.84 50.31 -16.76
C PRO A 1212 22.83 49.18 -16.80
N ASN A 1213 23.17 48.03 -17.39
CA ASN A 1213 22.19 46.95 -17.59
C ASN A 1213 22.76 45.57 -17.28
N ILE A 1214 23.98 45.46 -16.77
CA ILE A 1214 24.56 44.18 -16.40
C ILE A 1214 24.16 43.89 -14.95
N PRO A 1215 23.50 42.77 -14.66
CA PRO A 1215 23.21 42.45 -13.25
C PRO A 1215 24.47 42.37 -12.40
N ILE A 1216 24.32 42.78 -11.14
CA ILE A 1216 25.45 42.83 -10.22
C ILE A 1216 26.03 41.45 -10.00
N ILE A 1217 25.22 40.40 -10.14
CA ILE A 1217 25.71 39.04 -10.00
C ILE A 1217 26.68 38.64 -11.10
N ASP A 1218 26.80 39.42 -12.17
CA ASP A 1218 27.63 39.09 -13.31
C ASP A 1218 29.02 39.70 -13.22
N TYR A 1219 29.56 39.83 -12.00
CA TYR A 1219 30.89 40.37 -11.79
C TYR A 1219 31.62 39.55 -10.74
N GLU A 1220 32.87 39.20 -11.05
CA GLU A 1220 33.77 38.62 -10.07
C GLU A 1220 34.58 39.71 -9.41
N VAL A 1221 35.12 39.40 -8.23
CA VAL A 1221 35.94 40.32 -7.46
C VAL A 1221 37.39 39.91 -7.68
N SER A 1222 38.16 40.76 -8.35
CA SER A 1222 39.56 40.48 -8.58
C SER A 1222 40.32 40.52 -7.27
N ILE A 1223 41.44 39.78 -7.22
CA ILE A 1223 42.28 39.82 -6.04
C ILE A 1223 42.87 41.20 -5.83
N SER A 1224 42.93 42.02 -6.88
CA SER A 1224 43.25 43.43 -6.75
C SER A 1224 42.12 44.23 -6.11
N GLY A 1225 40.94 43.63 -5.94
CA GLY A 1225 39.82 44.33 -5.35
C GLY A 1225 38.99 45.13 -6.32
N GLU A 1226 39.01 44.76 -7.61
CA GLU A 1226 38.29 45.46 -8.66
C GLU A 1226 37.29 44.53 -9.31
N TRP A 1227 36.11 45.06 -9.61
CA TRP A 1227 35.09 44.30 -10.32
C TRP A 1227 35.59 43.92 -11.71
N SER A 1228 35.25 42.70 -12.14
CA SER A 1228 35.59 42.21 -13.48
C SER A 1228 34.38 41.46 -14.05
N PRO A 1229 33.90 41.79 -15.26
CA PRO A 1229 32.83 40.98 -15.84
C PRO A 1229 33.26 39.53 -16.04
N TRP A 1230 32.30 38.61 -15.88
CA TRP A 1230 32.59 37.20 -16.07
C TRP A 1230 32.92 36.84 -17.51
N GLN A 1231 32.64 37.73 -18.48
CA GLN A 1231 32.94 37.43 -19.86
C GLN A 1231 34.43 37.26 -20.12
N ALA A 1232 35.29 37.74 -19.21
CA ALA A 1232 36.72 37.49 -19.35
C ALA A 1232 37.07 36.02 -19.12
N LYS A 1233 36.22 35.26 -18.42
CA LYS A 1233 36.50 33.87 -18.07
C LYS A 1233 35.79 32.86 -18.97
N VAL A 1234 35.07 33.30 -19.99
CA VAL A 1234 34.34 32.40 -20.88
C VAL A 1234 35.01 32.43 -22.26
N PRO A 1235 36.10 31.69 -22.46
CA PRO A 1235 36.71 31.66 -23.80
C PRO A 1235 35.82 30.93 -24.80
N GLN A 1236 35.73 31.50 -26.00
CA GLN A 1236 34.95 30.90 -27.08
C GLN A 1236 35.87 29.96 -27.85
N ILE A 1237 35.86 28.70 -27.44
CA ILE A 1237 36.82 27.73 -27.93
C ILE A 1237 36.15 26.82 -28.95
N GLU A 1238 36.97 26.02 -29.64
CA GLU A 1238 36.51 25.00 -30.56
C GLU A 1238 37.03 23.65 -30.07
N VAL A 1239 36.14 22.83 -29.51
CA VAL A 1239 36.55 21.55 -28.95
C VAL A 1239 37.03 20.63 -30.07
N GLU A 1240 37.76 19.59 -29.67
CA GLU A 1240 38.24 18.59 -30.63
C GLU A 1240 37.08 17.95 -31.37
N THR A 1241 37.26 17.72 -32.66
CA THR A 1241 36.30 16.94 -33.43
C THR A 1241 36.29 15.49 -32.99
N HIS A 1242 37.35 15.03 -32.31
CA HIS A 1242 37.39 13.68 -31.75
C HIS A 1242 36.46 13.55 -30.55
N LYS A 1243 36.19 14.65 -29.83
CA LYS A 1243 35.45 14.66 -28.58
C LYS A 1243 34.36 15.72 -28.60
N VAL A 1244 33.54 15.70 -29.66
CA VAL A 1244 32.55 16.76 -29.85
C VAL A 1244 31.56 16.80 -28.69
N ALA A 1245 31.04 15.64 -28.28
CA ALA A 1245 30.06 15.57 -27.20
C ALA A 1245 30.32 14.37 -26.29
N ALA A 1246 31.58 13.97 -26.16
CA ALA A 1246 31.94 12.82 -25.35
C ALA A 1246 31.70 13.14 -23.88
N PRO A 1247 31.73 12.15 -22.99
CA PRO A 1247 31.58 12.44 -21.56
C PRO A 1247 32.71 13.31 -21.04
N ASP A 1248 32.38 14.13 -20.04
CA ASP A 1248 33.28 15.04 -19.33
C ASP A 1248 33.58 16.30 -20.13
N VAL A 1249 33.12 16.43 -21.38
CA VAL A 1249 33.29 17.68 -22.11
C VAL A 1249 32.38 18.73 -21.50
N VAL A 1250 32.94 19.89 -21.19
CA VAL A 1250 32.20 21.00 -20.61
C VAL A 1250 32.57 22.26 -21.37
N VAL A 1251 31.57 22.92 -21.95
CA VAL A 1251 31.77 24.15 -22.71
C VAL A 1251 31.54 25.32 -21.75
N PRO A 1252 32.54 26.19 -21.51
CA PRO A 1252 32.32 27.29 -20.58
C PRO A 1252 31.21 28.23 -21.04
N THR A 1253 30.43 28.67 -20.06
CA THR A 1253 29.44 29.73 -20.25
C THR A 1253 29.30 30.45 -18.91
N LEU A 1254 28.43 31.47 -18.89
CA LEU A 1254 28.28 32.29 -17.67
C LEU A 1254 27.85 31.43 -16.49
N ASP A 1255 26.79 30.64 -16.68
CA ASP A 1255 26.28 29.81 -15.60
C ASP A 1255 27.34 28.82 -15.14
N THR A 1256 28.02 28.18 -16.09
CA THR A 1256 28.99 27.16 -15.73
C THR A 1256 30.13 27.74 -14.89
N VAL A 1257 30.72 28.85 -15.34
CA VAL A 1257 31.84 29.42 -14.59
C VAL A 1257 31.38 29.93 -13.23
N ARG A 1258 30.22 30.59 -13.18
CA ARG A 1258 29.73 31.10 -11.90
C ARG A 1258 29.54 29.96 -10.90
N HIS A 1259 28.75 28.96 -11.28
CA HIS A 1259 28.44 27.88 -10.36
C HIS A 1259 29.68 27.06 -10.04
N GLU A 1260 30.62 26.99 -11.00
CA GLU A 1260 31.91 26.24 -10.86
C GLU A 1260 32.82 26.91 -9.85
N ALA A 1261 32.92 28.25 -9.84
CA ALA A 1261 33.68 29.01 -8.85
C ALA A 1261 33.02 28.92 -7.48
N LEU A 1262 31.70 28.96 -7.43
CA LEU A 1262 31.00 28.94 -6.15
C LEU A 1262 31.07 27.56 -5.50
N LEU A 1263 30.92 26.51 -6.31
CA LEU A 1263 31.12 25.16 -5.81
C LEU A 1263 32.51 24.99 -5.24
N TYR A 1264 33.51 25.54 -5.93
CA TYR A 1264 34.88 25.52 -5.41
C TYR A 1264 34.96 26.22 -4.06
N THR A 1265 34.34 27.40 -3.97
CA THR A 1265 34.33 28.16 -2.73
C THR A 1265 33.80 27.33 -1.58
N TRP A 1266 32.68 26.65 -1.81
CA TRP A 1266 32.02 25.89 -0.73
C TRP A 1266 32.80 24.62 -0.42
N LEU A 1267 33.29 23.85 -1.42
CA LEU A 1267 33.97 22.59 -1.17
C LEU A 1267 35.36 22.78 -0.58
N ALA A 1268 35.95 23.97 -0.71
CA ALA A 1268 37.24 24.20 -0.09
C ALA A 1268 37.17 24.07 1.43
N GLU A 1269 36.18 24.71 2.04
CA GLU A 1269 36.00 24.60 3.51
C GLU A 1269 35.22 23.34 3.83
N HIS A 1270 34.94 22.45 2.86
CA HIS A 1270 34.29 21.17 3.10
C HIS A 1270 32.89 21.33 3.70
N LYS A 1271 32.22 22.44 3.39
CA LYS A 1271 30.85 22.59 3.85
C LYS A 1271 29.92 21.71 3.00
N PRO A 1272 28.90 21.08 3.57
CA PRO A 1272 27.96 20.32 2.74
C PRO A 1272 27.23 21.21 1.76
N LEU A 1273 26.78 20.63 0.64
CA LEU A 1273 26.23 21.47 -0.43
C LEU A 1273 25.25 20.70 -1.30
N VAL A 1274 24.03 21.22 -1.50
CA VAL A 1274 22.98 20.57 -2.32
C VAL A 1274 22.56 21.40 -3.54
N LEU A 1275 22.79 20.95 -4.77
CA LEU A 1275 22.42 21.59 -6.01
C LEU A 1275 20.97 21.21 -6.34
N CYS A 1276 20.09 22.21 -6.40
CA CYS A 1276 18.68 22.01 -6.69
C CYS A 1276 18.39 22.43 -8.12
N GLY A 1277 17.83 21.52 -8.91
CA GLY A 1277 17.41 21.83 -10.25
C GLY A 1277 16.72 20.63 -10.86
N PRO A 1278 16.02 20.82 -11.97
CA PRO A 1278 15.32 19.69 -12.59
C PRO A 1278 16.31 18.64 -13.06
N PRO A 1279 15.90 17.37 -13.19
CA PRO A 1279 16.86 16.33 -13.57
C PRO A 1279 17.47 16.59 -14.94
N GLY A 1280 18.74 16.26 -15.06
CA GLY A 1280 19.46 16.45 -16.31
C GLY A 1280 19.88 17.87 -16.59
N SER A 1281 19.85 18.76 -15.60
CA SER A 1281 20.19 20.16 -15.79
C SER A 1281 21.67 20.45 -15.59
N GLY A 1282 22.53 19.44 -15.77
CA GLY A 1282 23.96 19.64 -15.64
C GLY A 1282 24.45 19.80 -14.22
N LYS A 1283 23.66 19.40 -13.22
CA LYS A 1283 24.13 19.47 -11.85
C LYS A 1283 25.35 18.58 -11.64
N THR A 1284 25.24 17.31 -12.02
CA THR A 1284 26.35 16.38 -11.86
C THR A 1284 27.56 16.80 -12.69
N MET A 1285 27.32 17.20 -13.94
CA MET A 1285 28.44 17.65 -14.78
C MET A 1285 29.09 18.89 -14.20
N THR A 1286 28.28 19.83 -13.71
CA THR A 1286 28.84 21.05 -13.14
C THR A 1286 29.69 20.74 -11.91
N LEU A 1287 29.19 19.87 -11.03
CA LEU A 1287 29.96 19.54 -9.83
C LEU A 1287 31.24 18.81 -10.19
N PHE A 1288 31.18 17.87 -11.14
CA PHE A 1288 32.39 17.16 -11.54
C PHE A 1288 33.39 18.10 -12.20
N SER A 1289 32.91 19.08 -12.97
CA SER A 1289 33.80 20.05 -13.59
C SER A 1289 34.48 20.92 -12.54
N ALA A 1290 33.71 21.41 -11.57
CA ALA A 1290 34.31 22.23 -10.53
C ALA A 1290 35.26 21.43 -9.66
N LEU A 1291 35.01 20.13 -9.48
CA LEU A 1291 35.81 19.33 -8.57
C LEU A 1291 37.24 19.15 -9.03
N ARG A 1292 37.51 19.27 -10.34
CA ARG A 1292 38.85 19.01 -10.85
C ARG A 1292 39.87 20.01 -10.35
N ALA A 1293 39.44 21.20 -9.91
CA ALA A 1293 40.35 22.14 -9.29
C ALA A 1293 40.81 21.71 -7.90
N LEU A 1294 40.20 20.67 -7.34
CA LEU A 1294 40.52 20.16 -6.00
C LEU A 1294 40.96 18.72 -6.13
N PRO A 1295 42.26 18.45 -6.34
CA PRO A 1295 42.67 17.08 -6.64
C PRO A 1295 42.47 16.08 -5.52
N ASP A 1296 42.32 16.54 -4.27
CA ASP A 1296 42.18 15.63 -3.14
C ASP A 1296 40.76 15.15 -2.93
N MET A 1297 39.80 15.60 -3.74
CA MET A 1297 38.41 15.16 -3.63
C MET A 1297 38.23 13.89 -4.44
N GLU A 1298 37.88 12.79 -3.76
CA GLU A 1298 37.50 11.54 -4.41
C GLU A 1298 35.98 11.43 -4.33
N VAL A 1299 35.32 11.56 -5.47
CA VAL A 1299 33.86 11.64 -5.53
C VAL A 1299 33.30 10.24 -5.75
N VAL A 1300 32.30 9.88 -4.94
CA VAL A 1300 31.54 8.64 -5.10
C VAL A 1300 30.07 9.02 -5.15
N GLY A 1301 29.37 8.56 -6.19
CA GLY A 1301 27.98 8.92 -6.38
C GLY A 1301 27.05 7.98 -5.64
N LEU A 1302 26.21 8.56 -4.80
CA LEU A 1302 25.13 7.83 -4.14
C LEU A 1302 23.88 7.90 -5.00
N ASN A 1303 22.96 6.98 -4.73
CA ASN A 1303 21.78 6.75 -5.57
C ASN A 1303 20.56 6.57 -4.66
N PHE A 1304 19.92 7.67 -4.32
CA PHE A 1304 18.73 7.63 -3.49
C PHE A 1304 17.53 7.19 -4.30
N SER A 1305 16.75 6.26 -3.75
CA SER A 1305 15.46 5.87 -4.27
C SER A 1305 14.37 6.31 -3.32
N SER A 1306 13.12 6.05 -3.66
CA SER A 1306 12.04 6.35 -2.75
C SER A 1306 12.11 5.48 -1.49
N ALA A 1307 12.75 4.32 -1.57
CA ALA A 1307 12.92 3.41 -0.43
C ALA A 1307 14.29 3.55 0.19
N THR A 1308 14.84 4.76 0.23
CA THR A 1308 16.16 4.97 0.82
C THR A 1308 16.13 4.69 2.32
N THR A 1309 17.22 4.12 2.81
CA THR A 1309 17.43 3.84 4.21
C THR A 1309 18.81 4.35 4.59
N PRO A 1310 19.09 4.51 5.89
CA PRO A 1310 20.45 4.90 6.29
C PRO A 1310 21.51 3.92 5.82
N GLU A 1311 21.18 2.64 5.74
CA GLU A 1311 22.17 1.63 5.36
C GLU A 1311 22.74 1.90 3.98
N LEU A 1312 21.95 2.52 3.09
CA LEU A 1312 22.44 2.90 1.77
C LEU A 1312 23.73 3.70 1.89
N LEU A 1313 23.76 4.68 2.80
CA LEU A 1313 25.01 5.40 3.05
C LEU A 1313 26.00 4.52 3.78
N LEU A 1314 25.53 3.76 4.77
CA LEU A 1314 26.45 3.06 5.68
C LEU A 1314 27.34 2.09 4.91
N LYS A 1315 26.74 1.21 4.11
CA LYS A 1315 27.54 0.26 3.34
C LYS A 1315 28.49 0.96 2.40
N THR A 1316 28.12 2.15 1.90
CA THR A 1316 29.02 2.90 1.04
C THR A 1316 30.34 3.16 1.76
N PHE A 1317 30.26 3.61 3.02
CA PHE A 1317 31.46 3.79 3.81
C PHE A 1317 32.25 2.50 3.91
N ASP A 1318 31.54 1.38 4.12
CA ASP A 1318 32.20 0.10 4.28
C ASP A 1318 32.98 -0.30 3.03
N HIS A 1319 32.66 0.28 1.88
CA HIS A 1319 33.45 0.04 0.67
C HIS A 1319 34.57 1.05 0.50
N TYR A 1320 34.33 2.31 0.88
CA TYR A 1320 35.23 3.41 0.56
C TYR A 1320 35.91 4.01 1.78
N CYS A 1321 35.65 3.50 2.98
CA CYS A 1321 36.18 4.09 4.20
C CYS A 1321 36.55 3.01 5.19
N GLU A 1322 37.37 3.40 6.16
CA GLU A 1322 37.72 2.55 7.29
C GLU A 1322 37.65 3.39 8.56
N TYR A 1323 37.27 2.74 9.65
CA TYR A 1323 37.20 3.41 10.95
C TYR A 1323 38.22 2.77 11.90
N ARG A 1324 38.83 3.63 12.71
CA ARG A 1324 39.81 3.20 13.69
C ARG A 1324 39.57 3.95 15.00
N ARG A 1325 39.99 3.31 16.09
CA ARG A 1325 39.88 3.90 17.42
C ARG A 1325 41.09 4.78 17.67
N THR A 1326 40.85 6.07 17.86
CA THR A 1326 41.85 7.03 18.27
C THR A 1326 41.69 7.32 19.76
N PRO A 1327 42.70 7.93 20.40
CA PRO A 1327 42.59 8.20 21.84
C PRO A 1327 41.41 9.07 22.22
N ASN A 1328 40.82 9.80 21.27
CA ASN A 1328 39.64 10.63 21.50
C ASN A 1328 38.41 10.05 20.82
N GLY A 1329 38.28 8.72 20.84
CA GLY A 1329 37.07 8.04 20.40
C GLY A 1329 37.32 7.12 19.22
N VAL A 1330 36.39 7.14 18.26
CA VAL A 1330 36.47 6.34 17.05
C VAL A 1330 36.17 7.25 15.86
N VAL A 1331 37.02 7.18 14.84
CA VAL A 1331 36.93 8.06 13.69
C VAL A 1331 36.93 7.24 12.41
N LEU A 1332 36.09 7.65 11.45
CA LEU A 1332 35.94 7.00 10.16
C LEU A 1332 36.47 7.95 9.09
N ALA A 1333 37.38 7.46 8.26
CA ALA A 1333 38.03 8.26 7.24
C ALA A 1333 38.18 7.43 5.96
N PRO A 1334 38.32 8.08 4.81
CA PRO A 1334 38.57 7.32 3.58
C PRO A 1334 39.92 6.62 3.63
N VAL A 1335 39.98 5.46 2.96
CA VAL A 1335 41.24 4.73 2.91
C VAL A 1335 42.30 5.49 2.12
N GLN A 1336 41.89 6.36 1.20
CA GLN A 1336 42.83 7.18 0.44
C GLN A 1336 43.38 8.28 1.34
N LEU A 1337 44.50 8.02 2.00
CA LEU A 1337 45.03 8.95 2.98
C LEU A 1337 45.43 10.26 2.30
N GLY A 1338 45.11 11.36 2.97
CA GLY A 1338 45.35 12.68 2.42
C GLY A 1338 44.28 13.20 1.48
N LYS A 1339 43.21 12.43 1.28
CA LYS A 1339 42.12 12.81 0.37
C LYS A 1339 40.79 12.61 1.07
N TRP A 1340 39.88 13.54 0.83
CA TRP A 1340 38.52 13.43 1.33
C TRP A 1340 37.67 12.63 0.35
N LEU A 1341 36.68 11.91 0.90
CA LEU A 1341 35.66 11.24 0.11
C LEU A 1341 34.41 12.11 0.10
N VAL A 1342 33.97 12.47 -1.10
CA VAL A 1342 32.79 13.30 -1.28
C VAL A 1342 31.67 12.39 -1.77
N LEU A 1343 30.66 12.18 -0.92
CA LEU A 1343 29.48 11.42 -1.32
C LEU A 1343 28.53 12.36 -2.04
N PHE A 1344 28.41 12.18 -3.35
CA PHE A 1344 27.58 13.03 -4.20
C PHE A 1344 26.20 12.37 -4.32
N CYS A 1345 25.26 12.88 -3.54
CA CYS A 1345 23.88 12.41 -3.64
C CYS A 1345 23.25 12.95 -4.93
N ASP A 1346 22.26 12.23 -5.43
CA ASP A 1346 21.55 12.65 -6.64
C ASP A 1346 20.12 13.08 -6.38
N GLU A 1347 19.41 12.41 -5.46
CA GLU A 1347 18.00 12.72 -5.17
C GLU A 1347 17.81 12.73 -3.66
N ILE A 1348 18.07 13.87 -3.02
CA ILE A 1348 17.99 13.91 -1.55
C ILE A 1348 16.54 13.89 -1.11
N ASN A 1349 15.67 14.64 -1.78
CA ASN A 1349 14.29 14.82 -1.35
C ASN A 1349 13.33 13.80 -1.95
N LEU A 1350 13.85 12.68 -2.44
CA LEU A 1350 13.05 11.59 -2.96
C LEU A 1350 12.45 10.68 -1.89
N PRO A 1351 13.21 10.23 -0.87
CA PRO A 1351 12.69 9.17 0.01
C PRO A 1351 11.40 9.57 0.70
N ASP A 1352 10.46 8.63 0.74
CA ASP A 1352 9.13 8.91 1.24
C ASP A 1352 9.17 9.28 2.71
N MET A 1353 8.32 10.20 3.11
CA MET A 1353 8.16 10.48 4.53
C MET A 1353 7.64 9.24 5.24
N ASP A 1354 8.01 9.12 6.50
CA ASP A 1354 7.31 8.20 7.39
C ASP A 1354 5.90 8.72 7.63
N LYS A 1355 5.14 8.03 8.48
CA LYS A 1355 3.78 8.46 8.76
C LYS A 1355 3.73 9.80 9.48
N TYR A 1356 4.84 10.29 10.02
CA TYR A 1356 4.89 11.51 10.82
C TYR A 1356 5.94 12.48 10.29
N GLY A 1357 5.96 12.66 8.97
CA GLY A 1357 6.66 13.77 8.34
C GLY A 1357 8.16 13.87 8.57
N THR A 1358 8.90 12.81 8.29
CA THR A 1358 10.36 12.88 8.40
C THR A 1358 11.04 11.73 7.66
N GLN A 1359 11.92 12.06 6.71
CA GLN A 1359 12.75 11.03 6.11
C GLN A 1359 13.77 10.54 7.12
N ARG A 1360 13.94 9.21 7.17
CA ARG A 1360 14.93 8.64 8.08
C ARG A 1360 16.35 9.02 7.66
N VAL A 1361 16.65 8.85 6.36
CA VAL A 1361 18.00 9.09 5.88
C VAL A 1361 18.37 10.57 5.99
N ILE A 1362 17.42 11.47 5.80
CA ILE A 1362 17.72 12.90 5.90
C ILE A 1362 18.17 13.23 7.32
N SER A 1363 17.46 12.71 8.33
CA SER A 1363 17.91 12.90 9.70
C SER A 1363 19.25 12.21 9.94
N PHE A 1364 19.51 11.11 9.23
CA PHE A 1364 20.83 10.46 9.37
C PHE A 1364 21.94 11.38 8.89
N ILE A 1365 21.76 12.03 7.73
CA ILE A 1365 22.78 12.96 7.25
C ILE A 1365 22.83 14.19 8.16
N ARG A 1366 21.71 14.59 8.75
CA ARG A 1366 21.77 15.69 9.70
C ARG A 1366 22.61 15.32 10.92
N GLN A 1367 22.47 14.09 11.40
CA GLN A 1367 23.31 13.63 12.49
C GLN A 1367 24.78 13.61 12.07
N MET A 1368 25.06 13.18 10.84
CA MET A 1368 26.41 13.27 10.30
C MET A 1368 26.95 14.69 10.39
N VAL A 1369 26.19 15.66 9.89
CA VAL A 1369 26.73 16.99 9.67
C VAL A 1369 26.81 17.78 10.98
N GLU A 1370 25.69 17.89 11.70
CA GLU A 1370 25.63 18.73 12.89
C GLU A 1370 26.66 18.29 13.93
N HIS A 1371 26.63 17.01 14.31
CA HIS A 1371 27.49 16.48 15.35
C HIS A 1371 28.76 15.86 14.80
N GLY A 1372 28.99 15.95 13.49
CA GLY A 1372 30.22 15.42 12.92
C GLY A 1372 30.38 13.93 13.09
N GLY A 1373 29.28 13.19 13.14
CA GLY A 1373 29.38 11.76 13.33
C GLY A 1373 28.02 11.12 13.44
N PHE A 1374 28.03 9.88 13.91
CA PHE A 1374 26.81 9.10 14.06
C PHE A 1374 27.06 8.04 15.13
N TYR A 1375 26.04 7.21 15.39
CA TYR A 1375 26.14 6.15 16.42
C TYR A 1375 26.22 4.78 15.76
N ARG A 1376 27.42 4.21 15.57
CA ARG A 1376 27.59 2.85 15.08
C ARG A 1376 26.77 1.90 15.94
N THR A 1377 25.79 1.25 15.30
CA THR A 1377 24.79 0.44 15.99
C THR A 1377 25.31 -0.92 16.44
N SER A 1378 26.47 -1.34 15.96
CA SER A 1378 27.00 -2.64 16.37
C SER A 1378 27.24 -2.68 17.88
N ASP A 1379 27.72 -1.56 18.45
CA ASP A 1379 27.86 -1.43 19.89
C ASP A 1379 27.40 -0.07 20.39
N GLN A 1380 26.69 0.71 19.57
CA GLN A 1380 26.23 2.05 19.93
C GLN A 1380 27.39 2.92 20.37
N THR A 1381 28.31 3.16 19.44
CA THR A 1381 29.51 3.93 19.70
C THR A 1381 29.52 5.18 18.83
N TRP A 1382 29.90 6.31 19.41
CA TRP A 1382 29.91 7.58 18.68
C TRP A 1382 31.11 7.60 17.75
N VAL A 1383 30.87 7.41 16.45
CA VAL A 1383 31.92 7.42 15.44
C VAL A 1383 31.84 8.76 14.72
N LYS A 1384 32.95 9.50 14.75
CA LYS A 1384 33.04 10.81 14.11
C LYS A 1384 33.68 10.68 12.74
N LEU A 1385 33.59 11.75 11.96
CA LEU A 1385 34.07 11.79 10.59
C LEU A 1385 35.33 12.63 10.50
N GLU A 1386 36.35 12.10 9.81
CA GLU A 1386 37.62 12.81 9.66
C GLU A 1386 37.65 13.66 8.40
N ARG A 1387 37.47 13.03 7.23
CA ARG A 1387 37.67 13.67 5.94
C ARG A 1387 36.51 13.33 5.01
N ILE A 1388 35.30 13.49 5.50
CA ILE A 1388 34.08 13.30 4.70
C ILE A 1388 33.35 14.63 4.62
N GLN A 1389 32.74 14.87 3.46
CA GLN A 1389 31.85 16.01 3.26
C GLN A 1389 30.71 15.58 2.34
N PHE A 1390 29.52 16.10 2.62
CA PHE A 1390 28.29 15.61 2.01
C PHE A 1390 27.75 16.64 1.02
N VAL A 1391 27.67 16.25 -0.25
CA VAL A 1391 27.02 17.07 -1.25
C VAL A 1391 25.99 16.21 -1.96
N GLY A 1392 25.01 16.89 -2.56
CA GLY A 1392 23.90 16.19 -3.17
C GLY A 1392 23.31 16.99 -4.31
N ALA A 1393 22.53 16.31 -5.13
CA ALA A 1393 21.70 16.94 -6.13
C ALA A 1393 20.24 16.65 -5.78
N CYS A 1394 19.34 17.46 -6.32
CA CYS A 1394 17.93 17.29 -6.01
C CYS A 1394 17.10 18.00 -7.07
N ASN A 1395 15.82 17.66 -7.11
CA ASN A 1395 14.81 18.32 -7.91
C ASN A 1395 13.88 19.08 -6.96
N PRO A 1396 13.21 20.12 -7.44
CA PRO A 1396 12.44 20.96 -6.53
C PRO A 1396 11.28 20.19 -5.92
N PRO A 1397 10.84 20.56 -4.71
CA PRO A 1397 9.65 19.90 -4.15
C PRO A 1397 8.41 20.04 -5.00
N THR A 1398 8.35 21.03 -5.88
CA THR A 1398 7.19 21.18 -6.76
C THR A 1398 7.00 19.97 -7.68
N ASP A 1399 8.03 19.17 -7.89
CA ASP A 1399 7.87 17.91 -8.60
C ASP A 1399 6.90 17.02 -7.80
N PRO A 1400 5.90 16.41 -8.44
CA PRO A 1400 5.01 15.51 -7.66
C PRO A 1400 5.74 14.39 -6.96
N GLY A 1401 6.82 13.88 -7.55
CA GLY A 1401 7.57 12.81 -6.94
C GLY A 1401 8.50 13.23 -5.83
N ARG A 1402 8.63 14.53 -5.55
CA ARG A 1402 9.58 15.02 -4.57
C ARG A 1402 8.84 15.82 -3.50
N LYS A 1403 9.40 15.80 -2.30
CA LYS A 1403 8.85 16.48 -1.13
C LYS A 1403 9.74 17.64 -0.72
N PRO A 1404 9.25 18.52 0.16
CA PRO A 1404 10.15 19.46 0.83
C PRO A 1404 10.82 18.81 2.02
N LEU A 1405 12.00 19.33 2.37
CA LEU A 1405 12.81 18.78 3.45
C LEU A 1405 12.64 19.61 4.73
N SER A 1406 12.82 18.94 5.85
CA SER A 1406 12.73 19.60 7.15
C SER A 1406 13.80 20.68 7.26
N HIS A 1407 13.44 21.79 7.90
CA HIS A 1407 14.37 22.90 8.03
C HIS A 1407 15.59 22.54 8.88
N ARG A 1408 15.48 21.52 9.74
CA ARG A 1408 16.60 21.18 10.60
C ARG A 1408 17.80 20.70 9.80
N PHE A 1409 17.57 19.92 8.75
CA PHE A 1409 18.66 19.49 7.89
C PHE A 1409 18.96 20.47 6.76
N LEU A 1410 17.97 21.25 6.31
CA LEU A 1410 18.21 22.26 5.26
C LEU A 1410 19.20 23.32 5.74
N ARG A 1411 19.40 23.68 6.88
CA ARG A 1411 20.24 24.82 7.37
C ARG A 1411 21.73 24.54 7.31
N HIS A 1412 22.09 23.18 7.61
CA HIS A 1412 23.50 22.81 7.49
C HIS A 1412 23.98 22.74 6.04
N VAL A 1413 23.07 22.61 5.09
CA VAL A 1413 23.48 22.39 3.70
C VAL A 1413 23.10 23.59 2.83
N PRO A 1414 24.05 24.51 2.46
CA PRO A 1414 23.71 25.56 1.49
C PRO A 1414 23.21 24.96 0.18
N VAL A 1415 22.28 25.67 -0.44
CA VAL A 1415 21.55 25.20 -1.62
C VAL A 1415 21.78 26.17 -2.76
N VAL A 1416 22.18 25.64 -3.92
CA VAL A 1416 22.39 26.42 -5.14
C VAL A 1416 21.40 25.94 -6.19
N TYR A 1417 20.63 26.88 -6.74
CA TYR A 1417 19.65 26.55 -7.77
C TYR A 1417 20.35 26.46 -9.12
N VAL A 1418 20.24 25.31 -9.77
CA VAL A 1418 20.87 25.07 -11.06
C VAL A 1418 19.79 25.02 -12.15
N ASP A 1419 19.50 26.16 -12.77
CA ASP A 1419 18.51 26.20 -13.82
C ASP A 1419 19.04 25.53 -15.08
N TYR A 1420 18.15 25.27 -16.02
CA TYR A 1420 18.57 24.75 -17.31
C TYR A 1420 19.42 25.80 -18.03
N PRO A 1421 20.26 25.38 -18.98
CA PRO A 1421 21.12 26.37 -19.65
C PRO A 1421 20.36 27.49 -20.34
N GLY A 1422 19.19 27.21 -20.90
CA GLY A 1422 18.39 28.22 -21.54
C GLY A 1422 18.79 28.42 -23.00
N PRO A 1423 18.03 29.27 -23.71
CA PRO A 1423 18.27 29.40 -25.17
C PRO A 1423 19.68 29.83 -25.53
N ALA A 1424 20.20 30.88 -24.91
CA ALA A 1424 21.52 31.38 -25.30
C ALA A 1424 22.61 30.37 -25.01
N SER A 1425 22.58 29.75 -23.82
CA SER A 1425 23.62 28.78 -23.47
C SER A 1425 23.56 27.56 -24.37
N LEU A 1426 22.35 27.04 -24.63
CA LEU A 1426 22.24 25.91 -25.56
C LEU A 1426 22.74 26.30 -26.93
N THR A 1427 22.40 27.50 -27.40
CA THR A 1427 22.84 27.96 -28.71
C THR A 1427 24.37 27.95 -28.79
N GLN A 1428 25.03 28.59 -27.83
CA GLN A 1428 26.49 28.64 -27.85
C GLN A 1428 27.08 27.24 -27.80
N ILE A 1429 26.62 26.42 -26.87
CA ILE A 1429 27.32 25.18 -26.57
C ILE A 1429 27.11 24.17 -27.70
N TYR A 1430 25.87 24.00 -28.15
CA TYR A 1430 25.62 23.09 -29.25
C TYR A 1430 26.04 23.65 -30.60
N GLY A 1431 26.20 24.97 -30.73
CA GLY A 1431 26.86 25.50 -31.91
C GLY A 1431 28.33 25.15 -31.94
N THR A 1432 28.99 25.22 -30.78
CA THR A 1432 30.36 24.75 -30.70
C THR A 1432 30.45 23.28 -31.07
N PHE A 1433 29.54 22.46 -30.54
CA PHE A 1433 29.56 21.04 -30.87
C PHE A 1433 29.32 20.80 -32.36
N ASN A 1434 28.36 21.50 -32.95
CA ASN A 1434 28.07 21.30 -34.37
C ASN A 1434 29.23 21.76 -35.24
N ARG A 1435 29.86 22.89 -34.90
CA ARG A 1435 31.04 23.31 -35.64
C ARG A 1435 32.19 22.33 -35.47
N ALA A 1436 32.26 21.65 -34.33
CA ALA A 1436 33.31 20.65 -34.15
C ALA A 1436 33.04 19.39 -34.96
N MET A 1437 31.76 18.99 -35.03
CA MET A 1437 31.34 17.70 -35.67
C MET A 1437 31.29 17.79 -37.19
N LEU A 1438 31.15 18.99 -37.77
CA LEU A 1438 31.10 19.17 -39.23
C LEU A 1438 32.46 19.53 -39.80
N ARG A 1439 33.47 18.70 -39.52
CA ARG A 1439 34.78 18.80 -40.17
C ARG A 1439 35.29 17.45 -40.68
N LEU A 1440 34.73 16.33 -40.21
CA LEU A 1440 34.99 15.06 -40.87
C LEU A 1440 34.54 15.11 -42.32
N ILE A 1441 33.46 15.85 -42.59
CA ILE A 1441 33.01 16.17 -43.94
C ILE A 1441 33.15 17.68 -44.08
N PRO A 1442 34.26 18.19 -44.64
CA PRO A 1442 34.47 19.65 -44.62
C PRO A 1442 33.37 20.45 -45.30
N SER A 1443 32.77 19.92 -46.38
CA SER A 1443 31.77 20.67 -47.12
C SER A 1443 30.57 21.05 -46.25
N LEU A 1444 30.31 20.32 -45.17
CA LEU A 1444 29.18 20.60 -44.30
C LEU A 1444 29.47 21.64 -43.24
N ARG A 1445 30.72 22.11 -43.11
CA ARG A 1445 31.07 23.06 -42.06
C ARG A 1445 30.17 24.30 -42.12
N THR A 1446 29.94 24.81 -43.33
CA THR A 1446 29.15 26.03 -43.49
C THR A 1446 27.73 25.89 -42.98
N TYR A 1447 27.24 24.66 -42.81
CA TYR A 1447 25.89 24.42 -42.33
C TYR A 1447 25.84 24.18 -40.82
N ALA A 1448 26.89 24.57 -40.09
CA ALA A 1448 26.87 24.39 -38.64
C ALA A 1448 25.80 25.25 -37.98
N GLU A 1449 25.55 26.45 -38.49
CA GLU A 1449 24.64 27.37 -37.83
C GLU A 1449 23.18 26.99 -38.04
N PRO A 1450 22.70 26.83 -39.28
CA PRO A 1450 21.26 26.52 -39.45
C PRO A 1450 20.83 25.22 -38.80
N LEU A 1451 21.72 24.23 -38.74
CA LEU A 1451 21.40 22.99 -38.04
C LEU A 1451 21.13 23.27 -36.56
N THR A 1452 22.13 23.85 -35.89
CA THR A 1452 22.04 24.07 -34.44
C THR A 1452 20.79 24.84 -34.06
N ALA A 1453 20.53 25.94 -34.76
CA ALA A 1453 19.30 26.69 -34.51
C ALA A 1453 18.08 25.81 -34.64
N ALA A 1454 17.97 25.09 -35.78
CA ALA A 1454 16.92 24.10 -35.92
C ALA A 1454 16.93 23.14 -34.75
N MET A 1455 18.11 22.61 -34.45
CA MET A 1455 18.24 21.62 -33.37
C MET A 1455 17.56 22.19 -32.13
N VAL A 1456 17.74 23.47 -31.76
CA VAL A 1456 17.16 23.96 -30.52
C VAL A 1456 15.69 24.27 -30.69
N GLU A 1457 15.29 24.80 -31.86
CA GLU A 1457 13.94 25.31 -32.02
C GLU A 1457 12.92 24.21 -31.80
N PHE A 1458 13.06 23.11 -32.55
CA PHE A 1458 12.20 21.95 -32.34
C PHE A 1458 12.25 21.50 -30.89
N TYR A 1459 13.45 21.45 -30.31
CA TYR A 1459 13.57 21.03 -28.92
C TYR A 1459 12.75 21.93 -28.01
N THR A 1460 12.82 23.24 -28.24
CA THR A 1460 11.95 24.15 -27.50
C THR A 1460 10.49 23.80 -27.75
N MET A 1461 10.12 23.68 -29.03
CA MET A 1461 8.75 23.29 -29.36
C MET A 1461 8.43 21.88 -28.89
N SER A 1462 9.45 21.07 -28.58
CA SER A 1462 9.22 19.75 -28.03
C SER A 1462 9.17 19.74 -26.52
N GLN A 1463 9.70 20.77 -25.85
CA GLN A 1463 9.76 20.78 -24.40
C GLN A 1463 8.62 21.58 -23.76
N GLU A 1464 8.00 22.50 -24.50
CA GLU A 1464 6.94 23.34 -23.96
C GLU A 1464 5.55 22.77 -24.19
N ARG A 1465 5.42 21.62 -24.84
CA ARG A 1465 4.15 20.97 -25.12
C ARG A 1465 4.01 19.65 -24.37
N PHE A 1466 4.99 18.76 -24.54
CA PHE A 1466 4.97 17.43 -23.94
C PHE A 1466 5.55 17.53 -22.53
N THR A 1467 4.67 17.92 -21.60
CA THR A 1467 5.04 18.15 -20.21
C THR A 1467 4.60 16.98 -19.34
N GLN A 1468 5.02 17.01 -18.07
CA GLN A 1468 4.67 15.95 -17.14
C GLN A 1468 3.18 15.94 -16.79
N ASP A 1469 2.43 16.99 -17.15
CA ASP A 1469 1.00 17.01 -16.90
C ASP A 1469 0.28 15.86 -17.61
N THR A 1470 0.77 15.46 -18.78
CA THR A 1470 0.12 14.41 -19.55
C THR A 1470 0.57 13.02 -19.14
N GLN A 1471 1.88 12.83 -18.95
CA GLN A 1471 2.45 11.53 -18.68
C GLN A 1471 3.57 11.68 -17.66
N PRO A 1472 3.99 10.59 -17.02
CA PRO A 1472 5.03 10.68 -16.00
C PRO A 1472 6.46 10.46 -16.50
N HIS A 1473 6.61 10.39 -17.82
CA HIS A 1473 7.92 10.10 -18.44
C HIS A 1473 8.22 11.09 -19.56
N TYR A 1474 7.65 12.31 -19.51
CA TYR A 1474 7.98 13.37 -20.46
C TYR A 1474 9.11 14.24 -19.88
N ILE A 1475 10.28 13.61 -19.78
CA ILE A 1475 11.49 14.26 -19.27
C ILE A 1475 12.23 14.76 -20.51
N TYR A 1476 11.95 16.00 -20.89
CA TYR A 1476 12.54 16.63 -22.08
C TYR A 1476 13.72 17.52 -21.71
N SER A 1477 14.48 17.09 -20.69
CA SER A 1477 15.65 17.85 -20.27
C SER A 1477 16.69 17.86 -21.38
N PRO A 1478 17.60 18.85 -21.39
CA PRO A 1478 18.59 18.91 -22.47
C PRO A 1478 19.59 17.77 -22.49
N ARG A 1479 19.58 16.85 -21.53
CA ARG A 1479 20.52 15.73 -21.56
C ARG A 1479 20.35 14.92 -22.84
N GLU A 1480 19.10 14.65 -23.22
CA GLU A 1480 18.86 13.94 -24.48
C GLU A 1480 19.43 14.69 -25.66
N MET A 1481 19.44 16.03 -25.59
CA MET A 1481 20.03 16.82 -26.67
C MET A 1481 21.46 16.40 -26.94
N THR A 1482 22.21 16.07 -25.88
CA THR A 1482 23.63 15.61 -25.96
C THR A 1482 23.70 14.32 -26.75
N ARG A 1483 22.75 13.40 -26.56
CA ARG A 1483 22.62 12.19 -27.37
C ARG A 1483 22.34 12.53 -28.82
N TRP A 1484 21.43 13.49 -29.04
CA TRP A 1484 21.07 13.90 -30.40
C TRP A 1484 22.32 14.24 -31.19
N VAL A 1485 23.10 15.21 -30.70
CA VAL A 1485 24.25 15.63 -31.50
C VAL A 1485 25.24 14.49 -31.60
N ARG A 1486 25.40 13.73 -30.51
CA ARG A 1486 26.28 12.58 -30.55
C ARG A 1486 25.84 11.61 -31.62
N GLY A 1487 24.52 11.36 -31.70
CA GLY A 1487 24.01 10.49 -32.74
C GLY A 1487 24.39 10.99 -34.12
N ILE A 1488 24.21 12.29 -34.36
CA ILE A 1488 24.55 12.84 -35.67
C ILE A 1488 26.03 12.64 -35.93
N PHE A 1489 26.86 12.86 -34.90
CA PHE A 1489 28.28 12.61 -35.07
C PHE A 1489 28.54 11.16 -35.41
N GLU A 1490 27.87 10.25 -34.71
CA GLU A 1490 28.05 8.83 -35.00
C GLU A 1490 27.52 8.48 -36.39
N ALA A 1491 26.61 9.29 -36.94
CA ALA A 1491 26.11 9.05 -38.28
C ALA A 1491 26.99 9.68 -39.36
N LEU A 1492 27.99 10.50 -38.98
CA LEU A 1492 28.87 11.16 -39.94
C LEU A 1492 30.33 10.77 -39.79
N ARG A 1493 30.70 10.06 -38.73
CA ARG A 1493 32.10 9.69 -38.53
C ARG A 1493 32.62 8.79 -39.64
N PRO A 1494 31.98 7.67 -40.00
CA PRO A 1494 32.60 6.76 -40.98
C PRO A 1494 32.41 7.17 -42.43
N LEU A 1495 31.56 8.16 -42.71
CA LEU A 1495 31.27 8.50 -44.10
C LEU A 1495 32.42 9.26 -44.74
N GLU A 1496 32.76 10.42 -44.18
CA GLU A 1496 33.74 11.35 -44.73
C GLU A 1496 33.31 11.96 -46.06
N THR A 1497 32.03 11.82 -46.44
CA THR A 1497 31.47 12.51 -47.59
C THR A 1497 29.96 12.31 -47.59
N LEU A 1498 29.21 13.39 -47.81
CA LEU A 1498 27.75 13.30 -47.81
C LEU A 1498 27.14 14.60 -48.31
N PRO A 1499 26.00 14.58 -49.00
CA PRO A 1499 25.31 15.84 -49.32
C PRO A 1499 24.61 16.41 -48.09
N VAL A 1500 24.08 17.62 -48.27
CA VAL A 1500 23.39 18.29 -47.18
C VAL A 1500 22.09 17.57 -46.84
N GLU A 1501 21.41 17.02 -47.85
CA GLU A 1501 20.17 16.30 -47.58
C GLU A 1501 20.42 15.04 -46.78
N GLY A 1502 21.58 14.40 -46.96
CA GLY A 1502 21.93 13.29 -46.07
C GLY A 1502 22.07 13.72 -44.63
N LEU A 1503 22.68 14.89 -44.41
CA LEU A 1503 22.79 15.43 -43.06
C LEU A 1503 21.41 15.69 -42.47
N ILE A 1504 20.52 16.29 -43.26
CA ILE A 1504 19.17 16.55 -42.77
C ILE A 1504 18.45 15.23 -42.48
N ARG A 1505 18.72 14.21 -43.29
CA ARG A 1505 18.07 12.92 -43.07
C ARG A 1505 18.52 12.29 -41.76
N ILE A 1506 19.82 12.30 -41.49
CA ILE A 1506 20.27 11.72 -40.21
C ILE A 1506 19.77 12.55 -39.04
N TRP A 1507 19.70 13.87 -39.22
CA TRP A 1507 19.17 14.74 -38.16
C TRP A 1507 17.71 14.40 -37.87
N ALA A 1508 16.89 14.25 -38.90
CA ALA A 1508 15.49 13.88 -38.70
C ALA A 1508 15.38 12.49 -38.11
N HIS A 1509 16.24 11.57 -38.52
CA HIS A 1509 16.21 10.21 -37.98
C HIS A 1509 16.51 10.21 -36.49
N GLU A 1510 17.52 10.97 -36.07
CA GLU A 1510 17.80 11.04 -34.64
C GLU A 1510 16.68 11.75 -33.89
N ALA A 1511 16.02 12.72 -34.52
CA ALA A 1511 14.84 13.32 -33.92
C ALA A 1511 13.75 12.28 -33.69
N LEU A 1512 13.55 11.40 -34.66
CA LEU A 1512 12.52 10.38 -34.55
C LEU A 1512 12.91 9.30 -33.55
N ARG A 1513 14.21 9.05 -33.36
CA ARG A 1513 14.65 8.04 -32.43
C ARG A 1513 14.84 8.57 -31.01
N LEU A 1514 14.79 9.89 -30.81
CA LEU A 1514 14.77 10.50 -29.48
C LEU A 1514 13.45 11.18 -29.15
N PHE A 1515 12.66 11.54 -30.16
CA PHE A 1515 11.32 12.05 -29.99
C PHE A 1515 10.36 11.16 -30.76
N GLN A 1516 9.16 10.99 -30.22
CA GLN A 1516 8.12 10.07 -30.67
C GLN A 1516 8.42 8.64 -30.24
N ASP A 1517 9.56 8.48 -29.55
CA ASP A 1517 10.00 7.19 -28.99
C ASP A 1517 9.28 6.95 -27.67
N ARG A 1518 8.63 7.94 -27.06
CA ARG A 1518 7.96 7.89 -25.76
C ARG A 1518 6.50 8.33 -25.81
N LEU A 1519 6.05 8.89 -26.92
CA LEU A 1519 4.71 9.45 -26.98
C LEU A 1519 3.67 8.33 -26.99
N VAL A 1520 2.44 8.70 -26.65
CA VAL A 1520 1.40 7.74 -26.31
C VAL A 1520 0.32 7.65 -27.38
N GLU A 1521 -0.03 8.79 -27.97
CA GLU A 1521 -1.14 8.90 -28.90
C GLU A 1521 -0.63 9.13 -30.32
N ASP A 1522 -1.43 8.70 -31.29
CA ASP A 1522 -1.09 8.97 -32.68
C ASP A 1522 -1.13 10.46 -32.99
N GLU A 1523 -1.98 11.22 -32.29
CA GLU A 1523 -2.06 12.65 -32.51
C GLU A 1523 -0.74 13.33 -32.16
N GLU A 1524 -0.14 12.95 -31.03
CA GLU A 1524 1.12 13.56 -30.63
C GLU A 1524 2.25 13.15 -31.57
N ARG A 1525 2.26 11.89 -32.01
CA ARG A 1525 3.26 11.47 -32.99
C ARG A 1525 3.10 12.26 -34.29
N ARG A 1526 1.86 12.50 -34.71
CA ARG A 1526 1.60 13.29 -35.90
C ARG A 1526 2.15 14.70 -35.71
N TRP A 1527 1.87 15.32 -34.56
CA TRP A 1527 2.35 16.68 -34.32
C TRP A 1527 3.87 16.73 -34.35
N THR A 1528 4.53 15.78 -33.70
CA THR A 1528 5.98 15.77 -33.67
C THR A 1528 6.57 15.57 -35.06
N ASP A 1529 6.00 14.65 -35.84
CA ASP A 1529 6.50 14.44 -37.20
C ASP A 1529 6.30 15.67 -38.06
N GLU A 1530 5.12 16.30 -37.96
CA GLU A 1530 4.84 17.50 -38.74
C GLU A 1530 5.80 18.62 -38.35
N ASN A 1531 6.12 18.73 -37.05
CA ASN A 1531 7.03 19.79 -36.63
C ASN A 1531 8.47 19.49 -37.06
N ILE A 1532 8.86 18.22 -37.07
CA ILE A 1532 10.17 17.87 -37.61
C ILE A 1532 10.26 18.31 -39.07
N ASP A 1533 9.24 17.99 -39.86
CA ASP A 1533 9.24 18.39 -41.26
C ASP A 1533 9.23 19.91 -41.39
N THR A 1534 8.44 20.59 -40.56
CA THR A 1534 8.31 22.04 -40.67
C THR A 1534 9.62 22.74 -40.36
N VAL A 1535 10.29 22.36 -39.27
CA VAL A 1535 11.56 22.99 -38.93
C VAL A 1535 12.62 22.61 -39.95
N ALA A 1536 12.56 21.39 -40.49
CA ALA A 1536 13.49 21.00 -41.55
C ALA A 1536 13.37 21.93 -42.74
N LEU A 1537 12.14 22.21 -43.16
CA LEU A 1537 11.94 23.15 -44.27
C LEU A 1537 12.30 24.57 -43.87
N LYS A 1538 12.10 24.92 -42.60
CA LYS A 1538 12.34 26.29 -42.15
C LYS A 1538 13.82 26.63 -42.17
N HIS A 1539 14.66 25.76 -41.61
CA HIS A 1539 16.08 26.05 -41.45
C HIS A 1539 16.94 25.55 -42.60
N PHE A 1540 16.35 24.87 -43.59
CA PHE A 1540 17.07 24.49 -44.80
C PHE A 1540 16.20 24.80 -46.02
N PRO A 1541 15.91 26.08 -46.26
CA PRO A 1541 15.06 26.42 -47.41
C PRO A 1541 15.83 26.46 -48.73
N LYS A 1547 15.34 11.84 -51.07
CA LYS A 1547 15.71 10.80 -50.13
C LYS A 1547 15.35 11.23 -48.71
N ALA A 1548 15.88 12.38 -48.29
CA ALA A 1548 15.58 12.88 -46.94
C ALA A 1548 14.11 13.23 -46.80
N MET A 1549 13.49 13.77 -47.85
CA MET A 1549 12.09 14.14 -47.78
C MET A 1549 11.16 12.94 -47.72
N SER A 1550 11.61 11.76 -48.17
CA SER A 1550 10.80 10.57 -48.11
C SER A 1550 10.47 10.23 -46.65
N ARG A 1551 9.19 9.96 -46.38
CA ARG A 1551 8.78 9.73 -45.01
C ARG A 1551 9.40 8.49 -44.39
N PRO A 1552 9.43 7.32 -45.04
CA PRO A 1552 9.96 6.13 -44.35
C PRO A 1552 11.47 6.22 -44.13
N ILE A 1553 11.87 7.05 -43.18
CA ILE A 1553 13.28 7.22 -42.83
C ILE A 1553 13.68 6.08 -41.91
N LEU A 1554 14.68 5.30 -42.32
CA LEU A 1554 15.21 4.24 -41.49
C LEU A 1554 16.70 4.10 -41.78
N TYR A 1555 17.49 3.89 -40.73
CA TYR A 1555 18.92 3.64 -40.85
C TYR A 1555 19.23 2.30 -40.19
N SER A 1556 20.31 1.71 -40.63
CA SER A 1556 20.58 0.38 -40.12
C SER A 1556 22.04 0.02 -40.23
N ASN A 1557 22.55 -0.68 -39.22
CA ASN A 1557 23.87 -1.31 -39.20
C ASN A 1557 23.76 -2.77 -39.62
N TRP A 1558 22.86 -3.04 -40.56
CA TRP A 1558 22.45 -4.40 -40.91
C TRP A 1558 22.99 -4.81 -42.28
N LEU A 1559 22.68 -4.04 -43.32
CA LEU A 1559 22.92 -4.48 -44.69
C LEU A 1559 24.37 -4.28 -45.12
N SER A 1560 25.02 -3.21 -44.67
CA SER A 1560 26.31 -2.78 -45.19
C SER A 1560 27.32 -2.64 -44.06
N LYS A 1561 28.56 -2.34 -44.46
CA LYS A 1561 29.63 -2.17 -43.47
C LYS A 1561 29.39 -0.96 -42.58
N ASP A 1562 28.69 0.05 -43.09
CA ASP A 1562 28.56 1.35 -42.42
C ASP A 1562 27.09 1.66 -42.18
N TYR A 1563 26.86 2.51 -41.19
CA TYR A 1563 25.52 2.96 -40.82
C TYR A 1563 25.01 3.91 -41.90
N ILE A 1564 24.17 3.40 -42.80
CA ILE A 1564 23.75 4.13 -44.00
C ILE A 1564 22.23 4.13 -44.05
N PRO A 1565 21.63 5.05 -44.80
CA PRO A 1565 20.18 4.97 -45.03
C PRO A 1565 19.82 3.73 -45.84
N VAL A 1566 18.63 3.20 -45.55
CA VAL A 1566 18.16 1.95 -46.15
C VAL A 1566 16.75 2.13 -46.66
N ASP A 1567 16.35 1.25 -47.58
CA ASP A 1567 14.99 1.14 -48.05
C ASP A 1567 14.33 -0.09 -47.41
N GLN A 1568 13.00 -0.08 -47.43
CA GLN A 1568 12.24 -1.01 -46.58
C GLN A 1568 12.25 -2.44 -47.11
N GLU A 1569 12.12 -2.62 -48.42
CA GLU A 1569 11.83 -3.95 -48.96
C GLU A 1569 13.02 -4.90 -48.78
N GLU A 1570 14.21 -4.48 -49.18
CA GLU A 1570 15.38 -5.34 -48.95
C GLU A 1570 15.63 -5.52 -47.47
N LEU A 1571 15.25 -4.53 -46.66
CA LEU A 1571 15.32 -4.71 -45.21
C LEU A 1571 14.46 -5.88 -44.78
N ARG A 1572 13.23 -5.95 -45.29
CA ARG A 1572 12.35 -7.06 -44.92
C ARG A 1572 12.89 -8.39 -45.41
N ASP A 1573 13.47 -8.42 -46.62
CA ASP A 1573 14.02 -9.66 -47.14
C ASP A 1573 15.19 -10.14 -46.29
N TYR A 1574 16.10 -9.22 -45.95
CA TYR A 1574 17.21 -9.54 -45.07
C TYR A 1574 16.70 -10.00 -43.71
N VAL A 1575 15.67 -9.35 -43.21
CA VAL A 1575 15.06 -9.75 -41.94
C VAL A 1575 14.58 -11.18 -42.03
N LYS A 1576 13.91 -11.53 -43.14
CA LYS A 1576 13.37 -12.88 -43.30
C LYS A 1576 14.49 -13.92 -43.33
N ALA A 1577 15.59 -13.61 -44.02
CA ALA A 1577 16.73 -14.52 -44.02
C ALA A 1577 17.26 -14.72 -42.60
N ARG A 1578 17.39 -13.62 -41.87
CA ARG A 1578 17.83 -13.74 -40.48
C ARG A 1578 16.82 -14.52 -39.64
N LEU A 1579 15.53 -14.40 -39.96
CA LEU A 1579 14.52 -15.18 -39.26
C LEU A 1579 14.73 -16.67 -39.49
N LYS A 1580 15.04 -17.04 -40.74
CA LYS A 1580 15.31 -18.45 -41.03
C LYS A 1580 16.49 -18.94 -40.21
N VAL A 1581 17.59 -18.17 -40.20
CA VAL A 1581 18.76 -18.60 -39.43
C VAL A 1581 18.45 -18.66 -37.95
N PHE A 1582 17.70 -17.68 -37.44
CA PHE A 1582 17.36 -17.62 -36.02
C PHE A 1582 16.48 -18.80 -35.62
N TYR A 1583 15.50 -19.14 -36.45
CA TYR A 1583 14.70 -20.33 -36.19
C TYR A 1583 15.55 -21.58 -36.17
N GLU A 1584 16.47 -21.70 -37.13
CA GLU A 1584 17.32 -22.88 -37.18
C GLU A 1584 18.17 -23.00 -35.93
N GLU A 1585 18.71 -21.88 -35.43
CA GLU A 1585 19.66 -21.93 -34.34
C GLU A 1585 18.98 -21.97 -32.98
N GLU A 1586 18.11 -20.99 -32.70
CA GLU A 1586 17.71 -20.70 -31.33
C GLU A 1586 16.44 -21.44 -30.90
N LEU A 1587 15.31 -21.14 -31.56
CA LEU A 1587 14.02 -21.65 -31.11
C LEU A 1587 13.07 -21.66 -32.29
N ASP A 1588 12.14 -22.62 -32.26
CA ASP A 1588 11.14 -22.79 -33.32
C ASP A 1588 9.92 -21.96 -32.97
N VAL A 1589 9.92 -20.70 -33.39
CA VAL A 1589 8.88 -19.73 -33.05
C VAL A 1589 8.45 -18.99 -34.31
N PRO A 1590 7.50 -19.52 -35.10
CA PRO A 1590 7.19 -18.87 -36.38
C PRO A 1590 6.47 -17.54 -36.21
N LEU A 1591 7.25 -16.49 -35.99
CA LEU A 1591 6.69 -15.16 -35.80
C LEU A 1591 6.11 -14.62 -37.10
N VAL A 1592 5.22 -13.64 -36.94
CA VAL A 1592 4.62 -12.91 -38.05
C VAL A 1592 5.11 -11.47 -37.96
N LEU A 1593 5.75 -11.00 -39.02
CA LEU A 1593 6.42 -9.71 -39.05
C LEU A 1593 5.72 -8.77 -40.01
N PHE A 1594 5.81 -7.48 -39.71
CA PHE A 1594 5.04 -6.45 -40.40
C PHE A 1594 5.84 -5.16 -40.35
N ASN A 1595 5.19 -4.05 -40.71
CA ASN A 1595 5.91 -2.79 -40.89
C ASN A 1595 6.57 -2.32 -39.60
N GLU A 1596 5.86 -2.41 -38.48
CA GLU A 1596 6.36 -1.85 -37.22
C GLU A 1596 7.42 -2.72 -36.55
N VAL A 1597 7.43 -4.02 -36.84
CA VAL A 1597 8.47 -4.89 -36.28
C VAL A 1597 9.84 -4.43 -36.73
N LEU A 1598 9.94 -3.99 -37.98
CA LEU A 1598 11.22 -3.50 -38.49
C LEU A 1598 11.71 -2.30 -37.69
N ASP A 1599 10.82 -1.33 -37.45
CA ASP A 1599 11.21 -0.17 -36.67
C ASP A 1599 11.61 -0.56 -35.26
N HIS A 1600 10.87 -1.49 -34.64
CA HIS A 1600 11.18 -1.87 -33.26
C HIS A 1600 12.53 -2.57 -33.17
N VAL A 1601 12.82 -3.49 -34.10
CA VAL A 1601 14.12 -4.16 -34.04
C VAL A 1601 15.24 -3.16 -34.33
N LEU A 1602 14.99 -2.21 -35.23
CA LEU A 1602 15.99 -1.17 -35.49
C LEU A 1602 16.28 -0.36 -34.23
N ARG A 1603 15.23 0.00 -33.48
CA ARG A 1603 15.43 0.74 -32.24
C ARG A 1603 16.23 -0.07 -31.23
N ILE A 1604 15.88 -1.35 -31.06
CA ILE A 1604 16.59 -2.17 -30.08
C ILE A 1604 18.05 -2.31 -30.48
N ASP A 1605 18.32 -2.43 -31.78
CA ASP A 1605 19.70 -2.49 -32.25
C ASP A 1605 20.42 -1.18 -31.99
N ARG A 1606 19.76 -0.04 -32.24
CA ARG A 1606 20.36 1.26 -31.97
C ARG A 1606 20.77 1.37 -30.52
N ILE A 1607 19.93 0.90 -29.61
CA ILE A 1607 20.27 0.98 -28.20
C ILE A 1607 21.43 0.03 -27.88
N PHE A 1608 21.38 -1.19 -28.40
CA PHE A 1608 22.45 -2.14 -28.13
C PHE A 1608 23.79 -1.66 -28.68
N ARG A 1609 23.78 -0.80 -29.70
CA ARG A 1609 25.03 -0.29 -30.24
C ARG A 1609 25.68 0.74 -29.30
N GLN A 1610 24.88 1.63 -28.74
CA GLN A 1610 25.42 2.71 -27.94
C GLN A 1610 26.02 2.18 -26.63
N PRO A 1611 26.94 2.92 -26.02
CA PRO A 1611 27.41 2.52 -24.69
C PRO A 1611 26.33 2.75 -23.65
N GLN A 1612 26.31 1.88 -22.64
CA GLN A 1612 25.30 1.92 -21.58
C GLN A 1612 23.90 1.94 -22.18
N GLY A 1613 23.68 1.07 -23.16
CA GLY A 1613 22.43 1.03 -23.87
C GLY A 1613 21.36 0.28 -23.11
N HIS A 1614 20.84 0.90 -22.05
CA HIS A 1614 19.72 0.38 -21.29
C HIS A 1614 18.44 1.00 -21.81
N LEU A 1615 17.34 0.24 -21.71
CA LEU A 1615 16.12 0.55 -22.43
C LEU A 1615 14.91 0.21 -21.57
N LEU A 1616 13.76 0.76 -21.95
CA LEU A 1616 12.50 0.49 -21.27
C LEU A 1616 11.40 0.41 -22.31
N LEU A 1617 10.64 -0.68 -22.31
CA LEU A 1617 9.58 -0.94 -23.27
C LEU A 1617 8.23 -0.84 -22.56
N ILE A 1618 7.29 -0.10 -23.15
CA ILE A 1618 5.92 -0.02 -22.68
C ILE A 1618 5.02 -0.43 -23.84
N GLY A 1619 4.32 -1.54 -23.67
CA GLY A 1619 3.36 -2.00 -24.66
C GLY A 1619 2.51 -3.09 -24.06
N VAL A 1620 1.45 -3.44 -24.79
CA VAL A 1620 0.55 -4.49 -24.32
C VAL A 1620 1.32 -5.80 -24.21
N SER A 1621 1.09 -6.53 -23.12
CA SER A 1621 1.78 -7.79 -22.91
C SER A 1621 1.42 -8.77 -24.03
N GLY A 1622 2.41 -9.54 -24.46
CA GLY A 1622 2.25 -10.43 -25.58
C GLY A 1622 2.39 -9.78 -26.95
N ALA A 1623 2.73 -8.48 -27.00
CA ALA A 1623 2.86 -7.76 -28.26
C ALA A 1623 4.23 -7.92 -28.90
N GLY A 1624 5.00 -8.93 -28.50
CA GLY A 1624 6.27 -9.21 -29.12
C GLY A 1624 7.46 -8.48 -28.55
N LYS A 1625 7.32 -7.89 -27.37
CA LYS A 1625 8.44 -7.16 -26.77
C LYS A 1625 9.61 -8.09 -26.49
N THR A 1626 9.34 -9.19 -25.78
CA THR A 1626 10.41 -10.09 -25.37
C THR A 1626 11.01 -10.85 -26.54
N THR A 1627 10.17 -11.30 -27.47
CA THR A 1627 10.69 -12.06 -28.61
C THR A 1627 11.53 -11.19 -29.53
N LEU A 1628 11.09 -9.95 -29.79
CA LEU A 1628 11.90 -9.04 -30.60
C LEU A 1628 13.19 -8.68 -29.89
N SER A 1629 13.12 -8.48 -28.57
CA SER A 1629 14.33 -8.22 -27.80
C SER A 1629 15.31 -9.37 -27.92
N ARG A 1630 14.83 -10.61 -27.76
CA ARG A 1630 15.71 -11.76 -27.88
C ARG A 1630 16.27 -11.89 -29.29
N PHE A 1631 15.46 -11.59 -30.30
CA PHE A 1631 15.92 -11.65 -31.69
C PHE A 1631 17.07 -10.68 -31.92
N VAL A 1632 16.88 -9.41 -31.55
CA VAL A 1632 17.93 -8.42 -31.78
C VAL A 1632 19.15 -8.74 -30.94
N ALA A 1633 18.96 -9.26 -29.73
CA ALA A 1633 20.10 -9.64 -28.91
C ALA A 1633 20.89 -10.77 -29.54
N TRP A 1634 20.19 -11.75 -30.12
CA TRP A 1634 20.88 -12.83 -30.82
C TRP A 1634 21.66 -12.31 -32.02
N MET A 1635 21.05 -11.41 -32.79
CA MET A 1635 21.71 -10.96 -34.02
C MET A 1635 23.06 -10.33 -33.71
N ASN A 1636 23.07 -9.37 -32.80
CA ASN A 1636 24.25 -8.58 -32.49
C ASN A 1636 25.25 -9.30 -31.60
N GLY A 1637 25.13 -10.62 -31.44
CA GLY A 1637 26.07 -11.36 -30.63
C GLY A 1637 25.88 -11.21 -29.14
N LEU A 1638 24.83 -10.53 -28.70
CA LEU A 1638 24.57 -10.32 -27.28
C LEU A 1638 23.94 -11.57 -26.70
N SER A 1639 24.62 -12.20 -25.75
CA SER A 1639 23.99 -13.26 -24.97
C SER A 1639 22.81 -12.68 -24.22
N VAL A 1640 21.84 -13.55 -23.89
CA VAL A 1640 20.58 -13.13 -23.29
C VAL A 1640 20.45 -13.81 -21.93
N TYR A 1641 20.14 -13.02 -20.90
CA TYR A 1641 19.83 -13.54 -19.58
C TYR A 1641 18.52 -12.93 -19.12
N GLN A 1642 17.82 -13.65 -18.24
CA GLN A 1642 16.49 -13.24 -17.81
C GLN A 1642 16.25 -13.73 -16.39
N ILE A 1643 15.17 -13.21 -15.80
CA ILE A 1643 14.80 -13.55 -14.44
C ILE A 1643 14.02 -14.86 -14.48
N LYS A 1644 14.56 -15.90 -13.85
CA LYS A 1644 13.87 -17.18 -13.74
C LYS A 1644 12.90 -17.12 -12.56
N VAL A 1645 11.86 -16.29 -12.73
CA VAL A 1645 10.91 -16.02 -11.66
C VAL A 1645 10.12 -17.28 -11.35
N HIS A 1646 9.98 -17.57 -10.06
CA HIS A 1646 9.20 -18.71 -9.59
C HIS A 1646 8.69 -18.40 -8.18
N ARG A 1647 7.96 -19.35 -7.62
CA ARG A 1647 7.52 -19.20 -6.23
C ARG A 1647 8.72 -19.29 -5.30
N LYS A 1648 8.62 -18.58 -4.17
CA LYS A 1648 9.69 -18.55 -3.17
C LYS A 1648 10.96 -17.94 -3.77
N TYR A 1649 10.84 -16.68 -4.18
CA TYR A 1649 11.86 -15.97 -4.94
C TYR A 1649 11.97 -14.56 -4.36
N THR A 1650 13.01 -14.34 -3.57
CA THR A 1650 13.11 -13.20 -2.66
C THR A 1650 14.29 -12.31 -3.03
N GLY A 1651 14.53 -11.31 -2.19
CA GLY A 1651 15.65 -10.41 -2.40
C GLY A 1651 16.98 -11.13 -2.45
N GLU A 1652 17.12 -12.18 -1.65
CA GLU A 1652 18.38 -12.92 -1.61
C GLU A 1652 18.68 -13.55 -2.97
N ASP A 1653 17.67 -14.19 -3.58
CA ASP A 1653 17.92 -14.89 -4.84
C ASP A 1653 18.03 -13.91 -6.00
N PHE A 1654 17.27 -12.79 -5.96
CA PHE A 1654 17.54 -11.68 -6.86
C PHE A 1654 19.00 -11.26 -6.81
N ASP A 1655 19.50 -11.01 -5.60
CA ASP A 1655 20.88 -10.55 -5.46
C ASP A 1655 21.88 -11.61 -5.93
N GLU A 1656 21.58 -12.88 -5.67
CA GLU A 1656 22.48 -13.96 -6.08
C GLU A 1656 22.55 -14.05 -7.61
N ASP A 1657 21.40 -14.04 -8.27
CA ASP A 1657 21.38 -14.11 -9.72
C ASP A 1657 22.09 -12.90 -10.32
N LEU A 1658 21.83 -11.71 -9.77
CA LEU A 1658 22.49 -10.50 -10.24
C LEU A 1658 23.99 -10.58 -10.05
N ARG A 1659 24.42 -11.11 -8.90
CA ARG A 1659 25.84 -11.31 -8.62
C ARG A 1659 26.49 -12.16 -9.71
N THR A 1660 25.89 -13.32 -9.99
CA THR A 1660 26.47 -14.22 -10.97
C THR A 1660 26.51 -13.59 -12.35
N VAL A 1661 25.43 -12.93 -12.77
CA VAL A 1661 25.43 -12.44 -14.16
C VAL A 1661 26.36 -11.26 -14.29
N LEU A 1662 26.48 -10.42 -13.25
CA LEU A 1662 27.45 -9.33 -13.29
C LEU A 1662 28.86 -9.88 -13.40
N ARG A 1663 29.16 -10.94 -12.66
CA ARG A 1663 30.47 -11.57 -12.78
C ARG A 1663 30.71 -12.04 -14.22
N ARG A 1664 29.71 -12.71 -14.80
CA ARG A 1664 29.85 -13.20 -16.18
C ARG A 1664 30.06 -12.04 -17.16
N SER A 1665 29.26 -10.98 -17.02
CA SER A 1665 29.32 -9.89 -17.99
C SER A 1665 30.62 -9.12 -17.89
N GLY A 1666 31.11 -8.90 -16.67
CA GLY A 1666 32.29 -8.06 -16.48
C GLY A 1666 33.61 -8.79 -16.58
N CYS A 1667 33.74 -9.94 -15.93
CA CYS A 1667 35.02 -10.65 -15.95
C CYS A 1667 35.34 -11.16 -17.35
N LYS A 1668 34.37 -11.81 -17.99
CA LYS A 1668 34.58 -12.42 -19.30
C LYS A 1668 34.32 -11.46 -20.46
N ASN A 1669 33.93 -10.22 -20.18
CA ASN A 1669 33.61 -9.23 -21.20
C ASN A 1669 32.41 -9.64 -22.05
N GLU A 1670 31.57 -10.54 -21.54
CA GLU A 1670 30.39 -10.95 -22.27
C GLU A 1670 29.42 -9.78 -22.42
N LYS A 1671 28.81 -9.66 -23.60
CA LYS A 1671 27.90 -8.57 -23.89
C LYS A 1671 26.46 -9.03 -23.63
N ILE A 1672 26.19 -9.30 -22.35
CA ILE A 1672 24.92 -9.85 -21.92
C ILE A 1672 23.86 -8.76 -21.91
N ALA A 1673 22.63 -9.14 -22.25
CA ALA A 1673 21.47 -8.27 -22.15
C ALA A 1673 20.45 -8.91 -21.21
N PHE A 1674 19.92 -8.10 -20.29
CA PHE A 1674 18.93 -8.57 -19.32
C PHE A 1674 17.53 -8.37 -19.88
N ILE A 1675 16.67 -9.36 -19.64
CA ILE A 1675 15.24 -9.18 -19.85
C ILE A 1675 14.60 -8.99 -18.49
N MET A 1676 14.42 -7.73 -18.10
CA MET A 1676 13.73 -7.38 -16.87
C MET A 1676 12.26 -7.14 -17.21
N ASP A 1677 11.37 -7.71 -16.40
CA ASP A 1677 9.94 -7.73 -16.70
C ASP A 1677 9.16 -7.28 -15.48
N GLU A 1678 7.89 -6.94 -15.73
CA GLU A 1678 7.00 -6.48 -14.67
C GLU A 1678 6.75 -7.55 -13.62
N SER A 1679 7.00 -8.82 -13.93
CA SER A 1679 6.72 -9.93 -13.02
C SER A 1679 7.68 -10.01 -11.86
N ASN A 1680 8.61 -9.07 -11.66
CA ASN A 1680 9.49 -9.09 -10.50
C ASN A 1680 9.70 -7.71 -9.89
N VAL A 1681 8.77 -6.78 -10.14
CA VAL A 1681 8.89 -5.43 -9.60
C VAL A 1681 8.16 -5.31 -8.26
N LEU A 1682 7.77 -6.44 -7.68
CA LEU A 1682 7.06 -6.43 -6.41
C LEU A 1682 8.00 -6.41 -5.21
N ASP A 1683 9.22 -6.90 -5.35
CA ASP A 1683 10.22 -6.84 -4.28
C ASP A 1683 10.91 -5.47 -4.35
N SER A 1684 10.73 -4.66 -3.32
CA SER A 1684 11.30 -3.31 -3.32
C SER A 1684 12.82 -3.35 -3.37
N GLY A 1685 13.43 -4.34 -2.71
CA GLY A 1685 14.88 -4.45 -2.75
C GLY A 1685 15.41 -4.64 -4.15
N PHE A 1686 14.75 -5.47 -4.95
CA PHE A 1686 15.16 -5.67 -6.33
C PHE A 1686 15.03 -4.38 -7.12
N LEU A 1687 13.96 -3.62 -6.88
CA LEU A 1687 13.79 -2.34 -7.55
C LEU A 1687 14.94 -1.40 -7.21
N GLU A 1688 15.33 -1.34 -5.95
CA GLU A 1688 16.45 -0.49 -5.56
C GLU A 1688 17.74 -0.97 -6.20
N ARG A 1689 17.96 -2.29 -6.24
CA ARG A 1689 19.18 -2.84 -6.82
C ARG A 1689 19.30 -2.47 -8.30
N MET A 1690 18.20 -2.60 -9.04
CA MET A 1690 18.19 -2.16 -10.43
C MET A 1690 18.32 -0.65 -10.56
N ASN A 1691 17.80 0.11 -9.59
CA ASN A 1691 18.04 1.54 -9.63
C ASN A 1691 19.53 1.84 -9.53
N THR A 1692 20.24 1.12 -8.66
CA THR A 1692 21.69 1.33 -8.53
C THR A 1692 22.41 0.94 -9.82
N LEU A 1693 22.11 -0.26 -10.32
CA LEU A 1693 22.84 -0.77 -11.48
C LEU A 1693 22.61 0.10 -12.71
N LEU A 1694 21.39 0.64 -12.85
CA LEU A 1694 21.15 1.61 -13.91
C LEU A 1694 21.82 2.94 -13.62
N ALA A 1695 21.92 3.32 -12.33
CA ALA A 1695 22.51 4.61 -11.98
C ALA A 1695 23.97 4.68 -12.39
N ASN A 1696 24.77 3.69 -11.99
CA ASN A 1696 26.22 3.75 -12.23
C ASN A 1696 26.84 2.44 -12.68
N GLY A 1697 26.08 1.38 -12.85
CA GLY A 1697 26.65 0.14 -13.32
C GLY A 1697 27.43 -0.63 -12.26
N GLU A 1698 27.42 -0.19 -11.01
CA GLU A 1698 27.98 -0.97 -9.91
C GLU A 1698 27.05 -0.85 -8.72
N VAL A 1699 26.65 -2.00 -8.18
CA VAL A 1699 25.76 -2.05 -7.03
C VAL A 1699 26.63 -2.13 -5.77
N PRO A 1700 26.57 -1.14 -4.86
CA PRO A 1700 27.51 -1.18 -3.73
C PRO A 1700 27.05 -2.09 -2.59
N GLY A 1701 27.33 -3.38 -2.74
CA GLY A 1701 27.04 -4.34 -1.68
C GLY A 1701 26.63 -5.73 -2.11
N LEU A 1702 26.39 -5.95 -3.41
CA LEU A 1702 26.10 -7.32 -3.86
C LEU A 1702 27.26 -8.25 -3.55
N PHE A 1703 28.47 -7.89 -3.99
CA PHE A 1703 29.67 -8.70 -3.71
C PHE A 1703 30.29 -8.16 -2.43
N GLU A 1704 30.57 -9.01 -1.45
CA GLU A 1704 31.13 -8.61 -0.17
C GLU A 1704 31.86 -9.80 0.46
N GLY A 1705 32.88 -9.48 1.24
CA GLY A 1705 33.60 -10.51 1.99
C GLY A 1705 34.30 -11.50 1.08
N ASP A 1706 34.17 -12.78 1.42
CA ASP A 1706 34.77 -13.83 0.60
C ASP A 1706 34.23 -13.80 -0.82
N GLU A 1707 32.97 -13.41 -1.00
CA GLU A 1707 32.46 -13.17 -2.35
C GLU A 1707 33.27 -12.08 -3.04
N TYR A 1708 33.58 -11.00 -2.33
CA TYR A 1708 34.39 -9.93 -2.91
C TYR A 1708 35.78 -10.42 -3.28
N ALA A 1709 36.36 -11.29 -2.45
CA ALA A 1709 37.66 -11.87 -2.77
C ALA A 1709 37.58 -12.72 -4.03
N THR A 1710 36.52 -13.51 -4.18
CA THR A 1710 36.34 -14.30 -5.39
C THR A 1710 36.17 -13.40 -6.61
N LEU A 1711 35.39 -12.32 -6.46
CA LEU A 1711 35.27 -11.33 -7.52
C LEU A 1711 36.63 -10.79 -7.92
N MET A 1712 37.46 -10.43 -6.96
CA MET A 1712 38.72 -9.79 -7.30
C MET A 1712 39.70 -10.79 -7.91
N THR A 1713 39.65 -12.06 -7.49
CA THR A 1713 40.45 -13.07 -8.17
C THR A 1713 40.02 -13.21 -9.63
N GLN A 1714 38.71 -13.31 -9.87
CA GLN A 1714 38.22 -13.44 -11.24
C GLN A 1714 38.53 -12.19 -12.05
N CYS A 1715 38.46 -11.02 -11.42
CA CYS A 1715 38.77 -9.77 -12.10
C CYS A 1715 40.26 -9.70 -12.44
N LYS A 1716 41.12 -10.18 -11.55
CA LYS A 1716 42.55 -10.24 -11.85
C LYS A 1716 42.80 -11.12 -13.06
N GLU A 1717 42.16 -12.29 -13.10
CA GLU A 1717 42.33 -13.18 -14.25
C GLU A 1717 41.83 -12.52 -15.53
N GLY A 1718 40.64 -11.91 -15.46
CA GLY A 1718 40.07 -11.30 -16.65
C GLY A 1718 40.89 -10.13 -17.15
N ALA A 1719 41.39 -9.29 -16.25
CA ALA A 1719 42.21 -8.16 -16.64
C ALA A 1719 43.57 -8.61 -17.16
N GLN A 1720 44.11 -9.70 -16.62
CA GLN A 1720 45.33 -10.28 -17.17
C GLN A 1720 45.11 -10.73 -18.61
N LYS A 1721 43.97 -11.36 -18.87
CA LYS A 1721 43.64 -11.73 -20.25
C LYS A 1721 43.46 -10.50 -21.13
N GLU A 1722 42.78 -9.47 -20.60
CA GLU A 1722 42.43 -8.32 -21.43
C GLU A 1722 43.66 -7.51 -21.80
N GLY A 1723 44.53 -7.23 -20.83
CA GLY A 1723 45.74 -6.47 -21.07
C GLY A 1723 45.91 -5.26 -20.17
N LEU A 1724 45.23 -5.25 -19.02
CA LEU A 1724 45.40 -4.23 -17.99
C LEU A 1724 45.88 -4.90 -16.71
N MET A 1725 47.17 -4.81 -16.44
CA MET A 1725 47.74 -5.33 -15.19
C MET A 1725 47.36 -4.41 -14.05
N LEU A 1726 46.66 -4.96 -13.05
CA LEU A 1726 46.34 -4.26 -11.81
C LEU A 1726 46.84 -5.08 -10.63
N ASP A 1727 47.61 -4.43 -9.76
CA ASP A 1727 48.17 -5.07 -8.58
C ASP A 1727 47.35 -4.82 -7.30
N SER A 1728 46.27 -4.06 -7.39
CA SER A 1728 45.47 -3.71 -6.22
C SER A 1728 43.99 -3.88 -6.56
N HIS A 1729 43.19 -4.06 -5.51
CA HIS A 1729 41.76 -4.29 -5.70
C HIS A 1729 40.99 -3.02 -6.04
N GLU A 1730 41.51 -1.85 -5.71
CA GLU A 1730 40.79 -0.61 -5.98
C GLU A 1730 40.68 -0.35 -7.48
N GLU A 1731 41.83 -0.21 -8.15
CA GLU A 1731 41.80 0.02 -9.59
C GLU A 1731 41.24 -1.18 -10.33
N LEU A 1732 41.40 -2.38 -9.79
CA LEU A 1732 40.80 -3.55 -10.42
C LEU A 1732 39.28 -3.47 -10.38
N TYR A 1733 38.72 -3.04 -9.25
CA TYR A 1733 37.28 -2.85 -9.17
C TYR A 1733 36.83 -1.72 -10.09
N LYS A 1734 37.67 -0.69 -10.24
CA LYS A 1734 37.36 0.37 -11.20
C LYS A 1734 37.30 -0.18 -12.61
N TRP A 1735 38.23 -1.06 -12.96
CA TRP A 1735 38.19 -1.70 -14.29
C TRP A 1735 36.93 -2.55 -14.44
N PHE A 1736 36.52 -3.23 -13.37
CA PHE A 1736 35.27 -3.98 -13.41
C PHE A 1736 34.09 -3.05 -13.66
N THR A 1737 34.08 -1.89 -13.00
CA THR A 1737 33.02 -0.91 -13.25
C THR A 1737 33.01 -0.49 -14.70
N SER A 1738 34.20 -0.27 -15.28
CA SER A 1738 34.28 0.10 -16.69
C SER A 1738 33.71 -1.01 -17.58
N GLN A 1739 34.05 -2.27 -17.27
CA GLN A 1739 33.54 -3.37 -18.07
C GLN A 1739 32.02 -3.46 -17.98
N VAL A 1740 31.46 -3.31 -16.79
CA VAL A 1740 30.01 -3.35 -16.66
C VAL A 1740 29.38 -2.17 -17.38
N ILE A 1741 30.04 -1.01 -17.36
CA ILE A 1741 29.55 0.15 -18.08
C ILE A 1741 29.48 -0.14 -19.58
N ARG A 1742 30.51 -0.81 -20.11
CA ARG A 1742 30.61 -1.01 -21.55
C ARG A 1742 29.76 -2.18 -22.04
N ASN A 1743 29.55 -3.20 -21.21
CA ASN A 1743 29.04 -4.48 -21.71
C ASN A 1743 27.51 -4.58 -21.67
N LEU A 1744 26.92 -4.43 -20.49
CA LEU A 1744 25.54 -4.84 -20.28
C LEU A 1744 24.55 -3.97 -21.05
N HIS A 1745 23.36 -4.54 -21.29
CA HIS A 1745 22.25 -3.83 -21.90
C HIS A 1745 20.96 -4.40 -21.29
N VAL A 1746 20.48 -3.76 -20.23
CA VAL A 1746 19.29 -4.21 -19.52
C VAL A 1746 18.08 -3.49 -20.10
N VAL A 1747 16.99 -4.23 -20.27
CA VAL A 1747 15.73 -3.70 -20.80
C VAL A 1747 14.59 -4.07 -19.86
N PHE A 1748 13.70 -3.11 -19.63
CA PHE A 1748 12.54 -3.28 -18.77
C PHE A 1748 11.26 -3.31 -19.59
N THR A 1749 10.29 -4.11 -19.13
CA THR A 1749 9.00 -4.25 -19.79
C THR A 1749 7.88 -4.08 -18.77
N MET A 1750 6.81 -3.43 -19.20
CA MET A 1750 5.66 -3.17 -18.33
C MET A 1750 4.49 -2.75 -19.21
N ASN A 1751 3.28 -3.02 -18.71
CA ASN A 1751 2.04 -2.64 -19.41
C ASN A 1751 1.98 -1.10 -19.44
N PRO A 1752 1.04 -0.46 -20.20
CA PRO A 1752 0.86 1.01 -20.16
C PRO A 1752 -0.14 1.45 -19.09
N SER A 1753 0.26 1.27 -17.84
CA SER A 1753 -0.52 1.70 -16.68
C SER A 1753 0.19 2.90 -16.07
N SER A 1754 -0.40 4.10 -16.25
CA SER A 1754 0.24 5.34 -15.84
C SER A 1754 0.60 5.33 -14.36
N GLU A 1755 -0.27 4.74 -13.53
CA GLU A 1755 0.04 4.59 -12.12
C GLU A 1755 1.24 3.67 -11.93
N GLY A 1756 1.34 2.61 -12.74
CA GLY A 1756 2.53 1.77 -12.68
C GLY A 1756 3.79 2.52 -13.04
N LEU A 1757 3.73 3.35 -14.09
CA LEU A 1757 4.90 4.13 -14.46
C LEU A 1757 5.29 5.11 -13.35
N LYS A 1758 4.30 5.75 -12.73
CA LYS A 1758 4.62 6.67 -11.64
C LYS A 1758 5.23 5.94 -10.45
N ASP A 1759 4.70 4.76 -10.12
CA ASP A 1759 5.28 3.98 -9.04
C ASP A 1759 6.71 3.56 -9.35
N ARG A 1760 6.98 3.17 -10.60
CA ARG A 1760 8.34 2.80 -10.97
C ARG A 1760 9.26 4.01 -10.95
N ALA A 1761 8.76 5.18 -11.35
CA ALA A 1761 9.55 6.40 -11.29
C ALA A 1761 9.92 6.73 -9.85
N ALA A 1762 8.97 6.55 -8.94
CA ALA A 1762 9.26 6.76 -7.52
C ALA A 1762 10.29 5.75 -7.02
N THR A 1763 9.96 4.45 -7.09
CA THR A 1763 10.81 3.43 -6.51
C THR A 1763 12.16 3.30 -7.22
N SER A 1764 12.26 3.76 -8.47
CA SER A 1764 13.52 3.67 -9.20
C SER A 1764 13.58 4.75 -10.27
N PRO A 1765 13.98 5.99 -9.93
CA PRO A 1765 14.10 7.02 -10.97
C PRO A 1765 15.14 6.71 -12.03
N ALA A 1766 16.06 5.78 -11.75
CA ALA A 1766 17.01 5.37 -12.78
C ALA A 1766 16.31 4.75 -13.98
N LEU A 1767 15.10 4.21 -13.77
CA LEU A 1767 14.31 3.69 -14.89
C LEU A 1767 13.81 4.80 -15.81
N PHE A 1768 13.96 6.07 -15.44
CA PHE A 1768 13.59 7.20 -16.29
C PHE A 1768 14.73 8.20 -16.45
N ASN A 1769 15.95 7.83 -16.09
CA ASN A 1769 17.13 8.69 -16.22
C ASN A 1769 18.35 8.01 -16.81
N ARG A 1770 18.39 6.67 -16.86
CA ARG A 1770 19.55 5.93 -17.34
C ARG A 1770 19.16 4.92 -18.42
N CYS A 1771 18.01 5.07 -19.06
CA CYS A 1771 17.53 4.09 -20.06
C CYS A 1771 16.45 4.75 -20.90
N VAL A 1772 16.53 4.61 -22.22
CA VAL A 1772 15.55 5.18 -23.12
C VAL A 1772 14.24 4.41 -22.98
N LEU A 1773 13.13 5.11 -23.17
CA LEU A 1773 11.80 4.56 -22.97
C LEU A 1773 11.09 4.46 -24.32
N ASN A 1774 10.64 3.26 -24.65
CA ASN A 1774 9.99 2.97 -25.93
C ASN A 1774 8.53 2.68 -25.69
N TRP A 1775 7.66 3.40 -26.40
CA TRP A 1775 6.21 3.22 -26.31
C TRP A 1775 5.77 2.24 -27.39
N PHE A 1776 5.83 0.95 -27.06
CA PHE A 1776 5.32 -0.06 -27.97
C PHE A 1776 3.81 0.10 -28.17
N GLY A 1777 3.09 0.38 -27.09
CA GLY A 1777 1.66 0.54 -27.16
C GLY A 1777 0.94 -0.76 -27.48
N ASP A 1778 0.14 -0.75 -28.56
CA ASP A 1778 -0.60 -1.92 -29.00
C ASP A 1778 -0.55 -1.96 -30.52
N TRP A 1779 -0.73 -3.16 -31.07
CA TRP A 1779 -0.71 -3.33 -32.52
C TRP A 1779 -1.82 -2.49 -33.14
N SER A 1780 -1.43 -1.49 -33.92
CA SER A 1780 -2.41 -0.63 -34.56
C SER A 1780 -3.21 -1.41 -35.59
N THR A 1781 -4.21 -0.75 -36.17
CA THR A 1781 -5.06 -1.40 -37.17
C THR A 1781 -4.26 -1.82 -38.39
N GLU A 1782 -3.32 -0.98 -38.83
CA GLU A 1782 -2.54 -1.31 -40.03
C GLU A 1782 -1.65 -2.53 -39.79
N ALA A 1783 -0.95 -2.56 -38.65
CA ALA A 1783 -0.08 -3.70 -38.36
C ALA A 1783 -0.90 -4.97 -38.21
N LEU A 1784 -2.04 -4.90 -37.52
CA LEU A 1784 -2.87 -6.08 -37.32
C LEU A 1784 -3.42 -6.57 -38.65
N TYR A 1785 -3.84 -5.64 -39.52
CA TYR A 1785 -4.29 -6.00 -40.85
C TYR A 1785 -3.19 -6.71 -41.63
N GLN A 1786 -1.96 -6.19 -41.55
CA GLN A 1786 -0.86 -6.84 -42.24
C GLN A 1786 -0.62 -8.24 -41.70
N VAL A 1787 -0.73 -8.40 -40.38
CA VAL A 1787 -0.54 -9.72 -39.77
C VAL A 1787 -1.56 -10.70 -40.34
N GLY A 1788 -2.84 -10.31 -40.32
CA GLY A 1788 -3.87 -11.20 -40.82
C GLY A 1788 -3.70 -11.52 -42.29
N LYS A 1789 -3.42 -10.49 -43.09
CA LYS A 1789 -3.29 -10.68 -44.54
C LYS A 1789 -2.12 -11.60 -44.87
N GLU A 1790 -0.99 -11.42 -44.20
CA GLU A 1790 0.19 -12.21 -44.52
C GLU A 1790 0.19 -13.58 -43.87
N PHE A 1791 -0.66 -13.82 -42.87
CA PHE A 1791 -0.75 -15.16 -42.28
C PHE A 1791 -1.88 -16.00 -42.88
N THR A 1792 -2.91 -15.38 -43.45
CA THR A 1792 -4.03 -16.11 -44.05
C THR A 1792 -3.83 -16.35 -45.55
N SER A 1793 -2.59 -16.27 -46.03
CA SER A 1793 -2.33 -16.51 -47.45
C SER A 1793 -2.59 -17.97 -47.83
N LYS A 1794 -2.30 -18.90 -46.93
CA LYS A 1794 -2.42 -20.32 -47.23
C LYS A 1794 -3.87 -20.76 -47.47
N MET A 1795 -4.85 -19.96 -47.08
CA MET A 1795 -6.25 -20.31 -47.25
C MET A 1795 -6.73 -19.91 -48.65
N ASP A 1796 -7.79 -20.58 -49.09
CA ASP A 1796 -8.40 -20.31 -50.40
C ASP A 1796 -9.54 -19.30 -50.25
N LEU A 1797 -9.19 -18.14 -49.72
CA LEU A 1797 -10.16 -17.07 -49.48
C LEU A 1797 -10.30 -16.23 -50.76
N GLU A 1798 -10.87 -16.87 -51.79
CA GLU A 1798 -11.08 -16.25 -53.09
C GLU A 1798 -12.55 -16.36 -53.45
N LYS A 1799 -13.20 -15.22 -53.66
CA LYS A 1799 -14.58 -15.16 -54.13
C LYS A 1799 -14.61 -14.27 -55.37
N PRO A 1800 -14.49 -14.84 -56.59
CA PRO A 1800 -14.43 -13.97 -57.78
C PRO A 1800 -15.64 -13.08 -57.96
N ASN A 1801 -16.82 -13.51 -57.54
CA ASN A 1801 -18.06 -12.77 -57.75
C ASN A 1801 -18.44 -11.88 -56.59
N TYR A 1802 -17.60 -11.79 -55.55
CA TYR A 1802 -17.92 -10.93 -54.41
C TYR A 1802 -18.00 -9.48 -54.87
N ILE A 1803 -19.06 -8.79 -54.43
CA ILE A 1803 -19.31 -7.40 -54.79
C ILE A 1803 -19.30 -6.58 -53.51
N VAL A 1804 -18.71 -5.40 -53.58
CA VAL A 1804 -18.53 -4.53 -52.42
C VAL A 1804 -19.75 -3.63 -52.29
N PRO A 1805 -20.48 -3.62 -51.15
CA PRO A 1805 -21.58 -2.66 -51.01
C PRO A 1805 -21.14 -1.21 -51.06
N ASP A 1806 -22.11 -0.29 -51.09
CA ASP A 1806 -21.80 1.13 -51.19
C ASP A 1806 -21.06 1.63 -49.96
N TYR A 1807 -21.50 1.21 -48.76
CA TYR A 1807 -20.90 1.61 -47.50
C TYR A 1807 -20.17 0.41 -46.91
N MET A 1808 -18.93 0.62 -46.46
CA MET A 1808 -18.11 -0.46 -45.86
C MET A 1808 -17.77 -0.09 -44.42
N PRO A 1809 -17.79 -1.04 -43.43
CA PRO A 1809 -17.29 -0.76 -42.07
C PRO A 1809 -15.76 -0.85 -42.00
N VAL A 1810 -15.10 0.19 -42.50
CA VAL A 1810 -13.65 0.20 -42.60
C VAL A 1810 -13.06 0.31 -41.21
N VAL A 1811 -12.35 -0.73 -40.79
CA VAL A 1811 -11.66 -0.74 -39.49
C VAL A 1811 -10.17 -0.51 -39.74
N TYR A 1812 -9.66 -0.97 -40.88
CA TYR A 1812 -8.28 -0.75 -41.30
C TYR A 1812 -8.29 0.28 -42.42
N ASP A 1813 -7.64 1.42 -42.19
CA ASP A 1813 -7.59 2.46 -43.20
C ASP A 1813 -6.73 2.01 -44.38
N LYS A 1814 -6.92 2.70 -45.52
CA LYS A 1814 -6.12 2.46 -46.72
C LYS A 1814 -6.44 1.10 -47.35
N LEU A 1815 -7.73 0.74 -47.39
CA LEU A 1815 -8.15 -0.41 -48.17
C LEU A 1815 -8.23 -0.03 -49.64
N PRO A 1816 -8.18 -1.00 -50.56
CA PRO A 1816 -8.43 -0.69 -51.96
C PRO A 1816 -9.83 -0.14 -52.14
N GLN A 1817 -9.99 0.79 -53.09
CA GLN A 1817 -11.31 1.36 -53.32
C GLN A 1817 -12.32 0.29 -53.75
N PRO A 1818 -11.99 -0.64 -54.65
CA PRO A 1818 -12.70 -1.93 -54.68
C PRO A 1818 -11.99 -2.99 -53.87
N PRO A 1819 -12.17 -3.07 -52.53
CA PRO A 1819 -11.51 -4.15 -51.79
C PRO A 1819 -11.92 -5.52 -52.31
N SER A 1820 -10.93 -6.41 -52.40
CA SER A 1820 -11.18 -7.76 -52.88
C SER A 1820 -11.86 -8.60 -51.80
N HIS A 1821 -12.10 -9.87 -52.11
CA HIS A 1821 -12.69 -10.77 -51.13
C HIS A 1821 -11.74 -10.99 -49.95
N ARG A 1822 -10.47 -11.29 -50.25
CA ARG A 1822 -9.50 -11.49 -49.17
C ARG A 1822 -9.31 -10.22 -48.37
N GLU A 1823 -9.34 -9.07 -49.04
CA GLU A 1823 -9.18 -7.79 -48.35
C GLU A 1823 -10.29 -7.59 -47.33
N ALA A 1824 -11.55 -7.79 -47.75
CA ALA A 1824 -12.67 -7.61 -46.83
C ALA A 1824 -12.67 -8.66 -45.73
N ILE A 1825 -12.27 -9.89 -46.06
CA ILE A 1825 -12.23 -10.94 -45.04
C ILE A 1825 -11.21 -10.58 -43.97
N VAL A 1826 -10.03 -10.11 -44.38
CA VAL A 1826 -9.03 -9.73 -43.39
C VAL A 1826 -9.46 -8.47 -42.63
N ASN A 1827 -10.21 -7.58 -43.29
CA ASN A 1827 -10.78 -6.44 -42.59
C ASN A 1827 -11.71 -6.90 -41.47
N SER A 1828 -12.54 -7.91 -41.76
CA SER A 1828 -13.39 -8.49 -40.73
C SER A 1828 -12.55 -9.16 -39.64
N CYS A 1829 -11.46 -9.82 -40.02
CA CYS A 1829 -10.59 -10.45 -39.04
C CYS A 1829 -10.00 -9.41 -38.08
N VAL A 1830 -9.71 -8.22 -38.60
CA VAL A 1830 -9.28 -7.14 -37.73
C VAL A 1830 -10.45 -6.64 -36.88
N PHE A 1831 -11.63 -6.56 -37.48
CA PHE A 1831 -12.79 -6.01 -36.78
C PHE A 1831 -13.20 -6.86 -35.60
N VAL A 1832 -13.04 -8.19 -35.69
CA VAL A 1832 -13.45 -9.03 -34.57
C VAL A 1832 -12.60 -8.73 -33.34
N HIS A 1833 -11.32 -8.42 -33.51
CA HIS A 1833 -10.52 -7.98 -32.38
C HIS A 1833 -10.82 -6.54 -31.99
N GLN A 1834 -11.19 -5.70 -32.96
CA GLN A 1834 -11.54 -4.32 -32.64
C GLN A 1834 -12.79 -4.25 -31.79
N THR A 1835 -13.73 -5.18 -31.96
CA THR A 1835 -14.96 -5.17 -31.17
C THR A 1835 -14.68 -5.37 -29.69
N LEU A 1836 -13.69 -6.19 -29.35
CA LEU A 1836 -13.45 -6.51 -27.95
C LEU A 1836 -13.09 -5.28 -27.15
N HIS A 1837 -12.42 -4.30 -27.77
CA HIS A 1837 -12.11 -3.06 -27.07
C HIS A 1837 -13.39 -2.34 -26.67
N GLN A 1838 -14.33 -2.21 -27.61
CA GLN A 1838 -15.61 -1.58 -27.30
C GLN A 1838 -16.36 -2.37 -26.25
N ALA A 1839 -16.31 -3.71 -26.34
CA ALA A 1839 -17.02 -4.55 -25.38
C ALA A 1839 -16.47 -4.34 -23.96
N ASN A 1840 -15.14 -4.35 -23.82
CA ASN A 1840 -14.54 -4.12 -22.51
C ASN A 1840 -14.85 -2.71 -22.01
N ALA A 1841 -14.81 -1.71 -22.91
CA ALA A 1841 -15.10 -0.35 -22.49
C ALA A 1841 -16.52 -0.23 -21.97
N ARG A 1842 -17.49 -0.78 -22.71
CA ARG A 1842 -18.87 -0.74 -22.26
C ARG A 1842 -19.06 -1.50 -20.95
N LEU A 1843 -18.44 -2.68 -20.83
CA LEU A 1843 -18.61 -3.47 -19.63
C LEU A 1843 -18.03 -2.77 -18.41
N ALA A 1844 -16.84 -2.17 -18.55
CA ALA A 1844 -16.25 -1.43 -17.45
C ALA A 1844 -17.04 -0.17 -17.12
N LYS A 1845 -17.66 0.44 -18.13
CA LYS A 1845 -18.51 1.59 -17.89
C LYS A 1845 -19.66 1.23 -16.96
N ARG A 1846 -20.18 0.01 -17.07
CA ARG A 1846 -21.22 -0.50 -16.19
C ARG A 1846 -20.65 -1.14 -14.93
N GLY A 1847 -19.38 -0.90 -14.62
CA GLY A 1847 -18.79 -1.43 -13.40
C GLY A 1847 -18.48 -2.91 -13.44
N GLY A 1848 -18.39 -3.51 -14.63
CA GLY A 1848 -18.11 -4.92 -14.74
C GLY A 1848 -16.62 -5.23 -14.77
N ARG A 1849 -16.31 -6.51 -14.66
CA ARG A 1849 -14.93 -7.00 -14.68
C ARG A 1849 -14.57 -7.37 -16.11
N THR A 1850 -13.55 -6.70 -16.65
CA THR A 1850 -13.03 -6.98 -17.98
C THR A 1850 -11.73 -7.77 -17.84
N MET A 1851 -11.20 -8.21 -18.99
CA MET A 1851 -9.90 -8.87 -19.04
C MET A 1851 -9.18 -8.40 -20.29
N ALA A 1852 -7.86 -8.56 -20.29
CA ALA A 1852 -7.03 -8.04 -21.36
C ALA A 1852 -7.35 -8.72 -22.70
N ILE A 1853 -7.20 -7.94 -23.77
CA ILE A 1853 -7.46 -8.41 -25.13
C ILE A 1853 -6.21 -8.06 -25.94
N THR A 1854 -5.29 -9.00 -26.01
CA THR A 1854 -3.94 -8.78 -26.49
C THR A 1854 -3.70 -9.47 -27.84
N PRO A 1855 -2.56 -9.20 -28.48
CA PRO A 1855 -2.30 -9.82 -29.80
C PRO A 1855 -2.29 -11.34 -29.80
N ARG A 1856 -1.91 -11.98 -28.69
CA ARG A 1856 -1.89 -13.44 -28.66
C ARG A 1856 -3.29 -14.01 -28.91
N HIS A 1857 -4.32 -13.31 -28.42
CA HIS A 1857 -5.69 -13.68 -28.75
C HIS A 1857 -5.91 -13.63 -30.26
N TYR A 1858 -5.36 -12.61 -30.92
CA TYR A 1858 -5.52 -12.50 -32.37
C TYR A 1858 -4.79 -13.64 -33.08
N LEU A 1859 -3.61 -14.01 -32.60
CA LEU A 1859 -2.89 -15.13 -33.20
C LEU A 1859 -3.71 -16.42 -33.07
N ASP A 1860 -4.28 -16.66 -31.89
CA ASP A 1860 -5.14 -17.82 -31.71
C ASP A 1860 -6.35 -17.75 -32.64
N PHE A 1861 -6.93 -16.57 -32.79
CA PHE A 1861 -8.09 -16.41 -33.66
C PHE A 1861 -7.74 -16.76 -35.10
N ILE A 1862 -6.60 -16.27 -35.58
CA ILE A 1862 -6.24 -16.51 -36.98
C ILE A 1862 -5.91 -17.98 -37.19
N ASN A 1863 -5.17 -18.59 -36.27
CA ASN A 1863 -4.84 -20.01 -36.43
C ASN A 1863 -6.11 -20.86 -36.39
N HIS A 1864 -7.03 -20.55 -35.49
CA HIS A 1864 -8.30 -21.29 -35.45
C HIS A 1864 -9.10 -21.07 -36.72
N TYR A 1865 -9.08 -19.86 -37.26
CA TYR A 1865 -9.77 -19.58 -38.52
C TYR A 1865 -9.22 -20.45 -39.64
N ALA A 1866 -7.89 -20.54 -39.73
CA ALA A 1866 -7.28 -21.38 -40.76
C ALA A 1866 -7.64 -22.85 -40.58
N ASN A 1867 -7.51 -23.35 -39.36
CA ASN A 1867 -7.82 -24.77 -39.11
C ASN A 1867 -9.28 -25.06 -39.41
N LEU A 1868 -10.18 -24.18 -38.99
CA LEU A 1868 -11.60 -24.39 -39.22
C LEU A 1868 -11.95 -24.35 -40.71
N PHE A 1869 -11.39 -23.39 -41.45
CA PHE A 1869 -11.66 -23.34 -42.88
C PHE A 1869 -11.16 -24.60 -43.57
N HIS A 1870 -9.95 -25.05 -43.21
CA HIS A 1870 -9.41 -26.27 -43.79
C HIS A 1870 -10.31 -27.46 -43.49
N GLU A 1871 -10.72 -27.62 -42.23
CA GLU A 1871 -11.53 -28.77 -41.85
C GLU A 1871 -12.89 -28.74 -42.54
N LYS A 1872 -13.54 -27.57 -42.59
CA LYS A 1872 -14.85 -27.48 -43.21
C LYS A 1872 -14.78 -27.78 -44.70
N ARG A 1873 -13.78 -27.23 -45.39
CA ARG A 1873 -13.63 -27.51 -46.82
C ARG A 1873 -13.39 -29.00 -47.05
N SER A 1874 -12.51 -29.60 -46.24
CA SER A 1874 -12.21 -31.02 -46.41
C SER A 1874 -13.45 -31.88 -46.19
N GLU A 1875 -14.21 -31.57 -45.13
CA GLU A 1875 -15.40 -32.36 -44.84
C GLU A 1875 -16.44 -32.22 -45.94
N LEU A 1876 -16.65 -31.00 -46.43
CA LEU A 1876 -17.65 -30.80 -47.48
C LEU A 1876 -17.26 -31.53 -48.76
N GLU A 1877 -15.99 -31.45 -49.16
CA GLU A 1877 -15.56 -32.16 -50.36
C GLU A 1877 -15.69 -33.67 -50.18
N GLU A 1878 -15.29 -34.19 -49.03
CA GLU A 1878 -15.39 -35.64 -48.80
C GLU A 1878 -16.84 -36.11 -48.81
N GLN A 1879 -17.73 -35.34 -48.19
CA GLN A 1879 -19.15 -35.70 -48.20
C GLN A 1879 -19.70 -35.66 -49.62
N GLN A 1880 -19.31 -34.66 -50.41
CA GLN A 1880 -19.76 -34.61 -51.79
C GLN A 1880 -19.28 -35.83 -52.58
N MET A 1881 -18.02 -36.23 -52.36
CA MET A 1881 -17.49 -37.38 -53.08
C MET A 1881 -18.23 -38.65 -52.67
N HIS A 1882 -18.51 -38.82 -51.37
CA HIS A 1882 -19.26 -39.99 -50.92
C HIS A 1882 -20.64 -40.01 -51.54
N LEU A 1883 -21.34 -38.87 -51.54
CA LEU A 1883 -22.66 -38.81 -52.15
C LEU A 1883 -22.60 -39.15 -53.63
N ASN A 1884 -21.60 -38.61 -54.33
CA ASN A 1884 -21.51 -38.85 -55.78
C ASN A 1884 -21.25 -40.32 -56.08
N VAL A 1885 -20.34 -40.96 -55.34
CA VAL A 1885 -20.05 -42.36 -55.62
C VAL A 1885 -21.24 -43.25 -55.27
N GLY A 1886 -21.95 -42.92 -54.17
CA GLY A 1886 -23.15 -43.66 -53.85
C GLY A 1886 -24.20 -43.55 -54.94
N LEU A 1887 -24.43 -42.33 -55.42
CA LEU A 1887 -25.39 -42.13 -56.50
C LEU A 1887 -24.94 -42.85 -57.77
N ARG A 1888 -23.64 -42.87 -58.03
CA ARG A 1888 -23.11 -43.55 -59.21
C ARG A 1888 -23.42 -45.04 -59.14
N LYS A 1889 -23.12 -45.67 -58.00
CA LYS A 1889 -23.41 -47.10 -57.88
C LYS A 1889 -24.90 -47.37 -57.95
N ILE A 1890 -25.71 -46.48 -57.36
CA ILE A 1890 -27.17 -46.65 -57.43
C ILE A 1890 -27.64 -46.63 -58.88
N LYS A 1891 -27.19 -45.64 -59.64
CA LYS A 1891 -27.61 -45.53 -61.04
C LYS A 1891 -27.11 -46.72 -61.86
N GLU A 1892 -25.88 -47.18 -61.58
CA GLU A 1892 -25.33 -48.31 -62.32
C GLU A 1892 -26.16 -49.56 -62.07
N THR A 1893 -26.52 -49.83 -60.81
CA THR A 1893 -27.30 -51.02 -60.51
C THR A 1893 -28.74 -50.87 -60.99
N VAL A 1894 -29.26 -49.64 -61.05
CA VAL A 1894 -30.61 -49.43 -61.56
C VAL A 1894 -30.66 -49.71 -63.06
N ASP A 1895 -29.70 -49.17 -63.80
CA ASP A 1895 -29.66 -49.43 -65.24
C ASP A 1895 -29.37 -50.89 -65.53
N GLN A 1896 -28.54 -51.52 -64.71
CA GLN A 1896 -28.23 -52.94 -64.84
C GLN A 1896 -29.50 -53.77 -64.66
N ASN A 2155 -38.58 -59.25 -58.84
CA ASN A 2155 -37.19 -59.38 -58.44
C ASN A 2155 -36.94 -58.75 -57.08
N ARG A 2156 -36.12 -59.41 -56.25
CA ARG A 2156 -35.73 -58.82 -54.98
C ARG A 2156 -34.97 -57.52 -55.18
N SER A 2157 -34.21 -57.42 -56.28
CA SER A 2157 -33.46 -56.19 -56.54
C SER A 2157 -34.40 -55.02 -56.78
N THR A 2158 -35.56 -55.26 -57.40
CA THR A 2158 -36.50 -54.19 -57.64
C THR A 2158 -37.02 -53.60 -56.32
N ALA A 2159 -37.43 -54.47 -55.40
CA ALA A 2159 -37.87 -53.99 -54.08
C ALA A 2159 -36.73 -53.32 -53.33
N LEU A 2160 -35.51 -53.86 -53.45
CA LEU A 2160 -34.36 -53.25 -52.80
C LEU A 2160 -34.15 -51.82 -53.29
N LEU A 2161 -34.14 -51.64 -54.61
CA LEU A 2161 -33.88 -50.31 -55.17
C LEU A 2161 -35.03 -49.36 -54.89
N LYS A 2162 -36.27 -49.86 -54.89
CA LYS A 2162 -37.39 -48.99 -54.56
C LYS A 2162 -37.38 -48.58 -53.09
N SER A 2163 -36.87 -49.46 -52.21
CA SER A 2163 -36.63 -49.05 -50.83
C SER A 2163 -35.55 -47.99 -50.75
N LEU A 2164 -34.48 -48.15 -51.52
CA LEU A 2164 -33.36 -47.22 -51.51
C LEU A 2164 -33.64 -45.92 -52.25
N SER A 2165 -34.77 -45.82 -52.96
CA SER A 2165 -35.09 -44.61 -53.71
C SER A 2165 -35.17 -43.39 -52.81
N ALA A 2166 -35.69 -43.54 -51.58
CA ALA A 2166 -35.80 -42.41 -50.67
C ALA A 2166 -34.42 -41.87 -50.29
N GLU A 2167 -33.50 -42.77 -49.96
CA GLU A 2167 -32.15 -42.34 -49.60
C GLU A 2167 -31.43 -41.77 -50.82
N ARG A 2168 -31.71 -42.30 -52.01
CA ARG A 2168 -31.18 -41.73 -53.24
C ARG A 2168 -31.66 -40.29 -53.41
N GLU A 2169 -32.95 -40.04 -53.17
CA GLU A 2169 -33.48 -38.69 -53.27
C GLU A 2169 -32.83 -37.78 -52.25
N ARG A 2170 -32.66 -38.27 -51.01
CA ARG A 2170 -31.95 -37.49 -49.99
C ARG A 2170 -30.57 -37.06 -50.46
N TRP A 2171 -29.80 -38.03 -50.97
CA TRP A 2171 -28.41 -37.76 -51.32
C TRP A 2171 -28.31 -36.84 -52.53
N GLU A 2172 -29.18 -37.03 -53.53
CA GLU A 2172 -29.15 -36.15 -54.68
C GLU A 2172 -29.57 -34.73 -54.31
N LYS A 2173 -30.58 -34.59 -53.44
CA LYS A 2173 -30.97 -33.27 -52.98
C LYS A 2173 -29.84 -32.59 -52.22
N THR A 2174 -29.12 -33.35 -51.39
CA THR A 2174 -27.97 -32.79 -50.70
C THR A 2174 -26.89 -32.36 -51.67
N SER A 2175 -26.61 -33.18 -52.70
CA SER A 2175 -25.57 -32.85 -53.65
C SER A 2175 -25.93 -31.67 -54.54
N GLU A 2176 -27.24 -31.42 -54.73
CA GLU A 2176 -27.65 -30.37 -55.65
C GLU A 2176 -27.16 -28.99 -55.20
N THR A 2177 -27.27 -28.69 -53.91
CA THR A 2177 -26.95 -27.36 -53.38
C THR A 2177 -25.54 -27.30 -52.79
N PHE A 2178 -24.60 -28.07 -53.36
CA PHE A 2178 -23.25 -28.08 -52.82
C PHE A 2178 -22.56 -26.73 -53.01
N LYS A 2179 -22.86 -26.02 -54.09
CA LYS A 2179 -22.22 -24.73 -54.31
C LYS A 2179 -22.58 -23.74 -53.21
N ASN A 2180 -23.84 -23.73 -52.78
CA ASN A 2180 -24.23 -22.87 -51.67
C ASN A 2180 -23.77 -23.43 -50.32
N GLN A 2181 -23.65 -24.75 -50.21
CA GLN A 2181 -23.07 -25.31 -49.00
C GLN A 2181 -21.61 -24.89 -48.83
N MET A 2182 -20.89 -24.73 -49.93
CA MET A 2182 -19.46 -24.42 -49.89
C MET A 2182 -19.17 -22.94 -49.90
N SER A 2183 -19.98 -22.13 -50.60
CA SER A 2183 -19.66 -20.73 -50.78
C SER A 2183 -19.72 -19.93 -49.48
N THR A 2184 -20.41 -20.44 -48.45
CA THR A 2184 -20.62 -19.72 -47.21
C THR A 2184 -19.63 -20.10 -46.12
N ILE A 2185 -18.61 -20.91 -46.43
CA ILE A 2185 -17.66 -21.32 -45.40
C ILE A 2185 -16.88 -20.12 -44.88
N ALA A 2186 -16.70 -19.08 -45.70
CA ALA A 2186 -15.87 -17.95 -45.30
C ALA A 2186 -16.45 -17.23 -44.08
N GLY A 2187 -17.65 -16.65 -44.23
CA GLY A 2187 -18.23 -15.90 -43.12
C GLY A 2187 -18.60 -16.78 -41.95
N ASP A 2188 -19.09 -17.99 -42.23
CA ASP A 2188 -19.42 -18.92 -41.16
C ASP A 2188 -18.19 -19.24 -40.33
N CYS A 2189 -17.06 -19.51 -40.99
CA CYS A 2189 -15.84 -19.79 -40.25
C CYS A 2189 -15.32 -18.54 -39.55
N LEU A 2190 -15.55 -17.36 -40.13
CA LEU A 2190 -15.17 -16.13 -39.43
C LEU A 2190 -15.89 -16.03 -38.09
N LEU A 2191 -17.21 -16.18 -38.11
CA LEU A 2191 -17.99 -16.15 -36.87
C LEU A 2191 -17.51 -17.23 -35.90
N SER A 2192 -17.38 -18.46 -36.40
CA SER A 2192 -17.06 -19.58 -35.51
C SER A 2192 -15.66 -19.43 -34.91
N ALA A 2193 -14.69 -18.98 -35.72
CA ALA A 2193 -13.33 -18.82 -35.22
C ALA A 2193 -13.25 -17.66 -34.23
N ALA A 2194 -13.97 -16.57 -34.49
CA ALA A 2194 -13.99 -15.48 -33.52
C ALA A 2194 -14.56 -15.96 -32.20
N PHE A 2195 -15.63 -16.77 -32.26
CA PHE A 2195 -16.20 -17.31 -31.03
C PHE A 2195 -15.21 -18.24 -30.34
N ILE A 2196 -14.59 -19.15 -31.08
CA ILE A 2196 -13.71 -20.11 -30.45
C ILE A 2196 -12.45 -19.45 -29.91
N ALA A 2197 -12.15 -18.23 -30.35
CA ALA A 2197 -11.02 -17.49 -29.81
C ALA A 2197 -11.41 -16.70 -28.56
N TYR A 2198 -12.38 -15.79 -28.70
CA TYR A 2198 -12.65 -14.79 -27.67
C TYR A 2198 -13.68 -15.22 -26.65
N ALA A 2199 -14.85 -15.66 -27.10
CA ALA A 2199 -16.08 -15.62 -26.33
C ALA A 2199 -16.11 -16.57 -25.13
N GLY A 2200 -15.02 -17.27 -24.80
CA GLY A 2200 -15.07 -18.21 -23.70
C GLY A 2200 -15.11 -17.56 -22.32
N TYR A 2201 -14.67 -16.31 -22.21
CA TYR A 2201 -14.65 -15.57 -20.92
C TYR A 2201 -15.99 -14.95 -20.60
N PHE A 2202 -16.79 -14.59 -21.61
CA PHE A 2202 -18.00 -13.83 -21.38
C PHE A 2202 -19.12 -14.71 -20.84
N ASP A 2203 -20.16 -14.07 -20.32
CA ASP A 2203 -21.36 -14.75 -19.87
C ASP A 2203 -22.34 -14.86 -21.04
N GLN A 2204 -23.50 -15.46 -20.77
CA GLN A 2204 -24.45 -15.77 -21.84
C GLN A 2204 -24.89 -14.51 -22.57
N GLN A 2205 -25.29 -13.48 -21.82
CA GLN A 2205 -25.77 -12.26 -22.46
C GLN A 2205 -24.66 -11.58 -23.26
N MET A 2206 -23.45 -11.49 -22.68
CA MET A 2206 -22.35 -10.86 -23.40
C MET A 2206 -21.95 -11.68 -24.61
N ARG A 2207 -21.94 -13.01 -24.49
CA ARG A 2207 -21.63 -13.85 -25.64
C ARG A 2207 -22.63 -13.63 -26.76
N GLN A 2208 -23.92 -13.58 -26.43
CA GLN A 2208 -24.94 -13.36 -27.44
C GLN A 2208 -24.80 -12.00 -28.08
N ASN A 2209 -24.55 -10.96 -27.28
CA ASN A 2209 -24.33 -9.63 -27.83
C ASN A 2209 -23.14 -9.61 -28.78
N LEU A 2210 -22.06 -10.28 -28.39
CA LEU A 2210 -20.83 -10.20 -29.17
C LEU A 2210 -21.02 -10.95 -30.49
N PHE A 2211 -21.66 -12.12 -30.45
CA PHE A 2211 -21.97 -12.86 -31.66
C PHE A 2211 -22.90 -12.07 -32.57
N THR A 2212 -23.90 -11.39 -31.99
CA THR A 2212 -24.80 -10.57 -32.79
C THR A 2212 -24.04 -9.44 -33.49
N THR A 2213 -23.11 -8.82 -32.78
CA THR A 2213 -22.31 -7.75 -33.39
C THR A 2213 -21.48 -8.28 -34.53
N TRP A 2214 -20.84 -9.45 -34.35
CA TRP A 2214 -20.08 -10.05 -35.44
C TRP A 2214 -20.95 -10.30 -36.66
N SER A 2215 -22.13 -10.90 -36.43
CA SER A 2215 -23.02 -11.21 -37.54
C SER A 2215 -23.49 -9.94 -38.25
N HIS A 2216 -23.80 -8.90 -37.47
CA HIS A 2216 -24.24 -7.65 -38.10
C HIS A 2216 -23.13 -7.02 -38.93
N HIS A 2217 -21.90 -7.07 -38.43
CA HIS A 2217 -20.80 -6.53 -39.22
C HIS A 2217 -20.58 -7.34 -40.49
N LEU A 2218 -20.70 -8.66 -40.41
CA LEU A 2218 -20.58 -9.47 -41.63
C LEU A 2218 -21.70 -9.13 -42.61
N GLN A 2219 -22.91 -8.88 -42.08
CA GLN A 2219 -24.00 -8.46 -42.95
C GLN A 2219 -23.69 -7.14 -43.65
N GLN A 2220 -23.10 -6.19 -42.92
CA GLN A 2220 -22.78 -4.90 -43.51
C GLN A 2220 -21.76 -5.02 -44.64
N ALA A 2221 -20.89 -6.03 -44.58
CA ALA A 2221 -19.77 -6.17 -45.50
C ALA A 2221 -20.06 -7.12 -46.66
N ASN A 2222 -21.28 -7.64 -46.78
CA ASN A 2222 -21.65 -8.59 -47.83
C ASN A 2222 -20.72 -9.80 -47.75
N ILE A 2223 -20.82 -10.51 -46.63
CA ILE A 2223 -20.11 -11.76 -46.40
C ILE A 2223 -21.15 -12.87 -46.34
N GLN A 2224 -20.88 -13.97 -47.04
CA GLN A 2224 -21.83 -15.06 -47.11
C GLN A 2224 -21.68 -15.95 -45.88
N PHE A 2225 -22.75 -16.05 -45.10
CA PHE A 2225 -22.73 -16.84 -43.87
C PHE A 2225 -24.16 -17.24 -43.54
N ARG A 2226 -24.33 -18.45 -43.02
CA ARG A 2226 -25.63 -18.95 -42.63
C ARG A 2226 -26.01 -18.40 -41.26
N THR A 2227 -27.27 -17.96 -41.13
CA THR A 2227 -27.75 -17.32 -39.92
C THR A 2227 -28.45 -18.30 -38.97
N ASP A 2228 -29.26 -19.22 -39.50
CA ASP A 2228 -30.06 -20.10 -38.67
C ASP A 2228 -29.26 -21.23 -38.03
N ILE A 2229 -28.01 -21.45 -38.43
CA ILE A 2229 -27.22 -22.56 -37.92
C ILE A 2229 -26.67 -22.16 -36.55
N ALA A 2230 -27.04 -22.93 -35.53
CA ALA A 2230 -26.59 -22.63 -34.17
C ALA A 2230 -25.12 -22.98 -34.01
N ARG A 2231 -24.48 -22.34 -33.03
CA ARG A 2231 -23.04 -22.39 -32.90
C ARG A 2231 -22.55 -23.80 -32.57
N THR A 2232 -23.12 -24.41 -31.54
CA THR A 2232 -22.71 -25.77 -31.19
C THR A 2232 -23.14 -26.75 -32.28
N GLU A 2233 -24.35 -26.59 -32.80
CA GLU A 2233 -24.81 -27.46 -33.87
C GLU A 2233 -24.02 -27.23 -35.15
N TYR A 2234 -23.46 -26.02 -35.31
CA TYR A 2234 -22.58 -25.69 -36.46
C TYR A 2234 -21.29 -26.50 -36.26
N LEU A 2235 -20.57 -26.32 -35.14
CA LEU A 2235 -19.26 -26.95 -34.98
C LEU A 2235 -19.39 -28.38 -34.46
N SER A 2236 -19.94 -28.54 -33.26
CA SER A 2236 -20.05 -29.85 -32.66
C SER A 2236 -21.04 -30.71 -33.46
N ASN A 2237 -20.68 -31.98 -33.64
CA ASN A 2237 -21.51 -32.94 -34.33
C ASN A 2237 -22.27 -33.79 -33.32
N ALA A 2238 -23.01 -34.78 -33.81
CA ALA A 2238 -23.81 -35.62 -32.91
C ALA A 2238 -22.92 -36.46 -32.00
N ASP A 2239 -21.85 -37.03 -32.55
CA ASP A 2239 -21.01 -37.94 -31.76
C ASP A 2239 -20.34 -37.21 -30.60
N GLU A 2240 -19.79 -36.03 -30.87
CA GLU A 2240 -19.14 -35.27 -29.81
C GLU A 2240 -20.14 -34.87 -28.73
N ARG A 2241 -21.33 -34.42 -29.14
CA ARG A 2241 -22.34 -34.03 -28.17
C ARG A 2241 -22.75 -35.21 -27.30
N LEU A 2242 -22.97 -36.37 -27.91
CA LEU A 2242 -23.39 -37.53 -27.15
C LEU A 2242 -22.30 -38.02 -26.22
N ARG A 2243 -21.04 -38.01 -26.69
CA ARG A 2243 -19.94 -38.44 -25.83
C ARG A 2243 -19.77 -37.50 -24.64
N TRP A 2244 -19.90 -36.19 -24.87
CA TRP A 2244 -19.83 -35.25 -23.76
C TRP A 2244 -20.98 -35.44 -22.78
N GLN A 2245 -22.19 -35.66 -23.30
CA GLN A 2245 -23.34 -35.90 -22.42
C GLN A 2245 -23.15 -37.17 -21.60
N ALA A 2246 -22.46 -38.16 -22.17
CA ALA A 2246 -22.11 -39.35 -21.40
C ALA A 2246 -21.07 -39.07 -20.33
N SER A 2247 -20.33 -37.96 -20.46
CA SER A 2247 -19.28 -37.59 -19.51
C SER A 2247 -19.77 -36.60 -18.47
N SER A 2248 -21.05 -36.63 -18.13
CA SER A 2248 -21.66 -35.78 -17.10
C SER A 2248 -21.67 -34.31 -17.48
N LEU A 2249 -21.48 -33.97 -18.74
CA LEU A 2249 -21.68 -32.59 -19.16
C LEU A 2249 -23.17 -32.26 -19.08
N PRO A 2250 -23.55 -31.04 -18.71
CA PRO A 2250 -24.98 -30.68 -18.77
C PRO A 2250 -25.47 -30.66 -20.20
N ALA A 2251 -26.77 -30.38 -20.35
CA ALA A 2251 -27.45 -30.35 -21.64
C ALA A 2251 -27.92 -28.91 -21.88
N ASP A 2252 -27.05 -28.10 -22.44
CA ASP A 2252 -27.38 -26.72 -22.81
C ASP A 2252 -26.27 -26.20 -23.71
N ASP A 2253 -26.45 -24.96 -24.18
CA ASP A 2253 -25.51 -24.39 -25.14
C ASP A 2253 -24.21 -23.94 -24.47
N LEU A 2254 -24.28 -23.42 -23.24
CA LEU A 2254 -23.09 -22.87 -22.61
C LEU A 2254 -22.07 -23.94 -22.28
N CYS A 2255 -22.52 -25.02 -21.65
CA CYS A 2255 -21.60 -26.10 -21.31
C CYS A 2255 -21.08 -26.80 -22.55
N THR A 2256 -21.89 -26.91 -23.60
CA THR A 2256 -21.42 -27.50 -24.85
C THR A 2256 -20.38 -26.61 -25.51
N GLU A 2257 -20.58 -25.29 -25.48
CA GLU A 2257 -19.59 -24.36 -26.01
C GLU A 2257 -18.28 -24.49 -25.24
N ASN A 2258 -18.36 -24.62 -23.92
CA ASN A 2258 -17.15 -24.83 -23.13
C ASN A 2258 -16.50 -26.16 -23.50
N ALA A 2259 -17.29 -27.21 -23.69
CA ALA A 2259 -16.74 -28.52 -23.99
C ALA A 2259 -16.00 -28.52 -25.30
N ILE A 2260 -16.58 -27.91 -26.34
CA ILE A 2260 -15.87 -27.79 -27.61
C ILE A 2260 -14.64 -26.91 -27.43
N MET A 2261 -14.73 -25.89 -26.58
CA MET A 2261 -13.54 -25.11 -26.28
C MET A 2261 -12.46 -25.96 -25.61
N LEU A 2262 -12.85 -27.06 -24.96
CA LEU A 2262 -11.94 -27.94 -24.25
C LEU A 2262 -11.47 -29.12 -25.10
N LYS A 2263 -11.75 -29.11 -26.40
CA LYS A 2263 -11.20 -30.08 -27.35
C LYS A 2263 -10.46 -29.42 -28.49
N ARG A 2264 -10.91 -28.25 -28.94
CA ARG A 2264 -10.24 -27.47 -29.98
C ARG A 2264 -9.70 -26.20 -29.34
N PHE A 2265 -8.39 -26.01 -29.43
CA PHE A 2265 -7.73 -24.89 -28.78
C PHE A 2265 -6.34 -24.73 -29.40
N ASN A 2266 -5.79 -23.52 -29.25
CA ASN A 2266 -4.41 -23.24 -29.65
C ASN A 2266 -3.56 -22.89 -28.44
N ARG A 2267 -3.94 -21.87 -27.67
CA ARG A 2267 -3.41 -21.71 -26.32
C ARG A 2267 -4.15 -22.62 -25.38
N TYR A 2268 -3.48 -23.02 -24.31
CA TYR A 2268 -4.14 -23.90 -23.35
C TYR A 2268 -5.25 -23.12 -22.64
N PRO A 2269 -6.34 -23.80 -22.25
CA PRO A 2269 -7.50 -23.07 -21.76
C PRO A 2269 -7.44 -22.80 -20.25
N LEU A 2270 -8.28 -21.86 -19.84
CA LEU A 2270 -8.42 -21.47 -18.44
C LEU A 2270 -9.90 -21.50 -18.10
N ILE A 2271 -10.33 -22.53 -17.38
CA ILE A 2271 -11.75 -22.74 -17.11
C ILE A 2271 -12.10 -22.08 -15.79
N ILE A 2272 -13.13 -21.25 -15.80
CA ILE A 2272 -13.66 -20.60 -14.61
C ILE A 2272 -14.88 -21.37 -14.17
N ASP A 2273 -14.70 -22.12 -13.08
CA ASP A 2273 -15.72 -23.07 -12.59
C ASP A 2273 -16.33 -22.62 -11.26
N PRO A 2274 -17.49 -21.91 -11.23
CA PRO A 2274 -18.09 -21.61 -9.93
C PRO A 2274 -18.56 -22.84 -9.17
N SER A 2275 -18.86 -23.94 -9.88
CA SER A 2275 -19.49 -25.12 -9.28
C SER A 2275 -18.51 -26.26 -9.03
N GLY A 2276 -17.80 -26.70 -10.07
CA GLY A 2276 -16.99 -27.90 -10.03
C GLY A 2276 -17.35 -28.94 -11.05
N GLN A 2277 -18.35 -28.67 -11.91
CA GLN A 2277 -18.75 -29.65 -12.91
C GLN A 2277 -17.65 -29.87 -13.94
N ALA A 2278 -16.93 -28.82 -14.32
CA ALA A 2278 -15.89 -28.95 -15.33
C ALA A 2278 -14.78 -29.89 -14.86
N THR A 2279 -14.55 -29.97 -13.55
CA THR A 2279 -13.54 -30.89 -13.03
C THR A 2279 -13.90 -32.33 -13.40
N GLU A 2280 -15.11 -32.76 -13.07
CA GLU A 2280 -15.54 -34.11 -13.44
C GLU A 2280 -15.63 -34.27 -14.95
N PHE A 2281 -15.97 -33.20 -15.67
CA PHE A 2281 -16.04 -33.27 -17.13
C PHE A 2281 -14.69 -33.62 -17.72
N ILE A 2282 -13.64 -32.91 -17.30
CA ILE A 2282 -12.29 -33.21 -17.78
C ILE A 2282 -11.82 -34.55 -17.24
N MET A 2283 -12.28 -34.93 -16.04
CA MET A 2283 -11.90 -36.23 -15.48
C MET A 2283 -12.42 -37.36 -16.37
N ASN A 2284 -13.65 -37.24 -16.86
CA ASN A 2284 -14.23 -38.26 -17.73
C ASN A 2284 -13.70 -38.16 -19.16
N GLU A 2285 -13.47 -36.94 -19.65
CA GLU A 2285 -13.12 -36.75 -21.06
C GLU A 2285 -11.80 -37.42 -21.41
N TYR A 2286 -10.81 -37.32 -20.52
CA TYR A 2286 -9.50 -37.92 -20.72
C TYR A 2286 -9.21 -38.99 -19.67
N LYS A 2287 -10.26 -39.72 -19.26
CA LYS A 2287 -10.07 -40.76 -18.25
C LYS A 2287 -9.16 -41.86 -18.75
N ASP A 2288 -9.30 -42.26 -20.03
CA ASP A 2288 -8.52 -43.36 -20.57
C ASP A 2288 -7.02 -43.06 -20.53
N ARG A 2289 -6.64 -41.80 -20.68
CA ARG A 2289 -5.23 -41.42 -20.72
C ARG A 2289 -4.59 -41.33 -19.34
N LYS A 2290 -5.32 -41.69 -18.28
CA LYS A 2290 -4.83 -41.52 -16.90
C LYS A 2290 -4.51 -40.06 -16.62
N ILE A 2291 -5.46 -39.19 -16.99
CA ILE A 2291 -5.31 -37.77 -16.71
C ILE A 2291 -5.31 -37.55 -15.20
N THR A 2292 -4.30 -36.86 -14.71
CA THR A 2292 -4.17 -36.52 -13.30
C THR A 2292 -4.54 -35.06 -13.09
N ARG A 2293 -4.65 -34.67 -11.82
CA ARG A 2293 -4.95 -33.31 -11.45
C ARG A 2293 -4.07 -32.87 -10.29
N THR A 2294 -3.69 -31.60 -10.31
CA THR A 2294 -2.84 -31.02 -9.27
C THR A 2294 -3.13 -29.52 -9.21
N SER A 2295 -2.34 -28.80 -8.41
CA SER A 2295 -2.50 -27.37 -8.26
C SER A 2295 -1.12 -26.74 -8.10
N PHE A 2296 -1.04 -25.45 -8.41
CA PHE A 2296 0.21 -24.72 -8.21
C PHE A 2296 0.63 -24.75 -6.76
N LEU A 2297 -0.32 -24.67 -5.83
CA LEU A 2297 -0.03 -24.77 -4.41
C LEU A 2297 0.39 -26.18 -4.00
N ASP A 2298 0.18 -27.18 -4.85
CA ASP A 2298 0.58 -28.53 -4.54
C ASP A 2298 2.10 -28.65 -4.55
N ASP A 2299 2.62 -29.38 -3.56
CA ASP A 2299 4.08 -29.53 -3.45
C ASP A 2299 4.64 -30.29 -4.64
N ALA A 2300 3.91 -31.29 -5.15
CA ALA A 2300 4.36 -32.13 -6.24
C ALA A 2300 4.01 -31.55 -7.61
N PHE A 2301 3.84 -30.23 -7.70
CA PHE A 2301 3.44 -29.62 -8.97
C PHE A 2301 4.48 -29.87 -10.06
N ARG A 2302 5.76 -29.72 -9.72
CA ARG A 2302 6.80 -29.83 -10.74
C ARG A 2302 6.95 -31.27 -11.24
N LYS A 2303 6.84 -32.25 -10.34
CA LYS A 2303 6.92 -33.64 -10.77
C LYS A 2303 5.74 -34.01 -11.68
N ASN A 2304 4.55 -33.57 -11.31
CA ASN A 2304 3.39 -33.80 -12.17
C ASN A 2304 3.58 -33.14 -13.53
N LEU A 2305 4.09 -31.91 -13.53
CA LEU A 2305 4.40 -31.24 -14.78
C LEU A 2305 5.36 -32.05 -15.63
N GLU A 2306 6.47 -32.49 -15.02
CA GLU A 2306 7.49 -33.23 -15.75
C GLU A 2306 6.91 -34.50 -16.36
N SER A 2307 6.13 -35.23 -15.58
CA SER A 2307 5.50 -36.44 -16.11
C SER A 2307 4.57 -36.10 -17.27
N ALA A 2308 3.80 -35.01 -17.13
CA ALA A 2308 2.85 -34.63 -18.17
C ALA A 2308 3.54 -34.34 -19.49
N LEU A 2309 4.64 -33.57 -19.45
CA LEU A 2309 5.36 -33.32 -20.70
C LEU A 2309 6.02 -34.59 -21.22
N ARG A 2310 6.75 -35.30 -20.35
CA ARG A 2310 7.58 -36.41 -20.80
C ARG A 2310 6.74 -37.52 -21.43
N PHE A 2311 5.67 -37.93 -20.76
CA PHE A 2311 4.85 -39.05 -21.21
C PHE A 2311 3.62 -38.62 -22.00
N GLY A 2312 3.49 -37.33 -22.30
CA GLY A 2312 2.34 -36.85 -23.05
C GLY A 2312 1.02 -36.93 -22.33
N ASN A 2313 1.03 -37.26 -21.04
CA ASN A 2313 -0.21 -37.41 -20.29
C ASN A 2313 -0.78 -36.03 -19.97
N PRO A 2314 -2.03 -35.72 -20.33
CA PRO A 2314 -2.57 -34.41 -19.96
C PRO A 2314 -2.67 -34.26 -18.45
N LEU A 2315 -2.83 -33.00 -18.02
CA LEU A 2315 -2.84 -32.67 -16.61
C LEU A 2315 -3.85 -31.56 -16.36
N LEU A 2316 -4.50 -31.62 -15.20
CA LEU A 2316 -5.47 -30.62 -14.77
C LEU A 2316 -4.86 -29.80 -13.65
N VAL A 2317 -4.74 -28.51 -13.85
CA VAL A 2317 -4.19 -27.59 -12.87
C VAL A 2317 -5.33 -26.72 -12.35
N GLN A 2318 -5.46 -26.64 -11.02
CA GLN A 2318 -6.48 -25.85 -10.37
C GLN A 2318 -5.81 -24.87 -9.41
N ASP A 2319 -6.59 -23.90 -8.95
CA ASP A 2319 -6.13 -22.89 -8.00
C ASP A 2319 -4.98 -22.07 -8.59
N VAL A 2320 -5.30 -21.36 -9.67
CA VAL A 2320 -4.30 -20.74 -10.52
C VAL A 2320 -4.21 -19.23 -10.32
N GLU A 2321 -4.85 -18.69 -9.29
CA GLU A 2321 -4.54 -17.32 -8.89
C GLU A 2321 -3.09 -17.21 -8.43
N SER A 2322 -2.64 -18.19 -7.65
CA SER A 2322 -1.24 -18.25 -7.20
C SER A 2322 -0.40 -18.94 -8.28
N TYR A 2323 -0.33 -18.30 -9.45
CA TYR A 2323 0.34 -18.92 -10.61
C TYR A 2323 1.86 -18.89 -10.50
N ASP A 2324 2.54 -20.03 -10.53
CA ASP A 2324 3.98 -20.14 -10.67
C ASP A 2324 4.31 -19.83 -12.13
N PRO A 2325 4.96 -18.70 -12.45
CA PRO A 2325 5.19 -18.37 -13.86
C PRO A 2325 6.20 -19.27 -14.58
N VAL A 2326 6.71 -20.31 -13.92
CA VAL A 2326 7.61 -21.27 -14.56
C VAL A 2326 6.99 -21.89 -15.80
N LEU A 2327 5.66 -21.93 -15.87
CA LEU A 2327 4.95 -22.52 -17.00
C LEU A 2327 4.81 -21.56 -18.18
N ASN A 2328 5.36 -20.35 -18.09
CA ASN A 2328 5.23 -19.40 -19.18
C ASN A 2328 5.77 -19.90 -20.52
N PRO A 2329 6.95 -20.54 -20.59
CA PRO A 2329 7.41 -21.03 -21.90
C PRO A 2329 6.46 -22.02 -22.54
N VAL A 2330 5.77 -22.84 -21.73
CA VAL A 2330 4.87 -23.83 -22.27
C VAL A 2330 3.72 -23.15 -23.01
N LEU A 2331 3.11 -22.15 -22.38
CA LEU A 2331 2.01 -21.43 -23.01
C LEU A 2331 2.46 -20.70 -24.27
N ASN A 2332 3.74 -20.34 -24.34
CA ASN A 2332 4.26 -19.60 -25.48
C ASN A 2332 4.60 -20.47 -26.67
N ARG A 2333 4.52 -21.80 -26.54
CA ARG A 2333 4.86 -22.72 -27.62
C ARG A 2333 6.30 -22.51 -28.09
N GLU A 2334 7.21 -22.44 -27.14
CA GLU A 2334 8.64 -22.23 -27.39
C GLU A 2334 9.39 -23.52 -27.05
N VAL A 2335 9.92 -24.19 -28.07
CA VAL A 2335 10.64 -25.45 -27.90
C VAL A 2335 11.84 -25.45 -28.83
N ARG A 2336 12.74 -26.41 -28.59
CA ARG A 2336 13.88 -26.64 -29.46
C ARG A 2336 14.00 -28.14 -29.69
N ARG A 2337 14.25 -28.53 -30.94
CA ARG A 2337 14.30 -29.93 -31.33
C ARG A 2337 15.67 -30.27 -31.91
N THR A 2338 16.18 -31.42 -31.49
CA THR A 2338 17.49 -31.96 -31.89
C THR A 2338 17.24 -33.35 -32.45
N GLY A 2339 17.23 -33.47 -33.77
CA GLY A 2339 16.98 -34.74 -34.41
C GLY A 2339 15.65 -35.34 -34.03
N GLY A 2340 15.68 -36.42 -33.24
CA GLY A 2340 14.49 -37.09 -32.76
C GLY A 2340 14.08 -36.75 -31.35
N ARG A 2341 14.62 -35.69 -30.76
CA ARG A 2341 14.32 -35.28 -29.39
C ARG A 2341 13.83 -33.84 -29.39
N VAL A 2342 12.56 -33.63 -29.06
CA VAL A 2342 11.97 -32.30 -28.94
C VAL A 2342 11.90 -31.95 -27.46
N LEU A 2343 12.49 -30.81 -27.09
CA LEU A 2343 12.62 -30.40 -25.69
C LEU A 2343 11.98 -29.04 -25.49
N ILE A 2344 11.48 -28.84 -24.28
CA ILE A 2344 10.88 -27.59 -23.82
C ILE A 2344 11.73 -27.07 -22.67
N THR A 2345 12.10 -25.80 -22.75
CA THR A 2345 12.87 -25.15 -21.70
C THR A 2345 11.96 -24.88 -20.51
N LEU A 2346 12.50 -25.06 -19.30
CA LEU A 2346 11.72 -24.96 -18.08
C LEU A 2346 12.49 -24.22 -16.98
N GLY A 2347 13.61 -23.58 -17.32
CA GLY A 2347 14.38 -22.82 -16.34
C GLY A 2347 15.35 -23.67 -15.56
N ASP A 2348 14.85 -24.67 -14.84
CA ASP A 2348 15.73 -25.60 -14.16
C ASP A 2348 16.59 -26.32 -15.18
N GLN A 2349 15.96 -26.77 -16.27
CA GLN A 2349 16.66 -27.38 -17.40
C GLN A 2349 15.61 -27.62 -18.49
N ASP A 2350 16.09 -27.86 -19.70
CA ASP A 2350 15.21 -28.19 -20.81
C ASP A 2350 15.03 -29.70 -20.89
N ILE A 2351 13.79 -30.14 -21.05
CA ILE A 2351 13.42 -31.55 -20.92
C ILE A 2351 12.50 -31.96 -22.07
N ASP A 2352 12.58 -33.24 -22.43
CA ASP A 2352 11.86 -33.76 -23.57
C ASP A 2352 10.36 -33.82 -23.28
N LEU A 2353 9.56 -33.55 -24.31
CA LEU A 2353 8.11 -33.60 -24.21
C LEU A 2353 7.52 -34.37 -25.39
N SER A 2354 6.36 -34.97 -25.16
CA SER A 2354 5.67 -35.73 -26.18
C SER A 2354 5.06 -34.78 -27.21
N PRO A 2355 4.73 -35.28 -28.41
CA PRO A 2355 4.17 -34.38 -29.43
C PRO A 2355 2.83 -33.78 -29.06
N SER A 2356 2.09 -34.38 -28.13
CA SER A 2356 0.77 -33.89 -27.77
C SER A 2356 0.51 -34.17 -26.30
N PHE A 2357 0.57 -33.13 -25.49
CA PHE A 2357 0.09 -33.16 -24.11
C PHE A 2357 -0.77 -31.93 -23.89
N VAL A 2358 -1.75 -32.04 -23.00
CA VAL A 2358 -2.70 -30.97 -22.76
C VAL A 2358 -2.72 -30.66 -21.27
N ILE A 2359 -2.34 -29.44 -20.91
CA ILE A 2359 -2.40 -28.93 -19.55
C ILE A 2359 -3.61 -28.00 -19.44
N PHE A 2360 -4.38 -28.17 -18.38
CA PHE A 2360 -5.60 -27.41 -18.16
C PHE A 2360 -5.47 -26.58 -16.89
N LEU A 2361 -5.92 -25.33 -16.96
CA LEU A 2361 -5.93 -24.41 -15.83
C LEU A 2361 -7.37 -24.15 -15.42
N SER A 2362 -7.66 -24.27 -14.12
CA SER A 2362 -9.02 -24.17 -13.61
C SER A 2362 -9.07 -23.22 -12.43
N THR A 2363 -10.12 -22.39 -12.40
CA THR A 2363 -10.39 -21.46 -11.32
C THR A 2363 -11.65 -21.87 -10.60
N ARG A 2364 -11.65 -21.74 -9.27
CA ARG A 2364 -12.81 -21.99 -8.44
C ARG A 2364 -13.48 -20.73 -7.94
N ASP A 2365 -12.77 -19.60 -7.84
CA ASP A 2365 -13.37 -18.31 -7.42
C ASP A 2365 -13.54 -17.46 -8.69
N PRO A 2366 -14.76 -17.18 -9.22
CA PRO A 2366 -14.92 -16.36 -10.44
C PRO A 2366 -14.41 -14.93 -10.30
N THR A 2367 -14.24 -14.42 -9.09
CA THR A 2367 -13.76 -13.05 -8.89
C THR A 2367 -12.25 -12.94 -8.96
N VAL A 2368 -11.53 -14.01 -9.33
CA VAL A 2368 -10.08 -13.95 -9.40
C VAL A 2368 -9.66 -12.94 -10.45
N GLU A 2369 -8.70 -12.08 -10.09
CA GLU A 2369 -8.01 -11.19 -11.01
C GLU A 2369 -6.64 -11.79 -11.24
N PHE A 2370 -6.47 -12.43 -12.40
CA PHE A 2370 -5.27 -13.21 -12.66
C PHE A 2370 -4.06 -12.29 -12.81
N PRO A 2371 -2.84 -12.81 -12.57
CA PRO A 2371 -1.64 -11.98 -12.78
C PRO A 2371 -1.47 -11.62 -14.24
N PRO A 2372 -0.57 -10.69 -14.56
CA PRO A 2372 -0.43 -10.26 -15.96
C PRO A 2372 -0.09 -11.37 -16.93
N ASP A 2373 0.73 -12.35 -16.51
CA ASP A 2373 1.19 -13.38 -17.44
C ASP A 2373 0.05 -14.22 -18.01
N LEU A 2374 -1.12 -14.23 -17.35
CA LEU A 2374 -2.28 -14.95 -17.85
C LEU A 2374 -3.26 -14.08 -18.61
N CYS A 2375 -3.05 -12.77 -18.62
CA CYS A 2375 -3.93 -11.82 -19.32
C CYS A 2375 -3.84 -12.06 -20.83
N SER A 2376 -2.80 -12.75 -21.35
CA SER A 2376 -2.58 -12.97 -22.77
C SER A 2376 -2.19 -14.40 -23.13
N ARG A 2377 -1.67 -15.18 -22.21
CA ARG A 2377 -1.05 -16.46 -22.53
C ARG A 2377 -2.03 -17.63 -22.55
N VAL A 2378 -3.33 -17.40 -22.32
CA VAL A 2378 -4.33 -18.45 -22.32
C VAL A 2378 -5.64 -17.91 -22.87
N THR A 2379 -6.57 -18.82 -23.12
CA THR A 2379 -7.92 -18.50 -23.58
C THR A 2379 -8.92 -18.93 -22.51
N PHE A 2380 -9.82 -18.02 -22.15
CA PHE A 2380 -10.72 -18.26 -21.04
C PHE A 2380 -11.90 -19.15 -21.47
N VAL A 2381 -12.52 -19.78 -20.49
CA VAL A 2381 -13.68 -20.64 -20.70
C VAL A 2381 -14.60 -20.47 -19.50
N ASN A 2382 -15.75 -19.86 -19.70
CA ASN A 2382 -16.67 -19.56 -18.61
C ASN A 2382 -17.65 -20.71 -18.42
N PHE A 2383 -17.59 -21.36 -17.27
CA PHE A 2383 -18.59 -22.36 -16.86
C PHE A 2383 -19.71 -21.69 -16.06
N THR A 2384 -20.27 -20.64 -16.63
CA THR A 2384 -21.40 -19.96 -16.00
C THR A 2384 -22.67 -20.79 -16.14
N VAL A 2385 -23.70 -20.39 -15.40
CA VAL A 2385 -25.00 -21.06 -15.40
C VAL A 2385 -26.07 -20.03 -15.68
N THR A 2386 -26.95 -20.33 -16.62
CA THR A 2386 -28.01 -19.43 -17.06
C THR A 2386 -29.37 -20.00 -16.65
N ARG A 2387 -30.42 -19.30 -17.06
CA ARG A 2387 -31.77 -19.65 -16.63
C ARG A 2387 -32.17 -21.05 -17.11
N SER A 2388 -31.79 -21.40 -18.35
CA SER A 2388 -32.21 -22.67 -18.92
C SER A 2388 -31.63 -23.84 -18.12
N SER A 2389 -30.34 -23.77 -17.77
CA SER A 2389 -29.72 -24.87 -17.04
C SER A 2389 -30.36 -25.05 -15.67
N LEU A 2390 -30.60 -23.95 -14.95
CA LEU A 2390 -31.23 -24.06 -13.64
C LEU A 2390 -32.65 -24.59 -13.75
N GLN A 2391 -33.40 -24.14 -14.76
CA GLN A 2391 -34.76 -24.63 -14.94
C GLN A 2391 -34.76 -26.13 -15.20
N SER A 2392 -33.86 -26.60 -16.07
CA SER A 2392 -33.78 -28.03 -16.34
C SER A 2392 -33.41 -28.80 -15.08
N GLN A 2393 -32.45 -28.28 -14.31
CA GLN A 2393 -32.03 -28.96 -13.08
C GLN A 2393 -33.18 -29.04 -12.09
N CYS A 2394 -33.94 -27.95 -11.94
CA CYS A 2394 -35.05 -27.94 -10.99
C CYS A 2394 -36.15 -28.91 -11.42
N LEU A 2395 -36.47 -28.93 -12.72
CA LEU A 2395 -37.49 -29.86 -13.18
C LEU A 2395 -37.05 -31.32 -13.00
N ASN A 2396 -35.79 -31.61 -13.29
CA ASN A 2396 -35.30 -32.97 -13.07
C ASN A 2396 -35.36 -33.33 -11.59
N GLU A 2397 -34.98 -32.39 -10.71
CA GLU A 2397 -35.01 -32.67 -9.28
C GLU A 2397 -36.43 -32.92 -8.78
N VAL A 2398 -37.38 -32.08 -9.21
CA VAL A 2398 -38.74 -32.22 -8.70
C VAL A 2398 -39.39 -33.48 -9.23
N LEU A 2399 -39.16 -33.82 -10.50
CA LEU A 2399 -39.69 -35.07 -11.02
C LEU A 2399 -39.07 -36.26 -10.31
N LYS A 2400 -37.76 -36.24 -10.07
CA LYS A 2400 -37.12 -37.35 -9.38
C LYS A 2400 -37.63 -37.49 -7.95
N ALA A 2401 -37.99 -36.38 -7.32
CA ALA A 2401 -38.38 -36.44 -5.91
C ALA A 2401 -39.83 -36.83 -5.72
N GLU A 2402 -40.75 -36.30 -6.54
CA GLU A 2402 -42.17 -36.60 -6.36
C GLU A 2402 -42.63 -37.80 -7.18
N ARG A 2403 -42.23 -37.88 -8.44
CA ARG A 2403 -42.83 -38.80 -9.43
C ARG A 2403 -41.72 -39.69 -9.98
N PRO A 2404 -41.35 -40.75 -9.26
CA PRO A 2404 -40.34 -41.67 -9.82
C PRO A 2404 -40.73 -42.26 -11.16
N ASP A 2405 -42.01 -42.60 -11.33
CA ASP A 2405 -42.45 -43.21 -12.58
C ASP A 2405 -42.27 -42.24 -13.75
N VAL A 2406 -42.69 -40.98 -13.57
CA VAL A 2406 -42.58 -40.00 -14.64
C VAL A 2406 -41.11 -39.75 -14.98
N ASP A 2407 -40.27 -39.60 -13.96
CA ASP A 2407 -38.85 -39.34 -14.18
C ASP A 2407 -38.20 -40.49 -14.94
N GLU A 2408 -38.38 -41.71 -14.45
CA GLU A 2408 -37.75 -42.87 -15.10
C GLU A 2408 -38.28 -43.06 -16.52
N LYS A 2409 -39.59 -42.87 -16.71
CA LYS A 2409 -40.17 -43.03 -18.04
C LYS A 2409 -39.59 -42.01 -19.01
N ARG A 2410 -39.54 -40.74 -18.61
CA ARG A 2410 -39.00 -39.73 -19.52
C ARG A 2410 -37.53 -39.97 -19.81
N SER A 2411 -36.77 -40.39 -18.80
CA SER A 2411 -35.35 -40.64 -19.01
C SER A 2411 -35.13 -41.79 -19.99
N ASP A 2412 -35.80 -42.92 -19.77
CA ASP A 2412 -35.65 -44.05 -20.66
C ASP A 2412 -36.14 -43.73 -22.07
N LEU A 2413 -37.24 -43.00 -22.17
CA LEU A 2413 -37.77 -42.65 -23.49
C LEU A 2413 -36.84 -41.72 -24.25
N LEU A 2414 -36.26 -40.73 -23.57
CA LEU A 2414 -35.30 -39.85 -24.25
C LEU A 2414 -34.05 -40.61 -24.65
N LYS A 2415 -33.58 -41.52 -23.81
CA LYS A 2415 -32.45 -42.37 -24.19
C LYS A 2415 -32.78 -43.19 -25.42
N LEU A 2416 -33.99 -43.75 -25.47
CA LEU A 2416 -34.41 -44.51 -26.64
C LEU A 2416 -34.45 -43.64 -27.89
N GLN A 2417 -34.97 -42.42 -27.77
CA GLN A 2417 -35.05 -41.53 -28.92
C GLN A 2417 -33.65 -41.17 -29.43
N GLY A 2418 -32.72 -40.88 -28.53
CA GLY A 2418 -31.36 -40.64 -28.94
C GLY A 2418 -30.75 -41.85 -29.63
N GLU A 2419 -31.00 -43.05 -29.09
CA GLU A 2419 -30.52 -44.27 -29.74
C GLU A 2419 -31.11 -44.42 -31.13
N PHE A 2420 -32.40 -44.13 -31.29
CA PHE A 2420 -33.04 -44.25 -32.60
C PHE A 2420 -32.39 -43.32 -33.61
N GLN A 2421 -32.23 -42.04 -33.23
CA GLN A 2421 -31.63 -41.09 -34.17
C GLN A 2421 -30.21 -41.49 -34.52
N LEU A 2422 -29.41 -41.86 -33.51
CA LEU A 2422 -28.03 -42.25 -33.77
C LEU A 2422 -27.97 -43.47 -34.68
N ARG A 2423 -28.83 -44.47 -34.44
CA ARG A 2423 -28.79 -45.68 -35.25
C ARG A 2423 -29.25 -45.41 -36.67
N LEU A 2424 -30.25 -44.53 -36.85
CA LEU A 2424 -30.70 -44.20 -38.20
C LEU A 2424 -29.58 -43.53 -38.99
N ARG A 2425 -28.92 -42.54 -38.39
CA ARG A 2425 -27.84 -41.88 -39.11
C ARG A 2425 -26.66 -42.82 -39.35
N GLN A 2426 -26.36 -43.69 -38.37
CA GLN A 2426 -25.27 -44.65 -38.55
C GLN A 2426 -25.58 -45.64 -39.66
N LEU A 2427 -26.84 -46.07 -39.73
CA LEU A 2427 -27.25 -47.04 -40.74
C LEU A 2427 -27.27 -46.37 -42.09
N GLU A 2428 -27.55 -45.07 -42.23
CA GLU A 2428 -27.40 -44.34 -43.49
C GLU A 2428 -25.93 -44.23 -43.89
N LYS A 2429 -25.06 -43.93 -42.92
CA LYS A 2429 -23.63 -43.85 -43.22
C LYS A 2429 -23.09 -45.20 -43.68
N SER A 2430 -23.52 -46.29 -43.04
CA SER A 2430 -23.10 -47.62 -43.48
C SER A 2430 -23.62 -47.94 -44.88
N LEU A 2431 -24.80 -47.43 -45.23
CA LEU A 2431 -25.30 -47.61 -46.59
C LEU A 2431 -24.47 -46.83 -47.60
N LEU A 2432 -24.00 -45.64 -47.22
CA LEU A 2432 -23.02 -44.96 -48.06
C LEU A 2432 -21.76 -45.80 -48.21
N GLN A 2433 -21.28 -46.37 -47.11
CA GLN A 2433 -20.04 -47.15 -47.15
C GLN A 2433 -20.17 -48.36 -48.05
N ALA A 2434 -21.30 -49.07 -47.97
CA ALA A 2434 -21.50 -50.25 -48.81
C ALA A 2434 -21.61 -49.87 -50.29
N LEU A 2435 -22.28 -48.74 -50.57
CA LEU A 2435 -22.49 -48.31 -51.95
C LEU A 2435 -21.31 -47.56 -52.53
N ASN A 2436 -20.24 -47.34 -51.78
CA ASN A 2436 -19.07 -46.66 -52.30
C ASN A 2436 -18.39 -47.54 -53.35
N ILE A 2442 -25.62 -54.37 -56.25
CA ILE A 2442 -26.82 -55.11 -55.93
C ILE A 2442 -26.90 -56.35 -56.83
N LEU A 2443 -27.05 -56.11 -58.13
CA LEU A 2443 -27.16 -57.20 -59.10
C LEU A 2443 -25.86 -57.97 -59.27
N ASP A 2444 -24.74 -57.46 -58.74
CA ASP A 2444 -23.47 -58.15 -58.92
C ASP A 2444 -23.44 -59.49 -58.17
N ASP A 2445 -23.87 -59.46 -56.90
CA ASP A 2445 -23.75 -60.66 -56.02
C ASP A 2445 -24.81 -60.65 -54.91
N ASP A 2446 -25.20 -61.82 -54.40
CA ASP A 2446 -26.20 -61.98 -53.32
C ASP A 2446 -25.74 -61.37 -52.00
N THR A 2447 -24.44 -61.44 -51.67
CA THR A 2447 -23.86 -60.89 -50.42
C THR A 2447 -24.23 -59.41 -50.27
N ILE A 2448 -24.13 -58.63 -51.35
CA ILE A 2448 -24.46 -57.18 -51.29
C ILE A 2448 -25.94 -57.01 -50.94
N ILE A 2449 -26.82 -57.81 -51.54
CA ILE A 2449 -28.30 -57.76 -51.30
C ILE A 2449 -28.62 -58.15 -49.84
N THR A 2450 -27.93 -59.14 -49.26
CA THR A 2450 -28.21 -59.68 -47.90
C THR A 2450 -28.16 -58.65 -46.77
N THR A 2451 -27.12 -57.81 -46.65
CA THR A 2451 -26.92 -56.88 -45.50
C THR A 2451 -27.95 -55.74 -45.55
N LEU A 2452 -28.37 -55.28 -46.72
CA LEU A 2452 -29.33 -54.20 -47.04
C LEU A 2452 -30.76 -54.56 -46.59
N GLU A 2453 -31.19 -55.83 -46.75
CA GLU A 2453 -32.51 -56.28 -46.23
C GLU A 2453 -32.55 -56.13 -44.69
N ASN A 2454 -31.48 -56.47 -43.96
CA ASN A 2454 -31.42 -56.23 -42.48
C ASN A 2454 -31.53 -54.72 -42.16
N LEU A 2455 -30.90 -53.85 -42.96
CA LEU A 2455 -31.04 -52.37 -42.79
C LEU A 2455 -32.50 -51.91 -43.07
N LYS A 2456 -33.19 -52.47 -44.05
CA LYS A 2456 -34.61 -52.10 -44.24
C LYS A 2456 -35.36 -52.62 -43.01
N ARG A 2457 -34.88 -53.72 -42.43
CA ARG A 2457 -35.46 -54.25 -41.17
C ARG A 2457 -35.21 -53.20 -40.09
N GLU A 2458 -34.09 -52.54 -40.08
CA GLU A 2458 -33.71 -51.51 -39.07
C GLU A 2458 -34.26 -50.16 -39.49
N ALA A 2459 -34.74 -49.96 -40.76
CA ALA A 2459 -35.62 -48.82 -41.14
C ALA A 2459 -36.94 -49.08 -40.41
N ALA A 2460 -37.42 -50.32 -40.33
CA ALA A 2460 -38.61 -50.69 -39.51
C ALA A 2460 -38.31 -50.47 -38.02
N GLU A 2461 -37.09 -50.76 -37.55
CA GLU A 2461 -36.70 -50.41 -36.15
C GLU A 2461 -36.84 -48.89 -35.96
N VAL A 2462 -36.80 -48.04 -37.00
CA VAL A 2462 -37.08 -46.58 -36.82
C VAL A 2462 -38.59 -46.33 -36.74
N THR A 2463 -39.45 -47.24 -37.19
CA THR A 2463 -40.91 -47.15 -36.97
C THR A 2463 -41.05 -47.31 -35.46
N ARG A 2464 -40.16 -48.11 -34.86
CA ARG A 2464 -40.18 -48.27 -33.39
C ARG A 2464 -40.03 -46.86 -32.83
N LYS A 2465 -39.09 -45.99 -33.25
CA LYS A 2465 -38.94 -44.57 -32.80
C LYS A 2465 -40.11 -43.67 -33.19
N VAL A 2466 -40.69 -43.83 -34.37
CA VAL A 2466 -41.85 -43.00 -34.82
C VAL A 2466 -42.92 -43.20 -33.77
N GLU A 2467 -43.09 -44.43 -33.25
CA GLU A 2467 -44.06 -44.71 -32.16
C GLU A 2467 -43.59 -44.17 -30.80
N GLU A 2468 -42.28 -44.23 -30.46
CA GLU A 2468 -41.77 -43.76 -29.12
C GLU A 2468 -41.82 -42.24 -28.85
N THR A 2469 -41.80 -41.32 -29.82
CA THR A 2469 -41.97 -39.84 -29.78
C THR A 2469 -43.39 -39.50 -29.36
N ASP A 2470 -44.38 -40.30 -29.77
CA ASP A 2470 -45.76 -40.05 -29.28
C ASP A 2470 -45.85 -40.41 -27.79
N ILE A 2471 -45.11 -41.40 -27.28
CA ILE A 2471 -45.10 -41.80 -25.83
C ILE A 2471 -44.37 -40.78 -24.94
N VAL A 2472 -43.29 -40.11 -25.41
CA VAL A 2472 -42.55 -39.07 -24.62
C VAL A 2472 -43.19 -37.69 -24.79
N MET A 2473 -44.09 -37.47 -25.76
CA MET A 2473 -44.85 -36.19 -25.82
C MET A 2473 -45.83 -36.30 -24.67
N GLN A 2474 -46.20 -37.53 -24.33
CA GLN A 2474 -47.09 -37.78 -23.15
C GLN A 2474 -46.36 -37.54 -21.82
N GLU A 2475 -45.11 -37.99 -21.58
CA GLU A 2475 -44.36 -37.65 -20.33
C GLU A 2475 -44.00 -36.17 -20.17
N VAL A 2476 -43.72 -35.43 -21.25
CA VAL A 2476 -43.19 -34.03 -21.22
C VAL A 2476 -44.27 -32.95 -21.12
N GLU A 2477 -45.51 -33.24 -21.47
CA GLU A 2477 -46.65 -32.34 -21.29
C GLU A 2477 -47.09 -32.29 -19.83
N THR A 2478 -47.13 -33.44 -19.16
CA THR A 2478 -47.53 -33.47 -17.76
C THR A 2478 -46.60 -32.59 -16.92
N VAL A 2479 -45.29 -32.81 -17.04
CA VAL A 2479 -44.36 -32.05 -16.20
C VAL A 2479 -44.36 -30.58 -16.61
N SER A 2480 -44.45 -30.28 -17.91
CA SER A 2480 -44.39 -28.90 -18.36
C SER A 2480 -45.60 -28.11 -17.88
N GLN A 2481 -46.79 -28.70 -17.95
CA GLN A 2481 -47.98 -27.99 -17.50
C GLN A 2481 -48.02 -27.88 -15.99
N GLN A 2482 -47.60 -28.92 -15.27
CA GLN A 2482 -47.73 -28.92 -13.82
C GLN A 2482 -46.58 -28.20 -13.09
N TYR A 2483 -45.50 -27.84 -13.77
CA TYR A 2483 -44.29 -27.35 -13.12
C TYR A 2483 -43.71 -26.14 -13.84
N LEU A 2484 -44.56 -25.20 -14.22
CA LEU A 2484 -44.08 -23.91 -14.73
C LEU A 2484 -43.66 -23.00 -13.57
N PRO A 2485 -44.54 -22.72 -12.59
CA PRO A 2485 -44.15 -21.76 -11.54
C PRO A 2485 -42.97 -22.23 -10.72
N LEU A 2486 -42.82 -23.53 -10.46
CA LEU A 2486 -41.67 -23.99 -9.70
C LEU A 2486 -40.36 -23.61 -10.37
N SER A 2487 -40.22 -23.94 -11.65
CA SER A 2487 -38.98 -23.66 -12.36
C SER A 2487 -38.76 -22.16 -12.52
N THR A 2488 -39.81 -21.42 -12.87
CA THR A 2488 -39.67 -19.97 -13.03
C THR A 2488 -39.26 -19.32 -11.72
N ALA A 2489 -39.89 -19.72 -10.61
CA ALA A 2489 -39.53 -19.19 -9.31
C ALA A 2489 -38.10 -19.54 -8.94
N CYS A 2490 -37.69 -20.78 -9.21
CA CYS A 2490 -36.33 -21.18 -8.88
C CYS A 2490 -35.31 -20.30 -9.59
N SER A 2491 -35.46 -20.18 -10.91
CA SER A 2491 -34.49 -19.39 -11.69
C SER A 2491 -34.50 -17.93 -11.26
N SER A 2492 -35.69 -17.33 -11.15
CA SER A 2492 -35.77 -15.91 -10.81
C SER A 2492 -35.20 -15.64 -9.43
N ILE A 2493 -35.54 -16.50 -8.45
CA ILE A 2493 -35.06 -16.28 -7.09
C ILE A 2493 -33.55 -16.39 -7.06
N TYR A 2494 -33.00 -17.41 -7.73
CA TYR A 2494 -31.56 -17.59 -7.63
C TYR A 2494 -30.80 -16.44 -8.28
N PHE A 2495 -31.28 -15.94 -9.43
CA PHE A 2495 -30.53 -14.86 -10.06
C PHE A 2495 -30.72 -13.54 -9.32
N THR A 2496 -31.92 -13.26 -8.80
CA THR A 2496 -32.08 -12.09 -7.94
C THR A 2496 -31.25 -12.22 -6.68
N MET A 2497 -31.01 -13.45 -6.22
CA MET A 2497 -30.22 -13.67 -5.01
C MET A 2497 -28.73 -13.49 -5.28
N GLU A 2498 -28.27 -13.89 -6.46
CA GLU A 2498 -26.88 -13.65 -6.82
C GLU A 2498 -26.63 -12.20 -7.21
N SER A 2499 -27.67 -11.46 -7.58
CA SER A 2499 -27.53 -10.03 -7.83
C SER A 2499 -27.45 -9.21 -6.55
N LEU A 2500 -27.57 -9.84 -5.37
CA LEU A 2500 -27.47 -9.09 -4.12
C LEU A 2500 -26.09 -8.51 -3.88
N LYS A 2501 -25.06 -9.03 -4.54
CA LYS A 2501 -23.69 -8.59 -4.27
C LYS A 2501 -23.48 -7.11 -4.55
N GLN A 2502 -24.36 -6.48 -5.34
CA GLN A 2502 -24.19 -5.07 -5.68
C GLN A 2502 -24.30 -4.16 -4.46
N ILE A 2503 -24.89 -4.63 -3.36
CA ILE A 2503 -25.22 -3.77 -2.22
C ILE A 2503 -24.15 -3.86 -1.14
N HIS A 2504 -23.52 -5.02 -1.01
CA HIS A 2504 -22.64 -5.27 0.13
C HIS A 2504 -21.54 -6.22 -0.27
N PHE A 2505 -20.48 -6.25 0.55
CA PHE A 2505 -19.36 -7.16 0.36
C PHE A 2505 -19.58 -8.51 1.01
N LEU A 2506 -20.51 -8.61 1.97
CA LEU A 2506 -20.86 -9.89 2.57
C LEU A 2506 -21.88 -10.68 1.74
N TYR A 2507 -22.51 -10.06 0.75
CA TYR A 2507 -23.60 -10.68 0.01
C TYR A 2507 -23.06 -11.55 -1.13
N GLN A 2508 -22.33 -12.59 -0.74
CA GLN A 2508 -21.78 -13.57 -1.67
C GLN A 2508 -22.46 -14.91 -1.41
N TYR A 2509 -23.08 -15.47 -2.44
CA TYR A 2509 -23.84 -16.71 -2.33
C TYR A 2509 -23.49 -17.63 -3.49
N SER A 2510 -23.51 -18.93 -3.21
CA SER A 2510 -23.12 -19.96 -4.17
C SER A 2510 -24.34 -20.68 -4.72
N LEU A 2511 -24.11 -21.54 -5.70
CA LEU A 2511 -25.17 -22.37 -6.23
C LEU A 2511 -25.53 -23.50 -5.28
N GLN A 2512 -24.55 -23.98 -4.49
CA GLN A 2512 -24.84 -24.99 -3.48
C GLN A 2512 -25.84 -24.47 -2.46
N PHE A 2513 -25.82 -23.17 -2.18
CA PHE A 2513 -26.82 -22.55 -1.31
C PHE A 2513 -28.24 -22.85 -1.82
N PHE A 2514 -28.49 -22.53 -3.08
CA PHE A 2514 -29.81 -22.76 -3.65
C PHE A 2514 -30.13 -24.24 -3.79
N LEU A 2515 -29.12 -25.07 -4.09
CA LEU A 2515 -29.36 -26.50 -4.17
C LEU A 2515 -29.82 -27.06 -2.83
N ASP A 2516 -29.15 -26.66 -1.74
CA ASP A 2516 -29.57 -27.10 -0.42
C ASP A 2516 -30.96 -26.56 -0.08
N ILE A 2517 -31.23 -25.29 -0.42
CA ILE A 2517 -32.54 -24.72 -0.12
C ILE A 2517 -33.64 -25.51 -0.81
N TYR A 2518 -33.49 -25.77 -2.10
CA TYR A 2518 -34.54 -26.50 -2.80
C TYR A 2518 -34.62 -27.95 -2.35
N HIS A 2519 -33.47 -28.57 -2.05
CA HIS A 2519 -33.48 -29.95 -1.56
C HIS A 2519 -34.27 -30.06 -0.27
N ASN A 2520 -34.07 -29.11 0.65
CA ASN A 2520 -34.80 -29.17 1.92
C ASN A 2520 -36.26 -28.76 1.76
N VAL A 2521 -36.55 -27.74 0.97
CA VAL A 2521 -37.95 -27.34 0.79
C VAL A 2521 -38.73 -28.41 0.05
N LEU A 2522 -38.07 -29.27 -0.71
CA LEU A 2522 -38.74 -30.39 -1.37
C LEU A 2522 -38.89 -31.59 -0.44
N TYR A 2523 -37.77 -32.10 0.07
CA TYR A 2523 -37.83 -33.30 0.90
C TYR A 2523 -38.49 -33.01 2.24
N GLU A 2524 -38.31 -31.81 2.79
CA GLU A 2524 -38.86 -31.43 4.09
C GLU A 2524 -40.02 -30.45 3.94
N ASN A 2525 -40.76 -30.54 2.84
CA ASN A 2525 -41.95 -29.72 2.67
C ASN A 2525 -42.98 -30.10 3.72
N PRO A 2526 -43.73 -29.14 4.29
CA PRO A 2526 -44.85 -29.52 5.19
C PRO A 2526 -46.08 -29.96 4.41
N ASN A 2527 -45.93 -31.04 3.65
CA ASN A 2527 -46.97 -31.54 2.75
C ASN A 2527 -47.44 -30.44 1.80
N THR A 2532 -52.21 -35.38 0.58
CA THR A 2532 -51.06 -35.49 -0.31
C THR A 2532 -51.50 -35.42 -1.78
N ASP A 2533 -52.24 -34.37 -2.12
CA ASP A 2533 -52.68 -34.14 -3.49
C ASP A 2533 -51.61 -33.38 -4.26
N HIS A 2534 -51.54 -33.65 -5.57
CA HIS A 2534 -50.49 -33.05 -6.40
C HIS A 2534 -50.62 -31.54 -6.43
N THR A 2535 -51.84 -31.03 -6.67
CA THR A 2535 -52.04 -29.59 -6.69
C THR A 2535 -51.77 -28.98 -5.32
N GLN A 2536 -52.19 -29.65 -4.25
CA GLN A 2536 -51.88 -29.19 -2.90
C GLN A 2536 -50.38 -29.15 -2.68
N ARG A 2537 -49.68 -30.21 -3.09
CA ARG A 2537 -48.23 -30.24 -2.94
C ARG A 2537 -47.56 -29.09 -3.67
N LEU A 2538 -48.01 -28.83 -4.90
CA LEU A 2538 -47.38 -27.77 -5.69
C LEU A 2538 -47.67 -26.39 -5.11
N SER A 2539 -48.89 -26.13 -4.66
CA SER A 2539 -49.18 -24.83 -4.04
C SER A 2539 -48.38 -24.66 -2.76
N ILE A 2540 -48.32 -25.71 -1.93
CA ILE A 2540 -47.58 -25.61 -0.68
C ILE A 2540 -46.11 -25.36 -0.94
N ILE A 2541 -45.53 -26.06 -1.92
CA ILE A 2541 -44.11 -25.84 -2.20
C ILE A 2541 -43.89 -24.47 -2.83
N THR A 2542 -44.87 -23.96 -3.59
CA THR A 2542 -44.74 -22.61 -4.14
C THR A 2542 -44.63 -21.59 -3.02
N LYS A 2543 -45.43 -21.76 -1.96
CA LYS A 2543 -45.30 -20.86 -0.81
C LYS A 2543 -44.01 -21.14 -0.03
N ASP A 2544 -43.65 -22.41 0.12
CA ASP A 2544 -42.56 -22.79 1.01
C ASP A 2544 -41.21 -22.43 0.44
N LEU A 2545 -41.04 -22.46 -0.89
CA LEU A 2545 -39.79 -22.01 -1.49
C LEU A 2545 -39.54 -20.55 -1.15
N PHE A 2546 -40.56 -19.70 -1.35
CA PHE A 2546 -40.44 -18.30 -0.97
C PHE A 2546 -40.07 -18.16 0.50
N GLN A 2547 -40.80 -18.86 1.38
CA GLN A 2547 -40.57 -18.71 2.80
C GLN A 2547 -39.15 -19.13 3.21
N VAL A 2548 -38.75 -20.34 2.81
CA VAL A 2548 -37.45 -20.85 3.24
C VAL A 2548 -36.33 -20.04 2.61
N ALA A 2549 -36.49 -19.62 1.34
CA ALA A 2549 -35.47 -18.80 0.71
C ALA A 2549 -35.29 -17.49 1.46
N PHE A 2550 -36.40 -16.83 1.82
CA PHE A 2550 -36.30 -15.58 2.56
C PHE A 2550 -35.61 -15.80 3.90
N ASN A 2551 -36.02 -16.84 4.63
CA ASN A 2551 -35.46 -17.07 5.95
C ASN A 2551 -33.96 -17.32 5.86
N ARG A 2552 -33.54 -18.23 4.96
CA ARG A 2552 -32.13 -18.58 4.85
C ARG A 2552 -31.29 -17.39 4.38
N VAL A 2553 -31.82 -16.59 3.45
CA VAL A 2553 -31.07 -15.44 2.95
C VAL A 2553 -30.90 -14.41 4.06
N ALA A 2554 -31.99 -14.06 4.74
CA ALA A 2554 -31.96 -12.91 5.62
C ALA A 2554 -31.41 -13.23 7.00
N ARG A 2555 -31.30 -14.50 7.38
CA ARG A 2555 -30.61 -14.81 8.62
C ARG A 2555 -29.12 -14.53 8.56
N GLY A 2556 -28.57 -14.29 7.37
CA GLY A 2556 -27.19 -13.88 7.22
C GLY A 2556 -27.06 -12.52 6.55
N MET A 2557 -27.92 -11.59 6.91
CA MET A 2557 -27.96 -10.26 6.29
C MET A 2557 -28.22 -9.22 7.37
N LEU A 2558 -27.71 -8.02 7.15
CA LEU A 2558 -27.94 -6.92 8.08
C LEU A 2558 -29.39 -6.46 8.03
N HIS A 2559 -29.84 -5.85 9.13
CA HIS A 2559 -31.28 -5.61 9.29
C HIS A 2559 -31.80 -4.56 8.31
N GLN A 2560 -30.99 -3.55 7.99
CA GLN A 2560 -31.50 -2.44 7.18
C GLN A 2560 -31.99 -2.89 5.81
N ASP A 2561 -31.54 -4.05 5.33
CA ASP A 2561 -31.98 -4.61 4.05
C ASP A 2561 -32.81 -5.89 4.22
N HIS A 2562 -33.14 -6.29 5.45
CA HIS A 2562 -34.00 -7.45 5.62
C HIS A 2562 -35.34 -7.26 4.93
N ILE A 2563 -35.85 -6.03 4.93
CA ILE A 2563 -37.05 -5.73 4.13
C ILE A 2563 -36.72 -5.81 2.64
N THR A 2564 -35.57 -5.25 2.25
CA THR A 2564 -35.27 -4.95 0.84
C THR A 2564 -35.39 -6.19 -0.04
N PHE A 2565 -34.48 -7.14 0.18
CA PHE A 2565 -34.52 -8.38 -0.61
C PHE A 2565 -35.87 -9.07 -0.48
N ALA A 2566 -36.49 -8.98 0.71
CA ALA A 2566 -37.79 -9.60 0.91
C ALA A 2566 -38.80 -9.07 -0.10
N MET A 2567 -38.82 -7.75 -0.27
CA MET A 2567 -39.80 -7.18 -1.19
C MET A 2567 -39.53 -7.64 -2.61
N LEU A 2568 -38.26 -7.90 -2.94
CA LEU A 2568 -37.99 -8.36 -4.30
C LEU A 2568 -38.54 -9.76 -4.52
N LEU A 2569 -38.66 -10.56 -3.47
CA LEU A 2569 -39.38 -11.82 -3.63
C LEU A 2569 -40.83 -11.55 -4.00
N ALA A 2570 -41.44 -10.54 -3.37
CA ALA A 2570 -42.78 -10.13 -3.78
C ALA A 2570 -42.80 -9.52 -5.17
N ARG A 2571 -41.65 -9.16 -5.73
CA ARG A 2571 -41.61 -8.77 -7.14
C ARG A 2571 -41.95 -9.93 -8.06
N ILE A 2572 -41.75 -11.17 -7.61
CA ILE A 2572 -41.94 -12.35 -8.45
C ILE A 2572 -43.05 -13.23 -7.88
N LYS A 2573 -44.00 -12.62 -7.18
CA LYS A 2573 -45.30 -13.23 -6.93
C LYS A 2573 -46.38 -12.65 -7.84
N LEU A 2574 -46.03 -11.69 -8.70
CA LEU A 2574 -46.95 -11.11 -9.65
C LEU A 2574 -47.01 -11.96 -10.92
N PRO A 2581 -52.35 -9.74 -11.69
CA PRO A 2581 -51.54 -10.45 -12.68
C PRO A 2581 -50.13 -9.88 -12.80
N THR A 2582 -49.97 -8.74 -13.46
CA THR A 2582 -48.69 -8.03 -13.52
C THR A 2582 -48.98 -6.54 -13.55
N TYR A 2583 -48.13 -5.77 -12.88
CA TYR A 2583 -48.33 -4.33 -12.71
C TYR A 2583 -47.03 -3.57 -12.93
N ASP A 2584 -46.17 -4.09 -13.81
CA ASP A 2584 -44.81 -3.60 -13.91
C ASP A 2584 -44.77 -2.15 -14.38
N ALA A 2585 -45.66 -1.77 -15.30
CA ALA A 2585 -45.60 -0.46 -15.93
C ALA A 2585 -45.68 0.66 -14.90
N GLU A 2586 -46.58 0.54 -13.93
CA GLU A 2586 -46.66 1.50 -12.84
C GLU A 2586 -45.78 1.13 -11.66
N PHE A 2587 -45.44 -0.16 -11.50
CA PHE A 2587 -44.60 -0.56 -10.39
C PHE A 2587 -43.22 0.06 -10.48
N GLN A 2588 -42.62 -0.02 -11.66
CA GLN A 2588 -41.22 0.41 -11.86
C GLN A 2588 -41.06 1.93 -11.82
N HIS A 2589 -42.10 2.73 -11.50
CA HIS A 2589 -41.99 4.18 -11.38
C HIS A 2589 -41.15 4.58 -10.18
N PHE A 2590 -41.47 4.06 -8.99
CA PHE A 2590 -40.81 4.54 -7.79
C PHE A 2590 -39.33 4.18 -7.77
N LEU A 2591 -38.89 3.30 -8.65
CA LEU A 2591 -37.46 3.09 -8.89
C LEU A 2591 -36.93 4.04 -9.97
N ARG A 2592 -37.77 4.38 -10.95
CA ARG A 2592 -37.34 5.33 -11.98
C ARG A 2592 -37.07 6.71 -11.38
N GLY A 2593 -38.00 7.22 -10.58
CA GLY A 2593 -37.89 8.56 -10.04
C GLY A 2593 -36.96 8.74 -8.87
N ASN A 2594 -36.34 7.67 -8.40
CA ASN A 2594 -35.47 7.74 -7.23
C ASN A 2594 -34.58 6.51 -7.15
N GLY A 2608 -50.48 23.53 0.38
CA GLY A 2608 -50.78 22.60 1.46
C GLY A 2608 -49.63 21.66 1.76
N LEU A 2609 -49.21 20.90 0.76
CA LEU A 2609 -48.11 19.97 0.93
C LEU A 2609 -46.78 20.70 1.00
N THR A 2610 -45.79 20.03 1.58
CA THR A 2610 -44.44 20.57 1.61
C THR A 2610 -43.82 20.53 0.21
N VAL A 2611 -42.68 21.20 0.08
CA VAL A 2611 -42.00 21.24 -1.21
C VAL A 2611 -41.56 19.84 -1.63
N GLU A 2612 -40.98 19.09 -0.69
CA GLU A 2612 -40.56 17.73 -0.99
C GLU A 2612 -41.77 16.86 -1.34
N GLN A 2613 -42.83 16.96 -0.54
CA GLN A 2613 -44.06 16.24 -0.83
C GLN A 2613 -44.65 16.71 -2.16
N ALA A 2614 -44.59 18.01 -2.43
CA ALA A 2614 -45.15 18.53 -3.68
C ALA A 2614 -44.44 17.94 -4.89
N GLU A 2615 -43.11 17.96 -4.89
CA GLU A 2615 -42.37 17.41 -6.01
C GLU A 2615 -42.57 15.90 -6.13
N ALA A 2616 -42.57 15.19 -5.00
CA ALA A 2616 -42.80 13.75 -5.04
C ALA A 2616 -44.18 13.43 -5.63
N VAL A 2617 -45.19 14.22 -5.26
CA VAL A 2617 -46.54 14.00 -5.75
C VAL A 2617 -46.63 14.31 -7.23
N VAL A 2618 -46.00 15.41 -7.66
CA VAL A 2618 -46.04 15.77 -9.08
C VAL A 2618 -45.34 14.70 -9.91
N ARG A 2619 -44.26 14.13 -9.39
CA ARG A 2619 -43.59 13.04 -10.09
C ARG A 2619 -44.46 11.79 -10.11
N LEU A 2620 -45.13 11.49 -8.99
CA LEU A 2620 -46.07 10.37 -8.96
C LEU A 2620 -47.23 10.56 -9.93
N SER A 2621 -47.56 11.82 -10.25
CA SER A 2621 -48.65 12.11 -11.18
C SER A 2621 -48.34 11.70 -12.62
N CYS A 2622 -47.10 11.30 -12.92
CA CYS A 2622 -46.78 10.84 -14.26
C CYS A 2622 -47.62 9.63 -14.66
N LEU A 2623 -47.90 8.73 -13.71
CA LEU A 2623 -48.72 7.58 -14.03
C LEU A 2623 -50.20 7.97 -14.13
N PRO A 2624 -50.97 7.29 -15.00
CA PRO A 2624 -52.40 7.64 -15.09
C PRO A 2624 -53.17 7.42 -13.80
N ALA A 2625 -52.80 6.40 -13.01
CA ALA A 2625 -53.61 6.01 -11.85
C ALA A 2625 -53.72 7.15 -10.85
N PHE A 2626 -52.65 7.89 -10.63
CA PHE A 2626 -52.63 9.03 -9.74
C PHE A 2626 -52.74 10.35 -10.48
N LYS A 2627 -53.09 10.32 -11.78
CA LYS A 2627 -53.19 11.55 -12.55
C LYS A 2627 -54.25 12.49 -12.01
N ASP A 2628 -55.22 11.99 -11.24
CA ASP A 2628 -56.27 12.80 -10.66
C ASP A 2628 -55.89 13.39 -9.30
N LEU A 2629 -54.71 13.04 -8.76
CA LEU A 2629 -54.34 13.49 -7.42
C LEU A 2629 -54.37 15.00 -7.29
N ILE A 2630 -54.00 15.71 -8.36
CA ILE A 2630 -53.96 17.18 -8.36
C ILE A 2630 -55.30 17.75 -7.93
N ALA A 2631 -56.40 17.07 -8.24
CA ALA A 2631 -57.71 17.47 -7.74
C ALA A 2631 -58.03 16.84 -6.40
N LYS A 2632 -57.70 15.55 -6.23
CA LYS A 2632 -58.17 14.81 -5.06
C LYS A 2632 -57.60 15.39 -3.77
N VAL A 2633 -56.30 15.70 -3.77
CA VAL A 2633 -55.69 16.28 -2.57
C VAL A 2633 -56.33 17.63 -2.25
N GLN A 2634 -56.81 18.35 -3.26
CA GLN A 2634 -57.50 19.61 -2.99
C GLN A 2634 -58.86 19.38 -2.36
N ALA A 2635 -59.50 18.25 -2.66
CA ALA A 2635 -60.86 17.99 -2.18
C ALA A 2635 -60.86 17.26 -0.84
N ASP A 2636 -59.92 16.34 -0.63
CA ASP A 2636 -59.92 15.49 0.56
C ASP A 2636 -59.24 16.22 1.71
N GLU A 2637 -60.05 16.81 2.59
CA GLU A 2637 -59.49 17.43 3.80
C GLU A 2637 -59.07 16.36 4.80
N GLN A 2638 -59.82 15.25 4.85
CA GLN A 2638 -59.41 14.13 5.69
C GLN A 2638 -58.03 13.62 5.29
N PHE A 2639 -57.68 13.74 4.01
CA PHE A 2639 -56.30 13.47 3.61
C PHE A 2639 -55.34 14.45 4.26
N GLY A 2640 -55.72 15.72 4.35
CA GLY A 2640 -54.90 16.69 5.04
C GLY A 2640 -54.69 16.33 6.49
N ILE A 2641 -55.71 15.79 7.14
CA ILE A 2641 -55.56 15.34 8.52
C ILE A 2641 -54.68 14.09 8.58
N TRP A 2642 -54.88 13.17 7.63
CA TRP A 2642 -54.10 11.94 7.61
C TRP A 2642 -52.61 12.21 7.40
N LEU A 2643 -52.29 13.31 6.71
CA LEU A 2643 -50.88 13.68 6.53
C LEU A 2643 -50.18 13.84 7.88
N ASP A 2644 -50.90 14.26 8.91
CA ASP A 2644 -50.38 14.39 10.26
C ASP A 2644 -50.68 13.17 11.13
N SER A 2645 -51.10 12.06 10.53
CA SER A 2645 -51.37 10.86 11.30
C SER A 2645 -50.07 10.28 11.87
N SER A 2646 -50.18 9.64 13.03
CA SER A 2646 -49.02 9.01 13.65
C SER A 2646 -48.66 7.68 12.96
N SER A 2647 -49.66 6.95 12.48
CA SER A 2647 -49.46 5.69 11.78
C SER A 2647 -50.23 5.73 10.46
N PRO A 2648 -49.78 6.54 9.51
CA PRO A 2648 -50.50 6.62 8.22
C PRO A 2648 -50.56 5.31 7.48
N GLU A 2649 -49.55 4.44 7.62
CA GLU A 2649 -49.54 3.18 6.88
C GLU A 2649 -50.73 2.30 7.26
N GLN A 2650 -51.11 2.29 8.54
CA GLN A 2650 -52.20 1.43 8.98
C GLN A 2650 -53.53 1.84 8.36
N THR A 2651 -53.70 3.13 8.07
CA THR A 2651 -54.92 3.64 7.43
C THR A 2651 -54.49 4.62 6.34
N VAL A 2652 -54.57 4.17 5.09
CA VAL A 2652 -54.19 4.94 3.91
C VAL A 2652 -55.47 5.25 3.13
N PRO A 2653 -55.72 6.52 2.76
CA PRO A 2653 -56.80 6.77 1.81
C PRO A 2653 -56.38 6.40 0.40
N TYR A 2654 -57.37 6.00 -0.40
CA TYR A 2654 -57.15 5.55 -1.78
C TYR A 2654 -57.62 6.66 -2.73
N LEU A 2655 -56.70 7.56 -3.05
CA LEU A 2655 -56.95 8.64 -4.01
C LEU A 2655 -56.44 8.24 -5.40
N TRP A 2656 -57.06 7.22 -5.96
CA TRP A 2656 -56.69 6.74 -7.29
C TRP A 2656 -57.77 5.81 -7.84
N THR A 2660 -62.54 -1.14 -14.47
CA THR A 2660 -61.51 -0.59 -13.60
C THR A 2660 -61.50 -1.29 -12.24
N PRO A 2661 -61.10 -2.55 -12.22
CA PRO A 2661 -61.06 -3.31 -10.96
C PRO A 2661 -59.80 -2.98 -10.16
N ALA A 2662 -59.71 -3.57 -8.97
CA ALA A 2662 -58.55 -3.42 -8.11
C ALA A 2662 -58.43 -4.64 -7.22
N THR A 2663 -57.25 -5.23 -7.20
CA THR A 2663 -56.93 -6.38 -6.38
C THR A 2663 -56.22 -5.95 -5.10
N PRO A 2664 -56.13 -6.83 -4.10
CA PRO A 2664 -55.37 -6.46 -2.90
C PRO A 2664 -53.91 -6.12 -3.18
N ILE A 2665 -53.26 -6.86 -4.08
CA ILE A 2665 -51.85 -6.62 -4.34
C ILE A 2665 -51.65 -5.33 -5.12
N GLY A 2666 -52.48 -5.08 -6.14
CA GLY A 2666 -52.42 -3.81 -6.84
C GLY A 2666 -52.70 -2.64 -5.90
N GLN A 2667 -53.68 -2.83 -5.01
CA GLN A 2667 -53.92 -1.82 -3.97
C GLN A 2667 -52.65 -1.57 -3.16
N ALA A 2668 -52.02 -2.63 -2.64
CA ALA A 2668 -50.86 -2.45 -1.78
C ALA A 2668 -49.71 -1.77 -2.53
N ILE A 2669 -49.58 -2.05 -3.82
CA ILE A 2669 -48.58 -1.33 -4.62
C ILE A 2669 -48.93 0.15 -4.67
N HIS A 2670 -50.21 0.47 -4.86
CA HIS A 2670 -50.64 1.86 -4.84
C HIS A 2670 -50.36 2.51 -3.49
N ARG A 2671 -50.54 1.76 -2.41
CA ARG A 2671 -50.28 2.31 -1.07
C ARG A 2671 -48.80 2.58 -0.86
N LEU A 2672 -47.94 1.67 -1.34
CA LEU A 2672 -46.51 1.95 -1.31
C LEU A 2672 -46.17 3.21 -2.10
N LEU A 2673 -46.75 3.37 -3.27
CA LEU A 2673 -46.45 4.56 -4.06
C LEU A 2673 -46.95 5.82 -3.36
N LEU A 2674 -48.13 5.75 -2.73
CA LEU A 2674 -48.67 6.90 -2.03
C LEU A 2674 -47.81 7.28 -0.83
N ILE A 2675 -47.39 6.29 -0.03
CA ILE A 2675 -46.56 6.61 1.12
C ILE A 2675 -45.21 7.14 0.68
N GLN A 2676 -44.67 6.65 -0.43
CA GLN A 2676 -43.45 7.24 -0.98
C GLN A 2676 -43.68 8.70 -1.32
N ALA A 2677 -44.80 9.01 -1.98
CA ALA A 2677 -45.06 10.38 -2.40
C ALA A 2677 -45.23 11.30 -1.21
N PHE A 2678 -45.95 10.86 -0.17
CA PHE A 2678 -46.42 11.74 0.89
C PHE A 2678 -45.64 11.61 2.20
N ARG A 2679 -45.53 10.41 2.75
CA ARG A 2679 -44.93 10.18 4.07
C ARG A 2679 -43.85 9.12 3.94
N PRO A 2680 -42.74 9.45 3.29
CA PRO A 2680 -41.66 8.45 3.14
C PRO A 2680 -41.05 8.02 4.46
N ASP A 2681 -41.22 8.82 5.53
CA ASP A 2681 -40.68 8.46 6.83
C ASP A 2681 -41.19 7.09 7.28
N ARG A 2682 -42.44 6.78 6.97
CA ARG A 2682 -43.04 5.50 7.33
C ARG A 2682 -42.99 4.49 6.18
N LEU A 2683 -42.26 4.80 5.10
CA LEU A 2683 -42.24 3.95 3.91
C LEU A 2683 -41.84 2.52 4.28
N LEU A 2684 -40.75 2.36 5.03
CA LEU A 2684 -40.28 1.04 5.38
C LEU A 2684 -41.36 0.23 6.12
N ALA A 2685 -42.18 0.90 6.92
CA ALA A 2685 -43.28 0.19 7.56
C ALA A 2685 -44.27 -0.33 6.51
N MET A 2686 -44.71 0.55 5.61
CA MET A 2686 -45.75 0.18 4.66
C MET A 2686 -45.27 -0.92 3.74
N ALA A 2687 -43.97 -0.91 3.40
CA ALA A 2687 -43.40 -1.98 2.59
C ALA A 2687 -43.64 -3.35 3.21
N HIS A 2688 -43.54 -3.43 4.55
CA HIS A 2688 -43.82 -4.71 5.20
C HIS A 2688 -45.22 -5.20 4.85
N MET A 2689 -46.21 -4.28 4.89
CA MET A 2689 -47.57 -4.65 4.54
C MET A 2689 -47.64 -5.15 3.10
N PHE A 2690 -46.87 -4.53 2.21
CA PHE A 2690 -46.84 -5.03 0.84
C PHE A 2690 -46.33 -6.46 0.80
N VAL A 2691 -45.29 -6.76 1.57
CA VAL A 2691 -44.81 -8.13 1.66
C VAL A 2691 -45.88 -9.02 2.27
N SER A 2692 -46.72 -8.47 3.15
CA SER A 2692 -47.83 -9.25 3.68
C SER A 2692 -48.92 -9.45 2.63
N THR A 2693 -49.09 -8.47 1.73
CA THR A 2693 -50.17 -8.57 0.74
C THR A 2693 -49.95 -9.69 -0.25
N ASN A 2694 -48.71 -10.15 -0.42
CA ASN A 2694 -48.35 -11.15 -1.41
C ASN A 2694 -47.92 -12.48 -0.82
N LEU A 2695 -47.14 -12.46 0.25
CA LEU A 2695 -46.52 -13.65 0.81
C LEU A 2695 -47.01 -14.02 2.19
N GLY A 2696 -47.70 -13.12 2.89
CA GLY A 2696 -48.30 -13.42 4.18
C GLY A 2696 -47.84 -12.52 5.30
N GLU A 2697 -48.74 -12.23 6.24
CA GLU A 2697 -48.37 -11.40 7.39
C GLU A 2697 -47.34 -12.11 8.26
N SER A 2698 -47.41 -13.43 8.36
CA SER A 2698 -46.43 -14.21 9.09
C SER A 2698 -45.18 -14.51 8.27
N PHE A 2699 -45.08 -14.00 7.05
CA PHE A 2699 -43.91 -14.26 6.22
C PHE A 2699 -42.66 -13.67 6.83
N MET A 2700 -42.79 -12.55 7.55
CA MET A 2700 -41.67 -11.84 8.16
C MET A 2700 -41.55 -12.10 9.65
N SER A 2701 -42.58 -12.64 10.28
CA SER A 2701 -42.63 -12.79 11.73
C SER A 2701 -41.66 -13.83 12.27
N ILE A 2702 -40.94 -14.55 11.40
CA ILE A 2702 -40.01 -15.58 11.89
C ILE A 2702 -38.68 -14.99 12.31
N MET A 2703 -38.43 -13.71 12.01
CA MET A 2703 -37.16 -13.08 12.34
C MET A 2703 -37.15 -12.41 13.69
N GLU A 2704 -38.30 -11.90 14.15
CA GLU A 2704 -38.36 -11.24 15.45
C GLU A 2704 -38.33 -12.27 16.57
N GLN A 2705 -37.19 -12.94 16.73
CA GLN A 2705 -37.00 -13.97 17.73
C GLN A 2705 -35.53 -14.35 17.74
N PRO A 2706 -35.04 -14.98 18.80
CA PRO A 2706 -33.63 -15.38 18.81
C PRO A 2706 -33.40 -16.55 17.88
N LEU A 2707 -32.36 -16.45 17.06
CA LEU A 2707 -32.04 -17.52 16.11
C LEU A 2707 -31.75 -18.81 16.86
N ASP A 2708 -32.57 -19.83 16.65
CA ASP A 2708 -32.33 -21.11 17.30
C ASP A 2708 -31.14 -21.77 16.63
N LEU A 2709 -29.94 -21.48 17.14
CA LEU A 2709 -28.72 -21.92 16.48
C LEU A 2709 -28.64 -23.44 16.40
N THR A 2710 -29.18 -24.15 17.39
CA THR A 2710 -29.13 -25.61 17.35
C THR A 2710 -29.87 -26.15 16.13
N HIS A 2711 -31.09 -25.66 15.89
CA HIS A 2711 -31.90 -26.18 14.80
C HIS A 2711 -31.28 -25.83 13.45
N ILE A 2712 -30.90 -24.57 13.25
CA ILE A 2712 -30.35 -24.17 11.96
C ILE A 2712 -29.01 -24.85 11.70
N VAL A 2713 -28.20 -25.07 12.74
CA VAL A 2713 -26.93 -25.75 12.57
C VAL A 2713 -27.17 -27.22 12.21
N GLY A 2714 -28.12 -27.87 12.89
CA GLY A 2714 -28.40 -29.26 12.58
C GLY A 2714 -29.04 -29.44 11.22
N THR A 2715 -29.72 -28.42 10.72
CA THR A 2715 -30.45 -28.53 9.45
C THR A 2715 -29.58 -28.15 8.25
N GLU A 2716 -29.09 -26.91 8.22
CA GLU A 2716 -28.47 -26.38 7.02
C GLU A 2716 -26.97 -26.63 6.94
N VAL A 2717 -26.30 -26.77 8.09
CA VAL A 2717 -24.85 -26.86 8.13
C VAL A 2717 -24.47 -28.33 8.09
N LYS A 2718 -24.11 -28.81 6.91
CA LYS A 2718 -23.47 -30.11 6.79
C LYS A 2718 -21.99 -29.99 7.11
N PRO A 2719 -21.31 -31.10 7.41
CA PRO A 2719 -19.85 -31.03 7.54
C PRO A 2719 -19.21 -30.60 6.23
N ASN A 2720 -18.05 -29.96 6.34
CA ASN A 2720 -17.29 -29.23 5.30
C ASN A 2720 -17.88 -27.84 5.05
N THR A 2721 -18.97 -27.46 5.71
CA THR A 2721 -19.52 -26.12 5.59
C THR A 2721 -19.01 -25.28 6.76
N PRO A 2722 -18.15 -24.29 6.55
CA PRO A 2722 -17.71 -23.47 7.69
C PRO A 2722 -18.81 -22.53 8.15
N VAL A 2723 -19.00 -22.46 9.47
CA VAL A 2723 -20.06 -21.65 10.05
C VAL A 2723 -19.48 -20.27 10.35
N LEU A 2724 -19.91 -19.27 9.58
CA LEU A 2724 -19.42 -17.91 9.73
C LEU A 2724 -20.39 -17.14 10.61
N MET A 2725 -19.87 -16.51 11.66
CA MET A 2725 -20.64 -15.64 12.55
C MET A 2725 -20.03 -14.25 12.43
N CYS A 2726 -20.66 -13.38 11.64
CA CYS A 2726 -20.20 -12.03 11.43
C CYS A 2726 -21.01 -11.08 12.30
N SER A 2727 -20.32 -10.21 13.02
CA SER A 2727 -20.94 -9.34 14.01
C SER A 2727 -20.69 -7.88 13.69
N VAL A 2728 -21.75 -7.08 13.78
CA VAL A 2728 -21.60 -5.63 13.72
C VAL A 2728 -20.75 -5.18 14.91
N PRO A 2729 -19.89 -4.17 14.80
CA PRO A 2729 -19.03 -3.84 15.94
C PRO A 2729 -19.83 -3.40 17.17
N GLY A 2730 -19.30 -3.74 18.35
CA GLY A 2730 -20.00 -3.57 19.60
C GLY A 2730 -20.77 -4.77 20.06
N TYR A 2731 -20.89 -5.80 19.23
CA TYR A 2731 -21.59 -7.05 19.59
C TYR A 2731 -20.63 -8.19 19.28
N ASP A 2732 -20.37 -9.14 20.19
CA ASP A 2732 -19.62 -10.37 19.95
C ASP A 2732 -20.59 -11.51 19.70
N ALA A 2733 -20.31 -12.31 18.68
CA ALA A 2733 -21.11 -13.50 18.40
C ALA A 2733 -20.61 -14.72 19.15
N SER A 2734 -19.33 -14.74 19.53
CA SER A 2734 -18.74 -15.93 20.15
C SER A 2734 -19.52 -16.35 21.39
N GLY A 2735 -19.98 -15.38 22.18
CA GLY A 2735 -20.71 -15.70 23.39
C GLY A 2735 -21.93 -16.56 23.14
N HIS A 2736 -22.55 -16.42 21.97
CA HIS A 2736 -23.67 -17.30 21.63
C HIS A 2736 -23.18 -18.74 21.49
N VAL A 2737 -22.16 -18.97 20.65
CA VAL A 2737 -21.81 -20.33 20.26
C VAL A 2737 -21.30 -21.11 21.47
N GLU A 2738 -20.55 -20.44 22.35
CA GLU A 2738 -20.10 -21.10 23.57
C GLU A 2738 -21.28 -21.60 24.38
N ASP A 2739 -22.33 -20.79 24.49
CA ASP A 2739 -23.55 -21.26 25.15
C ASP A 2739 -24.10 -22.48 24.43
N LEU A 2740 -24.10 -22.44 23.09
CA LEU A 2740 -24.51 -23.62 22.32
C LEU A 2740 -23.62 -24.80 22.65
N ALA A 2741 -22.31 -24.56 22.79
CA ALA A 2741 -21.41 -25.64 23.19
C ALA A 2741 -21.78 -26.14 24.58
N ALA A 2742 -22.20 -25.25 25.47
CA ALA A 2742 -22.72 -25.68 26.76
C ALA A 2742 -24.06 -26.36 26.61
N GLU A 2743 -24.87 -25.92 25.63
CA GLU A 2743 -26.19 -26.51 25.45
C GLU A 2743 -26.09 -27.96 24.99
N GLN A 2744 -25.27 -28.21 23.96
CA GLN A 2744 -25.18 -29.55 23.39
C GLN A 2744 -24.27 -30.48 24.18
N ASN A 2745 -23.55 -29.98 25.19
CA ASN A 2745 -22.62 -30.79 25.96
C ASN A 2745 -21.54 -31.38 25.05
N THR A 2746 -21.10 -30.58 24.09
CA THR A 2746 -20.11 -31.01 23.09
C THR A 2746 -18.74 -30.46 23.43
N GLN A 2747 -17.71 -31.26 23.15
CA GLN A 2747 -16.32 -30.86 23.41
C GLN A 2747 -15.89 -29.88 22.33
N ILE A 2748 -15.71 -28.62 22.72
CA ILE A 2748 -15.36 -27.54 21.80
C ILE A 2748 -13.94 -27.09 22.09
N THR A 2749 -13.13 -26.99 21.05
CA THR A 2749 -11.80 -26.40 21.13
C THR A 2749 -11.89 -24.94 20.70
N SER A 2750 -11.11 -24.10 21.37
CA SER A 2750 -11.25 -22.66 21.28
C SER A 2750 -9.89 -22.03 21.00
N ILE A 2751 -9.67 -21.61 19.76
CA ILE A 2751 -8.41 -20.97 19.35
C ILE A 2751 -8.70 -19.54 18.91
N ALA A 2752 -7.69 -18.69 19.06
CA ALA A 2752 -7.74 -17.31 18.60
C ALA A 2752 -6.83 -17.14 17.39
N ILE A 2753 -7.15 -16.13 16.58
CA ILE A 2753 -6.45 -15.88 15.32
C ILE A 2753 -5.61 -14.62 15.46
N GLY A 2754 -4.40 -14.68 14.90
CA GLY A 2754 -3.52 -13.53 14.82
C GLY A 2754 -2.05 -13.88 15.04
N SER A 2755 -1.77 -14.87 15.87
CA SER A 2755 -0.42 -15.31 16.15
C SER A 2755 -0.10 -16.57 15.36
N ALA A 2756 1.14 -16.66 14.88
CA ALA A 2756 1.54 -17.83 14.10
C ALA A 2756 1.42 -19.10 14.93
N GLU A 2757 1.82 -19.04 16.20
CA GLU A 2757 1.57 -20.12 17.13
C GLU A 2757 0.08 -20.44 17.20
N GLY A 2758 -0.74 -19.39 17.21
CA GLY A 2758 -2.19 -19.58 17.27
C GLY A 2758 -2.73 -20.31 16.06
N PHE A 2759 -2.28 -19.92 14.86
CA PHE A 2759 -2.76 -20.60 13.66
C PHE A 2759 -2.22 -22.02 13.56
N ASN A 2760 -0.99 -22.26 14.04
CA ASN A 2760 -0.48 -23.63 14.09
C ASN A 2760 -1.39 -24.51 14.95
N GLN A 2761 -1.72 -24.05 16.15
CA GLN A 2761 -2.61 -24.83 17.00
C GLN A 2761 -4.02 -24.93 16.42
N ALA A 2762 -4.49 -23.89 15.72
CA ALA A 2762 -5.80 -23.96 15.09
C ALA A 2762 -5.82 -25.04 14.01
N ASP A 2763 -4.78 -25.11 13.19
CA ASP A 2763 -4.72 -26.14 12.16
C ASP A 2763 -4.64 -27.53 12.78
N LYS A 2764 -3.85 -27.68 13.84
CA LYS A 2764 -3.76 -28.97 14.52
C LYS A 2764 -5.11 -29.38 15.08
N ALA A 2765 -5.82 -28.45 15.73
CA ALA A 2765 -7.12 -28.75 16.30
C ALA A 2765 -8.14 -29.08 15.21
N ILE A 2766 -8.08 -28.39 14.07
CA ILE A 2766 -9.00 -28.69 12.98
C ILE A 2766 -8.75 -30.09 12.46
N ASN A 2767 -7.49 -30.48 12.30
CA ASN A 2767 -7.19 -31.84 11.88
C ASN A 2767 -7.72 -32.86 12.89
N THR A 2768 -7.49 -32.61 14.18
CA THR A 2768 -7.95 -33.54 15.20
C THR A 2768 -9.47 -33.65 15.21
N ALA A 2769 -10.16 -32.52 15.04
CA ALA A 2769 -11.62 -32.52 15.07
C ALA A 2769 -12.20 -33.20 13.84
N VAL A 2770 -11.59 -33.00 12.68
CA VAL A 2770 -12.02 -33.71 11.47
C VAL A 2770 -11.84 -35.21 11.67
N LYS A 2771 -10.73 -35.60 12.30
CA LYS A 2771 -10.50 -37.03 12.53
C LYS A 2771 -11.52 -37.61 13.50
N SER A 2772 -11.75 -36.93 14.62
CA SER A 2772 -12.57 -37.47 15.70
C SER A 2772 -13.96 -36.84 15.79
N GLY A 2773 -14.29 -35.89 14.91
CA GLY A 2773 -15.63 -35.33 14.91
C GLY A 2773 -15.95 -34.46 16.11
N ARG A 2774 -15.17 -33.42 16.33
CA ARG A 2774 -15.33 -32.50 17.46
C ARG A 2774 -15.63 -31.10 16.94
N TRP A 2775 -16.04 -30.24 17.86
CA TRP A 2775 -16.32 -28.85 17.55
C TRP A 2775 -15.05 -28.01 17.72
N VAL A 2776 -14.80 -27.11 16.77
CA VAL A 2776 -13.66 -26.20 16.82
C VAL A 2776 -14.16 -24.81 16.47
N MET A 2777 -13.71 -23.77 17.22
CA MET A 2777 -14.18 -22.37 17.03
C MET A 2777 -13.01 -21.37 17.08
N LEU A 2778 -12.78 -20.58 16.03
CA LEU A 2778 -11.69 -19.63 15.83
C LEU A 2778 -12.21 -18.21 16.03
N LYS A 2779 -11.57 -17.47 16.93
CA LYS A 2779 -12.02 -16.14 17.31
C LYS A 2779 -11.41 -15.07 16.41
N ASN A 2780 -12.27 -14.22 15.84
CA ASN A 2780 -11.87 -13.02 15.11
C ASN A 2780 -10.88 -13.36 13.99
N VAL A 2781 -11.38 -14.13 13.01
CA VAL A 2781 -10.53 -14.70 11.98
C VAL A 2781 -10.13 -13.71 10.90
N HIS A 2782 -10.72 -12.51 10.87
CA HIS A 2782 -10.42 -11.56 9.80
C HIS A 2782 -9.00 -11.00 9.86
N LEU A 2783 -8.23 -11.27 10.92
CA LEU A 2783 -6.90 -10.71 11.06
C LEU A 2783 -5.85 -11.43 10.20
N ALA A 2784 -6.25 -12.31 9.29
CA ALA A 2784 -5.27 -13.00 8.45
C ALA A 2784 -5.92 -13.56 7.19
N PRO A 2785 -6.06 -12.75 6.13
CA PRO A 2785 -6.68 -13.28 4.90
C PRO A 2785 -5.99 -14.51 4.33
N GLY A 2786 -4.66 -14.59 4.42
CA GLY A 2786 -3.97 -15.77 3.94
C GLY A 2786 -4.37 -17.02 4.71
N TRP A 2787 -4.48 -16.90 6.03
CA TRP A 2787 -4.95 -18.02 6.83
C TRP A 2787 -6.39 -18.38 6.47
N LEU A 2788 -7.21 -17.38 6.13
CA LEU A 2788 -8.57 -17.68 5.68
C LEU A 2788 -8.56 -18.48 4.39
N MET A 2789 -7.72 -18.07 3.43
CA MET A 2789 -7.60 -18.80 2.17
C MET A 2789 -7.17 -20.24 2.43
N GLN A 2790 -6.15 -20.42 3.26
CA GLN A 2790 -5.66 -21.76 3.55
C GLN A 2790 -6.75 -22.61 4.20
N LEU A 2791 -7.47 -22.05 5.18
CA LEU A 2791 -8.50 -22.81 5.88
C LEU A 2791 -9.61 -23.21 4.92
N GLU A 2792 -10.10 -22.25 4.13
CA GLU A 2792 -11.20 -22.55 3.21
C GLU A 2792 -10.79 -23.62 2.20
N LYS A 2793 -9.61 -23.46 1.59
CA LYS A 2793 -9.24 -24.38 0.52
C LYS A 2793 -8.85 -25.75 1.07
N LYS A 2794 -8.35 -25.81 2.31
CA LYS A 2794 -8.11 -27.10 2.94
C LYS A 2794 -9.42 -27.80 3.25
N LEU A 2795 -10.36 -27.09 3.86
CA LEU A 2795 -11.61 -27.70 4.28
C LEU A 2795 -12.48 -28.08 3.08
N HIS A 2796 -12.31 -27.42 1.94
CA HIS A 2796 -13.14 -27.73 0.78
C HIS A 2796 -12.97 -29.16 0.29
N SER A 2797 -11.86 -29.81 0.60
CA SER A 2797 -11.49 -31.11 0.04
C SER A 2797 -11.09 -32.08 1.14
N LEU A 2798 -11.91 -32.18 2.18
CA LEU A 2798 -11.70 -33.13 3.27
C LEU A 2798 -13.02 -33.78 3.65
N GLN A 2799 -12.93 -35.00 4.18
CA GLN A 2799 -14.10 -35.69 4.73
C GLN A 2799 -14.12 -35.46 6.25
N PRO A 2800 -15.15 -34.80 6.80
CA PRO A 2800 -15.24 -34.72 8.27
C PRO A 2800 -16.12 -35.81 8.87
N HIS A 2801 -15.70 -36.28 10.03
CA HIS A 2801 -16.54 -37.17 10.82
C HIS A 2801 -17.80 -36.42 11.26
N ALA A 2802 -18.89 -37.17 11.44
CA ALA A 2802 -20.12 -36.58 11.93
C ALA A 2802 -19.89 -35.91 13.28
N CYS A 2803 -20.65 -34.85 13.53
CA CYS A 2803 -20.58 -33.96 14.69
C CYS A 2803 -19.42 -32.97 14.57
N PHE A 2804 -18.59 -33.04 13.54
CA PHE A 2804 -17.58 -32.01 13.35
C PHE A 2804 -18.25 -30.70 12.95
N ARG A 2805 -17.79 -29.61 13.55
CA ARG A 2805 -18.30 -28.29 13.19
C ARG A 2805 -17.19 -27.27 13.39
N LEU A 2806 -16.83 -26.56 12.32
CA LEU A 2806 -15.84 -25.50 12.35
C LEU A 2806 -16.56 -24.15 12.33
N PHE A 2807 -16.27 -23.33 13.34
CA PHE A 2807 -16.92 -22.04 13.53
C PHE A 2807 -15.88 -20.95 13.46
N LEU A 2808 -16.17 -19.87 12.71
CA LEU A 2808 -15.31 -18.70 12.62
C LEU A 2808 -16.11 -17.47 13.01
N THR A 2809 -15.66 -16.77 14.05
CA THR A 2809 -16.28 -15.51 14.45
C THR A 2809 -15.47 -14.35 13.90
N MET A 2810 -16.17 -13.33 13.41
CA MET A 2810 -15.50 -12.21 12.76
C MET A 2810 -16.39 -10.99 12.78
N GLU A 2811 -15.83 -9.87 12.32
CA GLU A 2811 -16.53 -8.59 12.23
C GLU A 2811 -16.66 -8.18 10.77
N ILE A 2812 -17.55 -7.24 10.50
CA ILE A 2812 -17.84 -6.84 9.12
C ILE A 2812 -16.70 -5.99 8.59
N ASN A 2813 -16.07 -6.44 7.50
CA ASN A 2813 -14.95 -5.76 6.85
C ASN A 2813 -14.58 -6.45 5.54
N PRO A 2814 -13.87 -5.75 4.60
CA PRO A 2814 -13.38 -6.40 3.37
C PRO A 2814 -11.98 -6.98 3.49
N LYS A 2815 -11.69 -7.64 4.62
CA LYS A 2815 -10.50 -8.46 4.76
C LYS A 2815 -10.80 -9.95 4.58
N VAL A 2816 -12.04 -10.31 4.29
CA VAL A 2816 -12.45 -11.69 4.12
C VAL A 2816 -12.41 -12.01 2.62
N PRO A 2817 -11.81 -13.13 2.20
CA PRO A 2817 -11.92 -13.51 0.80
C PRO A 2817 -13.33 -13.98 0.46
N VAL A 2818 -13.70 -13.82 -0.81
CA VAL A 2818 -15.03 -14.23 -1.25
C VAL A 2818 -15.23 -15.73 -1.11
N ASN A 2819 -14.15 -16.51 -1.08
CA ASN A 2819 -14.28 -17.96 -0.97
C ASN A 2819 -15.01 -18.36 0.30
N LEU A 2820 -14.67 -17.75 1.44
CA LEU A 2820 -15.36 -18.10 2.67
C LEU A 2820 -16.80 -17.59 2.67
N LEU A 2821 -17.02 -16.39 2.10
CA LEU A 2821 -18.38 -15.85 2.07
C LEU A 2821 -19.31 -16.64 1.16
N ARG A 2822 -18.77 -17.40 0.21
CA ARG A 2822 -19.59 -18.28 -0.64
C ARG A 2822 -19.62 -19.72 -0.15
N ALA A 2823 -18.58 -20.17 0.55
CA ALA A 2823 -18.49 -21.56 0.96
C ALA A 2823 -19.11 -21.84 2.33
N GLY A 2824 -19.22 -20.82 3.18
CA GLY A 2824 -19.71 -21.00 4.53
C GLY A 2824 -21.16 -20.57 4.71
N ARG A 2825 -21.85 -21.27 5.61
CA ARG A 2825 -23.17 -20.84 6.04
C ARG A 2825 -23.00 -19.64 6.96
N ILE A 2826 -23.63 -18.52 6.62
CA ILE A 2826 -23.34 -17.22 7.21
C ILE A 2826 -24.47 -16.80 8.14
N PHE A 2827 -24.11 -16.12 9.22
CA PHE A 2827 -25.07 -15.51 10.13
C PHE A 2827 -24.58 -14.13 10.51
N VAL A 2828 -25.54 -13.20 10.65
CA VAL A 2828 -25.27 -11.83 11.07
C VAL A 2828 -25.75 -11.67 12.50
N PHE A 2829 -24.98 -10.93 13.30
CA PHE A 2829 -25.31 -10.66 14.70
C PHE A 2829 -25.25 -9.17 14.94
N GLU A 2830 -26.30 -8.63 15.55
CA GLU A 2830 -26.37 -7.22 15.91
C GLU A 2830 -27.41 -7.06 16.99
N PRO A 2831 -27.41 -5.94 17.72
CA PRO A 2831 -28.53 -5.65 18.60
C PRO A 2831 -29.80 -5.49 17.78
N PRO A 2832 -30.95 -5.96 18.27
CA PRO A 2832 -32.12 -6.05 17.41
C PRO A 2832 -32.83 -4.72 17.29
N PRO A 2833 -33.85 -4.64 16.43
CA PRO A 2833 -34.65 -3.42 16.33
C PRO A 2833 -35.87 -3.47 17.24
N GLY A 2834 -36.18 -2.33 17.84
CA GLY A 2834 -37.35 -2.21 18.69
C GLY A 2834 -37.15 -2.85 20.05
N VAL A 2835 -37.98 -2.41 20.99
CA VAL A 2835 -37.88 -2.89 22.37
C VAL A 2835 -38.24 -4.37 22.45
N LYS A 2836 -39.31 -4.76 21.75
CA LYS A 2836 -39.84 -6.12 21.89
C LYS A 2836 -38.81 -7.17 21.51
N ALA A 2837 -38.06 -6.92 20.43
CA ALA A 2837 -37.11 -7.92 19.97
C ALA A 2837 -36.01 -8.16 21.00
N ASN A 2838 -35.45 -7.07 21.55
CA ASN A 2838 -34.38 -7.26 22.52
C ASN A 2838 -34.93 -7.87 23.81
N MET A 2839 -36.17 -7.52 24.18
CA MET A 2839 -36.75 -8.11 25.37
C MET A 2839 -36.89 -9.62 25.22
N LEU A 2840 -37.41 -10.07 24.07
CA LEU A 2840 -37.52 -11.50 23.84
C LEU A 2840 -36.16 -12.18 23.79
N ARG A 2841 -35.17 -11.53 23.16
CA ARG A 2841 -33.83 -12.11 23.14
C ARG A 2841 -33.26 -12.20 24.55
N THR A 2842 -33.50 -11.19 25.37
CA THR A 2842 -32.99 -11.19 26.74
C THR A 2842 -33.60 -12.35 27.52
N PHE A 2843 -34.90 -12.55 27.38
CA PHE A 2843 -35.54 -13.68 28.05
C PHE A 2843 -34.98 -15.00 27.54
N SER A 2844 -34.72 -15.07 26.23
CA SER A 2844 -34.15 -16.30 25.67
C SER A 2844 -32.76 -16.58 26.24
N SER A 2845 -31.93 -15.55 26.36
CA SER A 2845 -30.58 -15.74 26.85
C SER A 2845 -30.57 -16.20 28.30
N ILE A 2846 -31.44 -15.63 29.11
CA ILE A 2846 -31.49 -15.95 30.54
C ILE A 2846 -31.95 -17.39 30.70
N PRO A 2847 -31.18 -18.29 31.32
CA PRO A 2847 -31.69 -19.65 31.54
C PRO A 2847 -32.88 -19.62 32.49
N VAL A 2848 -33.85 -20.50 32.22
CA VAL A 2848 -35.06 -20.52 33.05
C VAL A 2848 -34.74 -21.00 34.46
N SER A 2849 -33.72 -21.85 34.61
CA SER A 2849 -33.38 -22.37 35.93
C SER A 2849 -32.94 -21.27 36.89
N ARG A 2850 -32.46 -20.14 36.39
CA ARG A 2850 -31.98 -19.05 37.23
C ARG A 2850 -33.10 -18.09 37.60
N ILE A 2851 -33.81 -17.56 36.60
CA ILE A 2851 -34.84 -16.55 36.84
C ILE A 2851 -36.00 -17.14 37.65
N CYS A 2852 -36.24 -18.44 37.52
CA CYS A 2852 -37.42 -19.04 38.15
C CYS A 2852 -37.28 -19.14 39.66
N LYS A 2853 -36.05 -19.16 40.18
CA LYS A 2853 -35.85 -19.41 41.60
C LYS A 2853 -36.45 -18.27 42.43
N SER A 2854 -37.02 -18.64 43.57
CA SER A 2854 -37.67 -17.66 44.44
C SER A 2854 -36.61 -16.83 45.18
N PRO A 2855 -36.99 -15.66 45.73
CA PRO A 2855 -38.32 -15.03 45.82
C PRO A 2855 -38.89 -14.59 44.48
N ASN A 2856 -40.23 -14.57 44.39
CA ASN A 2856 -40.89 -14.22 43.13
C ASN A 2856 -40.51 -12.83 42.66
N GLU A 2857 -40.20 -11.93 43.61
CA GLU A 2857 -39.85 -10.55 43.29
C GLU A 2857 -38.76 -10.49 42.22
N ARG A 2858 -37.78 -11.40 42.32
CA ARG A 2858 -36.66 -11.45 41.39
C ARG A 2858 -37.16 -11.43 39.94
N ALA A 2859 -38.14 -12.29 39.65
CA ALA A 2859 -38.65 -12.38 38.30
C ALA A 2859 -39.07 -11.02 37.79
N ARG A 2860 -39.89 -10.31 38.56
CA ARG A 2860 -40.35 -9.00 38.13
C ARG A 2860 -39.18 -8.08 37.89
N LEU A 2861 -38.22 -8.08 38.81
CA LEU A 2861 -37.10 -7.16 38.68
C LEU A 2861 -36.32 -7.46 37.40
N TYR A 2862 -36.16 -8.75 37.08
CA TYR A 2862 -35.47 -9.10 35.84
C TYR A 2862 -36.17 -8.46 34.66
N PHE A 2863 -37.50 -8.61 34.61
CA PHE A 2863 -38.27 -7.98 33.54
C PHE A 2863 -38.01 -6.49 33.51
N LEU A 2864 -38.06 -5.84 34.69
CA LEU A 2864 -37.78 -4.42 34.77
C LEU A 2864 -36.42 -4.12 34.16
N LEU A 2865 -35.39 -4.86 34.61
CA LEU A 2865 -34.05 -4.68 34.07
C LEU A 2865 -34.07 -4.83 32.57
N ALA A 2866 -34.70 -5.90 32.09
CA ALA A 2866 -34.76 -6.17 30.65
C ALA A 2866 -35.40 -4.99 29.93
N TRP A 2867 -36.53 -4.51 30.45
CA TRP A 2867 -37.21 -3.38 29.81
C TRP A 2867 -36.27 -2.20 29.71
N PHE A 2868 -35.60 -1.86 30.82
CA PHE A 2868 -34.68 -0.74 30.82
C PHE A 2868 -33.62 -0.93 29.75
N HIS A 2869 -33.03 -2.13 29.69
CA HIS A 2869 -31.96 -2.38 28.73
C HIS A 2869 -32.45 -2.10 27.33
N ALA A 2870 -33.69 -2.53 27.03
CA ALA A 2870 -34.23 -2.33 25.69
C ALA A 2870 -34.28 -0.85 25.33
N ILE A 2871 -34.72 -0.02 26.27
CA ILE A 2871 -34.78 1.42 26.00
C ILE A 2871 -33.39 1.91 25.63
N ILE A 2872 -32.40 1.54 26.44
CA ILE A 2872 -31.02 1.93 26.15
C ILE A 2872 -30.63 1.39 24.78
N GLN A 2873 -30.94 0.13 24.52
CA GLN A 2873 -30.53 -0.50 23.28
C GLN A 2873 -31.18 0.14 22.06
N GLU A 2874 -32.25 0.91 22.25
CA GLU A 2874 -32.83 1.65 21.14
C GLU A 2874 -32.44 3.12 21.15
N ARG A 2875 -32.13 3.68 22.31
CA ARG A 2875 -31.75 5.10 22.36
C ARG A 2875 -30.47 5.32 21.57
N LEU A 2876 -29.55 4.35 21.62
CA LEU A 2876 -28.33 4.44 20.82
C LEU A 2876 -28.66 4.61 19.34
N ARG A 2877 -29.73 3.96 18.87
CA ARG A 2877 -30.07 4.04 17.46
C ARG A 2877 -30.57 5.43 17.06
N TYR A 2878 -30.86 6.31 18.01
CA TYR A 2878 -31.35 7.65 17.73
C TYR A 2878 -30.43 8.70 18.31
N ALA A 2879 -29.13 8.51 18.15
CA ALA A 2879 -28.17 9.53 18.55
C ALA A 2879 -28.32 10.75 17.64
N PRO A 2880 -27.95 11.95 18.12
CA PRO A 2880 -27.42 12.30 19.44
C PRO A 2880 -28.48 12.57 20.50
N LEU A 2881 -29.74 12.65 20.10
CA LEU A 2881 -30.81 12.96 21.05
C LEU A 2881 -30.93 11.86 22.11
N GLY A 2882 -30.86 10.60 21.70
CA GLY A 2882 -30.92 9.52 22.67
C GLY A 2882 -29.71 9.50 23.58
N TRP A 2883 -28.52 9.66 23.01
CA TRP A 2883 -27.28 9.75 23.78
C TRP A 2883 -26.33 10.69 23.05
N SER A 2884 -25.81 11.68 23.78
CA SER A 2884 -24.91 12.65 23.15
C SER A 2884 -23.67 11.95 22.61
N LYS A 2885 -23.12 11.00 23.35
CA LYS A 2885 -22.01 10.17 22.91
C LYS A 2885 -22.53 8.76 22.68
N LYS A 2886 -22.17 8.18 21.54
CA LYS A 2886 -22.69 6.86 21.14
C LYS A 2886 -21.91 5.78 21.88
N TYR A 2887 -22.30 5.58 23.15
CA TYR A 2887 -21.69 4.51 23.94
C TYR A 2887 -22.21 3.15 23.48
N GLU A 2888 -21.41 2.12 23.72
CA GLU A 2888 -21.83 0.75 23.53
C GLU A 2888 -22.35 0.19 24.85
N PHE A 2889 -23.46 -0.54 24.79
CA PHE A 2889 -24.02 -1.25 25.94
C PHE A 2889 -24.29 -2.69 25.48
N GLY A 2890 -23.27 -3.53 25.59
CA GLY A 2890 -23.31 -4.85 24.99
C GLY A 2890 -23.84 -5.93 25.93
N GLU A 2891 -23.57 -7.18 25.54
CA GLU A 2891 -24.05 -8.32 26.33
C GLU A 2891 -23.47 -8.31 27.73
N SER A 2892 -22.17 -8.03 27.85
CA SER A 2892 -21.50 -8.12 29.15
C SER A 2892 -22.10 -7.14 30.14
N ASP A 2893 -22.56 -5.97 29.67
CA ASP A 2893 -23.21 -5.02 30.56
C ASP A 2893 -24.46 -5.62 31.17
N LEU A 2894 -25.30 -6.25 30.34
CA LEU A 2894 -26.51 -6.86 30.87
C LEU A 2894 -26.19 -8.08 31.73
N ARG A 2895 -25.11 -8.80 31.43
CA ARG A 2895 -24.74 -9.95 32.25
C ARG A 2895 -24.30 -9.49 33.64
N SER A 2896 -23.48 -8.45 33.70
CA SER A 2896 -23.11 -7.88 34.99
C SER A 2896 -24.32 -7.29 35.71
N ALA A 2897 -25.27 -6.74 34.95
CA ALA A 2897 -26.50 -6.25 35.57
C ALA A 2897 -27.28 -7.37 36.23
N CYS A 2898 -27.41 -8.50 35.53
CA CYS A 2898 -28.11 -9.65 36.08
C CYS A 2898 -27.37 -10.17 37.31
N ASP A 2899 -26.05 -10.23 37.25
CA ASP A 2899 -25.28 -10.66 38.41
C ASP A 2899 -25.49 -9.72 39.59
N THR A 2900 -25.51 -8.42 39.34
CA THR A 2900 -25.73 -7.45 40.41
C THR A 2900 -27.11 -7.62 41.04
N VAL A 2901 -28.14 -7.75 40.20
CA VAL A 2901 -29.49 -7.93 40.72
C VAL A 2901 -29.59 -9.22 41.53
N ASP A 2902 -29.00 -10.29 41.01
CA ASP A 2902 -29.00 -11.56 41.73
C ASP A 2902 -28.33 -11.43 43.08
N THR A 2903 -27.17 -10.78 43.13
CA THR A 2903 -26.46 -10.63 44.40
C THR A 2903 -27.29 -9.83 45.40
N TRP A 2904 -27.84 -8.69 44.95
CA TRP A 2904 -28.62 -7.84 45.85
C TRP A 2904 -29.80 -8.59 46.42
N LEU A 2905 -30.60 -9.22 45.55
CA LEU A 2905 -31.82 -9.87 46.04
C LEU A 2905 -31.49 -11.10 46.88
N ASP A 2906 -30.47 -11.86 46.49
CA ASP A 2906 -30.10 -13.04 47.26
C ASP A 2906 -29.65 -12.67 48.66
N ASP A 2907 -28.86 -11.60 48.78
CA ASP A 2907 -28.40 -11.19 50.10
C ASP A 2907 -29.45 -10.41 50.89
N THR A 2908 -30.48 -9.88 50.23
CA THR A 2908 -31.49 -9.10 50.95
C THR A 2908 -32.32 -9.99 51.87
N ALA A 2909 -32.85 -11.09 51.34
CA ALA A 2909 -33.78 -11.96 52.07
C ALA A 2909 -33.40 -13.42 51.85
N LYS A 2910 -32.14 -13.76 52.08
CA LYS A 2910 -31.65 -15.12 51.94
C LYS A 2910 -32.52 -16.10 52.71
N GLY A 2911 -33.15 -17.03 51.98
CA GLY A 2911 -33.93 -18.09 52.56
C GLY A 2911 -35.42 -17.85 52.58
N ARG A 2912 -35.86 -16.60 52.46
CA ARG A 2912 -37.28 -16.29 52.49
C ARG A 2912 -37.94 -16.70 51.18
N GLN A 2913 -39.25 -16.50 51.11
CA GLN A 2913 -40.04 -16.77 49.90
C GLN A 2913 -40.78 -15.54 49.40
N ASN A 2914 -40.51 -14.37 49.96
CA ASN A 2914 -41.14 -13.14 49.47
C ASN A 2914 -40.43 -11.95 50.08
N ILE A 2915 -40.23 -10.92 49.27
CA ILE A 2915 -39.65 -9.65 49.70
C ILE A 2915 -40.72 -8.59 49.49
N SER A 2916 -40.91 -7.74 50.48
CA SER A 2916 -41.87 -6.66 50.33
C SER A 2916 -41.36 -5.67 49.28
N PRO A 2917 -42.24 -4.93 48.60
CA PRO A 2917 -41.77 -3.93 47.64
C PRO A 2917 -40.84 -2.89 48.23
N ASP A 2918 -41.06 -2.49 49.48
CA ASP A 2918 -40.22 -1.48 50.10
C ASP A 2918 -38.85 -2.02 50.52
N LYS A 2919 -38.73 -3.34 50.69
CA LYS A 2919 -37.51 -3.93 51.23
C LYS A 2919 -36.46 -4.22 50.16
N ILE A 2920 -36.79 -4.04 48.88
CA ILE A 2920 -35.76 -4.20 47.83
C ILE A 2920 -34.73 -3.09 48.00
N PRO A 2921 -33.41 -3.38 48.00
CA PRO A 2921 -32.44 -2.29 48.12
C PRO A 2921 -32.44 -1.43 46.87
N TRP A 2922 -33.45 -0.58 46.73
CA TRP A 2922 -33.63 0.19 45.50
C TRP A 2922 -32.47 1.15 45.28
N SER A 2923 -32.09 1.91 46.31
CA SER A 2923 -31.03 2.89 46.15
C SER A 2923 -29.69 2.22 45.85
N ALA A 2924 -29.41 1.10 46.49
CA ALA A 2924 -28.13 0.42 46.28
C ALA A 2924 -27.99 -0.06 44.84
N LEU A 2925 -29.02 -0.77 44.35
CA LEU A 2925 -28.98 -1.23 42.98
C LEU A 2925 -28.98 -0.06 42.01
N LYS A 2926 -29.73 1.00 42.32
CA LYS A 2926 -29.74 2.18 41.47
C LYS A 2926 -28.35 2.79 41.35
N THR A 2927 -27.62 2.87 42.47
CA THR A 2927 -26.28 3.44 42.44
C THR A 2927 -25.32 2.54 41.67
N LEU A 2928 -25.34 1.23 41.95
CA LEU A 2928 -24.49 0.31 41.19
C LEU A 2928 -24.83 0.30 39.71
N MET A 2929 -26.05 0.72 39.34
CA MET A 2929 -26.43 0.81 37.93
C MET A 2929 -25.92 2.12 37.33
N ALA A 2930 -26.15 3.24 38.02
CA ALA A 2930 -25.81 4.54 37.46
C ALA A 2930 -24.32 4.77 37.40
N GLN A 2931 -23.54 4.18 38.31
CA GLN A 2931 -22.10 4.50 38.38
C GLN A 2931 -21.23 3.51 37.61
N SER A 2932 -21.44 2.19 37.75
CA SER A 2932 -20.50 1.20 37.24
C SER A 2932 -20.94 0.55 35.94
N ILE A 2933 -22.09 -0.12 35.95
CA ILE A 2933 -22.43 -1.04 34.86
C ILE A 2933 -22.81 -0.27 33.60
N TYR A 2934 -23.92 0.47 33.67
CA TYR A 2934 -24.39 1.27 32.55
C TYR A 2934 -23.88 2.71 32.60
N GLY A 2935 -23.12 3.08 33.62
CA GLY A 2935 -22.50 4.38 33.69
C GLY A 2935 -20.99 4.33 33.58
N GLY A 2936 -20.40 3.13 33.62
CA GLY A 2936 -18.96 3.03 33.46
C GLY A 2936 -18.46 3.62 32.16
N ARG A 2937 -19.16 3.31 31.06
CA ARG A 2937 -18.82 3.90 29.78
C ARG A 2937 -19.36 5.32 29.61
N VAL A 2938 -20.22 5.78 30.52
CA VAL A 2938 -20.74 7.13 30.44
C VAL A 2938 -19.70 8.08 31.01
N ASP A 2939 -19.35 9.11 30.23
CA ASP A 2939 -18.36 10.11 30.63
C ASP A 2939 -18.96 11.51 30.75
N ASN A 2940 -19.65 11.98 29.71
CA ASN A 2940 -20.28 13.29 29.77
C ASN A 2940 -21.35 13.30 30.86
N GLU A 2941 -21.25 14.25 31.78
CA GLU A 2941 -22.10 14.22 32.97
C GLU A 2941 -23.56 14.38 32.64
N PHE A 2942 -23.91 14.96 31.49
CA PHE A 2942 -25.32 15.02 31.09
C PHE A 2942 -25.88 13.63 30.86
N ASP A 2943 -25.09 12.76 30.20
CA ASP A 2943 -25.53 11.39 30.01
C ASP A 2943 -25.63 10.65 31.34
N GLN A 2944 -24.69 10.98 32.26
CA GLN A 2944 -24.63 10.32 33.59
C GLN A 2944 -25.78 10.87 34.36
N ARG A 2945 -26.14 12.13 34.11
CA ARG A 2945 -27.34 12.70 34.76
C ARG A 2945 -28.53 11.95 34.23
N LEU A 2946 -28.70 11.73 32.91
CA LEU A 2946 -29.92 11.12 32.28
C LEU A 2946 -30.04 9.64 32.55
N LEU A 2947 -28.97 8.90 32.79
CA LEU A 2947 -29.00 7.53 33.28
C LEU A 2947 -29.58 7.46 34.69
N ASN A 2948 -29.14 8.37 35.56
CA ASN A 2948 -29.70 8.41 36.91
C ASN A 2948 -31.17 8.79 36.88
N THR A 2949 -31.58 9.67 35.96
CA THR A 2949 -32.99 10.05 35.85
C THR A 2949 -33.84 8.83 35.52
N PHE A 2950 -33.46 8.08 34.50
CA PHE A 2950 -34.22 6.89 34.13
C PHE A 2950 -34.20 5.87 35.26
N LEU A 2951 -33.06 5.70 35.93
CA LEU A 2951 -32.99 4.73 37.02
C LEU A 2951 -33.92 5.12 38.16
N GLU A 2952 -34.00 6.42 38.46
CA GLU A 2952 -34.97 6.89 39.45
C GLU A 2952 -36.40 6.66 38.97
N ARG A 2953 -36.63 6.80 37.67
CA ARG A 2953 -37.97 6.59 37.14
C ARG A 2953 -38.41 5.13 37.30
N LEU A 2954 -37.49 4.19 37.04
CA LEU A 2954 -37.86 2.77 36.98
C LEU A 2954 -37.66 2.06 38.31
N PHE A 2955 -36.43 2.04 38.82
CA PHE A 2955 -36.14 1.24 40.00
C PHE A 2955 -36.67 1.93 41.26
N THR A 2956 -37.94 1.69 41.58
CA THR A 2956 -38.55 2.23 42.78
C THR A 2956 -39.53 1.21 43.32
N THR A 2957 -39.98 1.44 44.56
CA THR A 2957 -41.05 0.62 45.13
C THR A 2957 -42.31 0.67 44.29
N ARG A 2958 -42.59 1.83 43.68
CA ARG A 2958 -43.79 2.01 42.87
C ARG A 2958 -43.86 1.01 41.71
N SER A 2959 -42.73 0.45 41.29
CA SER A 2959 -42.73 -0.56 40.24
C SER A 2959 -43.65 -1.73 40.58
N PHE A 2960 -43.76 -2.07 41.87
CA PHE A 2960 -44.60 -3.19 42.29
C PHE A 2960 -46.06 -2.78 42.48
N ASP A 2961 -46.47 -1.61 42.02
CA ASP A 2961 -47.86 -1.19 42.02
C ASP A 2961 -48.51 -1.61 40.72
N SER A 2962 -49.72 -2.17 40.81
CA SER A 2962 -50.40 -2.65 39.62
C SER A 2962 -50.72 -1.52 38.65
N GLU A 2963 -50.87 -0.30 39.16
CA GLU A 2963 -51.12 0.87 38.32
C GLU A 2963 -49.84 1.51 37.80
N PHE A 2964 -48.67 0.94 38.10
CA PHE A 2964 -47.42 1.51 37.64
C PHE A 2964 -47.34 1.50 36.13
N LYS A 2965 -46.89 2.62 35.56
CA LYS A 2965 -46.74 2.77 34.12
C LYS A 2965 -45.26 2.71 33.77
N LEU A 2966 -44.90 1.83 32.83
CA LEU A 2966 -43.49 1.75 32.45
C LEU A 2966 -43.05 2.99 31.69
N ALA A 2967 -43.95 3.59 30.91
CA ALA A 2967 -43.66 4.81 30.17
C ALA A 2967 -44.97 5.26 29.52
N CYS A 2968 -44.91 6.40 28.83
CA CYS A 2968 -46.02 6.82 28.00
C CYS A 2968 -45.98 6.08 26.67
N LYS A 2969 -47.14 5.61 26.23
CA LYS A 2969 -47.19 4.83 25.00
C LYS A 2969 -47.06 5.73 23.77
N VAL A 2970 -47.99 6.67 23.62
CA VAL A 2970 -47.98 7.60 22.50
C VAL A 2970 -48.56 8.92 22.97
N ASP A 2971 -48.56 9.93 22.09
CA ASP A 2971 -49.13 11.23 22.43
C ASP A 2971 -50.64 11.17 22.65
N GLY A 2972 -51.30 10.12 22.17
CA GLY A 2972 -52.75 10.05 22.20
C GLY A 2972 -53.34 9.53 23.50
N HIS A 2973 -52.77 9.94 24.63
CA HIS A 2973 -53.32 9.62 25.94
C HIS A 2973 -53.38 8.11 26.18
N LYS A 2974 -52.23 7.46 25.97
CA LYS A 2974 -52.09 6.03 26.21
C LYS A 2974 -50.80 5.80 26.98
N ASP A 2975 -50.77 4.73 27.78
CA ASP A 2975 -49.64 4.43 28.63
C ASP A 2975 -49.42 2.92 28.68
N ILE A 2976 -48.16 2.52 28.68
CA ILE A 2976 -47.78 1.12 28.78
C ILE A 2976 -47.94 0.71 30.24
N GLN A 2977 -48.97 -0.09 30.52
CA GLN A 2977 -49.21 -0.55 31.88
C GLN A 2977 -48.30 -1.72 32.20
N MET A 2978 -47.56 -1.61 33.29
CA MET A 2978 -46.65 -2.66 33.70
C MET A 2978 -47.43 -3.96 33.96
N PRO A 2979 -46.98 -5.10 33.44
CA PRO A 2979 -47.74 -6.34 33.67
C PRO A 2979 -47.76 -6.70 35.16
N ASP A 2980 -48.92 -7.15 35.62
CA ASP A 2980 -49.11 -7.46 37.03
C ASP A 2980 -48.79 -8.91 37.37
N GLY A 2981 -48.41 -9.73 36.40
CA GLY A 2981 -48.00 -11.08 36.68
C GLY A 2981 -46.73 -11.11 37.52
N ILE A 2982 -46.40 -12.32 37.97
CA ILE A 2982 -45.25 -12.54 38.85
C ILE A 2982 -44.34 -13.64 38.29
N ARG A 2983 -44.49 -13.94 37.00
CA ARG A 2983 -43.74 -15.03 36.39
C ARG A 2983 -43.34 -14.65 34.97
N ARG A 2984 -42.21 -15.20 34.52
CA ARG A 2984 -41.81 -15.02 33.13
C ARG A 2984 -42.83 -15.61 32.18
N GLU A 2985 -43.57 -16.62 32.64
CA GLU A 2985 -44.66 -17.21 31.84
C GLU A 2985 -45.80 -16.24 31.61
N GLU A 2986 -45.81 -15.08 32.27
CA GLU A 2986 -46.72 -13.98 31.98
C GLU A 2986 -46.01 -12.77 31.38
N PHE A 2987 -44.80 -12.46 31.84
CA PHE A 2987 -44.07 -11.31 31.29
C PHE A 2987 -43.72 -11.52 29.83
N VAL A 2988 -43.27 -12.73 29.48
CA VAL A 2988 -42.90 -13.03 28.10
C VAL A 2988 -44.11 -12.85 27.19
N GLN A 2989 -45.26 -13.38 27.62
CA GLN A 2989 -46.49 -13.21 26.86
C GLN A 2989 -46.86 -11.74 26.75
N TRP A 2990 -46.70 -10.98 27.83
CA TRP A 2990 -46.99 -9.55 27.78
C TRP A 2990 -46.11 -8.86 26.75
N VAL A 2991 -44.85 -9.28 26.66
CA VAL A 2991 -43.95 -8.68 25.68
C VAL A 2991 -44.37 -9.05 24.26
N GLU A 2992 -44.83 -10.29 24.06
CA GLU A 2992 -45.25 -10.69 22.72
C GLU A 2992 -46.44 -9.85 22.25
N LEU A 2993 -47.39 -9.56 23.13
CA LEU A 2993 -48.60 -8.84 22.77
C LEU A 2993 -48.40 -7.33 22.67
N LEU A 2994 -47.17 -6.85 22.58
CA LEU A 2994 -46.96 -5.42 22.44
C LEU A 2994 -47.47 -4.96 21.06
N PRO A 2995 -47.88 -3.69 20.93
CA PRO A 2995 -48.37 -3.22 19.63
C PRO A 2995 -47.27 -3.21 18.58
N ASP A 2996 -47.70 -3.32 17.33
CA ASP A 2996 -46.77 -3.28 16.20
C ASP A 2996 -46.26 -1.87 15.94
N THR A 2997 -47.12 -0.86 16.08
CA THR A 2997 -46.78 0.51 15.72
C THR A 2997 -45.96 1.15 16.84
N GLN A 2998 -44.74 0.64 17.01
CA GLN A 2998 -43.82 1.23 17.97
C GLN A 2998 -43.32 2.57 17.45
N THR A 2999 -43.08 3.49 18.38
CA THR A 2999 -42.50 4.79 18.09
C THR A 2999 -41.48 5.11 19.17
N PRO A 3000 -40.59 6.08 18.94
CA PRO A 3000 -39.60 6.43 19.97
C PRO A 3000 -40.19 6.90 21.30
N SER A 3001 -41.48 7.23 21.35
CA SER A 3001 -42.09 7.69 22.59
C SER A 3001 -41.99 6.64 23.69
N TRP A 3002 -41.89 5.36 23.31
CA TRP A 3002 -41.59 4.33 24.31
C TRP A 3002 -40.30 4.61 25.04
N LEU A 3003 -39.33 5.20 24.34
CA LEU A 3003 -38.00 5.47 24.88
C LEU A 3003 -37.91 6.83 25.57
N GLY A 3004 -38.96 7.65 25.50
CA GLY A 3004 -38.91 9.00 26.00
C GLY A 3004 -38.56 10.05 24.97
N LEU A 3005 -38.03 9.65 23.82
CA LEU A 3005 -37.77 10.61 22.76
C LEU A 3005 -39.09 11.03 22.10
N PRO A 3006 -39.19 12.27 21.59
CA PRO A 3006 -40.49 12.76 21.11
C PRO A 3006 -40.80 12.37 19.67
N ASN A 3007 -40.51 11.13 19.30
CA ASN A 3007 -40.91 10.55 18.00
C ASN A 3007 -40.53 11.44 16.83
N ASN A 3008 -39.23 11.69 16.69
CA ASN A 3008 -38.71 12.49 15.57
C ASN A 3008 -37.47 11.92 14.92
N ALA A 3009 -36.77 10.96 15.53
CA ALA A 3009 -35.59 10.39 14.89
C ALA A 3009 -35.97 9.73 13.57
N GLU A 3010 -37.06 8.96 13.57
CA GLU A 3010 -37.53 8.29 12.36
C GLU A 3010 -37.72 9.29 11.23
N ARG A 3011 -38.22 10.49 11.55
CA ARG A 3011 -38.52 11.51 10.54
C ARG A 3011 -37.30 11.84 9.69
N VAL A 3012 -36.09 11.61 10.21
CA VAL A 3012 -34.88 11.59 9.40
C VAL A 3012 -34.46 10.17 9.07
N LEU A 3013 -34.38 9.31 10.09
CA LEU A 3013 -33.69 8.03 9.95
C LEU A 3013 -34.33 7.18 8.88
N LEU A 3014 -35.58 6.76 9.11
CA LEU A 3014 -36.31 6.03 8.08
C LEU A 3014 -36.43 6.85 6.81
N THR A 3015 -36.57 8.18 6.94
CA THR A 3015 -36.68 9.03 5.76
C THR A 3015 -35.43 8.90 4.88
N THR A 3016 -34.29 8.60 5.49
CA THR A 3016 -33.13 8.24 4.70
C THR A 3016 -33.24 6.80 4.20
N GLN A 3017 -33.51 5.86 5.13
CA GLN A 3017 -33.39 4.45 4.82
C GLN A 3017 -34.31 4.05 3.68
N GLY A 3018 -35.55 4.53 3.70
CA GLY A 3018 -36.48 4.27 2.63
C GLY A 3018 -35.91 4.66 1.28
N VAL A 3019 -35.39 5.88 1.18
CA VAL A 3019 -34.75 6.30 -0.07
C VAL A 3019 -33.59 5.37 -0.38
N ASP A 3020 -32.77 5.04 0.62
CA ASP A 3020 -31.67 4.11 0.42
C ASP A 3020 -32.21 2.78 -0.09
N MET A 3021 -33.31 2.31 0.51
CA MET A 3021 -33.93 1.06 0.10
C MET A 3021 -34.23 1.11 -1.39
N ILE A 3022 -34.83 2.22 -1.83
CA ILE A 3022 -35.16 2.37 -3.24
C ILE A 3022 -33.89 2.24 -4.07
N SER A 3023 -32.87 3.02 -3.71
CA SER A 3023 -31.61 3.00 -4.45
C SER A 3023 -31.06 1.59 -4.51
N LYS A 3024 -31.15 0.86 -3.40
CA LYS A 3024 -30.57 -0.47 -3.36
C LYS A 3024 -31.22 -1.37 -4.40
N MET A 3025 -32.55 -1.36 -4.51
CA MET A 3025 -33.15 -2.25 -5.51
C MET A 3025 -32.89 -1.69 -6.91
N LEU A 3026 -32.77 -0.37 -7.03
CA LEU A 3026 -32.38 0.18 -8.33
C LEU A 3026 -30.95 -0.20 -8.69
N LYS A 3027 -30.13 -0.52 -7.69
CA LYS A 3027 -28.79 -1.06 -7.92
C LYS A 3027 -28.79 -2.58 -8.05
N MET A 3028 -29.90 -3.24 -7.77
CA MET A 3028 -29.97 -4.70 -7.83
C MET A 3028 -30.53 -5.20 -9.15
N GLN A 3029 -31.56 -4.54 -9.67
CA GLN A 3029 -32.17 -4.94 -10.93
C GLN A 3029 -31.19 -4.71 -12.08
N THR A 3061 -13.30 16.53 -17.24
CA THR A 3061 -11.94 16.80 -16.80
C THR A 3061 -11.91 17.30 -15.36
N LEU A 3062 -10.82 17.00 -14.67
CA LEU A 3062 -10.65 17.50 -13.31
C LEU A 3062 -10.62 19.02 -13.28
N HIS A 3063 -9.90 19.62 -14.22
CA HIS A 3063 -9.65 21.05 -14.18
C HIS A 3063 -10.93 21.84 -14.42
N THR A 3064 -11.73 21.44 -15.41
CA THR A 3064 -12.99 22.13 -15.65
C THR A 3064 -13.93 21.97 -14.47
N THR A 3065 -13.99 20.77 -13.88
CA THR A 3065 -14.84 20.54 -12.73
C THR A 3065 -14.46 21.45 -11.58
N ALA A 3066 -13.16 21.60 -11.32
CA ALA A 3066 -12.72 22.53 -10.28
C ALA A 3066 -13.08 23.97 -10.65
N SER A 3067 -12.88 24.34 -11.92
CA SER A 3067 -13.06 25.73 -12.32
C SER A 3067 -14.51 26.17 -12.18
N ASN A 3068 -15.46 25.28 -12.48
CA ASN A 3068 -16.86 25.65 -12.35
C ASN A 3068 -17.20 26.05 -10.92
N TRP A 3069 -16.68 25.30 -9.94
CA TRP A 3069 -16.94 25.61 -8.54
C TRP A 3069 -16.16 26.84 -8.10
N LEU A 3070 -14.92 27.00 -8.58
CA LEU A 3070 -14.08 28.07 -8.07
C LEU A 3070 -14.28 29.42 -8.77
N HIS A 3071 -15.03 29.47 -9.86
CA HIS A 3071 -15.17 30.74 -10.58
C HIS A 3071 -15.87 31.79 -9.73
N LEU A 3072 -16.93 31.41 -9.02
CA LEU A 3072 -17.79 32.36 -8.33
C LEU A 3072 -17.43 32.54 -6.86
N ILE A 3073 -16.44 31.80 -6.33
CA ILE A 3073 -16.04 31.96 -4.94
C ILE A 3073 -15.53 33.37 -4.65
N PRO A 3074 -14.68 33.99 -5.49
CA PRO A 3074 -14.25 35.37 -5.19
C PRO A 3074 -15.39 36.35 -5.05
N GLN A 3075 -16.52 36.12 -5.73
CA GLN A 3075 -17.69 36.95 -5.56
C GLN A 3075 -18.48 36.58 -4.30
N THR A 3076 -18.09 35.52 -3.59
CA THR A 3076 -18.77 35.10 -2.36
C THR A 3076 -18.05 35.62 -1.12
N LEU A 3077 -16.78 35.28 -0.97
CA LEU A 3077 -16.02 35.70 0.21
C LEU A 3077 -15.53 37.13 0.02
N SER A 3078 -15.95 38.02 0.91
CA SER A 3078 -15.47 39.39 0.88
C SER A 3078 -14.06 39.45 1.47
N HIS A 3079 -13.51 40.66 1.56
CA HIS A 3079 -12.12 40.88 1.95
C HIS A 3079 -12.06 41.67 3.24
N LEU A 3080 -11.18 41.26 4.15
CA LEU A 3080 -11.14 41.73 5.51
C LEU A 3080 -10.05 42.78 5.72
N LYS A 3081 -10.30 43.69 6.66
CA LYS A 3081 -9.35 44.73 7.06
C LYS A 3081 -8.99 44.52 8.52
N ARG A 3082 -7.69 44.57 8.82
CA ARG A 3082 -7.23 44.42 10.20
C ARG A 3082 -7.41 45.73 10.96
N ILE A 3087 -6.42 48.43 24.90
CA ILE A 3087 -5.04 47.97 24.77
C ILE A 3087 -4.89 46.65 25.53
N LYS A 3088 -4.88 46.73 26.87
CA LYS A 3088 -4.86 45.56 27.73
C LYS A 3088 -6.26 45.13 28.14
N ASP A 3089 -7.29 45.56 27.40
CA ASP A 3089 -8.65 45.20 27.74
C ASP A 3089 -8.84 43.69 27.60
N PRO A 3090 -9.58 43.04 28.50
CA PRO A 3090 -9.80 41.59 28.36
C PRO A 3090 -10.59 41.21 27.11
N LEU A 3091 -11.35 42.14 26.52
CA LEU A 3091 -12.17 41.86 25.36
C LEU A 3091 -11.48 42.21 24.04
N PHE A 3092 -10.78 43.34 23.99
CA PHE A 3092 -10.15 43.87 22.75
C PHE A 3092 -8.94 43.04 22.33
N ARG A 3093 -8.29 42.30 23.23
CA ARG A 3093 -7.18 41.42 22.88
C ARG A 3093 -7.67 40.13 22.23
N PHE A 3094 -8.71 39.52 22.78
CA PHE A 3094 -9.20 38.26 22.24
C PHE A 3094 -9.79 38.44 20.86
N PHE A 3095 -10.57 39.49 20.64
CA PHE A 3095 -11.14 39.71 19.32
C PHE A 3095 -10.08 40.11 18.31
N GLU A 3096 -9.04 40.82 18.75
CA GLU A 3096 -7.92 41.08 17.85
C GLU A 3096 -7.24 39.77 17.44
N ARG A 3097 -7.03 38.87 18.40
CA ARG A 3097 -6.44 37.57 18.06
C ARG A 3097 -7.33 36.80 17.10
N GLU A 3098 -8.64 36.81 17.35
CA GLU A 3098 -9.56 36.03 16.52
C GLU A 3098 -9.65 36.60 15.12
N VAL A 3099 -9.72 37.93 14.98
CA VAL A 3099 -9.76 38.50 13.64
C VAL A 3099 -8.41 38.34 12.94
N LYS A 3100 -7.32 38.30 13.71
CA LYS A 3100 -6.03 37.96 13.11
C LYS A 3100 -6.06 36.57 12.49
N MET A 3101 -6.56 35.59 13.24
CA MET A 3101 -6.70 34.24 12.70
C MET A 3101 -7.63 34.24 11.49
N GLY A 3102 -8.71 35.02 11.56
CA GLY A 3102 -9.64 35.08 10.45
C GLY A 3102 -9.01 35.62 9.18
N ALA A 3103 -8.26 36.72 9.30
CA ALA A 3103 -7.59 37.29 8.14
C ALA A 3103 -6.53 36.32 7.59
N LYS A 3104 -5.78 35.68 8.49
CA LYS A 3104 -4.77 34.72 8.06
C LYS A 3104 -5.39 33.59 7.25
N LEU A 3105 -6.43 32.95 7.81
CA LEU A 3105 -7.06 31.83 7.12
C LEU A 3105 -7.74 32.30 5.84
N LEU A 3106 -8.35 33.48 5.86
CA LEU A 3106 -8.99 34.01 4.66
C LEU A 3106 -7.99 34.17 3.54
N GLN A 3107 -6.87 34.84 3.82
CA GLN A 3107 -5.87 35.06 2.77
C GLN A 3107 -5.29 33.74 2.29
N ASP A 3108 -5.02 32.81 3.21
CA ASP A 3108 -4.44 31.53 2.81
C ASP A 3108 -5.38 30.76 1.88
N VAL A 3109 -6.63 30.58 2.30
CA VAL A 3109 -7.57 29.79 1.52
C VAL A 3109 -7.90 30.49 0.20
N ARG A 3110 -8.10 31.81 0.24
CA ARG A 3110 -8.43 32.53 -0.98
C ARG A 3110 -7.28 32.49 -1.98
N GLN A 3111 -6.03 32.62 -1.50
CA GLN A 3111 -4.89 32.52 -2.39
C GLN A 3111 -4.78 31.12 -2.98
N ASP A 3112 -5.02 30.09 -2.17
CA ASP A 3112 -4.97 28.72 -2.69
C ASP A 3112 -6.03 28.52 -3.76
N LEU A 3113 -7.25 29.01 -3.52
CA LEU A 3113 -8.32 28.84 -4.49
C LEU A 3113 -8.05 29.63 -5.77
N ALA A 3114 -7.51 30.84 -5.65
CA ALA A 3114 -7.18 31.61 -6.84
C ALA A 3114 -6.07 30.94 -7.64
N ASP A 3115 -5.09 30.35 -6.95
CA ASP A 3115 -4.02 29.66 -7.66
C ASP A 3115 -4.56 28.41 -8.36
N VAL A 3116 -5.51 27.70 -7.72
CA VAL A 3116 -6.16 26.58 -8.39
C VAL A 3116 -6.89 27.07 -9.63
N VAL A 3117 -7.55 28.23 -9.53
CA VAL A 3117 -8.25 28.79 -10.68
C VAL A 3117 -7.26 29.06 -11.81
N GLN A 3118 -6.11 29.66 -11.49
CA GLN A 3118 -5.11 29.93 -12.51
C GLN A 3118 -4.59 28.64 -13.13
N VAL A 3119 -4.46 27.58 -12.31
CA VAL A 3119 -4.09 26.27 -12.86
C VAL A 3119 -5.15 25.81 -13.85
N CYS A 3120 -6.43 25.95 -13.48
CA CYS A 3120 -7.51 25.56 -14.37
C CYS A 3120 -7.57 26.45 -15.61
N GLU A 3121 -7.27 27.73 -15.46
CA GLU A 3121 -7.27 28.64 -16.60
C GLU A 3121 -6.20 28.28 -17.63
N GLY A 3122 -5.16 27.56 -17.22
CA GLY A 3122 -4.13 27.09 -18.11
C GLY A 3122 -2.76 27.71 -17.94
N LYS A 3123 -2.50 28.40 -16.83
CA LYS A 3123 -1.20 29.04 -16.60
C LYS A 3123 -0.25 28.12 -15.83
N LYS A 3124 -0.14 26.89 -16.30
CA LYS A 3124 0.78 25.88 -15.74
C LYS A 3124 0.59 25.80 -14.22
N LYS A 3125 1.64 26.09 -13.43
CA LYS A 3125 1.57 26.17 -11.97
C LYS A 3125 1.15 24.86 -11.30
N GLN A 3126 1.12 23.74 -12.04
CA GLN A 3126 0.60 22.50 -11.49
C GLN A 3126 1.66 21.89 -10.57
N THR A 3127 1.73 22.44 -9.36
CA THR A 3127 2.66 21.96 -8.35
C THR A 3127 2.07 20.74 -7.63
N ASN A 3128 2.84 20.18 -6.70
CA ASN A 3128 2.38 19.01 -5.95
C ASN A 3128 1.21 19.36 -5.06
N TYR A 3129 1.35 20.41 -4.25
CA TYR A 3129 0.27 20.81 -3.35
C TYR A 3129 -0.97 21.21 -4.11
N LEU A 3130 -0.79 21.94 -5.22
CA LEU A 3130 -1.95 22.34 -6.02
C LEU A 3130 -2.61 21.14 -6.67
N ARG A 3131 -1.81 20.15 -7.09
CA ARG A 3131 -2.37 18.93 -7.65
C ARG A 3131 -3.25 18.21 -6.62
N THR A 3132 -2.73 18.05 -5.40
CA THR A 3132 -3.52 17.43 -4.36
C THR A 3132 -4.77 18.24 -4.04
N LEU A 3133 -4.64 19.57 -4.02
CA LEU A 3133 -5.76 20.43 -3.71
C LEU A 3133 -6.86 20.32 -4.76
N ILE A 3134 -6.48 20.26 -6.04
CA ILE A 3134 -7.46 20.06 -7.10
C ILE A 3134 -8.14 18.71 -6.95
N ASN A 3135 -7.34 17.66 -6.69
CA ASN A 3135 -7.90 16.33 -6.56
C ASN A 3135 -8.92 16.27 -5.41
N GLU A 3136 -8.68 17.02 -4.34
CA GLU A 3136 -9.64 17.06 -3.25
C GLU A 3136 -10.85 17.93 -3.58
N LEU A 3137 -10.64 19.05 -4.30
CA LEU A 3137 -11.75 19.93 -4.61
C LEU A 3137 -12.76 19.27 -5.54
N VAL A 3138 -12.27 18.56 -6.56
CA VAL A 3138 -13.19 17.95 -7.52
C VAL A 3138 -14.07 16.91 -6.85
N LYS A 3139 -13.58 16.27 -5.79
CA LYS A 3139 -14.41 15.35 -5.02
C LYS A 3139 -15.35 16.07 -4.04
N GLY A 3140 -15.18 17.37 -3.84
CA GLY A 3140 -16.06 18.11 -2.96
C GLY A 3140 -15.76 18.01 -1.49
N ILE A 3141 -14.68 17.33 -1.10
CA ILE A 3141 -14.33 17.12 0.29
C ILE A 3141 -13.59 18.35 0.80
N LEU A 3142 -13.74 18.63 2.08
CA LEU A 3142 -13.03 19.76 2.68
C LEU A 3142 -11.52 19.47 2.68
N PRO A 3143 -10.68 20.38 2.20
CA PRO A 3143 -9.24 20.17 2.36
C PRO A 3143 -8.86 20.16 3.84
N ARG A 3144 -8.15 19.10 4.25
CA ARG A 3144 -7.76 18.99 5.65
C ARG A 3144 -6.82 20.10 6.08
N SER A 3145 -6.11 20.72 5.14
CA SER A 3145 -5.20 21.81 5.49
C SER A 3145 -5.96 23.01 6.05
N TRP A 3146 -7.23 23.16 5.69
CA TRP A 3146 -8.02 24.32 6.08
C TRP A 3146 -8.76 24.12 7.39
N SER A 3147 -8.67 22.94 8.01
CA SER A 3147 -9.45 22.63 9.21
C SER A 3147 -8.83 23.35 10.43
N HIS A 3148 -8.96 24.67 10.42
CA HIS A 3148 -8.48 25.51 11.50
C HIS A 3148 -9.54 25.83 12.55
N TYR A 3149 -10.80 25.46 12.30
CA TYR A 3149 -11.85 25.57 13.30
C TYR A 3149 -12.79 24.38 13.14
N THR A 3150 -13.27 23.87 14.27
CA THR A 3150 -14.04 22.63 14.27
C THR A 3150 -15.31 22.76 13.43
N VAL A 3151 -15.59 21.73 12.65
CA VAL A 3151 -16.77 21.67 11.80
C VAL A 3151 -17.34 20.26 11.86
N PRO A 3152 -18.60 20.08 11.45
CA PRO A 3152 -19.17 18.73 11.43
C PRO A 3152 -18.37 17.80 10.52
N ALA A 3153 -18.22 16.55 10.96
CA ALA A 3153 -17.41 15.59 10.23
C ALA A 3153 -18.02 15.32 8.85
N GLY A 3154 -17.16 15.31 7.84
CA GLY A 3154 -17.61 15.07 6.47
C GLY A 3154 -18.28 16.24 5.81
N MET A 3155 -18.15 17.45 6.36
CA MET A 3155 -18.77 18.62 5.75
C MET A 3155 -18.17 18.87 4.38
N THR A 3156 -19.00 19.39 3.48
CA THR A 3156 -18.59 19.58 2.09
C THR A 3156 -17.95 20.95 1.90
N VAL A 3157 -17.27 21.09 0.76
CA VAL A 3157 -16.59 22.35 0.45
C VAL A 3157 -17.60 23.48 0.27
N ILE A 3158 -18.80 23.17 -0.24
CA ILE A 3158 -19.81 24.20 -0.42
C ILE A 3158 -20.29 24.70 0.93
N GLN A 3159 -20.56 23.78 1.87
CA GLN A 3159 -20.93 24.18 3.22
C GLN A 3159 -19.79 24.96 3.87
N TRP A 3160 -18.55 24.53 3.65
CA TRP A 3160 -17.41 25.25 4.20
C TRP A 3160 -17.37 26.67 3.67
N VAL A 3161 -17.59 26.86 2.36
CA VAL A 3161 -17.50 28.19 1.78
C VAL A 3161 -18.64 29.07 2.30
N SER A 3162 -19.84 28.51 2.46
CA SER A 3162 -20.93 29.29 3.02
C SER A 3162 -20.62 29.72 4.44
N ASP A 3163 -20.15 28.79 5.27
CA ASP A 3163 -19.78 29.12 6.65
C ASP A 3163 -18.66 30.15 6.67
N PHE A 3164 -17.72 30.04 5.74
CA PHE A 3164 -16.60 30.98 5.68
C PHE A 3164 -17.07 32.37 5.29
N SER A 3165 -18.02 32.47 4.37
CA SER A 3165 -18.59 33.76 4.02
C SER A 3165 -19.29 34.40 5.22
N GLU A 3166 -20.08 33.59 5.94
CA GLU A 3166 -20.77 34.12 7.12
C GLU A 3166 -19.77 34.55 8.18
N ARG A 3167 -18.72 33.76 8.42
CA ARG A 3167 -17.72 34.13 9.40
C ARG A 3167 -16.97 35.39 8.98
N ILE A 3168 -16.69 35.54 7.68
CA ILE A 3168 -16.01 36.74 7.21
C ILE A 3168 -16.88 37.97 7.43
N LYS A 3169 -18.17 37.86 7.14
CA LYS A 3169 -19.07 38.99 7.40
C LYS A 3169 -19.12 39.31 8.89
N GLN A 3170 -19.19 38.26 9.73
CA GLN A 3170 -19.18 38.45 11.18
C GLN A 3170 -17.94 39.20 11.63
N LEU A 3171 -16.77 38.76 11.18
CA LEU A 3171 -15.53 39.37 11.64
C LEU A 3171 -15.33 40.76 11.05
N GLN A 3172 -15.81 41.00 9.83
CA GLN A 3172 -15.79 42.35 9.28
C GLN A 3172 -16.62 43.29 10.13
N ASN A 3173 -17.82 42.86 10.52
CA ASN A 3173 -18.65 43.68 11.38
C ASN A 3173 -17.98 43.89 12.74
N ILE A 3174 -17.33 42.84 13.26
CA ILE A 3174 -16.66 42.96 14.55
C ILE A 3174 -15.54 43.99 14.47
N SER A 3175 -14.74 43.95 13.40
CA SER A 3175 -13.66 44.92 13.26
C SER A 3175 -14.20 46.33 13.10
N LEU A 3176 -15.24 46.51 12.27
CA LEU A 3176 -15.79 47.84 12.06
C LEU A 3176 -16.37 48.41 13.34
N ALA A 3177 -17.01 47.56 14.16
CA ALA A 3177 -17.59 48.03 15.41
C ALA A 3177 -16.50 48.32 16.44
N ALA A 3178 -15.53 47.41 16.57
CA ALA A 3178 -14.48 47.58 17.57
C ALA A 3178 -13.63 48.81 17.29
N ALA A 3179 -13.31 49.04 16.01
CA ALA A 3179 -12.60 50.26 15.65
C ALA A 3179 -13.43 51.50 15.99
N SER A 3180 -14.74 51.43 15.76
CA SER A 3180 -15.66 52.52 16.09
C SER A 3180 -15.29 53.81 15.37
N LYS A 3184 -13.57 48.42 25.10
CA LYS A 3184 -14.07 49.68 24.55
C LYS A 3184 -15.61 49.65 24.47
N GLU A 3185 -16.14 49.05 23.40
CA GLU A 3185 -17.57 48.87 23.22
C GLU A 3185 -17.94 47.40 23.01
N LEU A 3186 -17.08 46.48 23.41
CA LEU A 3186 -17.33 45.07 23.18
C LEU A 3186 -18.32 44.46 24.16
N LYS A 3187 -18.75 45.21 25.17
CA LYS A 3187 -19.82 44.72 26.07
C LYS A 3187 -21.15 44.94 25.34
N ASN A 3188 -21.26 45.96 24.46
CA ASN A 3188 -22.51 46.31 23.81
C ASN A 3188 -22.64 45.73 22.40
N ILE A 3189 -21.53 45.55 21.69
CA ILE A 3189 -21.59 45.02 20.35
C ILE A 3189 -22.00 43.55 20.41
N HIS A 3190 -22.94 43.16 19.55
CA HIS A 3190 -23.45 41.80 19.57
C HIS A 3190 -22.36 40.82 19.14
N VAL A 3191 -22.59 39.55 19.46
CA VAL A 3191 -21.67 38.47 19.17
C VAL A 3191 -22.49 37.31 18.60
N CYS A 3192 -21.79 36.25 18.19
CA CYS A 3192 -22.42 35.01 17.74
C CYS A 3192 -21.64 33.85 18.34
N LEU A 3193 -22.13 33.34 19.48
CA LEU A 3193 -21.50 32.18 20.10
C LEU A 3193 -21.57 31.01 19.13
N GLY A 3194 -20.42 30.34 18.93
CA GLY A 3194 -20.28 29.31 17.92
C GLY A 3194 -19.82 29.85 16.58
N GLY A 3195 -20.24 31.06 16.23
CA GLY A 3195 -19.69 31.73 15.06
C GLY A 3195 -18.25 32.17 15.23
N LEU A 3196 -17.78 32.29 16.47
CA LEU A 3196 -16.37 32.51 16.74
C LEU A 3196 -15.60 31.20 16.58
N PHE A 3197 -14.28 31.31 16.55
CA PHE A 3197 -13.43 30.15 16.32
C PHE A 3197 -13.13 29.38 17.61
N VAL A 3198 -13.01 30.07 18.75
CA VAL A 3198 -12.82 29.43 20.05
C VAL A 3198 -13.78 30.08 21.04
N PRO A 3199 -15.07 29.74 21.02
CA PRO A 3199 -16.04 30.48 21.85
C PRO A 3199 -15.78 30.41 23.36
N GLU A 3200 -15.17 29.33 23.86
CA GLU A 3200 -14.87 29.28 25.28
C GLU A 3200 -13.93 30.41 25.69
N ALA A 3201 -13.01 30.79 24.80
CA ALA A 3201 -12.17 31.95 25.05
C ALA A 3201 -13.02 33.21 25.18
N TYR A 3202 -14.04 33.35 24.33
CA TYR A 3202 -14.92 34.51 24.44
C TYR A 3202 -15.70 34.51 25.75
N ILE A 3203 -16.18 33.34 26.18
CA ILE A 3203 -16.92 33.26 27.44
C ILE A 3203 -16.02 33.67 28.60
N THR A 3204 -14.80 33.16 28.63
CA THR A 3204 -13.91 33.56 29.70
C THR A 3204 -13.49 35.02 29.57
N ALA A 3205 -13.48 35.55 28.34
CA ALA A 3205 -13.21 36.98 28.17
C ALA A 3205 -14.31 37.81 28.81
N THR A 3206 -15.57 37.39 28.64
CA THR A 3206 -16.66 38.09 29.34
C THR A 3206 -16.51 37.96 30.85
N ARG A 3207 -16.11 36.78 31.33
CA ARG A 3207 -15.86 36.61 32.76
C ARG A 3207 -14.82 37.62 33.26
N GLN A 3208 -13.69 37.71 32.54
CA GLN A 3208 -12.64 38.62 32.96
C GLN A 3208 -13.10 40.08 32.86
N TYR A 3209 -13.88 40.40 31.83
CA TYR A 3209 -14.37 41.77 31.69
C TYR A 3209 -15.25 42.15 32.86
N VAL A 3210 -16.14 41.25 33.28
CA VAL A 3210 -16.99 41.56 34.42
C VAL A 3210 -16.17 41.64 35.70
N ALA A 3211 -15.17 40.76 35.84
CA ALA A 3211 -14.34 40.79 37.03
C ALA A 3211 -13.57 42.10 37.14
N GLN A 3212 -13.03 42.60 36.02
CA GLN A 3212 -12.27 43.84 36.05
C GLN A 3212 -13.18 45.05 36.20
N ALA A 3213 -14.31 45.05 35.49
CA ALA A 3213 -15.13 46.25 35.39
C ALA A 3213 -15.70 46.67 36.73
N ASN A 3214 -15.93 45.72 37.63
CA ASN A 3214 -16.42 46.01 38.97
C ASN A 3214 -15.57 45.39 40.08
N SER A 3215 -14.45 44.75 39.74
CA SER A 3215 -13.45 44.35 40.72
C SER A 3215 -13.98 43.28 41.68
N TRP A 3216 -14.52 42.20 41.11
CA TRP A 3216 -14.64 40.93 41.80
C TRP A 3216 -13.54 39.98 41.34
N SER A 3217 -13.34 38.91 42.11
CA SER A 3217 -12.44 37.85 41.71
C SER A 3217 -13.15 36.88 40.77
N LEU A 3218 -12.36 36.22 39.92
CA LEU A 3218 -12.95 35.40 38.85
C LEU A 3218 -13.54 34.11 39.39
N GLU A 3219 -12.87 33.49 40.37
CA GLU A 3219 -13.32 32.20 40.89
C GLU A 3219 -14.73 32.27 41.46
N GLU A 3220 -15.14 33.43 41.98
CA GLU A 3220 -16.39 33.56 42.71
C GLU A 3220 -17.56 33.95 41.81
N LEU A 3221 -17.37 33.95 40.49
CA LEU A 3221 -18.41 34.35 39.55
C LEU A 3221 -19.21 33.15 39.05
N CYS A 3222 -20.41 33.43 38.58
CA CYS A 3222 -21.29 32.44 37.96
C CYS A 3222 -22.22 33.18 37.02
N LEU A 3223 -22.79 32.44 36.08
CA LEU A 3223 -23.51 33.02 34.95
C LEU A 3223 -25.02 32.97 35.18
N GLU A 3224 -25.70 34.02 34.72
CA GLU A 3224 -27.14 34.05 34.58
C GLU A 3224 -27.47 34.45 33.15
N VAL A 3225 -28.54 33.86 32.61
CA VAL A 3225 -28.94 34.10 31.23
C VAL A 3225 -30.43 34.40 31.18
N ASN A 3226 -30.84 35.09 30.14
CA ASN A 3226 -32.27 35.32 29.91
C ASN A 3226 -32.45 35.76 28.46
N VAL A 3227 -33.72 35.96 28.08
CA VAL A 3227 -34.08 36.34 26.71
C VAL A 3227 -34.70 37.73 26.70
N PHE A 3240 -24.13 41.16 28.30
CA PHE A 3240 -23.64 40.75 26.99
C PHE A 3240 -24.79 40.26 26.12
N GLY A 3241 -24.91 40.84 24.93
CA GLY A 3241 -25.95 40.47 23.99
C GLY A 3241 -25.47 39.50 22.93
N VAL A 3242 -25.96 38.27 22.96
CA VAL A 3242 -25.52 37.21 22.06
C VAL A 3242 -26.75 36.63 21.37
N THR A 3243 -26.65 36.44 20.06
CA THR A 3243 -27.74 35.92 19.24
C THR A 3243 -27.28 34.66 18.52
N GLY A 3244 -28.22 34.02 17.83
CA GLY A 3244 -27.96 32.89 16.98
C GLY A 3244 -28.25 31.53 17.59
N LEU A 3245 -28.38 31.45 18.92
CA LEU A 3245 -28.65 30.17 19.56
C LEU A 3245 -30.04 29.67 19.18
N LYS A 3246 -30.27 28.38 19.41
CA LYS A 3246 -31.59 27.80 19.20
C LYS A 3246 -31.75 26.61 20.14
N LEU A 3247 -32.88 26.58 20.85
CA LEU A 3247 -33.18 25.52 21.80
C LEU A 3247 -33.78 24.34 21.07
N GLN A 3248 -33.05 23.22 21.03
CA GLN A 3248 -33.50 21.99 20.40
C GLN A 3248 -34.07 21.09 21.49
N GLY A 3249 -35.34 20.71 21.34
CA GLY A 3249 -36.02 19.86 22.28
C GLY A 3249 -36.92 20.57 23.28
N ALA A 3250 -37.11 21.87 23.14
CA ALA A 3250 -37.97 22.63 24.04
C ALA A 3250 -38.14 24.03 23.46
N THR A 3251 -39.07 24.79 24.05
CA THR A 3251 -39.36 26.13 23.58
C THR A 3251 -40.17 26.87 24.62
N CYS A 3252 -39.98 28.19 24.69
CA CYS A 3252 -40.76 29.06 25.56
C CYS A 3252 -40.46 30.50 25.18
N ASN A 3253 -41.04 31.43 25.93
CA ASN A 3253 -40.82 32.86 25.72
C ASN A 3253 -40.69 33.65 27.02
N ASN A 3254 -40.62 32.98 28.18
CA ASN A 3254 -40.60 33.66 29.47
C ASN A 3254 -39.63 32.97 30.44
N ASN A 3255 -38.62 32.28 29.91
CA ASN A 3255 -37.71 31.48 30.73
C ASN A 3255 -38.48 30.43 31.51
N LYS A 3256 -39.49 29.85 30.87
CA LYS A 3256 -40.28 28.75 31.42
C LYS A 3256 -40.31 27.65 30.36
N LEU A 3257 -39.27 26.82 30.35
CA LEU A 3257 -39.07 25.86 29.28
C LEU A 3257 -40.18 24.81 29.29
N SER A 3258 -40.66 24.47 28.09
CA SER A 3258 -41.73 23.51 27.90
C SER A 3258 -41.28 22.45 26.90
N LEU A 3259 -41.69 21.21 27.15
CA LEU A 3259 -41.34 20.10 26.28
C LEU A 3259 -42.38 19.89 25.21
N LEU A 3267 -34.53 31.62 19.81
CA LEU A 3267 -33.75 32.48 20.71
C LEU A 3267 -33.20 33.67 19.93
N PRO A 3268 -34.08 34.59 19.52
CA PRO A 3268 -33.62 35.72 18.70
C PRO A 3268 -32.58 36.59 19.37
N LEU A 3269 -32.64 36.76 20.69
CA LEU A 3269 -31.64 37.53 21.41
C LEU A 3269 -31.51 36.98 22.82
N THR A 3270 -30.29 36.97 23.33
CA THR A 3270 -29.98 36.44 24.65
C THR A 3270 -29.09 37.40 25.41
N GLN A 3271 -29.42 37.63 26.68
CA GLN A 3271 -28.61 38.44 27.58
C GLN A 3271 -27.90 37.52 28.56
N LEU A 3272 -26.59 37.73 28.70
CA LEU A 3272 -25.75 37.02 29.66
C LEU A 3272 -25.16 38.01 30.65
N ARG A 3273 -25.14 37.62 31.93
CA ARG A 3273 -24.53 38.43 32.97
C ARG A 3273 -23.81 37.50 33.94
N TRP A 3274 -22.85 38.07 34.68
CA TRP A 3274 -22.06 37.35 35.66
C TRP A 3274 -22.26 37.98 37.02
N VAL A 3275 -22.55 37.16 38.03
CA VAL A 3275 -22.77 37.61 39.40
C VAL A 3275 -22.02 36.71 40.35
N LYS A 3276 -21.77 37.22 41.55
CA LYS A 3276 -20.94 36.51 42.51
C LYS A 3276 -21.63 35.22 42.97
N GLN A 3277 -20.88 34.40 43.69
CA GLN A 3277 -21.35 33.09 44.15
C GLN A 3277 -21.75 32.21 42.98
N SER A 3285 -36.86 23.27 40.39
CA SER A 3285 -37.65 23.78 39.27
C SER A 3285 -36.76 24.38 38.18
N VAL A 3286 -35.52 23.89 38.09
CA VAL A 3286 -34.57 24.34 37.09
C VAL A 3286 -33.88 23.12 36.49
N VAL A 3287 -33.37 23.30 35.27
CA VAL A 3287 -32.75 22.24 34.50
C VAL A 3287 -31.38 22.71 34.05
N THR A 3288 -30.37 21.87 34.25
CA THR A 3288 -29.02 22.12 33.76
C THR A 3288 -28.91 21.55 32.36
N LEU A 3289 -28.69 22.42 31.37
CA LEU A 3289 -28.62 22.06 29.97
C LEU A 3289 -27.22 22.29 29.41
N PRO A 3290 -26.83 21.57 28.37
CA PRO A 3290 -25.60 21.89 27.64
C PRO A 3290 -25.87 22.89 26.52
N VAL A 3291 -24.79 23.44 25.98
CA VAL A 3291 -24.83 24.22 24.76
C VAL A 3291 -23.60 23.83 23.95
N TYR A 3292 -23.85 23.26 22.77
CA TYR A 3292 -22.84 22.74 21.86
C TYR A 3292 -22.63 23.72 20.70
N LEU A 3293 -21.39 23.78 20.22
CA LEU A 3293 -21.10 24.64 19.08
C LEU A 3293 -21.77 24.14 17.81
N ASN A 3294 -21.78 22.83 17.60
CA ASN A 3294 -22.19 22.23 16.35
C ASN A 3294 -23.64 21.75 16.44
N PHE A 3295 -24.09 21.09 15.36
CA PHE A 3295 -25.41 20.48 15.29
C PHE A 3295 -25.38 18.97 15.48
N THR A 3296 -24.24 18.40 15.89
CA THR A 3296 -24.11 16.97 16.15
C THR A 3296 -23.87 16.67 17.62
N ARG A 3297 -23.88 17.68 18.50
CA ARG A 3297 -23.79 17.48 19.94
C ARG A 3297 -22.53 16.71 20.32
N ALA A 3298 -21.42 17.02 19.66
CA ALA A 3298 -20.16 16.34 19.90
C ALA A 3298 -19.24 17.08 20.86
N ASP A 3299 -19.39 18.39 21.00
CA ASP A 3299 -18.46 19.24 21.75
C ASP A 3299 -19.23 20.07 22.77
N LEU A 3300 -19.17 19.67 24.04
CA LEU A 3300 -19.74 20.49 25.10
C LEU A 3300 -18.87 21.71 25.30
N ILE A 3301 -19.47 22.90 25.16
CA ILE A 3301 -18.70 24.14 25.22
C ILE A 3301 -19.25 25.10 26.28
N PHE A 3302 -20.55 25.04 26.57
CA PHE A 3302 -21.14 26.12 27.35
C PHE A 3302 -22.31 25.60 28.16
N THR A 3303 -22.15 25.50 29.47
CA THR A 3303 -23.20 24.97 30.34
C THR A 3303 -24.15 26.09 30.77
N VAL A 3304 -25.44 25.77 30.86
CA VAL A 3304 -26.47 26.73 31.20
C VAL A 3304 -27.42 26.09 32.20
N ASP A 3305 -28.10 26.94 32.99
CA ASP A 3305 -29.13 26.51 33.92
C ASP A 3305 -30.39 27.32 33.64
N PHE A 3306 -31.37 26.69 33.00
CA PHE A 3306 -32.63 27.34 32.66
C PHE A 3306 -33.70 26.97 33.68
N GLU A 3307 -34.83 27.69 33.62
CA GLU A 3307 -35.95 27.48 34.52
C GLU A 3307 -37.13 26.92 33.73
N ILE A 3308 -37.68 25.81 34.21
CA ILE A 3308 -38.73 25.09 33.51
C ILE A 3308 -40.09 25.51 34.06
N ALA A 3309 -41.13 25.30 33.24
CA ALA A 3309 -42.49 25.55 33.69
C ALA A 3309 -42.94 24.46 34.66
N THR A 3310 -43.93 24.81 35.48
CA THR A 3310 -44.27 23.99 36.64
C THR A 3310 -44.78 22.61 36.24
N LYS A 3311 -45.65 22.54 35.23
CA LYS A 3311 -46.32 21.28 34.94
C LYS A 3311 -45.41 20.23 34.33
N GLU A 3312 -44.21 20.59 33.89
CA GLU A 3312 -43.28 19.62 33.31
C GLU A 3312 -42.41 19.01 34.40
N ASP A 3313 -42.32 17.69 34.41
CA ASP A 3313 -41.36 17.02 35.27
C ASP A 3313 -39.95 17.38 34.79
N PRO A 3314 -39.04 17.80 35.68
CA PRO A 3314 -37.66 18.02 35.20
C PRO A 3314 -37.03 16.76 34.63
N ARG A 3315 -37.41 15.59 35.14
CA ARG A 3315 -36.90 14.33 34.60
C ARG A 3315 -37.18 14.22 33.11
N SER A 3316 -38.36 14.66 32.68
CA SER A 3316 -38.72 14.60 31.28
C SER A 3316 -37.78 15.43 30.40
N PHE A 3317 -37.10 16.42 30.97
CA PHE A 3317 -36.16 17.21 30.18
C PHE A 3317 -34.88 16.46 29.87
N TYR A 3318 -34.57 15.39 30.60
CA TYR A 3318 -33.43 14.55 30.30
C TYR A 3318 -33.79 13.35 29.43
N GLU A 3319 -35.01 12.82 29.58
CA GLU A 3319 -35.46 11.78 28.68
C GLU A 3319 -35.71 12.32 27.28
N ARG A 3320 -36.14 13.58 27.18
CA ARG A 3320 -36.38 14.22 25.89
C ARG A 3320 -35.11 14.69 25.20
N GLY A 3321 -33.96 14.61 25.87
CA GLY A 3321 -32.69 14.94 25.24
C GLY A 3321 -32.61 16.37 24.75
N VAL A 3322 -33.01 17.31 25.60
CA VAL A 3322 -33.02 18.72 25.22
C VAL A 3322 -31.62 19.30 25.32
N ALA A 3323 -31.35 20.32 24.52
CA ALA A 3323 -30.09 21.05 24.58
C ALA A 3323 -30.26 22.33 23.77
N VAL A 3324 -29.17 23.08 23.62
CA VAL A 3324 -29.12 24.29 22.81
C VAL A 3324 -28.01 24.15 21.80
N LEU A 3325 -28.29 24.49 20.54
CA LEU A 3325 -27.31 24.47 19.48
C LEU A 3325 -27.01 25.90 19.03
N CYS A 3326 -25.82 26.10 18.49
CA CYS A 3326 -25.37 27.40 18.03
C CYS A 3326 -25.54 27.54 16.51
N LYS B 93 48.81 -19.19 -59.90
CA LYS B 93 49.13 -18.43 -58.69
C LYS B 93 48.37 -17.12 -58.63
N GLU B 94 48.08 -16.55 -59.81
CA GLU B 94 47.32 -15.31 -59.93
C GLU B 94 45.86 -15.56 -60.26
N TRP B 95 45.27 -16.62 -59.72
CA TRP B 95 43.94 -17.05 -60.08
C TRP B 95 42.90 -16.19 -59.37
N ILE B 96 42.29 -15.25 -60.10
CA ILE B 96 41.31 -14.26 -59.54
C ILE B 96 40.06 -14.21 -60.44
N PRO B 97 38.82 -14.59 -60.06
CA PRO B 97 37.68 -14.72 -61.00
C PRO B 97 37.26 -13.54 -61.87
N ARG B 98 36.95 -13.79 -63.15
CA ARG B 98 36.51 -12.76 -64.13
C ARG B 98 35.00 -12.51 -63.99
N PRO B 99 34.40 -11.45 -64.62
CA PRO B 99 32.97 -11.19 -64.52
C PRO B 99 31.99 -12.38 -64.49
N PRO B 100 31.72 -13.19 -65.55
CA PRO B 100 30.63 -14.16 -65.55
C PRO B 100 30.96 -15.63 -65.30
N GLU B 101 30.22 -16.33 -64.44
CA GLU B 101 30.40 -17.79 -64.28
C GLU B 101 29.84 -18.45 -65.53
N LYS B 102 30.38 -19.59 -65.95
CA LYS B 102 30.02 -20.28 -67.18
C LYS B 102 28.77 -21.13 -66.98
N TYR B 103 28.78 -22.01 -65.98
CA TYR B 103 27.65 -22.94 -65.74
C TYR B 103 27.49 -23.15 -64.23
N ALA B 104 26.39 -23.77 -63.82
CA ALA B 104 26.10 -24.09 -62.43
C ALA B 104 25.01 -25.15 -62.38
N LEU B 105 25.16 -26.10 -61.47
CA LEU B 105 24.16 -27.15 -61.29
C LEU B 105 23.01 -26.57 -60.47
N SER B 106 21.89 -26.30 -61.13
CA SER B 106 20.72 -25.73 -60.47
C SER B 106 19.80 -26.79 -59.87
N GLY B 107 20.15 -28.06 -59.95
CA GLY B 107 19.29 -29.13 -59.48
C GLY B 107 19.26 -29.28 -57.97
N HIS B 108 18.77 -28.26 -57.27
CA HIS B 108 18.54 -28.32 -55.83
C HIS B 108 17.18 -27.71 -55.52
N ARG B 109 16.46 -28.34 -54.59
CA ARG B 109 15.25 -27.80 -54.01
C ARG B 109 15.44 -27.46 -52.53
N SER B 110 16.69 -27.27 -52.10
CA SER B 110 17.02 -26.89 -50.74
C SER B 110 18.32 -26.09 -50.78
N PRO B 111 18.60 -25.31 -49.74
CA PRO B 111 19.84 -24.51 -49.73
C PRO B 111 21.08 -25.39 -49.71
N VAL B 112 22.20 -24.79 -50.10
CA VAL B 112 23.50 -25.44 -50.14
C VAL B 112 24.26 -25.09 -48.86
N THR B 113 24.83 -26.10 -48.22
CA THR B 113 25.58 -25.91 -46.98
C THR B 113 27.09 -25.87 -47.21
N ARG B 114 27.64 -26.79 -47.99
CA ARG B 114 29.08 -26.69 -48.31
C ARG B 114 29.30 -27.02 -49.77
N VAL B 115 30.37 -26.51 -50.37
CA VAL B 115 30.85 -26.80 -51.70
C VAL B 115 32.36 -26.98 -51.61
N ILE B 116 32.87 -28.07 -52.19
CA ILE B 116 34.30 -28.38 -52.18
C ILE B 116 34.67 -28.97 -53.53
N PHE B 117 35.93 -28.75 -53.93
CA PHE B 117 36.45 -29.24 -55.19
C PHE B 117 37.19 -30.55 -55.00
N HIS B 118 37.00 -31.48 -55.92
CA HIS B 118 37.74 -32.73 -55.90
C HIS B 118 39.23 -32.44 -56.13
N PRO B 119 40.14 -33.09 -55.40
CA PRO B 119 41.58 -32.82 -55.65
C PRO B 119 42.04 -33.19 -57.04
N VAL B 120 41.84 -34.45 -57.45
CA VAL B 120 42.39 -34.96 -58.71
C VAL B 120 41.38 -34.80 -59.83
N PHE B 121 40.23 -35.45 -59.70
CA PHE B 121 39.24 -35.42 -60.77
C PHE B 121 38.71 -34.01 -60.98
N SER B 122 38.31 -33.73 -62.22
CA SER B 122 37.77 -32.43 -62.59
C SER B 122 36.27 -32.36 -62.29
N VAL B 123 35.95 -32.49 -60.99
CA VAL B 123 34.58 -32.48 -60.51
C VAL B 123 34.52 -31.71 -59.20
N MET B 124 33.29 -31.47 -58.74
CA MET B 124 33.03 -30.76 -57.50
C MET B 124 31.83 -31.39 -56.82
N VAL B 125 31.82 -31.26 -55.48
CA VAL B 125 30.78 -31.81 -54.62
C VAL B 125 30.06 -30.66 -53.93
N SER B 126 28.81 -30.92 -53.56
CA SER B 126 28.01 -29.92 -52.84
C SER B 126 27.01 -30.63 -51.95
N ALA B 127 27.07 -30.36 -50.65
CA ALA B 127 26.09 -30.86 -49.71
C ALA B 127 24.93 -29.87 -49.60
N SER B 128 23.71 -30.39 -49.57
CA SER B 128 22.51 -29.57 -49.51
C SER B 128 21.79 -29.83 -48.19
N GLU B 129 20.71 -29.07 -47.95
CA GLU B 129 19.92 -29.22 -46.75
C GLU B 129 18.85 -30.29 -46.84
N ASP B 130 18.67 -30.92 -48.00
CA ASP B 130 17.67 -31.96 -48.19
C ASP B 130 18.22 -33.36 -47.94
N ALA B 131 19.22 -33.48 -47.05
CA ALA B 131 19.82 -34.77 -46.72
C ALA B 131 20.42 -35.43 -47.96
N THR B 132 21.05 -34.62 -48.81
CA THR B 132 21.61 -35.10 -50.06
C THR B 132 22.91 -34.37 -50.37
N ILE B 133 23.76 -35.02 -51.16
CA ILE B 133 24.97 -34.42 -51.68
C ILE B 133 25.01 -34.71 -53.18
N LYS B 134 25.48 -33.75 -53.96
CA LYS B 134 25.56 -33.87 -55.42
C LYS B 134 27.01 -33.75 -55.86
N VAL B 135 27.42 -34.62 -56.77
CA VAL B 135 28.76 -34.62 -57.35
C VAL B 135 28.60 -34.46 -58.86
N TRP B 136 29.34 -33.50 -59.43
CA TRP B 136 29.21 -33.26 -60.86
C TRP B 136 30.44 -32.52 -61.39
N ASP B 137 30.66 -32.65 -62.69
CA ASP B 137 31.80 -32.02 -63.34
C ASP B 137 31.62 -30.50 -63.33
N TYR B 138 32.71 -29.78 -63.03
CA TYR B 138 32.69 -28.33 -63.08
C TYR B 138 33.02 -27.79 -64.47
N GLU B 139 33.61 -28.60 -65.33
CA GLU B 139 34.00 -28.15 -66.67
C GLU B 139 32.82 -28.04 -67.63
N THR B 140 31.68 -28.66 -67.31
CA THR B 140 30.50 -28.64 -68.19
C THR B 140 29.25 -28.24 -67.44
N GLY B 141 29.17 -28.54 -66.15
CA GLY B 141 27.96 -28.30 -65.40
C GLY B 141 26.86 -29.30 -65.66
N ASP B 142 27.20 -30.57 -65.81
CA ASP B 142 26.23 -31.64 -66.02
C ASP B 142 26.26 -32.57 -64.81
N PHE B 143 25.08 -32.83 -64.24
CA PHE B 143 24.98 -33.68 -63.06
C PHE B 143 25.54 -35.06 -63.34
N GLU B 144 26.34 -35.59 -62.40
CA GLU B 144 26.94 -36.91 -62.53
C GLU B 144 26.33 -37.92 -61.56
N ARG B 145 26.40 -37.67 -60.25
CA ARG B 145 25.92 -38.65 -59.29
C ARG B 145 25.53 -37.93 -58.00
N THR B 146 24.94 -38.69 -57.07
CA THR B 146 24.49 -38.14 -55.80
C THR B 146 24.76 -39.13 -54.69
N LEU B 147 25.01 -38.59 -53.49
CA LEU B 147 25.15 -39.35 -52.27
C LEU B 147 23.91 -39.12 -51.41
N LYS B 148 23.27 -40.20 -50.98
CA LYS B 148 22.05 -40.14 -50.20
C LYS B 148 22.10 -41.23 -49.13
N GLY B 149 21.32 -41.01 -48.07
CA GLY B 149 21.29 -41.92 -46.94
C GLY B 149 21.10 -41.20 -45.62
N HIS B 150 21.42 -39.91 -45.58
CA HIS B 150 21.19 -39.12 -44.38
C HIS B 150 19.71 -38.82 -44.23
N THR B 151 19.32 -38.47 -42.99
CA THR B 151 17.92 -38.17 -42.67
C THR B 151 17.64 -36.68 -42.55
N ASP B 152 18.64 -35.86 -42.22
CA ASP B 152 18.48 -34.42 -42.04
C ASP B 152 19.49 -33.70 -42.93
N SER B 153 19.51 -32.37 -42.82
CA SER B 153 20.35 -31.54 -43.68
C SER B 153 21.81 -31.93 -43.55
N VAL B 154 22.48 -32.07 -44.68
CA VAL B 154 23.92 -32.34 -44.72
C VAL B 154 24.64 -31.00 -44.63
N GLN B 155 25.46 -30.84 -43.60
CA GLN B 155 26.10 -29.55 -43.33
C GLN B 155 27.47 -29.43 -43.99
N ASP B 156 28.15 -30.54 -44.25
CA ASP B 156 29.53 -30.48 -44.73
C ASP B 156 29.84 -31.68 -45.61
N ILE B 157 30.88 -31.51 -46.42
CA ILE B 157 31.41 -32.58 -47.26
C ILE B 157 32.82 -32.16 -47.64
N SER B 158 33.69 -33.13 -47.86
CA SER B 158 35.08 -32.85 -48.16
C SER B 158 35.68 -34.01 -48.95
N PHE B 159 37.00 -33.98 -49.11
CA PHE B 159 37.74 -35.03 -49.79
C PHE B 159 39.02 -35.32 -49.01
N ASP B 160 39.56 -36.52 -49.22
CA ASP B 160 40.90 -36.83 -48.78
C ASP B 160 41.89 -36.35 -49.86
N HIS B 161 43.13 -36.85 -49.83
CA HIS B 161 44.15 -36.39 -50.76
C HIS B 161 43.71 -36.48 -52.22
N SER B 162 42.96 -37.52 -52.57
CA SER B 162 42.52 -37.73 -53.95
C SER B 162 41.08 -38.23 -53.99
N GLY B 163 40.19 -37.46 -53.39
CA GLY B 163 38.78 -37.86 -53.42
C GLY B 163 38.62 -39.19 -52.76
N LYS B 164 38.41 -40.27 -53.52
CA LYS B 164 38.39 -41.63 -52.93
C LYS B 164 37.51 -41.57 -51.68
N LEU B 165 37.96 -41.94 -50.49
CA LEU B 165 37.06 -42.00 -49.30
C LEU B 165 36.49 -40.62 -48.95
N LEU B 166 35.18 -40.34 -49.20
CA LEU B 166 34.55 -39.09 -48.80
C LEU B 166 34.05 -39.17 -47.36
N ALA B 167 33.91 -37.99 -46.74
CA ALA B 167 33.34 -37.86 -45.40
C ALA B 167 32.34 -36.73 -45.41
N SER B 168 31.07 -37.05 -45.11
CA SER B 168 29.99 -36.08 -45.01
C SER B 168 29.39 -36.16 -43.62
N CYS B 169 28.63 -35.12 -43.25
CA CYS B 169 28.03 -35.06 -41.92
C CYS B 169 26.68 -34.38 -42.02
N SER B 170 25.71 -34.90 -41.26
CA SER B 170 24.34 -34.40 -41.27
C SER B 170 23.84 -34.21 -39.84
N ALA B 171 22.94 -33.23 -39.72
CA ALA B 171 22.49 -32.69 -38.44
C ALA B 171 21.70 -33.69 -37.61
N ASP B 172 21.37 -34.85 -38.19
CA ASP B 172 20.79 -35.94 -37.43
C ASP B 172 21.87 -36.74 -36.70
N MET B 173 22.77 -36.06 -35.99
CA MET B 173 23.81 -36.66 -35.16
C MET B 173 24.81 -37.46 -35.99
N THR B 174 24.75 -37.44 -37.31
CA THR B 174 25.36 -38.49 -38.12
C THR B 174 26.58 -37.98 -38.87
N ILE B 175 27.60 -38.84 -38.98
CA ILE B 175 28.65 -38.70 -39.97
C ILE B 175 28.61 -39.95 -40.83
N LYS B 176 29.09 -39.83 -42.07
CA LYS B 176 29.10 -40.94 -43.00
C LYS B 176 30.37 -40.90 -43.83
N LEU B 177 30.95 -42.07 -44.04
CA LEU B 177 32.12 -42.25 -44.89
C LEU B 177 31.71 -43.05 -46.12
N TRP B 178 32.00 -42.50 -47.29
CA TRP B 178 31.48 -42.98 -48.57
C TRP B 178 32.63 -43.34 -49.49
N ASP B 179 32.33 -44.22 -50.46
CA ASP B 179 33.22 -44.49 -51.58
C ASP B 179 32.84 -43.56 -52.73
N PHE B 180 33.78 -42.71 -53.15
CA PHE B 180 33.45 -41.67 -54.12
C PHE B 180 33.01 -42.25 -55.45
N GLN B 181 33.82 -43.15 -56.01
CA GLN B 181 33.52 -43.69 -57.34
C GLN B 181 32.21 -44.47 -57.33
N GLY B 182 31.98 -45.26 -56.28
CA GLY B 182 30.70 -45.94 -56.13
C GLY B 182 29.58 -45.04 -55.68
N PHE B 183 29.90 -43.91 -55.06
CA PHE B 183 28.90 -42.99 -54.51
C PHE B 183 27.95 -43.72 -53.55
N GLU B 184 28.56 -44.54 -52.68
CA GLU B 184 27.85 -45.38 -51.73
C GLU B 184 28.44 -45.19 -50.35
N CYS B 185 27.57 -45.13 -49.34
CA CYS B 185 28.03 -45.05 -47.96
C CYS B 185 28.59 -46.39 -47.52
N ILE B 186 29.79 -46.39 -46.96
CA ILE B 186 30.43 -47.60 -46.46
C ILE B 186 30.54 -47.63 -44.94
N ARG B 187 30.50 -46.48 -44.27
CA ARG B 187 30.55 -46.44 -42.82
C ARG B 187 29.62 -45.35 -42.30
N THR B 188 28.96 -45.63 -41.18
CA THR B 188 28.13 -44.66 -40.47
C THR B 188 28.72 -44.44 -39.08
N MET B 189 28.94 -43.18 -38.72
CA MET B 189 29.57 -42.79 -37.47
C MET B 189 28.57 -42.04 -36.61
N HIS B 190 28.44 -42.48 -35.36
CA HIS B 190 27.54 -41.87 -34.39
C HIS B 190 28.24 -41.87 -33.03
N GLY B 191 27.63 -41.17 -32.08
CA GLY B 191 28.15 -41.06 -30.74
C GLY B 191 28.26 -39.63 -30.22
N HIS B 192 27.56 -38.71 -30.87
CA HIS B 192 27.48 -37.33 -30.41
C HIS B 192 26.29 -37.19 -29.47
N ASP B 193 25.93 -35.94 -29.15
CA ASP B 193 24.76 -35.64 -28.35
C ASP B 193 23.89 -34.56 -28.97
N HIS B 194 24.20 -34.09 -30.17
CA HIS B 194 23.46 -33.00 -30.80
C HIS B 194 23.76 -33.05 -32.29
N ASN B 195 23.40 -31.98 -33.00
CA ASN B 195 23.67 -31.92 -34.43
C ASN B 195 25.18 -31.77 -34.66
N VAL B 196 25.57 -31.90 -35.92
CA VAL B 196 26.95 -31.78 -36.36
C VAL B 196 27.03 -30.60 -37.33
N SER B 197 28.02 -29.73 -37.12
CA SER B 197 28.16 -28.49 -37.87
C SER B 197 29.10 -28.61 -39.06
N SER B 198 30.29 -29.18 -38.84
CA SER B 198 31.26 -29.30 -39.91
C SER B 198 32.17 -30.50 -39.65
N VAL B 199 32.81 -30.96 -40.73
CA VAL B 199 33.67 -32.12 -40.71
C VAL B 199 34.82 -31.88 -41.68
N ALA B 200 35.95 -32.53 -41.41
CA ALA B 200 37.07 -32.52 -42.34
C ALA B 200 37.88 -33.79 -42.14
N ILE B 201 38.90 -33.96 -42.97
CA ILE B 201 39.70 -35.18 -42.99
C ILE B 201 41.14 -34.83 -43.30
N MET B 202 42.06 -35.54 -42.67
CA MET B 202 43.48 -35.44 -43.01
C MET B 202 43.65 -36.09 -44.39
N PRO B 203 44.13 -35.37 -45.42
CA PRO B 203 44.10 -35.95 -46.78
C PRO B 203 44.83 -37.27 -46.94
N ASN B 204 45.91 -37.51 -46.20
CA ASN B 204 46.62 -38.78 -46.24
C ASN B 204 46.77 -39.38 -44.84
N GLY B 205 45.81 -39.10 -43.95
CA GLY B 205 45.80 -39.64 -42.61
C GLY B 205 44.85 -40.81 -42.47
N ASP B 206 44.47 -41.09 -41.21
CA ASP B 206 43.60 -42.21 -40.89
C ASP B 206 42.60 -41.84 -39.79
N HIS B 207 42.18 -40.58 -39.75
CA HIS B 207 41.29 -40.12 -38.69
C HIS B 207 40.38 -39.03 -39.25
N ILE B 208 39.34 -38.71 -38.48
CA ILE B 208 38.34 -37.73 -38.86
C ILE B 208 38.14 -36.76 -37.71
N VAL B 209 38.06 -35.47 -38.06
CA VAL B 209 37.65 -34.40 -37.15
C VAL B 209 36.17 -34.18 -37.39
N SER B 210 35.41 -33.98 -36.31
CA SER B 210 34.00 -33.62 -36.41
C SER B 210 33.72 -32.54 -35.39
N ALA B 211 32.90 -31.56 -35.77
CA ALA B 211 32.53 -30.45 -34.90
C ALA B 211 31.05 -30.56 -34.59
N SER B 212 30.69 -30.55 -33.30
CA SER B 212 29.34 -30.92 -32.87
C SER B 212 28.66 -29.79 -32.13
N ARG B 213 27.32 -29.75 -32.25
CA ARG B 213 26.52 -28.71 -31.61
C ARG B 213 26.56 -28.78 -30.08
N ASP B 214 27.06 -29.88 -29.51
CA ASP B 214 27.13 -30.03 -28.05
C ASP B 214 28.45 -29.50 -27.48
N LYS B 215 29.05 -28.52 -28.13
CA LYS B 215 30.23 -27.81 -27.59
C LYS B 215 31.42 -28.74 -27.49
N THR B 216 31.77 -29.40 -28.60
CA THR B 216 32.95 -30.25 -28.60
C THR B 216 33.37 -30.60 -30.02
N ILE B 217 34.59 -31.11 -30.11
CA ILE B 217 35.18 -31.63 -31.34
C ILE B 217 35.51 -33.09 -31.08
N LYS B 218 34.94 -33.97 -31.90
CA LYS B 218 35.14 -35.39 -31.79
C LYS B 218 36.21 -35.86 -32.77
N MET B 219 37.14 -36.67 -32.27
CA MET B 219 38.19 -37.27 -33.13
C MET B 219 37.73 -38.72 -33.28
N TRP B 220 37.71 -39.26 -34.49
CA TRP B 220 37.28 -40.62 -34.83
C TRP B 220 38.34 -41.34 -35.65
N GLU B 221 38.37 -42.66 -35.50
CA GLU B 221 39.13 -43.52 -36.40
C GLU B 221 38.38 -43.70 -37.71
N VAL B 222 39.12 -43.68 -38.81
CA VAL B 222 38.49 -43.81 -40.12
C VAL B 222 37.92 -45.22 -40.29
N GLN B 223 38.71 -46.24 -39.98
CA GLN B 223 38.31 -47.62 -40.27
C GLN B 223 37.27 -48.14 -39.29
N THR B 224 37.26 -47.67 -38.06
CA THR B 224 36.33 -48.14 -37.03
C THR B 224 35.14 -47.21 -36.83
N GLY B 225 35.34 -45.90 -36.92
CA GLY B 225 34.30 -44.96 -36.55
C GLY B 225 34.11 -44.80 -35.07
N TYR B 226 35.12 -45.18 -34.25
CA TYR B 226 35.06 -45.11 -32.76
C TYR B 226 35.76 -43.84 -32.28
N CYS B 227 35.12 -43.01 -31.46
CA CYS B 227 35.60 -41.71 -31.01
C CYS B 227 36.87 -41.92 -30.19
N VAL B 228 38.03 -41.82 -30.84
CA VAL B 228 39.27 -42.05 -30.12
C VAL B 228 39.54 -40.91 -29.14
N LYS B 229 39.14 -39.69 -29.46
CA LYS B 229 39.32 -38.57 -28.52
C LYS B 229 38.15 -37.61 -28.61
N THR B 230 37.94 -36.87 -27.52
CA THR B 230 36.90 -35.85 -27.42
C THR B 230 37.50 -34.60 -26.81
N PHE B 231 37.38 -33.47 -27.50
CA PHE B 231 37.96 -32.20 -27.09
C PHE B 231 36.83 -31.26 -26.71
N THR B 232 36.86 -30.79 -25.46
CA THR B 232 35.82 -29.94 -24.89
C THR B 232 36.46 -28.75 -24.19
N GLY B 233 35.61 -27.86 -23.68
CA GLY B 233 36.04 -26.67 -22.99
C GLY B 233 35.50 -25.38 -23.59
N HIS B 234 34.35 -25.47 -24.25
CA HIS B 234 33.72 -24.33 -24.89
C HIS B 234 32.57 -23.81 -24.04
N ARG B 235 32.16 -22.56 -24.31
CA ARG B 235 30.97 -21.99 -23.70
C ARG B 235 29.74 -22.23 -24.56
N GLU B 236 29.81 -21.88 -25.84
CA GLU B 236 28.78 -22.16 -26.83
C GLU B 236 29.29 -23.19 -27.82
N TRP B 237 28.38 -23.69 -28.65
CA TRP B 237 28.73 -24.74 -29.59
C TRP B 237 29.75 -24.25 -30.62
N VAL B 238 30.28 -25.21 -31.38
CA VAL B 238 31.36 -24.97 -32.34
C VAL B 238 30.77 -24.77 -33.72
N ARG B 239 31.35 -23.84 -34.48
CA ARG B 239 30.91 -23.58 -35.85
C ARG B 239 31.74 -24.30 -36.89
N MET B 240 33.06 -24.42 -36.70
CA MET B 240 33.89 -25.07 -37.71
C MET B 240 35.15 -25.59 -37.07
N VAL B 241 35.78 -26.56 -37.75
CA VAL B 241 37.02 -27.17 -37.32
C VAL B 241 37.94 -27.30 -38.52
N ARG B 242 39.26 -27.28 -38.27
CA ARG B 242 40.23 -27.48 -39.33
C ARG B 242 41.55 -27.96 -38.74
N PRO B 243 42.12 -29.07 -39.22
CA PRO B 243 43.38 -29.54 -38.63
C PRO B 243 44.60 -28.90 -39.27
N ASN B 244 45.67 -28.85 -38.49
CA ASN B 244 46.95 -28.41 -39.03
C ASN B 244 47.41 -29.38 -40.10
N GLN B 245 48.03 -28.85 -41.16
CA GLN B 245 48.46 -29.69 -42.26
C GLN B 245 49.50 -30.72 -41.83
N ASP B 246 50.26 -30.43 -40.77
CA ASP B 246 51.25 -31.36 -40.25
C ASP B 246 50.69 -32.32 -39.21
N GLY B 247 49.39 -32.25 -38.93
CA GLY B 247 48.79 -33.17 -37.97
C GLY B 247 49.28 -33.01 -36.56
N THR B 248 49.40 -31.79 -36.07
CA THR B 248 49.85 -31.49 -34.71
C THR B 248 48.89 -30.59 -33.94
N LEU B 249 48.22 -29.66 -34.62
CA LEU B 249 47.31 -28.71 -33.99
C LEU B 249 45.97 -28.76 -34.70
N ILE B 250 44.91 -28.47 -33.95
CA ILE B 250 43.54 -28.40 -34.48
C ILE B 250 43.00 -27.01 -34.16
N ALA B 251 42.62 -26.26 -35.21
CA ALA B 251 41.99 -24.96 -35.04
C ALA B 251 40.48 -25.14 -34.97
N SER B 252 39.86 -24.56 -33.95
CA SER B 252 38.43 -24.66 -33.71
C SER B 252 37.84 -23.26 -33.76
N CYS B 253 37.00 -22.98 -34.78
CA CYS B 253 36.29 -21.68 -34.93
C CYS B 253 34.98 -21.78 -34.19
N SER B 254 34.91 -21.37 -32.93
CA SER B 254 33.83 -21.57 -31.99
C SER B 254 32.69 -20.58 -32.29
N ASN B 255 31.72 -20.53 -31.38
CA ASN B 255 30.73 -19.46 -31.32
C ASN B 255 30.87 -18.66 -30.04
N ASP B 256 31.99 -18.79 -29.34
CA ASP B 256 32.27 -18.07 -28.11
C ASP B 256 32.95 -16.73 -28.36
N GLN B 257 32.85 -16.20 -29.59
CA GLN B 257 33.62 -15.05 -30.09
C GLN B 257 35.11 -15.35 -30.20
N THR B 258 35.53 -16.59 -29.96
CA THR B 258 36.94 -16.96 -29.90
C THR B 258 37.22 -18.09 -30.88
N VAL B 259 38.49 -18.18 -31.27
CA VAL B 259 39.03 -19.30 -32.04
C VAL B 259 40.13 -19.93 -31.21
N ARG B 260 40.04 -21.24 -30.99
CA ARG B 260 41.00 -21.95 -30.17
C ARG B 260 41.91 -22.82 -31.04
N VAL B 261 43.05 -23.19 -30.46
CA VAL B 261 44.01 -24.08 -31.10
C VAL B 261 44.42 -25.14 -30.07
N TRP B 262 44.29 -26.41 -30.47
CA TRP B 262 44.33 -27.53 -29.56
C TRP B 262 45.43 -28.50 -29.95
N VAL B 263 46.13 -29.02 -28.94
CA VAL B 263 47.19 -30.00 -29.16
C VAL B 263 46.55 -31.36 -29.38
N VAL B 264 46.93 -32.04 -30.46
CA VAL B 264 46.45 -33.38 -30.74
C VAL B 264 47.03 -34.35 -29.72
N CYS B 269 44.37 -28.20 -24.98
CA CYS B 269 44.11 -26.87 -25.54
C CYS B 269 45.36 -26.00 -25.46
N LYS B 270 46.00 -25.79 -26.61
CA LYS B 270 47.24 -25.01 -26.61
C LYS B 270 46.96 -23.54 -26.32
N ALA B 271 45.95 -22.95 -26.96
CA ALA B 271 45.69 -21.53 -26.76
C ALA B 271 44.29 -21.16 -27.23
N GLU B 272 43.85 -19.97 -26.83
CA GLU B 272 42.60 -19.36 -27.25
C GLU B 272 42.90 -17.95 -27.71
N LEU B 273 42.18 -17.49 -28.74
CA LEU B 273 42.34 -16.16 -29.29
C LEU B 273 40.98 -15.50 -29.46
N ARG B 274 40.92 -14.19 -29.27
CA ARG B 274 39.66 -13.46 -29.17
C ARG B 274 39.89 -12.00 -29.56
N GLU B 275 39.52 -11.65 -30.79
CA GLU B 275 39.51 -10.26 -31.23
C GLU B 275 38.29 -9.98 -32.11
N HIS B 276 37.11 -10.44 -31.69
CA HIS B 276 35.89 -10.26 -32.46
C HIS B 276 34.72 -9.94 -31.54
N GLU B 277 33.72 -9.28 -32.13
CA GLU B 277 32.50 -8.91 -31.42
C GLU B 277 31.44 -9.99 -31.51
N HIS B 278 31.15 -10.47 -32.72
CA HIS B 278 30.10 -11.44 -32.97
C HIS B 278 30.73 -12.83 -33.14
N VAL B 279 29.92 -13.80 -33.54
CA VAL B 279 30.40 -15.16 -33.74
C VAL B 279 31.49 -15.18 -34.81
N VAL B 280 32.59 -15.87 -34.50
CA VAL B 280 33.56 -16.26 -35.52
C VAL B 280 32.98 -17.44 -36.29
N GLU B 281 33.00 -17.35 -37.63
CA GLU B 281 32.21 -18.21 -38.49
C GLU B 281 33.02 -19.19 -39.33
N CYS B 282 34.33 -19.05 -39.41
CA CYS B 282 35.12 -19.91 -40.28
C CYS B 282 36.60 -19.67 -40.04
N ILE B 283 37.41 -20.68 -40.34
CA ILE B 283 38.86 -20.62 -40.17
C ILE B 283 39.55 -21.31 -41.34
N SER B 284 40.86 -21.11 -41.44
CA SER B 284 41.68 -21.79 -42.42
C SER B 284 43.15 -21.65 -42.03
N TRP B 285 43.86 -22.78 -42.08
CA TRP B 285 45.30 -22.75 -41.84
C TRP B 285 46.02 -22.13 -43.02
N ALA B 286 47.08 -21.38 -42.71
CA ALA B 286 47.82 -20.71 -43.76
C ALA B 286 48.76 -21.70 -44.47
N PRO B 287 49.04 -21.50 -45.76
CA PRO B 287 50.04 -22.31 -46.44
C PRO B 287 51.44 -21.73 -46.27
N GLU B 288 52.44 -22.53 -46.61
CA GLU B 288 53.83 -22.08 -46.52
C GLU B 288 54.09 -20.91 -47.47
N SER B 289 53.37 -20.84 -48.58
CA SER B 289 53.63 -19.81 -49.58
C SER B 289 53.44 -18.41 -49.02
N SER B 290 52.52 -18.25 -48.06
CA SER B 290 52.29 -16.95 -47.43
C SER B 290 53.27 -16.65 -46.31
N TYR B 291 54.03 -17.64 -45.85
CA TYR B 291 54.82 -17.50 -44.62
C TYR B 291 55.79 -16.32 -44.72
N SER B 292 56.59 -16.27 -45.78
CA SER B 292 57.43 -15.10 -46.00
C SER B 292 56.58 -13.86 -46.28
N SER B 293 55.55 -14.01 -47.12
CA SER B 293 54.75 -12.86 -47.52
C SER B 293 54.07 -12.20 -46.32
N ILE B 294 53.60 -13.02 -45.38
CA ILE B 294 52.98 -12.49 -44.18
C ILE B 294 53.98 -11.62 -43.41
N SER B 295 55.25 -12.05 -43.37
CA SER B 295 56.26 -11.24 -42.70
C SER B 295 56.41 -9.89 -43.37
N GLU B 296 56.16 -9.81 -44.67
CA GLU B 296 56.15 -8.52 -45.35
C GLU B 296 54.89 -7.73 -45.03
N ALA B 297 53.76 -8.41 -44.82
CA ALA B 297 52.51 -7.70 -44.55
C ALA B 297 52.59 -6.92 -43.25
N THR B 298 53.19 -7.51 -42.22
CA THR B 298 53.33 -6.85 -40.93
C THR B 298 54.47 -5.83 -40.97
N GLY B 309 54.38 -19.81 -38.94
CA GLY B 309 54.07 -19.07 -37.74
C GLY B 309 53.87 -19.95 -36.53
N PRO B 310 52.82 -20.78 -36.52
CA PRO B 310 51.77 -20.91 -37.55
C PRO B 310 50.82 -19.72 -37.59
N PHE B 311 50.21 -19.49 -38.76
CA PHE B 311 49.31 -18.37 -38.98
C PHE B 311 47.93 -18.89 -39.36
N LEU B 312 46.90 -18.34 -38.73
CA LEU B 312 45.51 -18.67 -38.98
C LEU B 312 44.78 -17.47 -39.57
N LEU B 313 43.68 -17.76 -40.25
CA LEU B 313 42.73 -16.76 -40.73
C LEU B 313 41.38 -17.05 -40.08
N SER B 314 40.63 -15.99 -39.81
CA SER B 314 39.33 -16.15 -39.15
C SER B 314 38.41 -15.03 -39.58
N GLY B 315 37.30 -15.38 -40.23
CA GLY B 315 36.23 -14.46 -40.54
C GLY B 315 35.15 -14.55 -39.48
N SER B 316 34.44 -13.44 -39.27
CA SER B 316 33.47 -13.38 -38.18
C SER B 316 32.20 -12.69 -38.62
N ARG B 317 31.15 -12.89 -37.83
CA ARG B 317 29.87 -12.23 -38.01
C ARG B 317 29.94 -10.73 -37.82
N ASP B 318 31.02 -10.20 -37.24
CA ASP B 318 31.17 -8.77 -37.02
C ASP B 318 31.63 -8.01 -38.26
N LYS B 319 31.52 -8.61 -39.44
CA LYS B 319 31.90 -7.96 -40.70
C LYS B 319 33.41 -7.71 -40.76
N THR B 320 34.19 -8.69 -40.30
CA THR B 320 35.64 -8.58 -40.28
C THR B 320 36.28 -9.93 -40.60
N ILE B 321 37.49 -9.86 -41.12
CA ILE B 321 38.40 -11.00 -41.21
C ILE B 321 39.68 -10.60 -40.49
N LYS B 322 40.33 -11.56 -39.85
CA LYS B 322 41.56 -11.26 -39.12
C LYS B 322 42.54 -12.40 -39.29
N MET B 323 43.80 -12.03 -39.54
CA MET B 323 44.90 -12.97 -39.62
C MET B 323 45.65 -12.93 -38.29
N TRP B 324 45.73 -14.10 -37.63
CA TRP B 324 46.20 -14.30 -36.28
C TRP B 324 47.40 -15.24 -36.30
N ASP B 325 48.17 -15.24 -35.21
CA ASP B 325 49.33 -16.10 -35.06
C ASP B 325 49.24 -16.87 -33.74
N VAL B 326 49.63 -18.14 -33.79
CA VAL B 326 49.58 -18.98 -32.60
C VAL B 326 50.64 -18.56 -31.59
N SER B 327 51.86 -18.27 -32.07
CA SER B 327 52.98 -18.12 -31.16
C SER B 327 52.81 -16.92 -30.22
N THR B 328 52.20 -15.83 -30.72
CA THR B 328 51.99 -14.63 -29.91
C THR B 328 50.58 -14.53 -29.35
N GLY B 329 49.60 -15.14 -30.00
CA GLY B 329 48.22 -14.99 -29.58
C GLY B 329 47.61 -13.65 -29.90
N MET B 330 48.30 -12.80 -30.64
CA MET B 330 47.84 -11.47 -31.00
C MET B 330 47.63 -11.40 -32.51
N CYS B 331 46.62 -10.63 -32.90
CA CYS B 331 46.31 -10.48 -34.32
C CYS B 331 47.46 -9.81 -35.06
N LEU B 332 47.76 -10.33 -36.26
CA LEU B 332 48.63 -9.59 -37.17
C LEU B 332 47.85 -8.55 -37.95
N MET B 333 46.78 -8.98 -38.64
CA MET B 333 46.12 -8.12 -39.61
C MET B 333 44.61 -8.17 -39.46
N THR B 334 43.97 -7.05 -39.77
CA THR B 334 42.52 -6.86 -39.62
C THR B 334 41.96 -6.32 -40.93
N LEU B 335 41.33 -7.20 -41.70
CA LEU B 335 40.67 -6.81 -42.94
C LEU B 335 39.23 -6.43 -42.64
N VAL B 336 38.85 -5.21 -43.01
CA VAL B 336 37.55 -4.64 -42.70
C VAL B 336 36.92 -4.15 -44.01
N GLY B 337 35.63 -3.83 -43.93
CA GLY B 337 34.85 -3.42 -45.07
C GLY B 337 33.79 -4.41 -45.50
N HIS B 338 33.53 -5.46 -44.73
CA HIS B 338 32.51 -6.44 -45.07
C HIS B 338 31.13 -5.89 -44.78
N ASP B 339 30.16 -6.31 -45.60
CA ASP B 339 28.79 -5.83 -45.44
C ASP B 339 28.01 -6.65 -44.43
N ASN B 340 28.27 -7.96 -44.35
CA ASN B 340 27.52 -8.85 -43.47
C ASN B 340 28.46 -9.96 -43.00
N TRP B 341 27.89 -11.02 -42.42
CA TRP B 341 28.70 -12.07 -41.81
C TRP B 341 29.58 -12.76 -42.83
N VAL B 342 30.77 -13.15 -42.40
CA VAL B 342 31.73 -13.86 -43.25
C VAL B 342 31.53 -15.36 -43.05
N ARG B 343 31.25 -16.08 -44.15
CA ARG B 343 31.03 -17.52 -44.10
C ARG B 343 32.23 -18.32 -44.61
N GLY B 344 33.23 -17.67 -45.20
CA GLY B 344 34.36 -18.38 -45.74
C GLY B 344 35.65 -17.58 -45.70
N VAL B 345 36.75 -18.25 -45.35
CA VAL B 345 38.08 -17.64 -45.33
C VAL B 345 39.06 -18.68 -45.84
N LEU B 346 39.57 -18.49 -47.05
CA LEU B 346 40.51 -19.42 -47.67
C LEU B 346 41.70 -18.65 -48.20
N PHE B 347 42.89 -19.14 -47.87
CA PHE B 347 44.11 -18.63 -48.50
C PHE B 347 44.14 -19.03 -49.97
N HIS B 348 44.98 -18.32 -50.73
CA HIS B 348 45.26 -18.69 -52.11
C HIS B 348 46.48 -19.59 -52.17
N SER B 349 46.56 -20.41 -53.22
CA SER B 349 47.70 -21.30 -53.37
C SER B 349 48.99 -20.51 -53.53
N GLY B 350 48.96 -19.42 -54.30
CA GLY B 350 50.14 -18.59 -54.43
C GLY B 350 50.58 -17.98 -53.12
N GLY B 351 49.65 -17.77 -52.19
CA GLY B 351 49.95 -17.27 -50.88
C GLY B 351 49.80 -15.77 -50.71
N LYS B 352 49.79 -15.01 -51.81
CA LYS B 352 49.66 -13.56 -51.70
C LYS B 352 48.22 -13.14 -51.41
N PHE B 353 47.23 -13.95 -51.77
CA PHE B 353 45.84 -13.53 -51.79
C PHE B 353 45.01 -14.29 -50.76
N ILE B 354 44.02 -13.60 -50.22
CA ILE B 354 43.03 -14.16 -49.31
C ILE B 354 41.70 -14.17 -50.04
N LEU B 355 41.00 -15.30 -49.99
CA LEU B 355 39.72 -15.47 -50.66
C LEU B 355 38.66 -15.66 -49.58
N SER B 356 37.58 -14.88 -49.65
CA SER B 356 36.57 -14.92 -48.60
C SER B 356 35.20 -14.63 -49.20
N CYS B 357 34.17 -15.14 -48.52
CA CYS B 357 32.79 -14.96 -48.90
C CYS B 357 31.98 -14.57 -47.67
N ALA B 358 30.86 -13.90 -47.92
CA ALA B 358 30.03 -13.39 -46.83
C ALA B 358 28.56 -13.40 -47.26
N ASP B 359 27.69 -13.24 -46.27
CA ASP B 359 26.24 -13.23 -46.49
C ASP B 359 25.78 -11.85 -46.95
N ASP B 360 26.38 -11.39 -48.05
CA ASP B 360 26.06 -10.07 -48.61
C ASP B 360 26.01 -10.08 -50.13
N LYS B 361 25.98 -11.26 -50.76
CA LYS B 361 26.00 -11.39 -52.22
C LYS B 361 27.32 -10.92 -52.81
N THR B 362 28.44 -11.04 -52.07
CA THR B 362 29.74 -10.58 -52.55
C THR B 362 30.80 -11.62 -52.25
N LEU B 363 31.62 -11.92 -53.26
CA LEU B 363 32.86 -12.67 -53.11
C LEU B 363 34.02 -11.68 -53.09
N ARG B 364 34.80 -11.70 -52.02
CA ARG B 364 35.88 -10.74 -51.85
C ARG B 364 37.23 -11.45 -51.95
N VAL B 365 38.12 -10.85 -52.74
CA VAL B 365 39.50 -11.31 -52.89
C VAL B 365 40.40 -10.16 -52.45
N TRP B 366 41.23 -10.41 -51.45
CA TRP B 366 42.07 -9.40 -50.82
C TRP B 366 43.52 -9.69 -51.10
N ASP B 367 44.30 -8.63 -51.32
CA ASP B 367 45.75 -8.69 -51.37
C ASP B 367 46.23 -8.14 -50.03
N TYR B 368 46.51 -9.04 -49.08
CA TYR B 368 46.83 -8.63 -47.73
C TYR B 368 48.19 -7.95 -47.60
N LYS B 369 48.99 -7.95 -48.67
CA LYS B 369 50.32 -7.35 -48.60
C LYS B 369 50.25 -5.86 -48.29
N ASN B 370 49.17 -5.18 -48.71
CA ASN B 370 49.07 -3.73 -48.58
C ASN B 370 47.66 -3.30 -48.15
N LYS B 371 46.95 -4.17 -47.43
CA LYS B 371 45.60 -3.93 -46.90
C LYS B 371 44.68 -3.23 -47.91
N ARG B 372 44.49 -3.90 -49.05
CA ARG B 372 43.54 -3.47 -50.07
C ARG B 372 42.62 -4.63 -50.42
N CYS B 373 41.46 -4.28 -50.98
CA CYS B 373 40.51 -5.25 -51.51
C CYS B 373 40.71 -5.37 -53.02
N MET B 374 41.33 -6.47 -53.44
CA MET B 374 41.66 -6.63 -54.85
C MET B 374 40.41 -6.69 -55.71
N LYS B 375 39.41 -7.46 -55.29
CA LYS B 375 38.23 -7.68 -56.12
C LYS B 375 37.00 -7.91 -55.25
N THR B 376 35.87 -7.39 -55.74
CA THR B 376 34.56 -7.53 -55.12
C THR B 376 33.58 -7.96 -56.20
N LEU B 377 33.17 -9.23 -56.17
CA LEU B 377 32.39 -9.84 -57.25
C LEU B 377 30.97 -10.11 -56.78
N ASN B 378 29.99 -9.66 -57.56
CA ASN B 378 28.58 -9.88 -57.26
C ASN B 378 28.27 -11.35 -57.54
N ALA B 379 28.57 -12.20 -56.56
CA ALA B 379 28.56 -13.65 -56.78
C ALA B 379 27.15 -14.17 -57.05
N HIS B 380 26.20 -13.82 -56.20
CA HIS B 380 24.86 -14.40 -56.23
C HIS B 380 23.84 -13.29 -56.03
N GLU B 381 22.56 -13.67 -56.01
CA GLU B 381 21.47 -12.77 -55.68
C GLU B 381 20.97 -12.97 -54.25
N HIS B 382 21.62 -13.81 -53.47
CA HIS B 382 21.29 -13.99 -52.06
C HIS B 382 22.60 -14.35 -51.36
N PHE B 383 22.52 -14.91 -50.17
CA PHE B 383 23.71 -15.06 -49.34
C PHE B 383 24.56 -16.24 -49.82
N VAL B 384 25.87 -16.07 -49.76
CA VAL B 384 26.81 -17.13 -50.09
C VAL B 384 27.07 -17.94 -48.83
N THR B 385 26.69 -19.21 -48.85
CA THR B 385 26.82 -20.07 -47.68
C THR B 385 28.22 -20.65 -47.54
N SER B 386 28.81 -21.10 -48.64
CA SER B 386 30.10 -21.78 -48.54
C SER B 386 30.91 -21.52 -49.80
N LEU B 387 32.21 -21.82 -49.71
CA LEU B 387 33.18 -21.40 -50.70
C LEU B 387 34.34 -22.39 -50.72
N ASP B 388 34.95 -22.54 -51.90
CA ASP B 388 36.16 -23.36 -52.00
C ASP B 388 36.90 -23.00 -53.29
N PHE B 389 38.17 -23.39 -53.33
CA PHE B 389 39.03 -23.22 -54.49
C PHE B 389 39.64 -24.56 -54.86
N HIS B 390 39.84 -24.77 -56.16
CA HIS B 390 40.50 -26.00 -56.61
C HIS B 390 41.99 -25.92 -56.30
N LYS B 391 42.58 -27.09 -56.03
CA LYS B 391 43.98 -27.12 -55.60
C LYS B 391 44.90 -26.57 -56.67
N THR B 392 44.68 -26.95 -57.93
CA THR B 392 45.52 -26.55 -59.05
C THR B 392 44.76 -25.87 -60.17
N ALA B 393 43.55 -26.34 -60.48
CA ALA B 393 42.82 -25.82 -61.62
C ALA B 393 42.34 -24.40 -61.36
N PRO B 394 42.10 -23.61 -62.42
CA PRO B 394 41.66 -22.21 -62.23
C PRO B 394 40.15 -22.10 -62.07
N TYR B 395 39.64 -22.60 -60.94
CA TYR B 395 38.22 -22.61 -60.65
C TYR B 395 37.99 -22.30 -59.18
N VAL B 396 36.90 -21.58 -58.89
CA VAL B 396 36.47 -21.32 -57.52
C VAL B 396 34.96 -21.48 -57.45
N VAL B 397 34.49 -22.18 -56.41
CA VAL B 397 33.09 -22.60 -56.29
C VAL B 397 32.46 -21.86 -55.10
N THR B 398 31.25 -21.35 -55.31
CA THR B 398 30.43 -20.73 -54.28
C THR B 398 29.08 -21.41 -54.24
N GLY B 399 28.70 -21.93 -53.07
CA GLY B 399 27.37 -22.48 -52.84
C GLY B 399 26.53 -21.53 -52.01
N SER B 400 25.36 -21.16 -52.52
CA SER B 400 24.60 -20.03 -51.98
C SER B 400 23.21 -20.45 -51.50
N VAL B 401 22.57 -19.50 -50.82
CA VAL B 401 21.19 -19.68 -50.33
C VAL B 401 20.18 -19.76 -51.46
N ASP B 402 20.58 -19.39 -52.68
CA ASP B 402 19.73 -19.57 -53.85
C ASP B 402 19.54 -21.03 -54.25
N GLN B 403 20.08 -21.99 -53.49
CA GLN B 403 20.02 -23.41 -53.85
C GLN B 403 20.78 -23.63 -55.16
N THR B 404 21.92 -22.97 -55.28
CA THR B 404 22.76 -23.03 -56.46
C THR B 404 24.22 -23.10 -56.04
N VAL B 405 25.03 -23.61 -56.98
CA VAL B 405 26.47 -23.75 -56.79
C VAL B 405 27.14 -23.26 -58.08
N LYS B 406 27.75 -22.09 -58.01
CA LYS B 406 28.32 -21.44 -59.19
C LYS B 406 29.84 -21.53 -59.15
N VAL B 407 30.44 -21.88 -60.29
CA VAL B 407 31.88 -22.04 -60.44
C VAL B 407 32.39 -20.95 -61.37
N TRP B 408 33.39 -20.21 -60.90
CA TRP B 408 34.00 -19.12 -61.65
C TRP B 408 35.37 -19.55 -62.13
N GLU B 409 35.60 -19.40 -63.43
CA GLU B 409 36.93 -19.63 -64.00
C GLU B 409 37.83 -18.46 -63.65
N CYS B 410 39.10 -18.76 -63.39
CA CYS B 410 40.06 -17.79 -62.90
C CYS B 410 40.99 -17.33 -64.02
N ARG B 411 41.40 -16.07 -63.93
CA ARG B 411 42.29 -15.47 -64.92
C ARG B 411 43.34 -14.62 -64.21
PB ADP C . -1.53 8.29 32.18
O1B ADP C . -0.13 8.37 31.62
O2B ADP C . -2.59 8.86 31.29
O3B ADP C . -1.88 6.93 32.77
PA ADP C . -1.57 8.64 34.95
O1A ADP C . -0.36 7.76 35.13
O2A ADP C . -2.95 8.04 35.12
O3A ADP C . -1.51 9.27 33.47
O5' ADP C . -1.42 9.91 35.95
C5' ADP C . -1.44 11.26 35.50
C4' ADP C . -0.92 12.28 36.51
O4' ADP C . -1.98 12.91 37.24
C3' ADP C . 0.10 11.78 37.54
O3' ADP C . 1.37 12.40 37.27
C2' ADP C . -0.44 12.22 38.89
O2' ADP C . 0.60 12.84 39.65
C1' ADP C . -1.59 13.18 38.59
N9 ADP C . -2.75 12.90 39.47
C8 ADP C . -3.61 11.90 39.24
N7 ADP C . -4.58 11.86 40.17
C5 ADP C . -4.35 12.87 41.02
C6 ADP C . -5.00 13.37 42.25
N6 ADP C . -6.11 12.78 42.73
N1 ADP C . -4.44 14.43 42.86
C2 ADP C . -3.32 15.02 42.39
N3 ADP C . -2.68 14.61 41.28
C4 ADP C . -3.13 13.55 40.57
H5'1 ADP C . -2.47 11.52 35.23
H5'2 ADP C . -0.83 11.34 34.59
H4' ADP C . -0.41 13.06 35.94
H3' ADP C . 0.22 10.70 37.50
HO3' ADP C . 2.06 11.93 37.76
H2' ADP C . -0.82 11.36 39.44
HO2' ADP C . 1.24 12.17 39.90
H1' ADP C . -1.24 14.21 38.70
H8 ADP C . -3.51 11.23 38.40
HN61 ADP C . -6.51 11.98 42.25
HN62 ADP C . -6.56 13.13 43.56
H2 ADP C . -2.92 15.87 42.92
PB ADP D . 21.67 14.41 -13.82
O1B ADP D . 22.35 13.12 -13.42
O2B ADP D . 22.02 15.59 -12.94
O3B ADP D . 20.20 14.28 -14.11
PA ADP D . 23.08 16.14 -15.54
O1A ADP D . 24.52 15.95 -15.12
O2A ADP D . 22.28 17.26 -14.94
O3A ADP D . 22.31 14.76 -15.26
O5' ADP D . 23.04 16.29 -17.13
C5' ADP D . 24.12 15.83 -17.93
C4' ADP D . 23.90 16.23 -19.39
O4' ADP D . 23.51 17.62 -19.45
C3' ADP D . 25.16 16.08 -20.23
O3' ADP D . 24.97 15.06 -21.22
C2' ADP D . 25.40 17.43 -20.89
O2' ADP D . 25.51 17.31 -22.31
C1' ADP D . 24.20 18.28 -20.50
N9 ADP D . 24.66 19.61 -20.05
C8 ADP D . 25.20 19.87 -18.84
N7 ADP D . 25.53 21.18 -18.74
C5 ADP D . 25.19 21.78 -19.90
C6 ADP D . 25.26 23.14 -20.45
N6 ADP D . 25.77 24.17 -19.73
N1 ADP D . 24.79 23.33 -21.70
C2 ADP D . 24.29 22.33 -22.44
N3 ADP D . 24.20 21.07 -21.99
C4 ADP D . 24.63 20.74 -20.76
H5'1 ADP D . 24.20 14.73 -17.86
H5'2 ADP D . 25.05 16.25 -17.56
H4' ADP D . 23.11 15.61 -19.81
H3' ADP D . 26.01 15.84 -19.59
HO3' ADP D . 25.81 14.90 -21.68
H2' ADP D . 26.31 17.87 -20.48
HO2' ADP D . 26.40 16.99 -22.53
H1' ADP D . 23.54 18.39 -21.38
H8 ADP D . 25.36 19.14 -18.07
HN61 ADP D . 26.11 24.01 -18.79
HN62 ADP D . 25.81 25.10 -20.12
H2 ADP D . 23.93 22.55 -23.44
PG ATP E . 17.75 24.45 15.64
O1G ATP E . 17.89 22.96 15.71
O2G ATP E . 17.69 25.00 14.22
O3G ATP E . 16.56 24.98 16.43
PB ATP E . 20.00 24.99 17.54
O1B ATP E . 19.43 25.53 18.79
O2B ATP E . 20.41 23.52 17.58
O3B ATP E . 19.02 25.16 16.29
PA ATP E . 22.45 26.63 17.76
O1A ATP E . 22.27 26.62 19.22
O2A ATP E . 23.76 26.02 17.27
O3A ATP E . 21.27 25.83 17.06
O5' ATP E . 22.31 28.08 17.15
C5' ATP E . 22.47 28.32 15.74
C4' ATP E . 23.59 29.31 15.51
O4' ATP E . 23.35 30.44 16.38
C3' ATP E . 24.93 28.72 15.97
O3' ATP E . 25.93 29.42 15.25
C2' ATP E . 25.02 29.22 17.41
O2' ATP E . 26.41 29.42 17.66
C1' ATP E . 24.46 30.62 17.24
N9 ATP E . 23.94 31.15 18.49
C8 ATP E . 22.93 30.61 19.26
N7 ATP E . 22.66 31.29 20.34
C5 ATP E . 23.55 32.36 20.29
C6 ATP E . 23.79 33.44 21.16
N6 ATP E . 23.10 33.65 22.28
N1 ATP E . 24.74 34.32 20.82
C2 ATP E . 25.42 34.12 19.68
N3 ATP E . 25.30 33.13 18.79
C4 ATP E . 24.35 32.28 19.15
H5'1 ATP E . 21.64 28.69 15.38
H5'2 ATP E . 22.68 27.48 15.30
H4' ATP E . 23.63 29.58 14.58
H3' ATP E . 24.98 27.76 15.88
HO3' ATP E . 26.43 28.84 14.89
H2' ATP E . 24.57 28.66 18.05
HO2' ATP E . 26.75 29.70 16.94
H1' ATP E . 25.11 31.23 16.85
H8 ATP E . 22.48 29.83 19.02
HN61 ATP E . 22.35 33.24 22.41
HN62 ATP E . 23.40 34.19 22.88
H2 ATP E . 26.08 34.76 19.49
PB ADP F . 5.63 -9.92 -25.18
O1B ADP F . 7.09 -9.78 -24.86
O2B ADP F . 5.06 -8.82 -26.04
O3B ADP F . 4.77 -10.28 -23.98
PA ADP F . 6.58 -12.43 -25.88
O1A ADP F . 7.81 -12.14 -26.70
O2A ADP F . 6.69 -12.69 -24.39
O3A ADP F . 5.54 -11.22 -26.11
O5' ADP F . 5.80 -13.66 -26.55
C5' ADP F . 6.48 -14.86 -26.90
C4' ADP F . 5.49 -15.73 -27.66
O4' ADP F . 4.47 -14.89 -28.18
C3' ADP F . 6.10 -16.51 -28.82
O3' ADP F . 5.82 -17.91 -28.67
C2' ADP F . 5.43 -15.97 -30.07
O2' ADP F . 4.89 -17.01 -30.89
C1' ADP F . 4.31 -15.05 -29.59
N9 ADP F . 4.43 -13.73 -30.26
C8 ADP F . 4.73 -12.56 -29.66
N7 ADP F . 4.75 -11.54 -30.56
C5 ADP F . 4.46 -12.07 -31.77
C6 ADP F . 4.32 -11.55 -33.14
N6 ADP F . 4.51 -10.23 -33.42
N1 ADP F . 4.01 -12.43 -34.11
C2 ADP F . 3.83 -13.74 -33.85
N3 ADP F . 3.94 -14.28 -32.62
C4 ADP F . 4.25 -13.51 -31.56
H5'1 ADP F . 6.83 -15.37 -26.01
H5'2 ADP F . 7.35 -14.61 -27.51
H4' ADP F . 5.05 -16.45 -26.96
H3' ADP F . 7.17 -16.35 -28.89
HO3' ADP F . 6.33 -18.42 -29.33
H2' ADP F . 6.17 -15.38 -30.64
HO2' ADP F . 5.61 -17.49 -31.33
H1' ADP F . 3.35 -15.50 -29.82
H8 ADP F . 4.93 -12.45 -28.60
HN61 ADP F . 4.74 -9.59 -32.68
HN62 ADP F . 4.40 -9.91 -34.37
H2 ADP F . 3.58 -14.40 -34.67
#